data_1W1I
#
_entry.id   1W1I
#
_cell.length_a   158.065
_cell.length_b   168.504
_cell.length_c   236.842
_cell.angle_alpha   90.00
_cell.angle_beta   100.54
_cell.angle_gamma   90.00
#
_symmetry.space_group_name_H-M   'C 1 2 1'
#
loop_
_entity.id
_entity.type
_entity.pdbx_description
1 polymer 'DIPEPTIDYL PEPTIDASE IV'
2 polymer 'ADENOSINE DEAMINASE'
3 branched 2-acetamido-2-deoxy-beta-D-glucopyranose-(1-4)-[alpha-L-fucopyranose-(1-6)]2-acetamido-2-deoxy-beta-D-glucopyranose
4 branched 2-acetamido-2-deoxy-beta-D-glucopyranose-(1-4)-2-acetamido-2-deoxy-beta-D-glucopyranose
5 branched alpha-D-mannopyranose-(1-3)-beta-D-mannopyranose-(1-4)-2-acetamido-2-deoxy-beta-D-glucopyranose-(1-4)-2-acetamido-2-deoxy-beta-D-glucopyranose
6 branched alpha-L-fucopyranose-(1-6)-2-acetamido-2-deoxy-beta-D-glucopyranose
7 non-polymer 2-acetamido-2-deoxy-beta-D-glucopyranose
8 non-polymer 'ZINC ION'
#
loop_
_entity_poly.entity_id
_entity_poly.type
_entity_poly.pdbx_seq_one_letter_code
_entity_poly.pdbx_strand_id
1 'polypeptide(L)'
;SRKTYTLTDYLKNTYRLKLYSLRWISDHEYLYKQENNILVFNAEYGNSSVFLENSTFDEFGHSINDYSISPDGQFILLEY
NYVKQWRHSYTASYDIYDLNKRQLITEERIPNNTQWVTWSPVGHKLAYVWNNDIYVKIEPNLPSYRITWTGKEDIIYNGI
TDWVYEEEVFSAYSALWWSPNGTFLAYAQFNDTEVPLIEYSFYSDESLQYPKTVRVPYPKAGAVNPTVKFFVVNTDSLSS
VTNATSIQITAPASMLIGDHYLCDVTWATQERISLQWLRRIQNYSVMDICDYDESSGRWNCLVARQHIEMSTTGWVGRFR
PSEPHFTLDGNSFYKIISNEEGYRHICYFQIDKKDCTFITKGTWEVIGIEALTSDYLYYISNEYKGMPGGRNLYKIQLSD
YTKVTCLSCELNPERCQYYSVSFSKEAKYYQLRCSGPGLPLYTLHSSVNDKGLRVLEDNSALDKMLQNVQMPSKKLDFII
LNETKFWYQMILPPHFDKSKKYPLLLDVYAGPCSQKADTVFRLNWATYLASTENIIVASFDGRGSGYQGDKIMHAINRRL
GTFEVEDQIEAARQFSKMGFVDNKRIAIWGWSYGGYVTSMVLGSGSGVFKCGIAVAPVSRWEYYDSVYTERYMGLPTPED
NLDHYRNSTVMSRAENFKQVEYLLIHGTADDNVHFQQSAQISKALVDVGVDFQAMWYTDEDHGIASSTAHQHIYTHMSHF
IKQCFSLP
;
A,B,C,D
2 'polypeptide(L)'
;MAQTPAFDKPKVELHVHLDGAIKPETILYYGKRRGIALPADTPEELLNIIGMDKPLTLPDFLAKFDYYMPAIAGCRDAIK
RIAYEFVEMKAKDGVVYVEVRYSPHLLANSKVEPIPWNQAEGDLTPDEVVSLVNQGLQEGERDFGVKVRSILCCMRHQPS
WSSEVVELCKKYREQTVVAIDLAGDETIEGSSLFPGHVQAYAEAVKSGVHRTVHAGEVGSANVVKEAVDTLKTERLGHGY
HTLEDTTLYNRLRQENMHFEICPWSSYLTGAWKPDTEHAVIRFKNDQVNYSLNTDDPLIFKSTLDTDYQMTKKDMGFTEE
EFKRLNINAAKSSFLPEDEKKELLDLLYKAYRMPSPA
;
E,F,G,H
#
loop_
_chem_comp.id
_chem_comp.type
_chem_comp.name
_chem_comp.formula
BMA D-saccharide, beta linking beta-D-mannopyranose 'C6 H12 O6'
FUC L-saccharide, alpha linking alpha-L-fucopyranose 'C6 H12 O5'
MAN D-saccharide, alpha linking alpha-D-mannopyranose 'C6 H12 O6'
NAG D-saccharide, beta linking 2-acetamido-2-deoxy-beta-D-glucopyranose 'C8 H15 N O6'
ZN non-polymer 'ZINC ION' 'Zn 2'
#
# COMPACT_ATOMS: atom_id res chain seq x y z
N SER A 1 12.96 -66.08 27.08
CA SER A 1 13.79 -67.18 26.48
C SER A 1 13.50 -67.57 25.03
N ARG A 2 13.33 -66.53 24.21
CA ARG A 2 13.27 -66.69 22.76
C ARG A 2 14.62 -66.32 22.14
N LYS A 3 14.63 -65.84 20.90
CA LYS A 3 15.88 -65.38 20.28
C LYS A 3 16.30 -64.02 20.82
N THR A 4 17.56 -63.63 20.61
CA THR A 4 18.04 -62.31 21.03
C THR A 4 18.20 -61.38 19.84
N TYR A 5 18.48 -60.12 20.12
CA TYR A 5 18.81 -59.15 19.08
C TYR A 5 20.25 -59.39 18.70
N THR A 6 20.46 -59.92 17.48
CA THR A 6 21.77 -60.37 17.05
C THR A 6 22.50 -59.33 16.22
N LEU A 7 23.80 -59.53 16.03
CA LEU A 7 24.57 -58.62 15.20
C LEU A 7 23.94 -58.55 13.81
N THR A 8 23.48 -59.68 13.30
CA THR A 8 22.86 -59.70 11.98
C THR A 8 21.55 -58.92 11.94
N ASP A 9 20.82 -58.93 13.05
CA ASP A 9 19.55 -58.21 13.15
C ASP A 9 19.76 -56.73 12.92
N TYR A 10 20.83 -56.23 13.54
CA TYR A 10 21.21 -54.84 13.39
C TYR A 10 21.72 -54.57 11.98
N LEU A 11 22.66 -55.38 11.52
CA LEU A 11 23.33 -55.13 10.26
C LEU A 11 22.40 -55.31 9.08
N LYS A 12 21.58 -56.35 9.12
CA LYS A 12 20.69 -56.62 8.00
C LYS A 12 19.38 -55.82 8.10
N ASN A 13 19.17 -55.19 9.26
CA ASN A 13 18.03 -54.31 9.47
C ASN A 13 16.70 -55.06 9.53
N THR A 14 16.70 -56.22 10.18
CA THR A 14 15.47 -57.01 10.22
C THR A 14 14.34 -56.32 11.02
N TYR A 15 14.67 -55.63 12.11
CA TYR A 15 13.62 -54.92 12.83
C TYR A 15 13.60 -53.43 12.52
N ARG A 16 12.59 -52.99 11.78
CA ARG A 16 12.54 -51.65 11.20
C ARG A 16 11.54 -50.73 11.91
N LEU A 17 11.97 -49.52 12.25
CA LEU A 17 11.08 -48.48 12.79
C LEU A 17 10.32 -47.79 11.66
N LYS A 18 8.99 -47.70 11.76
CA LYS A 18 8.23 -46.91 10.78
C LYS A 18 8.27 -45.44 11.18
N LEU A 19 8.23 -44.55 10.19
CA LEU A 19 8.20 -43.11 10.43
C LEU A 19 6.90 -42.56 9.86
N TYR A 20 6.72 -41.26 9.96
CA TYR A 20 5.60 -40.63 9.32
C TYR A 20 6.04 -39.28 8.83
N SER A 21 6.91 -39.28 7.84
CA SER A 21 7.41 -38.05 7.24
C SER A 21 6.34 -37.36 6.40
N LEU A 22 5.85 -36.23 6.89
CA LEU A 22 4.89 -35.48 6.12
C LEU A 22 5.46 -34.11 5.81
N ARG A 23 5.11 -33.57 4.66
CA ARG A 23 5.54 -32.23 4.29
C ARG A 23 4.27 -31.43 4.16
N TRP A 24 4.07 -30.46 5.05
CA TRP A 24 2.91 -29.58 5.00
C TRP A 24 2.90 -28.77 3.71
N ILE A 25 1.73 -28.52 3.14
CA ILE A 25 1.63 -27.66 1.96
C ILE A 25 0.74 -26.43 2.18
N SER A 26 -0.24 -26.53 3.06
CA SER A 26 -1.04 -25.36 3.39
C SER A 26 -1.23 -25.33 4.89
N ASP A 27 -2.26 -24.62 5.33
CA ASP A 27 -2.61 -24.66 6.73
C ASP A 27 -3.51 -25.85 7.01
N HIS A 28 -3.94 -26.56 5.97
CA HIS A 28 -5.01 -27.53 6.10
C HIS A 28 -4.61 -28.87 5.53
N GLU A 29 -3.60 -28.91 4.68
CA GLU A 29 -3.24 -30.14 4.00
C GLU A 29 -1.76 -30.47 4.11
N TYR A 30 -1.41 -31.73 3.89
CA TYR A 30 -0.02 -32.13 3.88
C TYR A 30 0.20 -33.31 2.93
N LEU A 31 1.45 -33.58 2.59
CA LEU A 31 1.75 -34.68 1.68
C LEU A 31 2.43 -35.82 2.41
N TYR A 32 2.28 -37.03 1.86
CA TYR A 32 2.82 -38.22 2.49
C TYR A 32 2.99 -39.32 1.45
N LYS A 33 4.15 -39.96 1.47
CA LYS A 33 4.48 -40.99 0.50
C LYS A 33 3.89 -42.29 1.02
N GLN A 34 3.12 -42.97 0.18
CA GLN A 34 2.49 -44.23 0.56
C GLN A 34 2.50 -45.26 -0.57
N GLU A 35 3.27 -46.32 -0.37
CA GLU A 35 3.55 -47.32 -1.42
C GLU A 35 3.98 -46.63 -2.71
N ASN A 36 4.78 -45.56 -2.54
CA ASN A 36 5.31 -44.74 -3.61
C ASN A 36 4.27 -43.87 -4.33
N ASN A 37 3.11 -43.70 -3.73
CA ASN A 37 2.14 -42.74 -4.24
C ASN A 37 2.10 -41.58 -3.28
N ILE A 38 2.51 -40.41 -3.72
CA ILE A 38 2.36 -39.26 -2.85
C ILE A 38 0.87 -38.94 -2.73
N LEU A 39 0.39 -38.87 -1.49
CA LEU A 39 -1.00 -38.56 -1.21
C LEU A 39 -1.11 -37.25 -0.47
N VAL A 40 -2.18 -36.51 -0.73
CA VAL A 40 -2.50 -35.32 0.04
C VAL A 40 -3.53 -35.68 1.11
N PHE A 41 -3.26 -35.31 2.36
CA PHE A 41 -4.18 -35.61 3.45
C PHE A 41 -4.88 -34.35 3.93
N ASN A 42 -6.11 -34.49 4.40
CA ASN A 42 -6.84 -33.37 4.98
C ASN A 42 -6.66 -33.37 6.49
N ALA A 43 -5.85 -32.44 7.00
CA ALA A 43 -5.52 -32.40 8.43
C ALA A 43 -6.73 -32.58 9.33
N GLU A 44 -7.83 -31.93 8.95
CA GLU A 44 -9.02 -31.93 9.76
C GLU A 44 -9.67 -33.31 9.81
N TYR A 45 -10.13 -33.81 8.67
CA TYR A 45 -10.98 -35.01 8.68
C TYR A 45 -10.20 -36.30 8.42
N GLY A 46 -9.03 -36.19 7.81
CA GLY A 46 -8.16 -37.35 7.67
C GLY A 46 -8.27 -38.09 6.36
N ASN A 47 -9.26 -37.76 5.56
CA ASN A 47 -9.42 -38.38 4.24
C ASN A 47 -8.26 -37.97 3.34
N SER A 48 -8.05 -38.72 2.26
CA SER A 48 -6.94 -38.43 1.37
C SER A 48 -7.19 -38.76 -0.09
N SER A 49 -6.91 -37.80 -0.97
CA SER A 49 -6.87 -38.08 -2.40
C SER A 49 -5.46 -38.50 -2.79
N VAL A 50 -5.34 -39.23 -3.90
CA VAL A 50 -4.03 -39.53 -4.47
C VAL A 50 -3.58 -38.28 -5.22
N PHE A 51 -2.37 -37.80 -4.91
CA PHE A 51 -1.86 -36.60 -5.56
C PHE A 51 -1.04 -36.94 -6.79
N LEU A 52 -0.39 -38.10 -6.77
CA LEU A 52 0.46 -38.53 -7.86
C LEU A 52 0.82 -39.98 -7.62
N GLU A 53 0.92 -40.76 -8.69
CA GLU A 53 1.06 -42.21 -8.55
C GLU A 53 2.43 -42.74 -8.94
N ASN A 54 2.84 -43.83 -8.28
CA ASN A 54 4.07 -44.53 -8.64
C ASN A 54 4.09 -44.85 -10.15
N SER A 55 2.90 -44.81 -10.75
CA SER A 55 2.71 -45.00 -12.18
C SER A 55 3.27 -43.85 -13.01
N THR A 56 2.88 -42.62 -12.67
CA THR A 56 3.17 -41.44 -13.47
C THR A 56 4.55 -41.47 -14.15
N PHE A 57 5.56 -41.94 -13.42
CA PHE A 57 6.91 -41.99 -13.95
C PHE A 57 7.48 -43.39 -14.12
N ASP A 58 6.66 -44.33 -14.57
CA ASP A 58 7.14 -45.68 -14.85
C ASP A 58 8.18 -45.64 -15.95
N GLU A 59 7.88 -44.86 -16.98
CA GLU A 59 8.77 -44.71 -18.12
C GLU A 59 9.36 -43.30 -18.17
N PHE A 60 9.95 -42.88 -17.06
CA PHE A 60 10.75 -41.67 -17.05
C PHE A 60 12.08 -41.97 -17.72
N GLY A 61 12.52 -43.22 -17.59
CA GLY A 61 13.79 -43.66 -18.18
C GLY A 61 14.95 -43.53 -17.22
N HIS A 62 14.77 -42.71 -16.17
CA HIS A 62 15.79 -42.51 -15.14
C HIS A 62 15.26 -42.90 -13.76
N SER A 63 16.17 -43.39 -12.92
CA SER A 63 15.84 -43.69 -11.53
C SER A 63 15.68 -42.36 -10.78
N ILE A 64 14.55 -42.19 -10.10
CA ILE A 64 14.27 -40.90 -9.45
C ILE A 64 14.63 -40.82 -7.97
N ASN A 65 15.64 -40.01 -7.65
CA ASN A 65 16.15 -39.90 -6.30
C ASN A 65 15.23 -39.15 -5.33
N ASP A 66 14.64 -38.04 -5.78
CA ASP A 66 13.77 -37.25 -4.92
C ASP A 66 12.87 -36.34 -5.75
N TYR A 67 11.80 -35.85 -5.13
CA TYR A 67 10.89 -34.90 -5.76
C TYR A 67 10.81 -33.65 -4.90
N SER A 68 10.18 -32.61 -5.42
CA SER A 68 9.99 -31.36 -4.71
C SER A 68 8.96 -30.51 -5.44
N ILE A 69 7.82 -30.31 -4.81
CA ILE A 69 6.70 -29.68 -5.47
C ILE A 69 6.69 -28.18 -5.27
N SER A 70 6.53 -27.43 -6.36
CA SER A 70 6.39 -25.98 -6.26
C SER A 70 5.32 -25.64 -5.22
N PRO A 71 5.55 -24.59 -4.45
CA PRO A 71 4.62 -24.16 -3.41
C PRO A 71 3.20 -23.95 -3.91
N ASP A 72 3.03 -23.53 -5.17
CA ASP A 72 1.70 -23.36 -5.73
C ASP A 72 1.14 -24.60 -6.44
N GLY A 73 1.67 -25.78 -6.11
CA GLY A 73 1.09 -27.05 -6.55
C GLY A 73 1.14 -27.36 -8.04
N GLN A 74 1.49 -26.36 -8.85
CA GLN A 74 1.39 -26.49 -10.30
C GLN A 74 2.47 -27.34 -10.96
N PHE A 75 3.66 -27.39 -10.35
CA PHE A 75 4.78 -28.09 -10.96
C PHE A 75 5.44 -29.00 -9.93
N ILE A 76 6.25 -29.93 -10.41
CA ILE A 76 6.92 -30.86 -9.51
C ILE A 76 8.33 -31.07 -10.03
N LEU A 77 9.30 -30.89 -9.15
CA LEU A 77 10.71 -30.93 -9.53
C LEU A 77 11.28 -32.31 -9.28
N LEU A 78 12.01 -32.85 -10.25
CA LEU A 78 12.49 -34.23 -10.19
C LEU A 78 14.01 -34.32 -10.15
N GLU A 79 14.51 -35.01 -9.13
CA GLU A 79 15.94 -35.04 -8.86
C GLU A 79 16.49 -36.41 -9.16
N TYR A 80 17.46 -36.48 -10.06
CA TYR A 80 18.06 -37.76 -10.44
C TYR A 80 19.54 -37.60 -10.75
N ASN A 81 20.24 -38.74 -10.84
CA ASN A 81 21.69 -38.78 -11.01
C ASN A 81 22.41 -38.21 -9.81
N TYR A 82 21.83 -38.43 -8.63
CA TYR A 82 22.36 -37.95 -7.37
C TYR A 82 23.79 -38.40 -7.21
N VAL A 83 24.71 -37.45 -7.04
CA VAL A 83 26.10 -37.78 -6.71
C VAL A 83 26.51 -37.02 -5.45
N LYS A 84 26.69 -37.75 -4.34
CA LYS A 84 26.98 -37.14 -3.05
C LYS A 84 28.32 -36.42 -3.02
N GLN A 85 28.39 -35.28 -2.35
CA GLN A 85 29.68 -34.69 -2.05
C GLN A 85 29.97 -34.79 -0.55
N TRP A 86 29.92 -33.69 0.19
CA TRP A 86 30.13 -33.77 1.64
C TRP A 86 28.87 -34.13 2.39
N ARG A 87 28.79 -33.72 3.64
CA ARG A 87 27.66 -34.13 4.46
C ARG A 87 26.29 -33.73 3.90
N HIS A 88 26.19 -32.51 3.36
CA HIS A 88 24.93 -32.06 2.81
C HIS A 88 24.97 -31.80 1.31
N SER A 89 26.13 -31.44 0.78
CA SER A 89 26.25 -31.14 -0.64
C SER A 89 26.19 -32.37 -1.53
N TYR A 90 25.69 -32.17 -2.74
CA TYR A 90 25.72 -33.16 -3.80
C TYR A 90 25.39 -32.46 -5.12
N THR A 91 25.56 -33.17 -6.24
CA THR A 91 25.03 -32.68 -7.54
C THR A 91 24.05 -33.66 -8.14
N ALA A 92 23.14 -33.15 -8.96
CA ALA A 92 22.11 -33.96 -9.56
C ALA A 92 21.70 -33.38 -10.91
N SER A 93 20.82 -34.09 -11.61
CA SER A 93 20.16 -33.55 -12.78
C SER A 93 18.68 -33.40 -12.43
N TYR A 94 18.00 -32.50 -13.13
CA TYR A 94 16.66 -32.14 -12.72
C TYR A 94 15.73 -32.06 -13.91
N ASP A 95 14.46 -32.35 -13.68
CA ASP A 95 13.43 -32.14 -14.68
C ASP A 95 12.17 -31.60 -14.01
N ILE A 96 11.48 -30.66 -14.66
CA ILE A 96 10.27 -30.09 -14.11
C ILE A 96 9.04 -30.65 -14.82
N TYR A 97 8.08 -31.12 -14.05
CA TYR A 97 6.87 -31.72 -14.61
C TYR A 97 5.70 -30.81 -14.33
N ASP A 98 5.01 -30.40 -15.40
CA ASP A 98 3.81 -29.57 -15.31
C ASP A 98 2.63 -30.44 -14.89
N LEU A 99 1.95 -30.08 -13.80
CA LEU A 99 0.86 -30.90 -13.31
C LEU A 99 -0.48 -30.63 -14.01
N ASN A 100 -0.71 -29.38 -14.40
CA ASN A 100 -1.87 -29.03 -15.22
C ASN A 100 -1.79 -29.78 -16.54
N LYS A 101 -0.71 -29.55 -17.28
CA LYS A 101 -0.55 -30.10 -18.62
C LYS A 101 0.00 -31.52 -18.65
N ARG A 102 0.06 -32.20 -17.51
CA ARG A 102 0.54 -33.57 -17.42
C ARG A 102 1.77 -33.88 -18.31
N GLN A 103 2.76 -32.99 -18.30
CA GLN A 103 3.92 -33.13 -19.17
C GLN A 103 5.23 -32.66 -18.55
N LEU A 104 6.34 -33.13 -19.12
CA LEU A 104 7.67 -32.70 -18.72
C LEU A 104 8.03 -31.46 -19.53
N ILE A 105 8.76 -30.54 -18.94
CA ILE A 105 9.17 -29.32 -19.62
C ILE A 105 10.43 -29.61 -20.44
N THR A 106 10.31 -29.57 -21.76
CA THR A 106 11.37 -30.10 -22.63
C THR A 106 12.48 -29.14 -23.02
N GLU A 107 12.21 -27.84 -22.98
CA GLU A 107 13.19 -26.86 -23.44
C GLU A 107 13.57 -25.88 -22.33
N GLU A 108 14.74 -25.25 -22.48
CA GLU A 108 15.32 -24.39 -21.45
C GLU A 108 15.34 -25.10 -20.10
N ARG A 109 15.96 -26.27 -20.05
CA ARG A 109 16.00 -27.09 -18.84
C ARG A 109 17.13 -26.71 -17.89
N ILE A 110 17.14 -27.36 -16.73
CA ILE A 110 18.16 -27.15 -15.71
C ILE A 110 19.37 -28.01 -16.06
N PRO A 111 20.56 -27.42 -16.06
CA PRO A 111 21.76 -28.12 -16.52
C PRO A 111 22.04 -29.42 -15.75
N ASN A 112 22.72 -30.37 -16.39
CA ASN A 112 23.24 -31.51 -15.65
C ASN A 112 24.29 -30.94 -14.72
N ASN A 113 24.44 -31.54 -13.54
CA ASN A 113 25.49 -31.13 -12.60
C ASN A 113 25.12 -29.90 -11.80
N THR A 114 23.84 -29.72 -11.55
CA THR A 114 23.41 -28.57 -10.77
C THR A 114 23.70 -28.86 -9.32
N GLN A 115 24.19 -27.85 -8.61
CA GLN A 115 24.70 -28.00 -7.26
C GLN A 115 23.62 -27.75 -6.22
N TRP A 116 22.72 -26.82 -6.49
CA TRP A 116 21.57 -26.57 -5.62
C TRP A 116 20.38 -26.04 -6.40
N VAL A 117 19.19 -26.52 -6.06
CA VAL A 117 17.98 -25.96 -6.65
C VAL A 117 16.99 -25.67 -5.53
N THR A 118 16.25 -24.58 -5.65
CA THR A 118 15.15 -24.33 -4.73
C THR A 118 14.03 -23.50 -5.35
N TRP A 119 12.80 -23.81 -4.98
CA TRP A 119 11.67 -22.97 -5.39
C TRP A 119 11.65 -21.67 -4.59
N SER A 120 10.97 -20.66 -5.09
CA SER A 120 10.57 -19.54 -4.25
C SER A 120 9.50 -20.07 -3.28
N PRO A 121 9.36 -19.43 -2.11
CA PRO A 121 8.47 -19.93 -1.07
C PRO A 121 7.00 -19.82 -1.42
N VAL A 122 6.66 -19.05 -2.45
CA VAL A 122 5.31 -19.03 -3.01
C VAL A 122 5.41 -18.94 -4.53
N GLY A 123 4.39 -19.41 -5.24
CA GLY A 123 4.44 -19.40 -6.70
C GLY A 123 5.35 -20.51 -7.18
N HIS A 124 6.03 -20.29 -8.30
CA HIS A 124 6.91 -21.30 -8.89
C HIS A 124 8.18 -20.75 -9.52
N LYS A 125 8.70 -19.64 -8.98
CA LYS A 125 10.00 -19.15 -9.37
C LYS A 125 11.03 -20.20 -8.99
N LEU A 126 12.14 -20.24 -9.73
CA LEU A 126 13.24 -21.18 -9.44
C LEU A 126 14.60 -20.51 -9.34
N ALA A 127 15.42 -20.96 -8.41
CA ALA A 127 16.81 -20.52 -8.37
C ALA A 127 17.71 -21.74 -8.26
N TYR A 128 18.77 -21.74 -9.05
CA TYR A 128 19.70 -22.87 -9.00
C TYR A 128 21.15 -22.45 -9.12
N VAL A 129 22.05 -23.32 -8.70
CA VAL A 129 23.48 -23.04 -8.78
C VAL A 129 24.15 -24.06 -9.70
N TRP A 130 24.96 -23.56 -10.63
CA TRP A 130 25.66 -24.37 -11.60
C TRP A 130 27.04 -23.75 -11.87
N ASN A 131 28.09 -24.56 -11.77
CA ASN A 131 29.47 -24.08 -11.76
C ASN A 131 29.63 -22.81 -10.96
N ASN A 132 29.06 -22.83 -9.76
CA ASN A 132 29.34 -21.85 -8.73
C ASN A 132 28.71 -20.50 -9.00
N ASP A 133 27.70 -20.46 -9.86
CA ASP A 133 27.01 -19.24 -10.16
C ASP A 133 25.52 -19.45 -10.02
N ILE A 134 24.80 -18.37 -9.77
CA ILE A 134 23.38 -18.44 -9.48
C ILE A 134 22.56 -18.08 -10.71
N TYR A 135 21.51 -18.85 -10.98
CA TYR A 135 20.61 -18.58 -12.06
C TYR A 135 19.19 -18.59 -11.52
N VAL A 136 18.33 -17.77 -12.12
CA VAL A 136 16.93 -17.68 -11.73
C VAL A 136 16.01 -17.93 -12.93
N LYS A 137 14.98 -18.74 -12.73
CA LYS A 137 13.95 -19.00 -13.71
C LYS A 137 12.58 -18.52 -13.21
N ILE A 138 12.00 -17.54 -13.88
CA ILE A 138 10.70 -17.02 -13.47
C ILE A 138 9.57 -18.02 -13.79
N GLU A 139 9.63 -18.61 -14.97
CA GLU A 139 8.74 -19.71 -15.30
C GLU A 139 9.62 -20.90 -15.63
N PRO A 140 9.15 -22.10 -15.27
CA PRO A 140 9.89 -23.32 -15.49
C PRO A 140 10.33 -23.55 -16.94
N ASN A 141 9.50 -23.15 -17.90
CA ASN A 141 9.84 -23.33 -19.31
C ASN A 141 10.59 -22.17 -19.96
N LEU A 142 10.76 -21.06 -19.24
CA LEU A 142 11.43 -19.88 -19.79
C LEU A 142 12.95 -19.93 -19.61
N PRO A 143 13.70 -19.14 -20.39
CA PRO A 143 15.16 -19.03 -20.22
C PRO A 143 15.57 -18.45 -18.85
N SER A 144 16.60 -19.02 -18.24
CA SER A 144 17.05 -18.56 -16.92
C SER A 144 17.96 -17.34 -17.00
N TYR A 145 17.88 -16.47 -16.00
CA TYR A 145 18.70 -15.27 -15.96
C TYR A 145 19.96 -15.57 -15.15
N ARG A 146 21.12 -15.12 -15.62
CA ARG A 146 22.35 -15.34 -14.87
C ARG A 146 22.58 -14.23 -13.83
N ILE A 147 22.78 -14.59 -12.57
CA ILE A 147 22.96 -13.58 -11.52
C ILE A 147 24.43 -13.25 -11.24
N THR A 148 25.28 -14.26 -11.10
CA THR A 148 26.70 -14.01 -10.83
C THR A 148 27.55 -14.59 -11.94
N TRP A 149 28.71 -13.99 -12.18
CA TRP A 149 29.58 -14.46 -13.25
C TRP A 149 30.96 -14.81 -12.72
N THR A 150 31.13 -14.73 -11.40
CA THR A 150 32.45 -14.81 -10.79
C THR A 150 32.79 -16.21 -10.33
N GLY A 151 31.79 -17.07 -10.29
CA GLY A 151 31.94 -18.43 -9.82
C GLY A 151 33.11 -19.17 -10.43
N LYS A 152 33.87 -19.84 -9.59
CA LYS A 152 35.08 -20.51 -10.05
C LYS A 152 35.41 -21.68 -9.13
N GLU A 153 35.48 -22.88 -9.71
CA GLU A 153 35.60 -24.12 -8.96
C GLU A 153 36.70 -24.04 -7.91
N ASP A 154 36.32 -24.26 -6.63
CA ASP A 154 37.24 -24.23 -5.49
C ASP A 154 37.85 -22.88 -5.17
N ILE A 155 37.30 -21.81 -5.74
CA ILE A 155 37.78 -20.47 -5.45
C ILE A 155 36.63 -19.53 -5.07
N ILE A 156 35.73 -19.28 -6.02
CA ILE A 156 34.60 -18.42 -5.76
C ILE A 156 33.32 -19.24 -5.74
N TYR A 157 32.58 -19.16 -4.65
CA TYR A 157 31.31 -19.86 -4.52
C TYR A 157 30.17 -18.86 -4.42
N ASN A 158 29.29 -18.84 -5.41
CA ASN A 158 28.09 -18.02 -5.32
C ASN A 158 26.85 -18.87 -5.06
N GLY A 159 26.19 -18.63 -3.93
CA GLY A 159 24.93 -19.29 -3.64
C GLY A 159 25.05 -20.64 -2.98
N ILE A 160 26.29 -21.11 -2.83
CA ILE A 160 26.58 -22.38 -2.15
C ILE A 160 27.77 -22.19 -1.21
N THR A 161 27.89 -23.05 -0.20
CA THR A 161 28.94 -22.88 0.80
C THR A 161 30.18 -23.66 0.39
N ASP A 162 31.33 -23.23 0.89
CA ASP A 162 32.54 -24.02 0.72
C ASP A 162 32.50 -25.15 1.75
N TRP A 163 33.63 -25.82 1.95
CA TRP A 163 33.62 -26.98 2.83
C TRP A 163 33.22 -26.61 4.25
N VAL A 164 33.94 -25.65 4.84
CA VAL A 164 33.81 -25.35 6.25
C VAL A 164 32.52 -24.62 6.56
N TYR A 165 32.03 -23.81 5.64
CA TYR A 165 30.72 -23.20 5.84
C TYR A 165 29.59 -24.23 5.79
N GLU A 166 29.70 -25.23 4.93
CA GLU A 166 28.68 -26.28 4.82
C GLU A 166 28.63 -27.09 6.10
N GLU A 167 29.80 -27.47 6.58
CA GLU A 167 29.89 -28.40 7.69
C GLU A 167 29.73 -27.74 9.06
N GLU A 168 30.32 -26.56 9.24
CA GLU A 168 30.42 -25.96 10.57
C GLU A 168 29.56 -24.74 10.83
N VAL A 169 29.07 -24.06 9.81
CA VAL A 169 28.21 -22.92 10.08
C VAL A 169 26.76 -23.07 9.60
N PHE A 170 26.52 -23.32 8.31
CA PHE A 170 25.13 -23.49 7.87
C PHE A 170 24.53 -24.88 7.93
N SER A 171 25.34 -25.91 8.18
CA SER A 171 24.85 -27.28 8.14
C SER A 171 24.01 -27.50 6.89
N ALA A 172 24.39 -26.81 5.82
CA ALA A 172 23.66 -26.86 4.57
C ALA A 172 24.62 -26.51 3.45
N TYR A 173 24.33 -26.99 2.25
CA TYR A 173 25.11 -26.65 1.07
C TYR A 173 24.62 -25.31 0.56
N SER A 174 23.30 -25.17 0.58
CA SER A 174 22.60 -24.00 0.10
C SER A 174 23.06 -22.73 0.78
N ALA A 175 23.36 -21.70 0.00
CA ALA A 175 23.67 -20.40 0.57
C ALA A 175 22.90 -19.28 -0.16
N LEU A 176 21.60 -19.51 -0.39
CA LEU A 176 20.72 -18.46 -0.89
C LEU A 176 19.38 -18.49 -0.20
N TRP A 177 18.78 -17.31 0.00
CA TRP A 177 17.57 -17.18 0.80
C TRP A 177 16.54 -16.28 0.11
N TRP A 178 15.38 -16.85 -0.23
CA TRP A 178 14.30 -16.06 -0.82
C TRP A 178 13.64 -15.20 0.24
N SER A 179 13.16 -14.02 -0.16
CA SER A 179 12.27 -13.25 0.72
C SER A 179 10.89 -13.94 0.76
N PRO A 180 10.13 -13.75 1.83
CA PRO A 180 8.89 -14.50 2.02
C PRO A 180 7.99 -14.68 0.79
N ASN A 181 7.74 -13.60 0.03
CA ASN A 181 6.85 -13.71 -1.15
C ASN A 181 7.59 -13.87 -2.48
N GLY A 182 8.90 -14.02 -2.43
CA GLY A 182 9.67 -14.35 -3.62
C GLY A 182 10.21 -13.17 -4.41
N THR A 183 10.00 -11.96 -3.91
CA THR A 183 10.47 -10.79 -4.62
C THR A 183 11.99 -10.79 -4.69
N PHE A 184 12.63 -11.02 -3.55
CA PHE A 184 14.08 -10.94 -3.46
C PHE A 184 14.75 -12.30 -3.30
N LEU A 185 15.94 -12.44 -3.89
CA LEU A 185 16.83 -13.55 -3.65
C LEU A 185 18.16 -13.09 -3.02
N ALA A 186 18.36 -13.37 -1.73
CA ALA A 186 19.62 -13.04 -1.06
C ALA A 186 20.57 -14.22 -1.20
N TYR A 187 21.87 -13.96 -1.18
CA TYR A 187 22.84 -15.03 -1.28
C TYR A 187 24.17 -14.63 -0.68
N ALA A 188 24.97 -15.63 -0.32
CA ALA A 188 26.29 -15.36 0.18
C ALA A 188 27.29 -15.66 -0.91
N GLN A 189 28.45 -15.03 -0.85
CA GLN A 189 29.54 -15.33 -1.77
C GLN A 189 30.81 -15.64 -0.97
N PHE A 190 31.49 -16.73 -1.31
CA PHE A 190 32.63 -17.16 -0.54
C PHE A 190 33.89 -17.15 -1.37
N ASN A 191 34.91 -16.47 -0.86
CA ASN A 191 36.18 -16.40 -1.54
C ASN A 191 37.16 -17.26 -0.78
N ASP A 192 37.59 -18.34 -1.43
CA ASP A 192 38.51 -19.30 -0.84
C ASP A 192 39.91 -19.21 -1.39
N THR A 193 40.24 -18.08 -2.02
CA THR A 193 41.49 -17.98 -2.77
C THR A 193 42.67 -18.48 -1.97
N GLU A 194 42.87 -17.96 -0.75
CA GLU A 194 44.06 -18.35 0.02
C GLU A 194 43.86 -19.43 1.07
N VAL A 195 42.69 -20.07 1.06
CA VAL A 195 42.47 -21.17 1.96
C VAL A 195 43.29 -22.37 1.46
N PRO A 196 44.17 -22.90 2.31
CA PRO A 196 45.01 -24.01 1.90
C PRO A 196 44.17 -25.26 1.63
N LEU A 197 44.73 -26.19 0.86
CA LEU A 197 44.03 -27.39 0.47
C LEU A 197 44.42 -28.60 1.27
N ILE A 198 43.46 -29.43 1.65
CA ILE A 198 43.77 -30.75 2.19
C ILE A 198 43.87 -31.66 1.00
N GLU A 199 44.92 -32.46 0.92
CA GLU A 199 44.93 -33.45 -0.15
C GLU A 199 45.11 -34.88 0.31
N TYR A 200 44.39 -35.78 -0.34
CA TYR A 200 44.41 -37.20 0.01
C TYR A 200 44.11 -38.08 -1.21
N SER A 201 44.59 -39.32 -1.21
CA SER A 201 44.36 -40.22 -2.32
C SER A 201 42.95 -40.79 -2.33
N PHE A 202 42.37 -40.93 -3.53
CA PHE A 202 41.15 -41.68 -3.71
C PHE A 202 41.41 -42.79 -4.74
N TYR A 203 41.00 -44.02 -4.46
CA TYR A 203 41.44 -45.17 -5.26
C TYR A 203 40.47 -45.68 -6.33
N SER A 204 39.17 -45.46 -6.10
CA SER A 204 38.13 -45.79 -7.07
C SER A 204 38.05 -47.27 -7.39
N ASP A 205 37.33 -47.62 -8.46
CA ASP A 205 37.27 -49.02 -8.90
C ASP A 205 38.64 -49.51 -9.25
N GLU A 206 38.90 -50.79 -9.05
CA GLU A 206 40.23 -51.30 -9.27
C GLU A 206 40.67 -51.11 -10.73
N SER A 207 39.74 -50.77 -11.62
CA SER A 207 40.08 -50.45 -12.99
C SER A 207 40.91 -49.17 -13.11
N LEU A 208 40.82 -48.28 -12.14
CA LEU A 208 41.53 -47.01 -12.18
C LEU A 208 43.02 -47.21 -11.87
N GLN A 209 43.86 -47.00 -12.88
CA GLN A 209 45.26 -47.37 -12.77
C GLN A 209 46.08 -46.52 -11.81
N TYR A 210 45.95 -45.21 -11.90
CA TYR A 210 46.63 -44.32 -10.95
C TYR A 210 45.61 -43.68 -10.01
N PRO A 211 45.90 -43.71 -8.70
CA PRO A 211 45.02 -43.12 -7.69
C PRO A 211 44.81 -41.65 -7.98
N LYS A 212 43.60 -41.19 -7.74
CA LYS A 212 43.26 -39.77 -7.87
C LYS A 212 43.63 -39.06 -6.58
N THR A 213 44.17 -37.85 -6.69
CA THR A 213 44.35 -37.00 -5.52
C THR A 213 43.17 -36.05 -5.42
N VAL A 214 42.35 -36.23 -4.38
CA VAL A 214 41.31 -35.27 -4.09
C VAL A 214 41.98 -34.10 -3.41
N ARG A 215 41.61 -32.88 -3.78
CA ARG A 215 42.08 -31.72 -3.05
C ARG A 215 40.94 -30.75 -2.75
N VAL A 216 40.91 -30.24 -1.52
CA VAL A 216 39.76 -29.49 -1.03
C VAL A 216 40.21 -28.29 -0.21
N PRO A 217 39.72 -27.10 -0.53
CA PRO A 217 39.96 -25.93 0.32
C PRO A 217 39.36 -26.23 1.67
N TYR A 218 40.21 -26.21 2.69
CA TYR A 218 39.83 -26.64 4.02
C TYR A 218 40.77 -25.95 4.99
N PRO A 219 40.25 -25.04 5.80
CA PRO A 219 41.10 -24.31 6.74
C PRO A 219 41.23 -25.09 8.05
N LYS A 220 42.41 -25.64 8.31
CA LYS A 220 42.68 -26.23 9.61
C LYS A 220 42.79 -25.12 10.65
N ALA A 221 42.86 -25.48 11.93
CA ALA A 221 42.85 -24.48 13.01
C ALA A 221 43.93 -23.44 12.85
N GLY A 222 43.54 -22.16 12.84
CA GLY A 222 44.50 -21.06 12.80
C GLY A 222 45.05 -20.75 11.42
N ALA A 223 44.63 -21.53 10.43
CA ALA A 223 45.05 -21.30 9.04
C ALA A 223 44.24 -20.17 8.47
N VAL A 224 44.37 -19.91 7.17
CA VAL A 224 43.66 -18.83 6.51
C VAL A 224 42.23 -19.22 6.15
N ASN A 225 41.25 -18.47 6.64
CA ASN A 225 39.82 -18.77 6.40
C ASN A 225 39.31 -18.19 5.09
N PRO A 226 38.17 -18.68 4.62
CA PRO A 226 37.45 -18.00 3.54
C PRO A 226 36.99 -16.60 3.97
N THR A 227 36.61 -15.77 3.01
CA THR A 227 36.04 -14.48 3.33
C THR A 227 34.67 -14.49 2.68
N VAL A 228 33.76 -13.70 3.20
CA VAL A 228 32.38 -13.79 2.76
C VAL A 228 31.82 -12.43 2.35
N LYS A 229 30.89 -12.43 1.41
CA LYS A 229 30.13 -11.23 1.09
C LYS A 229 28.67 -11.59 0.94
N PHE A 230 27.81 -10.61 1.12
CA PHE A 230 26.37 -10.83 1.09
C PHE A 230 25.63 -9.89 0.12
N PHE A 231 24.75 -10.47 -0.70
CA PHE A 231 24.05 -9.70 -1.72
C PHE A 231 22.58 -10.03 -1.73
N VAL A 232 21.79 -9.08 -2.22
CA VAL A 232 20.37 -9.27 -2.46
C VAL A 232 20.08 -8.76 -3.88
N VAL A 233 19.30 -9.53 -4.62
CA VAL A 233 18.88 -9.16 -5.97
C VAL A 233 17.36 -9.22 -6.08
N ASN A 234 16.81 -8.32 -6.89
CA ASN A 234 15.38 -8.24 -7.13
C ASN A 234 15.02 -9.06 -8.35
N THR A 235 14.38 -10.20 -8.14
CA THR A 235 14.02 -11.09 -9.24
C THR A 235 12.89 -10.53 -10.12
N ASP A 236 12.18 -9.53 -9.63
CA ASP A 236 11.07 -8.96 -10.37
C ASP A 236 11.53 -7.99 -11.46
N SER A 237 12.69 -7.37 -11.26
CA SER A 237 13.23 -6.51 -12.29
C SER A 237 14.45 -7.15 -12.97
N LEU A 238 14.29 -8.37 -13.46
CA LEU A 238 15.35 -9.04 -14.20
C LEU A 238 15.20 -8.74 -15.69
N SER A 239 16.32 -8.64 -16.40
CA SER A 239 16.26 -8.05 -17.74
C SER A 239 16.28 -8.98 -18.96
N SER A 240 17.33 -9.79 -19.08
CA SER A 240 17.63 -10.56 -20.29
C SER A 240 18.31 -9.70 -21.35
N VAL A 241 18.41 -8.40 -21.07
CA VAL A 241 19.20 -7.49 -21.91
C VAL A 241 20.31 -6.85 -21.04
N THR A 242 20.10 -6.85 -19.73
CA THR A 242 21.12 -6.41 -18.77
C THR A 242 21.46 -7.50 -17.77
N ASN A 243 22.75 -7.55 -17.45
CA ASN A 243 23.23 -8.28 -16.29
C ASN A 243 22.50 -7.77 -15.04
N ALA A 244 22.19 -8.70 -14.15
CA ALA A 244 21.39 -8.40 -12.98
C ALA A 244 22.20 -7.55 -12.01
N THR A 245 21.56 -6.56 -11.41
CA THR A 245 22.20 -5.79 -10.35
C THR A 245 22.09 -6.53 -9.02
N SER A 246 23.23 -6.94 -8.49
CA SER A 246 23.22 -7.54 -7.19
C SER A 246 23.55 -6.42 -6.20
N ILE A 247 22.83 -6.33 -5.09
CA ILE A 247 23.13 -5.28 -4.13
C ILE A 247 23.84 -5.88 -2.94
N GLN A 248 25.03 -5.36 -2.65
CA GLN A 248 25.77 -5.85 -1.48
C GLN A 248 25.30 -5.19 -0.19
N ILE A 249 25.28 -6.00 0.88
CA ILE A 249 25.17 -5.50 2.24
C ILE A 249 26.47 -5.83 2.95
N THR A 250 27.30 -4.82 3.21
CA THR A 250 28.58 -5.07 3.89
C THR A 250 28.38 -5.57 5.33
N ALA A 251 29.40 -6.24 5.84
CA ALA A 251 29.40 -6.60 7.26
C ALA A 251 29.41 -5.32 8.09
N PRO A 252 29.05 -5.44 9.36
CA PRO A 252 29.24 -4.38 10.33
C PRO A 252 30.70 -4.03 10.41
N ALA A 253 30.99 -2.79 10.80
CA ALA A 253 32.37 -2.31 10.86
C ALA A 253 33.17 -3.02 11.96
N SER A 254 32.47 -3.38 13.03
CA SER A 254 33.09 -4.01 14.19
C SER A 254 33.66 -5.37 13.79
N MET A 255 32.96 -6.00 12.84
CA MET A 255 33.32 -7.29 12.24
C MET A 255 34.45 -7.17 11.22
N LEU A 256 34.46 -6.06 10.50
CA LEU A 256 35.43 -5.84 9.41
C LEU A 256 36.88 -5.64 9.84
N ILE A 257 37.16 -5.48 11.13
CA ILE A 257 38.53 -5.17 11.54
C ILE A 257 39.39 -6.40 11.65
N GLY A 258 38.82 -7.54 11.28
CA GLY A 258 39.51 -8.81 11.41
C GLY A 258 38.62 -9.87 10.79
N ASP A 259 39.07 -11.13 10.83
CA ASP A 259 38.32 -12.25 10.27
C ASP A 259 36.96 -12.37 10.94
N HIS A 260 35.95 -12.78 10.19
CA HIS A 260 34.63 -12.97 10.75
C HIS A 260 33.86 -14.03 9.96
N TYR A 261 32.63 -14.28 10.36
CA TYR A 261 31.77 -15.18 9.61
C TYR A 261 30.37 -14.58 9.49
N LEU A 262 29.67 -14.94 8.43
CA LEU A 262 28.25 -14.67 8.33
C LEU A 262 27.65 -15.96 8.85
N CYS A 263 26.79 -15.89 9.85
CA CYS A 263 26.41 -17.11 10.49
C CYS A 263 24.91 -17.32 10.62
N ASP A 264 24.10 -16.34 10.26
CA ASP A 264 22.65 -16.54 10.17
C ASP A 264 22.02 -15.50 9.27
N VAL A 265 21.12 -15.94 8.40
CA VAL A 265 20.31 -15.00 7.65
C VAL A 265 18.86 -15.43 7.75
N THR A 266 18.00 -14.49 8.12
CA THR A 266 16.61 -14.78 8.37
C THR A 266 15.77 -13.60 7.90
N TRP A 267 14.89 -13.84 6.93
CA TRP A 267 14.01 -12.79 6.46
C TRP A 267 13.00 -12.44 7.55
N ALA A 268 12.68 -11.15 7.67
CA ALA A 268 11.75 -10.68 8.70
C ALA A 268 10.43 -10.22 8.09
N THR A 269 10.49 -9.41 7.04
CA THR A 269 9.27 -9.04 6.31
C THR A 269 9.52 -9.21 4.83
N GLN A 270 8.60 -8.68 4.02
CA GLN A 270 8.82 -8.63 2.58
C GLN A 270 10.00 -7.76 2.21
N GLU A 271 10.30 -6.79 3.06
CA GLU A 271 11.33 -5.79 2.78
C GLU A 271 12.34 -5.58 3.91
N ARG A 272 12.40 -6.53 4.83
CA ARG A 272 13.35 -6.45 5.93
C ARG A 272 14.08 -7.76 6.11
N ILE A 273 15.40 -7.70 6.21
CA ILE A 273 16.21 -8.90 6.35
C ILE A 273 17.17 -8.76 7.52
N SER A 274 17.33 -9.83 8.30
CA SER A 274 18.21 -9.80 9.46
C SER A 274 19.42 -10.70 9.26
N LEU A 275 20.58 -10.23 9.72
CA LEU A 275 21.82 -10.92 9.45
C LEU A 275 22.60 -11.00 10.74
N GLN A 276 23.24 -12.14 10.97
CA GLN A 276 24.06 -12.28 12.13
C GLN A 276 25.51 -12.57 11.74
N TRP A 277 26.43 -11.78 12.28
CA TRP A 277 27.84 -11.93 12.00
C TRP A 277 28.56 -12.43 13.25
N LEU A 278 29.73 -13.03 13.08
CA LEU A 278 30.45 -13.58 14.20
C LEU A 278 31.95 -13.44 14.00
N ARG A 279 32.67 -12.92 14.99
CA ARG A 279 34.10 -12.71 14.85
C ARG A 279 34.81 -14.05 14.88
N ARG A 280 35.95 -14.16 14.19
CA ARG A 280 36.71 -15.40 14.19
C ARG A 280 36.96 -15.90 15.62
N ILE A 281 37.23 -14.98 16.55
CA ILE A 281 37.21 -15.30 17.98
C ILE A 281 35.74 -15.26 18.35
N GLN A 282 35.14 -16.44 18.45
CA GLN A 282 33.69 -16.56 18.42
C GLN A 282 32.98 -16.26 19.73
N ASN A 283 33.44 -15.24 20.44
CA ASN A 283 32.73 -14.82 21.64
C ASN A 283 32.08 -13.44 21.53
N TYR A 284 32.08 -12.90 20.31
CA TYR A 284 31.45 -11.62 20.03
C TYR A 284 30.69 -11.71 18.70
N SER A 285 29.39 -11.42 18.71
CA SER A 285 28.61 -11.41 17.48
C SER A 285 27.68 -10.20 17.36
N VAL A 286 27.26 -9.86 16.13
CA VAL A 286 26.44 -8.68 15.90
C VAL A 286 25.30 -8.99 14.96
N MET A 287 24.10 -8.50 15.27
CA MET A 287 22.98 -8.67 14.36
C MET A 287 22.68 -7.36 13.67
N ASP A 288 22.53 -7.40 12.34
CA ASP A 288 22.11 -6.25 11.54
C ASP A 288 20.67 -6.46 11.13
N ILE A 289 19.93 -5.38 11.02
CA ILE A 289 18.55 -5.45 10.56
C ILE A 289 18.40 -4.47 9.43
N CYS A 290 18.16 -4.99 8.23
CA CYS A 290 18.20 -4.18 7.02
C CYS A 290 16.87 -4.02 6.32
N ASP A 291 16.59 -2.78 5.92
CA ASP A 291 15.37 -2.42 5.21
C ASP A 291 15.66 -2.04 3.77
N TYR A 292 14.77 -2.46 2.89
CA TYR A 292 14.81 -2.01 1.51
C TYR A 292 14.53 -0.50 1.45
N ASP A 293 15.29 0.21 0.63
CA ASP A 293 15.18 1.66 0.52
C ASP A 293 14.69 2.06 -0.86
N GLU A 294 13.39 2.35 -0.94
CA GLU A 294 12.72 2.74 -2.18
C GLU A 294 13.45 3.73 -3.11
N SER A 295 14.02 4.80 -2.55
CA SER A 295 14.60 5.84 -3.38
C SER A 295 16.02 5.52 -3.85
N SER A 296 16.72 4.69 -3.08
CA SER A 296 18.10 4.30 -3.39
C SER A 296 18.17 2.96 -4.11
N GLY A 297 17.34 2.01 -3.67
CA GLY A 297 17.38 0.66 -4.19
C GLY A 297 18.58 -0.13 -3.69
N ARG A 298 18.92 0.10 -2.43
CA ARG A 298 19.98 -0.63 -1.74
C ARG A 298 19.36 -1.02 -0.41
N TRP A 299 20.15 -1.59 0.49
CA TRP A 299 19.59 -1.98 1.77
C TRP A 299 20.19 -1.15 2.91
N ASN A 300 19.34 -0.42 3.62
CA ASN A 300 19.80 0.32 4.76
C ASN A 300 19.83 -0.50 6.05
N CYS A 301 21.01 -0.60 6.66
CA CYS A 301 21.15 -1.31 7.92
C CYS A 301 21.36 -0.29 9.02
N LEU A 302 20.27 0.15 9.64
CA LEU A 302 20.35 1.14 10.72
C LEU A 302 21.17 0.64 11.89
N VAL A 303 22.26 1.32 12.22
CA VAL A 303 23.14 0.88 13.28
C VAL A 303 22.42 0.97 14.62
N ALA A 304 21.43 1.85 14.69
CA ALA A 304 20.59 1.98 15.87
C ALA A 304 19.91 0.64 16.18
N ARG A 305 19.68 -0.12 15.12
CA ARG A 305 18.97 -1.40 15.17
C ARG A 305 19.87 -2.60 15.40
N GLN A 306 21.18 -2.40 15.38
CA GLN A 306 22.10 -3.48 15.73
C GLN A 306 21.81 -4.03 17.13
N HIS A 307 22.28 -5.24 17.39
CA HIS A 307 22.14 -5.87 18.69
C HIS A 307 23.39 -6.67 18.96
N ILE A 308 24.24 -6.20 19.87
CA ILE A 308 25.45 -6.95 20.18
C ILE A 308 25.15 -8.15 21.07
N GLU A 309 25.86 -9.25 20.86
CA GLU A 309 25.73 -10.41 21.73
C GLU A 309 27.11 -11.00 22.00
N MET A 310 27.43 -11.26 23.26
CA MET A 310 28.75 -11.76 23.58
C MET A 310 28.75 -12.62 24.83
N SER A 311 29.87 -13.30 25.08
CA SER A 311 30.00 -14.18 26.23
C SER A 311 31.38 -14.02 26.85
N THR A 312 31.43 -14.10 28.18
CA THR A 312 32.69 -13.90 28.87
C THR A 312 33.21 -15.25 29.31
N THR A 313 32.30 -16.21 29.45
CA THR A 313 32.66 -17.51 29.98
C THR A 313 32.96 -18.54 28.88
N GLY A 314 32.51 -18.26 27.65
CA GLY A 314 32.78 -19.14 26.50
C GLY A 314 32.48 -18.49 25.16
N TRP A 315 31.82 -19.24 24.28
CA TRP A 315 31.50 -18.80 22.92
C TRP A 315 30.01 -18.48 22.84
N VAL A 316 29.60 -17.80 21.78
CA VAL A 316 28.20 -17.43 21.57
C VAL A 316 27.38 -18.56 20.98
N GLY A 317 26.24 -18.86 21.59
CA GLY A 317 25.33 -19.91 21.12
C GLY A 317 25.76 -21.32 21.51
N ARG A 318 24.92 -22.30 21.23
CA ARG A 318 25.29 -23.68 21.47
C ARG A 318 26.38 -24.11 20.49
N PHE A 319 26.13 -23.85 19.21
CA PHE A 319 27.17 -24.03 18.21
C PHE A 319 27.39 -22.77 17.39
N ARG A 320 26.37 -21.91 17.38
CA ARG A 320 26.45 -20.61 16.75
C ARG A 320 25.33 -19.77 17.37
N PRO A 321 25.32 -18.46 17.13
CA PRO A 321 24.19 -17.63 17.55
C PRO A 321 22.85 -18.17 17.08
N SER A 322 21.85 -18.11 17.95
CA SER A 322 20.53 -18.65 17.66
C SER A 322 19.82 -17.81 16.62
N GLU A 323 18.81 -18.41 15.99
CA GLU A 323 18.05 -17.71 14.97
C GLU A 323 16.89 -16.93 15.58
N PRO A 324 16.62 -15.74 15.06
CA PRO A 324 15.51 -14.95 15.52
C PRO A 324 14.20 -15.38 14.86
N HIS A 325 13.10 -15.24 15.60
CA HIS A 325 11.78 -15.44 15.02
C HIS A 325 11.02 -14.14 15.20
N PHE A 326 10.61 -13.53 14.10
CA PHE A 326 9.97 -12.23 14.12
C PHE A 326 8.46 -12.33 14.20
N THR A 327 7.82 -11.29 14.73
CA THR A 327 6.37 -11.16 14.67
C THR A 327 6.01 -10.72 13.25
N LEU A 328 4.76 -10.94 12.86
CA LEU A 328 4.32 -10.68 11.49
C LEU A 328 4.71 -9.30 10.96
N ASP A 329 4.59 -8.27 11.78
CA ASP A 329 4.93 -6.93 11.32
C ASP A 329 6.45 -6.70 11.33
N GLY A 330 7.17 -7.64 11.93
CA GLY A 330 8.64 -7.58 11.91
C GLY A 330 9.29 -6.47 12.71
N ASN A 331 8.62 -6.02 13.77
CA ASN A 331 9.17 -4.95 14.60
C ASN A 331 9.78 -5.48 15.88
N SER A 332 9.48 -6.74 16.15
CA SER A 332 10.03 -7.41 17.31
C SER A 332 10.32 -8.87 16.96
N PHE A 333 11.20 -9.51 17.73
CA PHE A 333 11.50 -10.90 17.51
C PHE A 333 11.88 -11.66 18.77
N TYR A 334 11.70 -12.96 18.76
CA TYR A 334 12.12 -13.80 19.87
C TYR A 334 13.36 -14.59 19.50
N LYS A 335 14.21 -14.85 20.48
CA LYS A 335 15.49 -15.49 20.20
C LYS A 335 15.99 -16.14 21.47
N ILE A 336 16.62 -17.31 21.35
CA ILE A 336 17.12 -18.00 22.52
C ILE A 336 18.48 -17.45 22.90
N ILE A 337 18.57 -16.81 24.05
CA ILE A 337 19.90 -16.38 24.51
C ILE A 337 20.13 -16.83 25.95
N SER A 338 21.40 -16.99 26.32
CA SER A 338 21.74 -17.47 27.65
C SER A 338 21.54 -16.34 28.67
N ASN A 339 20.82 -16.62 29.75
CA ASN A 339 20.61 -15.61 30.79
C ASN A 339 21.82 -15.49 31.71
N GLU A 340 21.73 -14.71 32.79
CA GLU A 340 22.91 -14.45 33.62
C GLU A 340 23.13 -15.53 34.64
N GLU A 341 22.16 -16.42 34.79
CA GLU A 341 22.40 -17.61 35.61
C GLU A 341 23.05 -18.67 34.72
N GLY A 342 23.15 -18.36 33.43
CA GLY A 342 23.76 -19.25 32.45
C GLY A 342 22.82 -20.24 31.77
N TYR A 343 21.52 -19.95 31.73
CA TYR A 343 20.57 -20.89 31.17
C TYR A 343 19.95 -20.33 29.90
N ARG A 344 19.84 -21.18 28.89
CA ARG A 344 19.34 -20.73 27.60
C ARG A 344 17.82 -20.58 27.56
N HIS A 345 17.36 -19.33 27.52
CA HIS A 345 15.94 -19.04 27.52
C HIS A 345 15.52 -18.08 26.41
N ILE A 346 14.22 -18.02 26.16
CA ILE A 346 13.69 -17.22 25.07
C ILE A 346 13.65 -15.76 25.48
N CYS A 347 14.31 -14.91 24.71
CA CYS A 347 14.32 -13.48 24.98
C CYS A 347 13.51 -12.70 23.96
N TYR A 348 12.95 -11.57 24.38
CA TYR A 348 12.04 -10.82 23.52
C TYR A 348 12.55 -9.42 23.17
N PHE A 349 12.76 -9.17 21.89
CA PHE A 349 13.47 -7.98 21.41
C PHE A 349 12.58 -6.99 20.67
N GLN A 350 12.88 -5.70 20.77
CA GLN A 350 12.27 -4.64 19.95
C GLN A 350 13.32 -4.16 18.97
N ILE A 351 12.97 -4.03 17.69
CA ILE A 351 14.01 -3.76 16.68
C ILE A 351 15.05 -2.71 17.09
N ASP A 352 14.61 -1.63 17.73
CA ASP A 352 15.49 -0.50 18.05
C ASP A 352 15.84 -0.31 19.52
N LYS A 353 15.07 -0.93 20.43
CA LYS A 353 15.42 -0.93 21.85
C LYS A 353 16.51 -1.94 22.15
N LYS A 354 17.51 -1.53 22.91
CA LYS A 354 18.78 -2.24 22.97
C LYS A 354 18.78 -3.42 23.91
N ASP A 355 17.87 -3.43 24.87
CA ASP A 355 17.77 -4.58 25.77
C ASP A 355 16.68 -5.54 25.31
N CYS A 356 16.54 -6.65 26.03
CA CYS A 356 15.44 -7.55 25.76
C CYS A 356 14.84 -8.08 27.06
N THR A 357 13.68 -8.71 26.95
CA THR A 357 13.03 -9.27 28.12
C THR A 357 12.93 -10.78 28.04
N PHE A 358 13.45 -11.47 29.04
CA PHE A 358 13.27 -12.92 29.10
C PHE A 358 11.81 -13.23 29.35
N ILE A 359 11.28 -14.17 28.58
CA ILE A 359 9.91 -14.58 28.76
C ILE A 359 9.83 -15.97 29.38
N THR A 360 10.99 -16.58 29.63
CA THR A 360 11.09 -17.79 30.45
C THR A 360 12.34 -17.71 31.33
N LYS A 361 12.27 -18.34 32.50
CA LYS A 361 13.47 -18.56 33.34
C LYS A 361 13.32 -19.93 34.00
N GLY A 362 14.37 -20.40 34.66
CA GLY A 362 14.31 -21.71 35.31
C GLY A 362 15.63 -22.45 35.23
N THR A 363 15.69 -23.61 35.89
CA THR A 363 16.90 -24.41 35.91
C THR A 363 16.78 -25.47 34.82
N TRP A 364 16.70 -25.00 33.58
CA TRP A 364 16.47 -25.83 32.43
C TRP A 364 16.59 -24.92 31.22
N GLU A 365 16.78 -25.51 30.05
CA GLU A 365 17.00 -24.73 28.83
C GLU A 365 15.90 -24.93 27.81
N VAL A 366 15.64 -23.91 27.01
CA VAL A 366 14.78 -24.03 25.84
C VAL A 366 15.60 -24.64 24.70
N ILE A 367 15.11 -25.73 24.11
CA ILE A 367 15.83 -26.40 23.04
C ILE A 367 15.69 -25.61 21.74
N GLY A 368 14.49 -25.13 21.45
CA GLY A 368 14.31 -24.35 20.24
C GLY A 368 12.92 -23.76 20.16
N ILE A 369 12.79 -22.63 19.46
CA ILE A 369 11.48 -22.01 19.20
C ILE A 369 10.83 -22.62 17.96
N GLU A 370 9.62 -23.12 18.09
CA GLU A 370 9.01 -23.89 17.01
C GLU A 370 8.00 -23.17 16.13
N ALA A 371 7.15 -22.32 16.72
CA ALA A 371 6.12 -21.60 15.97
C ALA A 371 5.74 -20.29 16.66
N LEU A 372 5.29 -19.32 15.87
CA LEU A 372 4.89 -18.03 16.41
C LEU A 372 3.56 -17.55 15.82
N THR A 373 2.49 -17.56 16.61
CA THR A 373 1.23 -16.97 16.19
C THR A 373 1.06 -15.59 16.80
N SER A 374 -0.11 -15.00 16.58
CA SER A 374 -0.39 -13.64 17.03
C SER A 374 -0.43 -13.51 18.55
N ASP A 375 -0.70 -14.59 19.25
CA ASP A 375 -0.80 -14.55 20.72
C ASP A 375 -0.23 -15.78 21.42
N TYR A 376 0.35 -16.70 20.66
CA TYR A 376 1.06 -17.84 21.23
C TYR A 376 2.44 -18.05 20.65
N LEU A 377 3.40 -18.44 21.49
CA LEU A 377 4.71 -18.90 21.03
C LEU A 377 4.95 -20.34 21.48
N TYR A 378 5.27 -21.21 20.54
CA TYR A 378 5.49 -22.62 20.84
C TYR A 378 6.98 -22.93 20.82
N TYR A 379 7.44 -23.75 21.77
CA TYR A 379 8.85 -24.09 21.88
C TYR A 379 9.06 -25.48 22.49
N ILE A 380 10.25 -26.04 22.30
CA ILE A 380 10.63 -27.31 22.94
C ILE A 380 11.61 -27.03 24.07
N SER A 381 11.40 -27.67 25.22
CA SER A 381 12.30 -27.53 26.34
C SER A 381 12.52 -28.83 27.09
N ASN A 382 13.58 -28.85 27.90
CA ASN A 382 13.85 -29.98 28.77
C ASN A 382 13.47 -29.68 30.23
N GLU A 383 12.36 -28.96 30.41
CA GLU A 383 11.90 -28.57 31.74
C GLU A 383 11.23 -29.73 32.49
N TYR A 384 10.26 -30.37 31.85
CA TYR A 384 9.47 -31.41 32.49
C TYR A 384 10.34 -32.37 33.26
N LYS A 385 9.90 -32.70 34.47
CA LYS A 385 10.62 -33.60 35.39
C LYS A 385 12.05 -33.18 35.74
N GLY A 386 12.51 -32.06 35.19
CA GLY A 386 13.84 -31.58 35.47
C GLY A 386 14.91 -32.50 34.92
N MET A 387 14.56 -33.27 33.88
CA MET A 387 15.54 -34.11 33.22
C MET A 387 15.94 -33.56 31.87
N PRO A 388 17.24 -33.28 31.74
CA PRO A 388 17.81 -32.61 30.58
C PRO A 388 17.69 -33.45 29.32
N GLY A 389 17.79 -34.77 29.48
CA GLY A 389 17.68 -35.68 28.35
C GLY A 389 16.27 -35.89 27.85
N GLY A 390 15.31 -35.18 28.44
CA GLY A 390 13.91 -35.27 28.02
C GLY A 390 13.62 -34.08 27.13
N ARG A 391 12.43 -34.04 26.54
CA ARG A 391 12.18 -33.12 25.44
C ARG A 391 10.69 -32.98 25.23
N ASN A 392 10.16 -31.77 25.44
CA ASN A 392 8.71 -31.54 25.41
C ASN A 392 8.20 -30.24 24.77
N LEU A 393 7.04 -30.29 24.14
CA LEU A 393 6.46 -29.11 23.50
C LEU A 393 5.63 -28.27 24.47
N TYR A 394 6.01 -27.01 24.60
CA TYR A 394 5.31 -26.07 25.47
C TYR A 394 4.73 -24.96 24.61
N LYS A 395 3.71 -24.27 25.13
CA LYS A 395 3.23 -23.03 24.50
C LYS A 395 3.08 -21.95 25.55
N ILE A 396 3.44 -20.72 25.17
CA ILE A 396 3.35 -19.60 26.09
C ILE A 396 2.43 -18.50 25.55
N GLN A 397 1.60 -17.95 26.43
CA GLN A 397 0.66 -16.92 26.05
C GLN A 397 1.40 -15.59 25.90
N LEU A 398 1.35 -15.02 24.70
CA LEU A 398 2.11 -13.81 24.39
C LEU A 398 1.64 -12.66 25.25
N SER A 399 0.32 -12.59 25.47
CA SER A 399 -0.30 -11.57 26.32
C SER A 399 -0.15 -11.78 27.83
N ASP A 400 0.39 -12.93 28.24
CA ASP A 400 0.59 -13.26 29.66
C ASP A 400 1.66 -14.33 29.85
N TYR A 401 2.86 -13.92 30.25
CA TYR A 401 4.00 -14.84 30.31
C TYR A 401 3.90 -15.93 31.38
N THR A 402 2.92 -15.81 32.28
CA THR A 402 2.78 -16.82 33.33
C THR A 402 1.96 -17.98 32.84
N LYS A 403 1.23 -17.79 31.75
CA LYS A 403 0.36 -18.83 31.22
C LYS A 403 1.10 -19.81 30.29
N VAL A 404 1.81 -20.77 30.87
CA VAL A 404 2.57 -21.70 30.07
C VAL A 404 1.95 -23.08 30.13
N THR A 405 1.44 -23.57 29.00
CA THR A 405 0.83 -24.89 28.95
C THR A 405 1.81 -25.89 28.38
N CYS A 406 1.88 -27.07 28.97
CA CYS A 406 2.72 -28.10 28.41
C CYS A 406 1.90 -28.98 27.50
N LEU A 407 2.18 -28.92 26.20
CA LEU A 407 1.35 -29.61 25.20
C LEU A 407 1.62 -31.10 24.99
N SER A 408 2.65 -31.65 25.61
CA SER A 408 2.99 -33.06 25.36
C SER A 408 3.38 -33.90 26.58
N CYS A 409 3.73 -33.25 27.70
CA CYS A 409 4.21 -33.95 28.89
C CYS A 409 3.27 -35.05 29.28
N GLU A 410 1.99 -34.71 29.37
CA GLU A 410 0.97 -35.61 29.89
C GLU A 410 0.43 -36.63 28.91
N LEU A 411 0.62 -36.41 27.63
CA LEU A 411 0.00 -37.25 26.60
C LEU A 411 0.20 -38.75 26.76
N ASN A 412 1.25 -39.15 27.46
CA ASN A 412 1.62 -40.55 27.60
C ASN A 412 2.99 -40.62 28.28
N PRO A 413 3.04 -40.28 29.57
CA PRO A 413 4.32 -40.02 30.23
C PRO A 413 5.19 -41.27 30.26
N GLU A 414 4.58 -42.43 30.26
CA GLU A 414 5.32 -43.67 30.37
C GLU A 414 6.12 -43.98 29.13
N ARG A 415 5.54 -43.69 27.96
CA ARG A 415 6.10 -44.09 26.68
C ARG A 415 6.82 -42.95 25.99
N CYS A 416 6.47 -41.72 26.37
CA CYS A 416 6.87 -40.54 25.63
C CYS A 416 7.43 -39.43 26.48
N GLN A 417 8.72 -39.17 26.35
CA GLN A 417 9.34 -38.05 27.04
C GLN A 417 10.30 -37.29 26.13
N TYR A 418 10.36 -37.69 24.86
CA TYR A 418 11.22 -37.03 23.88
C TYR A 418 10.44 -36.71 22.62
N TYR A 419 10.05 -35.44 22.48
CA TYR A 419 9.21 -35.00 21.39
C TYR A 419 9.90 -34.02 20.44
N SER A 420 9.48 -34.04 19.17
CA SER A 420 9.75 -32.95 18.25
C SER A 420 8.42 -32.62 17.59
N VAL A 421 8.33 -31.47 16.92
CA VAL A 421 7.03 -31.04 16.37
C VAL A 421 7.15 -30.46 14.96
N SER A 422 6.12 -30.68 14.14
CA SER A 422 6.06 -30.07 12.82
C SER A 422 4.72 -29.36 12.58
N PHE A 423 4.74 -28.03 12.59
CA PHE A 423 3.51 -27.26 12.46
C PHE A 423 3.05 -27.07 11.01
N SER A 424 1.77 -26.80 10.83
CA SER A 424 1.22 -26.47 9.52
C SER A 424 1.52 -25.02 9.17
N LYS A 425 1.23 -24.62 7.93
CA LYS A 425 1.68 -23.33 7.41
C LYS A 425 1.33 -22.12 8.29
N GLU A 426 0.24 -22.19 9.04
CA GLU A 426 -0.09 -21.09 9.96
C GLU A 426 -0.26 -21.58 11.38
N ALA A 427 0.17 -22.81 11.64
CA ALA A 427 0.03 -23.43 12.95
C ALA A 427 -1.41 -23.68 13.35
N LYS A 428 -2.24 -24.10 12.40
CA LYS A 428 -3.60 -24.50 12.72
C LYS A 428 -3.51 -25.89 13.30
N TYR A 429 -2.50 -26.61 12.83
CA TYR A 429 -2.29 -27.99 13.23
C TYR A 429 -0.82 -28.28 13.52
N TYR A 430 -0.55 -29.37 14.23
CA TYR A 430 0.81 -29.82 14.44
C TYR A 430 0.95 -31.31 14.63
N GLN A 431 2.08 -31.84 14.18
CA GLN A 431 2.36 -33.26 14.30
C GLN A 431 3.43 -33.49 15.34
N LEU A 432 3.11 -34.26 16.38
CA LEU A 432 4.12 -34.62 17.37
C LEU A 432 4.81 -35.92 16.99
N ARG A 433 6.13 -35.94 17.16
CA ARG A 433 6.93 -37.15 17.02
C ARG A 433 7.54 -37.48 18.37
N CYS A 434 7.02 -38.54 18.97
CA CYS A 434 7.54 -39.05 20.21
C CYS A 434 8.57 -40.10 19.84
N SER A 435 9.77 -40.02 20.38
CA SER A 435 10.83 -40.92 19.94
C SER A 435 11.49 -41.69 21.08
N GLY A 436 10.88 -41.67 22.25
CA GLY A 436 11.40 -42.41 23.39
C GLY A 436 10.73 -42.03 24.69
N PRO A 437 10.87 -42.86 25.71
CA PRO A 437 11.65 -44.08 25.63
C PRO A 437 10.91 -45.28 25.02
N GLY A 438 9.62 -45.12 24.73
CA GLY A 438 8.88 -46.20 24.10
C GLY A 438 9.14 -46.21 22.62
N LEU A 439 8.45 -47.08 21.89
CA LEU A 439 8.53 -47.06 20.43
C LEU A 439 7.90 -45.77 19.93
N PRO A 440 8.49 -45.19 18.87
CA PRO A 440 8.06 -43.90 18.36
C PRO A 440 6.57 -43.85 18.06
N LEU A 441 5.97 -42.68 18.26
CA LEU A 441 4.55 -42.52 18.18
C LEU A 441 4.26 -41.16 17.51
N TYR A 442 3.69 -41.19 16.32
CA TYR A 442 3.39 -39.96 15.63
C TYR A 442 1.89 -39.69 15.75
N THR A 443 1.51 -38.47 16.11
CA THR A 443 0.11 -38.09 16.25
C THR A 443 -0.14 -36.72 15.64
N LEU A 444 -1.40 -36.41 15.34
CA LEU A 444 -1.80 -35.12 14.78
C LEU A 444 -2.66 -34.36 15.79
N HIS A 445 -2.62 -33.03 15.75
CA HIS A 445 -3.34 -32.18 16.71
C HIS A 445 -3.78 -30.87 16.07
N SER A 446 -4.89 -30.31 16.53
CA SER A 446 -5.27 -28.98 16.08
C SER A 446 -4.96 -27.95 17.16
N SER A 447 -4.34 -26.83 16.78
CA SER A 447 -3.86 -25.86 17.77
C SER A 447 -4.97 -25.09 18.45
N VAL A 448 -6.07 -24.86 17.74
CA VAL A 448 -7.19 -24.05 18.23
C VAL A 448 -7.59 -24.37 19.67
N ASN A 449 -7.62 -25.65 20.01
CA ASN A 449 -8.08 -26.12 21.31
C ASN A 449 -7.13 -27.17 21.86
N ASP A 450 -6.05 -27.43 21.12
CA ASP A 450 -5.05 -28.46 21.44
C ASP A 450 -5.63 -29.87 21.49
N LYS A 451 -6.63 -30.11 20.64
CA LYS A 451 -7.28 -31.40 20.58
C LYS A 451 -6.44 -32.38 19.79
N GLY A 452 -6.25 -33.56 20.36
CA GLY A 452 -5.58 -34.65 19.69
C GLY A 452 -6.51 -35.25 18.66
N LEU A 453 -6.19 -35.06 17.38
CA LEU A 453 -7.07 -35.51 16.32
C LEU A 453 -7.01 -37.01 16.08
N ARG A 454 -5.83 -37.56 15.75
CA ARG A 454 -5.71 -39.02 15.59
C ARG A 454 -4.29 -39.55 15.72
N VAL A 455 -4.14 -40.87 15.79
CA VAL A 455 -2.81 -41.46 15.81
C VAL A 455 -2.33 -41.78 14.39
N LEU A 456 -1.24 -41.15 13.97
CA LEU A 456 -0.73 -41.32 12.61
C LEU A 456 0.06 -42.61 12.41
N GLU A 457 0.87 -42.97 13.39
CA GLU A 457 1.65 -44.21 13.36
C GLU A 457 2.05 -44.55 14.79
N ASP A 458 2.07 -45.84 15.12
CA ASP A 458 2.34 -46.28 16.50
C ASP A 458 3.25 -47.50 16.60
N ASN A 459 3.78 -47.94 15.45
CA ASN A 459 4.76 -49.00 15.38
C ASN A 459 4.35 -50.32 16.02
N SER A 460 3.04 -50.54 16.15
CA SER A 460 2.51 -51.77 16.70
C SER A 460 2.97 -52.99 15.89
N ALA A 461 3.14 -52.81 14.58
CA ALA A 461 3.76 -53.81 13.71
C ALA A 461 5.07 -54.33 14.30
N LEU A 462 5.98 -53.40 14.55
CA LEU A 462 7.24 -53.68 15.22
C LEU A 462 7.05 -54.19 16.65
N ASP A 463 6.16 -53.58 17.41
CA ASP A 463 5.87 -54.00 18.77
C ASP A 463 5.59 -55.48 18.86
N LYS A 464 4.85 -56.01 17.87
CA LYS A 464 4.57 -57.44 17.78
C LYS A 464 5.87 -58.22 17.75
N MET A 465 6.62 -58.05 16.67
CA MET A 465 7.86 -58.77 16.47
C MET A 465 8.83 -58.69 17.65
N LEU A 466 8.79 -57.58 18.37
CA LEU A 466 9.76 -57.31 19.41
C LEU A 466 9.56 -58.04 20.74
N GLN A 467 8.34 -58.46 21.04
CA GLN A 467 8.15 -59.27 22.23
C GLN A 467 8.58 -60.70 21.96
N ASN A 468 8.81 -61.00 20.69
CA ASN A 468 9.41 -62.27 20.32
C ASN A 468 10.90 -62.40 20.58
N VAL A 469 11.52 -61.29 20.98
CA VAL A 469 12.97 -61.26 21.18
C VAL A 469 13.34 -60.64 22.52
N GLN A 470 14.37 -61.18 23.14
CA GLN A 470 14.84 -60.72 24.44
C GLN A 470 15.56 -59.39 24.36
N MET A 471 14.79 -58.30 24.35
CA MET A 471 15.35 -56.96 24.27
C MET A 471 16.07 -56.56 25.53
N PRO A 472 16.97 -55.59 25.41
CA PRO A 472 17.60 -54.99 26.56
C PRO A 472 16.75 -53.83 27.09
N SER A 473 17.08 -53.34 28.28
CA SER A 473 16.39 -52.19 28.85
C SER A 473 17.34 -51.02 28.98
N LYS A 474 16.81 -49.82 29.17
CA LYS A 474 17.61 -48.62 29.29
C LYS A 474 17.34 -47.93 30.62
N LYS A 475 18.36 -47.75 31.46
CA LYS A 475 18.19 -46.94 32.66
C LYS A 475 18.79 -45.56 32.41
N LEU A 476 18.03 -44.53 32.75
CA LEU A 476 18.49 -43.16 32.66
C LEU A 476 18.51 -42.64 34.08
N ASP A 477 19.69 -42.30 34.59
CA ASP A 477 19.75 -41.74 35.93
C ASP A 477 20.93 -40.78 36.00
N PHE A 478 21.26 -40.32 37.19
CA PHE A 478 22.40 -39.44 37.37
C PHE A 478 23.25 -39.81 38.56
N ILE A 479 24.46 -39.26 38.61
CA ILE A 479 25.26 -39.32 39.82
C ILE A 479 25.56 -37.88 40.22
N ILE A 480 26.11 -37.72 41.41
CA ILE A 480 26.43 -36.39 41.93
C ILE A 480 27.94 -36.24 42.14
N LEU A 481 28.52 -35.24 41.48
CA LEU A 481 29.91 -34.84 41.74
C LEU A 481 29.88 -33.34 42.02
N ASN A 482 30.59 -32.90 43.07
CA ASN A 482 30.50 -31.52 43.56
C ASN A 482 29.07 -30.98 43.52
N GLU A 483 28.19 -31.65 44.25
CA GLU A 483 26.75 -31.35 44.31
C GLU A 483 26.16 -30.70 43.05
N THR A 484 26.53 -31.21 41.88
CA THR A 484 25.75 -30.98 40.66
C THR A 484 25.49 -32.36 40.11
N LYS A 485 24.33 -32.56 39.47
CA LYS A 485 24.06 -33.85 38.85
C LYS A 485 24.59 -33.99 37.43
N PHE A 486 25.14 -35.16 37.17
CA PHE A 486 25.61 -35.55 35.84
C PHE A 486 24.91 -36.84 35.47
N TRP A 487 24.26 -36.84 34.30
CA TRP A 487 23.44 -37.96 33.86
C TRP A 487 24.17 -39.08 33.11
N TYR A 488 23.73 -40.32 33.31
CA TYR A 488 24.30 -41.43 32.60
C TYR A 488 23.16 -42.25 32.05
N GLN A 489 23.46 -43.11 31.10
CA GLN A 489 22.47 -44.08 30.63
C GLN A 489 23.16 -45.42 30.47
N MET A 490 22.38 -46.49 30.61
CA MET A 490 22.94 -47.83 30.52
C MET A 490 21.98 -48.69 29.74
N ILE A 491 22.48 -49.31 28.68
CA ILE A 491 21.72 -50.34 27.97
C ILE A 491 22.02 -51.65 28.67
N LEU A 492 21.02 -52.19 29.34
CA LEU A 492 21.19 -53.35 30.20
C LEU A 492 20.64 -54.58 29.51
N PRO A 493 21.37 -55.69 29.63
CA PRO A 493 20.97 -56.96 29.05
C PRO A 493 19.62 -57.45 29.57
N PRO A 494 18.92 -58.25 28.78
CA PRO A 494 17.63 -58.80 29.20
C PRO A 494 17.83 -59.57 30.49
N HIS A 495 16.79 -59.65 31.33
CA HIS A 495 16.89 -60.32 32.63
C HIS A 495 18.07 -59.82 33.44
N PHE A 496 18.31 -58.50 33.44
CA PHE A 496 19.45 -57.91 34.14
C PHE A 496 19.43 -58.25 35.63
N ASP A 497 20.41 -59.03 36.06
CA ASP A 497 20.49 -59.43 37.47
C ASP A 497 21.56 -58.65 38.24
N LYS A 498 21.10 -57.69 39.03
CA LYS A 498 21.97 -56.69 39.65
C LYS A 498 23.01 -57.22 40.63
N SER A 499 23.09 -58.53 40.76
CA SER A 499 24.02 -59.14 41.70
C SER A 499 25.21 -59.77 40.99
N LYS A 500 25.19 -59.81 39.66
CA LYS A 500 26.29 -60.41 38.89
C LYS A 500 27.30 -59.35 38.43
N LYS A 501 28.49 -59.78 38.05
CA LYS A 501 29.49 -58.86 37.55
C LYS A 501 29.44 -58.81 36.01
N TYR A 502 28.88 -57.72 35.46
CA TYR A 502 28.80 -57.58 34.02
C TYR A 502 30.00 -56.83 33.45
N PRO A 503 30.42 -57.20 32.23
CA PRO A 503 31.39 -56.41 31.51
C PRO A 503 30.74 -55.15 30.94
N LEU A 504 31.47 -54.04 30.98
CA LEU A 504 30.91 -52.75 30.58
C LEU A 504 31.70 -52.06 29.49
N LEU A 505 30.97 -51.63 28.46
CA LEU A 505 31.51 -50.81 27.37
C LEU A 505 31.04 -49.38 27.53
N LEU A 506 31.98 -48.46 27.70
CA LEU A 506 31.63 -47.05 27.80
C LEU A 506 31.53 -46.43 26.41
N ASP A 507 30.33 -45.98 26.07
CA ASP A 507 30.01 -45.34 24.79
C ASP A 507 30.20 -43.82 24.92
N VAL A 508 31.19 -43.26 24.25
CA VAL A 508 31.53 -41.85 24.47
C VAL A 508 31.42 -40.96 23.23
N TYR A 509 30.84 -39.78 23.40
CA TYR A 509 31.08 -38.74 22.42
C TYR A 509 31.80 -37.58 23.12
N ALA A 510 31.18 -37.02 24.15
CA ALA A 510 31.77 -36.00 25.04
C ALA A 510 32.07 -34.64 24.45
N GLY A 511 31.70 -34.38 23.20
CA GLY A 511 31.96 -33.09 22.56
C GLY A 511 31.16 -31.96 23.17
N PRO A 512 31.66 -30.74 23.04
CA PRO A 512 31.03 -29.58 23.63
C PRO A 512 29.55 -29.53 23.29
N CYS A 513 28.71 -29.42 24.30
CA CYS A 513 27.26 -29.36 24.11
C CYS A 513 26.66 -30.67 23.63
N SER A 514 27.38 -31.77 23.81
CA SER A 514 26.83 -33.05 23.40
C SER A 514 25.91 -33.57 24.47
N GLN A 515 25.13 -34.60 24.13
CA GLN A 515 24.22 -35.29 25.04
C GLN A 515 24.04 -36.75 24.65
N LYS A 516 24.73 -37.63 25.36
CA LYS A 516 24.65 -39.05 25.07
C LYS A 516 23.75 -39.80 26.05
N ALA A 517 23.21 -39.08 27.02
CA ALA A 517 22.30 -39.66 28.00
C ALA A 517 20.96 -38.99 27.83
N ASP A 518 20.07 -39.63 27.08
CA ASP A 518 18.77 -39.04 26.78
C ASP A 518 17.71 -40.13 26.88
N THR A 519 16.48 -39.82 26.49
CA THR A 519 15.40 -40.81 26.54
C THR A 519 14.94 -41.30 25.17
N VAL A 520 15.81 -41.24 24.18
CA VAL A 520 15.46 -41.76 22.85
C VAL A 520 15.48 -43.27 22.81
N PHE A 521 14.59 -43.85 22.00
CA PHE A 521 14.59 -45.28 21.74
C PHE A 521 15.46 -45.56 20.52
N ARG A 522 16.46 -46.42 20.68
CA ARG A 522 17.43 -46.69 19.61
C ARG A 522 17.66 -48.18 19.40
N LEU A 523 17.67 -48.56 18.12
CA LEU A 523 18.08 -49.91 17.74
C LEU A 523 19.44 -49.80 17.08
N ASN A 524 20.49 -50.18 17.79
CA ASN A 524 21.83 -49.99 17.29
C ASN A 524 22.79 -51.06 17.77
N TRP A 525 24.06 -50.88 17.49
CA TRP A 525 25.08 -51.81 17.92
C TRP A 525 24.98 -52.13 19.41
N ALA A 526 24.69 -51.11 20.22
CA ALA A 526 24.62 -51.28 21.66
C ALA A 526 23.49 -52.21 22.05
N THR A 527 22.38 -52.15 21.32
CA THR A 527 21.29 -53.10 21.50
C THR A 527 21.77 -54.54 21.36
N TYR A 528 22.46 -54.85 20.28
CA TYR A 528 23.06 -56.15 20.09
C TYR A 528 23.99 -56.53 21.24
N LEU A 529 24.91 -55.63 21.60
CA LEU A 529 25.90 -55.94 22.64
C LEU A 529 25.25 -56.28 23.98
N ALA A 530 24.25 -55.52 24.36
CA ALA A 530 23.50 -55.84 25.56
C ALA A 530 22.72 -57.15 25.38
N SER A 531 21.88 -57.21 24.35
CA SER A 531 20.97 -58.32 24.15
C SER A 531 21.67 -59.67 23.98
N THR A 532 22.65 -59.73 23.08
CA THR A 532 23.26 -61.02 22.74
C THR A 532 24.52 -61.32 23.51
N GLU A 533 25.26 -60.29 23.90
CA GLU A 533 26.56 -60.50 24.54
C GLU A 533 26.58 -60.18 26.03
N ASN A 534 25.45 -59.74 26.57
CA ASN A 534 25.35 -59.30 27.96
C ASN A 534 26.47 -58.35 28.35
N ILE A 535 26.55 -57.24 27.62
CA ILE A 535 27.47 -56.17 27.96
C ILE A 535 26.63 -54.96 28.28
N ILE A 536 26.93 -54.30 29.39
CA ILE A 536 26.26 -53.05 29.65
C ILE A 536 26.93 -51.98 28.79
N VAL A 537 26.13 -51.30 27.99
CA VAL A 537 26.66 -50.20 27.20
C VAL A 537 26.17 -48.93 27.86
N ALA A 538 27.14 -48.18 28.39
CA ALA A 538 26.86 -47.00 29.20
C ALA A 538 27.39 -45.75 28.53
N SER A 539 26.64 -44.66 28.65
CA SER A 539 27.14 -43.36 28.25
C SER A 539 27.01 -42.38 29.41
N PHE A 540 27.86 -41.36 29.41
CA PHE A 540 27.86 -40.39 30.48
C PHE A 540 28.11 -38.99 29.97
N ASP A 541 27.19 -38.08 30.27
CA ASP A 541 27.31 -36.65 29.96
C ASP A 541 28.01 -35.88 31.08
N GLY A 542 29.28 -35.56 30.89
CA GLY A 542 30.06 -34.87 31.91
C GLY A 542 30.19 -33.39 31.64
N ARG A 543 31.27 -32.80 32.13
CA ARG A 543 31.49 -31.38 31.91
C ARG A 543 31.70 -31.12 30.43
N GLY A 544 31.11 -30.03 29.96
CA GLY A 544 31.18 -29.74 28.53
C GLY A 544 29.87 -30.07 27.84
N SER A 545 29.05 -30.95 28.43
CA SER A 545 27.80 -31.32 27.77
C SER A 545 26.74 -30.22 27.82
N GLY A 546 25.69 -30.40 27.04
CA GLY A 546 24.76 -29.30 26.83
C GLY A 546 23.48 -29.41 27.62
N TYR A 547 22.63 -28.40 27.43
CA TYR A 547 21.24 -28.44 27.89
C TYR A 547 21.12 -28.33 29.40
N GLN A 548 22.25 -28.06 30.05
CA GLN A 548 22.29 -27.94 31.50
C GLN A 548 22.89 -26.59 31.91
N GLY A 549 22.88 -25.65 30.99
CA GLY A 549 23.46 -24.34 31.29
C GLY A 549 24.98 -24.23 31.18
N ASP A 550 25.43 -22.98 31.11
CA ASP A 550 26.80 -22.66 30.77
C ASP A 550 27.84 -23.10 31.79
N LYS A 551 27.46 -23.22 33.05
CA LYS A 551 28.43 -23.62 34.07
C LYS A 551 28.92 -25.03 33.75
N ILE A 552 28.05 -25.88 33.22
CA ILE A 552 28.48 -27.18 32.76
C ILE A 552 29.05 -27.09 31.34
N MET A 553 28.36 -26.41 30.44
CA MET A 553 28.84 -26.39 29.07
C MET A 553 30.20 -25.70 28.89
N HIS A 554 30.32 -24.44 29.31
CA HIS A 554 31.57 -23.69 29.14
C HIS A 554 32.75 -24.16 30.02
N ALA A 555 32.54 -25.21 30.79
CA ALA A 555 33.57 -25.66 31.72
C ALA A 555 34.85 -26.12 31.03
N ILE A 556 34.78 -26.34 29.73
CA ILE A 556 35.95 -26.84 28.98
C ILE A 556 36.46 -25.79 28.02
N ASN A 557 35.99 -24.56 28.17
CA ASN A 557 36.38 -23.49 27.28
C ASN A 557 37.89 -23.38 27.23
N ARG A 558 38.44 -23.13 26.06
CA ARG A 558 39.88 -23.04 25.85
C ARG A 558 40.67 -24.21 26.41
N ARG A 559 39.97 -25.22 26.93
CA ARG A 559 40.62 -26.29 27.64
C ARG A 559 40.12 -27.68 27.22
N LEU A 560 39.98 -27.89 25.91
CA LEU A 560 39.56 -29.18 25.35
C LEU A 560 40.52 -30.31 25.69
N GLY A 561 40.00 -31.52 25.82
CA GLY A 561 40.86 -32.63 26.14
C GLY A 561 41.24 -32.73 27.61
N THR A 562 40.57 -31.97 28.48
CA THR A 562 40.77 -32.12 29.91
C THR A 562 39.50 -32.59 30.62
N PHE A 563 38.75 -31.67 31.24
CA PHE A 563 37.61 -32.02 32.08
C PHE A 563 36.67 -33.06 31.49
N GLU A 564 36.41 -33.01 30.19
CA GLU A 564 35.51 -33.97 29.56
C GLU A 564 36.09 -35.38 29.54
N VAL A 565 37.42 -35.50 29.48
CA VAL A 565 38.03 -36.82 29.52
C VAL A 565 38.13 -37.33 30.95
N GLU A 566 38.48 -36.45 31.89
CA GLU A 566 38.61 -36.84 33.30
C GLU A 566 37.25 -37.26 33.89
N ASP A 567 36.18 -36.53 33.53
CA ASP A 567 34.83 -36.89 33.96
C ASP A 567 34.39 -38.22 33.37
N GLN A 568 34.92 -38.59 32.21
CA GLN A 568 34.54 -39.87 31.61
C GLN A 568 35.15 -41.00 32.43
N ILE A 569 36.45 -40.90 32.72
CA ILE A 569 37.16 -41.86 33.58
C ILE A 569 36.49 -41.99 34.95
N GLU A 570 36.08 -40.84 35.50
CA GLU A 570 35.40 -40.77 36.78
C GLU A 570 34.14 -41.60 36.70
N ALA A 571 33.30 -41.32 35.71
CA ALA A 571 32.06 -42.06 35.53
C ALA A 571 32.30 -43.56 35.50
N ALA A 572 33.37 -43.99 34.86
CA ALA A 572 33.73 -45.40 34.88
C ALA A 572 33.89 -45.90 36.31
N ARG A 573 34.70 -45.21 37.09
CA ARG A 573 34.91 -45.56 38.49
C ARG A 573 33.60 -45.69 39.26
N GLN A 574 32.71 -44.73 39.07
CA GLN A 574 31.42 -44.74 39.71
C GLN A 574 30.66 -45.99 39.35
N PHE A 575 30.75 -46.42 38.09
CA PHE A 575 30.03 -47.62 37.69
C PHE A 575 30.57 -48.88 38.39
N SER A 576 31.88 -48.96 38.60
CA SER A 576 32.48 -50.02 39.43
C SER A 576 31.83 -50.04 40.82
N LYS A 577 31.82 -48.88 41.47
CA LYS A 577 31.13 -48.69 42.73
C LYS A 577 29.75 -49.35 42.74
N MET A 578 28.99 -49.18 41.66
CA MET A 578 27.62 -49.68 41.62
C MET A 578 27.51 -51.18 41.89
N GLY A 579 28.61 -51.91 41.69
CA GLY A 579 28.67 -53.27 42.18
C GLY A 579 28.43 -54.37 41.16
N PHE A 580 27.56 -54.10 40.19
CA PHE A 580 27.23 -55.07 39.13
C PHE A 580 28.15 -55.01 37.90
N VAL A 581 29.34 -54.43 38.06
CA VAL A 581 30.26 -54.31 36.95
C VAL A 581 31.49 -55.12 37.24
N ASP A 582 31.94 -55.89 36.25
CA ASP A 582 33.22 -56.56 36.35
C ASP A 582 34.32 -55.51 36.25
N ASN A 583 34.96 -55.25 37.39
CA ASN A 583 36.18 -54.44 37.43
C ASN A 583 37.20 -54.64 36.31
N LYS A 584 37.56 -55.88 36.05
CA LYS A 584 38.66 -56.16 35.13
C LYS A 584 38.20 -56.25 33.67
N ARG A 585 36.99 -55.78 33.40
CA ARG A 585 36.47 -55.78 32.03
C ARG A 585 35.69 -54.51 31.73
N ILE A 586 36.35 -53.36 31.80
CA ILE A 586 35.75 -52.13 31.31
C ILE A 586 36.41 -51.69 29.99
N ALA A 587 35.57 -51.45 28.99
CA ALA A 587 36.02 -50.95 27.70
C ALA A 587 35.45 -49.56 27.39
N ILE A 588 36.04 -48.89 26.40
CA ILE A 588 35.56 -47.59 25.95
C ILE A 588 35.67 -47.45 24.42
N TRP A 589 34.69 -46.80 23.81
CA TRP A 589 34.72 -46.58 22.37
C TRP A 589 33.94 -45.33 21.98
N GLY A 590 34.35 -44.72 20.88
CA GLY A 590 33.69 -43.53 20.37
C GLY A 590 34.22 -43.13 19.00
N TRP A 591 33.50 -42.22 18.36
CA TRP A 591 33.72 -41.89 16.97
C TRP A 591 33.83 -40.37 16.89
N SER A 592 34.70 -39.85 16.04
CA SER A 592 35.02 -38.41 16.00
C SER A 592 35.59 -37.90 17.32
N TYR A 593 35.02 -36.82 17.84
CA TYR A 593 35.37 -36.34 19.17
C TYR A 593 35.38 -37.56 20.10
N GLY A 594 34.39 -38.43 19.93
CA GLY A 594 34.28 -39.63 20.71
C GLY A 594 35.54 -40.46 20.62
N GLY A 595 36.17 -40.45 19.46
CA GLY A 595 37.37 -41.24 19.25
C GLY A 595 38.53 -40.57 19.94
N TYR A 596 38.55 -39.25 19.89
CA TYR A 596 39.56 -38.46 20.56
C TYR A 596 39.53 -38.72 22.05
N VAL A 597 38.34 -38.57 22.65
CA VAL A 597 38.20 -38.82 24.06
C VAL A 597 38.61 -40.24 24.41
N THR A 598 38.05 -41.22 23.74
CA THR A 598 38.46 -42.62 23.90
C THR A 598 39.98 -42.72 23.97
N SER A 599 40.63 -42.10 22.99
CA SER A 599 42.07 -42.20 22.88
C SER A 599 42.75 -41.50 24.02
N MET A 600 42.30 -40.29 24.32
CA MET A 600 42.82 -39.54 25.47
C MET A 600 42.67 -40.33 26.76
N VAL A 601 41.49 -40.93 26.96
CA VAL A 601 41.27 -41.80 28.11
C VAL A 601 42.25 -42.98 28.14
N LEU A 602 42.30 -43.75 27.06
CA LEU A 602 43.20 -44.91 27.00
C LEU A 602 44.64 -44.46 27.25
N GLY A 603 44.93 -43.22 26.88
CA GLY A 603 46.28 -42.71 26.98
C GLY A 603 46.67 -42.18 28.34
N SER A 604 45.73 -42.11 29.26
CA SER A 604 45.98 -41.41 30.52
C SER A 604 46.61 -42.34 31.57
N GLY A 605 46.68 -43.63 31.25
CA GLY A 605 47.11 -44.63 32.21
C GLY A 605 46.43 -44.55 33.58
N SER A 606 45.11 -44.57 33.60
CA SER A 606 44.36 -44.60 34.83
C SER A 606 44.07 -46.05 35.18
N GLY A 607 44.50 -46.96 34.32
CA GLY A 607 44.28 -48.38 34.54
C GLY A 607 42.83 -48.83 34.72
N VAL A 608 41.88 -47.95 34.50
CA VAL A 608 40.47 -48.31 34.65
C VAL A 608 39.95 -49.14 33.49
N PHE A 609 40.54 -48.95 32.31
CA PHE A 609 40.05 -49.57 31.08
C PHE A 609 41.00 -50.63 30.58
N LYS A 610 40.43 -51.75 30.15
CA LYS A 610 41.21 -52.86 29.59
C LYS A 610 41.53 -52.57 28.12
N CYS A 611 40.64 -51.85 27.46
CA CYS A 611 40.73 -51.66 26.03
C CYS A 611 39.70 -50.68 25.47
N GLY A 612 39.99 -50.17 24.27
CA GLY A 612 39.09 -49.27 23.57
C GLY A 612 39.21 -49.29 22.05
N ILE A 613 38.22 -48.69 21.40
CA ILE A 613 38.20 -48.53 19.95
C ILE A 613 38.00 -47.06 19.61
N ALA A 614 38.90 -46.51 18.80
CA ALA A 614 38.74 -45.16 18.29
C ALA A 614 38.40 -45.22 16.81
N VAL A 615 37.22 -44.71 16.44
CA VAL A 615 36.84 -44.59 15.02
C VAL A 615 36.96 -43.14 14.56
N ALA A 616 37.73 -42.93 13.49
CA ALA A 616 37.98 -41.59 12.96
C ALA A 616 38.22 -40.52 14.03
N PRO A 617 39.17 -40.73 14.91
CA PRO A 617 39.37 -39.82 16.02
C PRO A 617 40.08 -38.55 15.57
N VAL A 618 39.83 -37.44 16.28
CA VAL A 618 40.72 -36.29 16.22
C VAL A 618 41.92 -36.64 17.09
N SER A 619 43.13 -36.35 16.63
CA SER A 619 44.33 -36.67 17.42
C SER A 619 45.08 -35.44 17.94
N ARG A 620 45.14 -34.37 17.17
CA ARG A 620 45.54 -33.10 17.71
C ARG A 620 44.79 -31.96 17.03
N TRP A 621 44.42 -30.96 17.82
CA TRP A 621 43.50 -29.95 17.36
C TRP A 621 43.95 -29.10 16.18
N GLU A 622 45.25 -28.95 15.99
CA GLU A 622 45.72 -28.22 14.81
C GLU A 622 45.32 -28.84 13.46
N TYR A 623 44.88 -30.10 13.49
CA TYR A 623 44.40 -30.80 12.29
C TYR A 623 42.94 -30.57 11.97
N TYR A 624 42.08 -30.33 12.96
CA TYR A 624 40.66 -30.21 12.66
C TYR A 624 40.35 -28.83 12.10
N ASP A 625 39.13 -28.66 11.59
CA ASP A 625 38.79 -27.42 10.91
C ASP A 625 38.73 -26.25 11.88
N SER A 626 38.99 -25.05 11.36
CA SER A 626 39.08 -23.84 12.16
C SER A 626 37.80 -23.48 12.90
N VAL A 627 36.67 -23.45 12.20
CA VAL A 627 35.40 -22.97 12.77
C VAL A 627 34.99 -23.71 14.04
N TYR A 628 35.10 -25.03 14.01
CA TYR A 628 34.81 -25.84 15.18
C TYR A 628 35.92 -25.66 16.22
N THR A 629 37.14 -26.06 15.86
CA THR A 629 38.25 -26.04 16.81
C THR A 629 38.42 -24.72 17.55
N GLU A 630 38.40 -23.60 16.82
CA GLU A 630 38.69 -22.32 17.43
C GLU A 630 37.53 -21.86 18.28
N ARG A 631 36.32 -22.30 17.94
CA ARG A 631 35.16 -21.94 18.74
C ARG A 631 35.41 -22.32 20.19
N TYR A 632 36.20 -23.36 20.42
CA TYR A 632 36.48 -23.82 21.77
C TYR A 632 37.90 -23.57 22.22
N MET A 633 38.86 -23.55 21.31
CA MET A 633 40.26 -23.43 21.68
C MET A 633 40.89 -22.07 21.40
N GLY A 634 40.22 -21.24 20.61
CA GLY A 634 40.81 -20.00 20.14
C GLY A 634 41.90 -20.35 19.15
N LEU A 635 42.89 -19.48 19.01
CA LEU A 635 43.93 -19.63 18.01
C LEU A 635 45.19 -20.31 18.55
N PRO A 636 45.79 -21.19 17.74
CA PRO A 636 47.02 -21.86 18.12
C PRO A 636 48.27 -20.99 17.95
N THR A 637 48.24 -19.78 18.51
CA THR A 637 49.40 -18.89 18.51
C THR A 637 49.89 -18.70 19.93
N PRO A 638 51.16 -18.33 20.08
CA PRO A 638 51.74 -18.09 21.42
C PRO A 638 51.03 -17.01 22.22
N GLU A 639 50.51 -15.99 21.54
CA GLU A 639 49.76 -14.90 22.18
C GLU A 639 48.41 -15.36 22.67
N ASP A 640 47.96 -16.51 22.15
CA ASP A 640 46.64 -17.02 22.49
C ASP A 640 46.70 -18.36 23.23
N ASN A 641 46.46 -19.46 22.52
CA ASN A 641 46.33 -20.74 23.20
C ASN A 641 47.20 -21.90 22.66
N LEU A 642 48.30 -21.55 22.00
CA LEU A 642 49.20 -22.55 21.43
C LEU A 642 49.60 -23.58 22.45
N ASP A 643 49.83 -23.15 23.69
CA ASP A 643 50.29 -24.07 24.72
C ASP A 643 49.31 -25.19 24.96
N HIS A 644 48.04 -24.85 25.14
CA HIS A 644 47.07 -25.92 25.33
C HIS A 644 46.82 -26.75 24.06
N TYR A 645 46.95 -26.17 22.88
CA TYR A 645 46.90 -26.99 21.68
C TYR A 645 47.93 -28.12 21.82
N ARG A 646 49.16 -27.75 22.16
CA ARG A 646 50.27 -28.70 22.23
C ARG A 646 50.18 -29.65 23.43
N ASN A 647 49.58 -29.18 24.52
CA ASN A 647 49.46 -29.97 25.75
C ASN A 647 48.33 -30.98 25.66
N SER A 648 47.61 -31.01 24.53
CA SER A 648 46.40 -31.83 24.46
C SER A 648 46.28 -32.79 23.27
N THR A 649 47.41 -33.23 22.74
CA THR A 649 47.41 -34.20 21.64
C THR A 649 47.28 -35.62 22.16
N VAL A 650 46.85 -36.54 21.31
CA VAL A 650 46.84 -37.93 21.71
C VAL A 650 48.26 -38.45 21.70
N MET A 651 49.06 -38.06 20.72
CA MET A 651 50.37 -38.69 20.55
C MET A 651 51.30 -38.54 21.75
N SER A 652 51.20 -37.46 22.49
CA SER A 652 52.04 -37.33 23.67
C SER A 652 51.71 -38.37 24.75
N ARG A 653 50.53 -38.95 24.68
CA ARG A 653 50.15 -39.98 25.64
C ARG A 653 50.48 -41.38 25.16
N ALA A 654 51.20 -41.47 24.04
CA ALA A 654 51.47 -42.76 23.39
C ALA A 654 51.99 -43.81 24.36
N GLU A 655 52.99 -43.42 25.13
CA GLU A 655 53.64 -44.29 26.10
C GLU A 655 52.65 -45.12 26.93
N ASN A 656 51.56 -44.50 27.37
CA ASN A 656 50.67 -45.16 28.30
C ASN A 656 49.78 -46.20 27.66
N PHE A 657 49.83 -46.31 26.34
CA PHE A 657 49.00 -47.26 25.66
C PHE A 657 49.58 -48.63 25.90
N LYS A 658 50.77 -48.67 26.50
CA LYS A 658 51.41 -49.94 26.83
C LYS A 658 50.57 -50.76 27.79
N GLN A 659 49.57 -50.14 28.42
CA GLN A 659 48.74 -50.85 29.37
C GLN A 659 47.35 -51.19 28.87
N VAL A 660 47.06 -50.97 27.60
CA VAL A 660 45.74 -51.25 27.07
C VAL A 660 45.75 -51.86 25.67
N GLU A 661 44.73 -52.64 25.34
CA GLU A 661 44.55 -53.07 23.96
C GLU A 661 43.78 -52.00 23.18
N TYR A 662 44.29 -51.62 22.01
CA TYR A 662 43.75 -50.48 21.27
C TYR A 662 43.38 -50.86 19.84
N LEU A 663 42.26 -50.33 19.36
CA LEU A 663 41.86 -50.50 17.97
C LEU A 663 41.67 -49.14 17.29
N LEU A 664 42.46 -48.86 16.27
CA LEU A 664 42.36 -47.60 15.52
C LEU A 664 41.68 -47.87 14.18
N ILE A 665 40.57 -47.19 13.90
CA ILE A 665 39.88 -47.37 12.62
C ILE A 665 39.62 -46.02 11.95
N HIS A 666 39.85 -45.91 10.64
CA HIS A 666 39.71 -44.62 9.95
C HIS A 666 39.55 -44.77 8.45
N GLY A 667 38.58 -44.06 7.87
CA GLY A 667 38.36 -44.12 6.43
C GLY A 667 39.38 -43.26 5.72
N THR A 668 39.96 -43.78 4.63
CA THR A 668 41.04 -43.07 3.96
C THR A 668 40.56 -41.83 3.22
N ALA A 669 39.31 -41.84 2.78
CA ALA A 669 38.75 -40.71 2.07
C ALA A 669 37.92 -39.82 2.99
N ASP A 670 38.34 -39.73 4.24
CA ASP A 670 37.71 -38.86 5.24
C ASP A 670 38.11 -37.42 5.02
N ASP A 671 37.17 -36.65 4.52
CA ASP A 671 37.37 -35.23 4.22
C ASP A 671 37.18 -34.38 5.48
N ASN A 672 36.54 -34.94 6.49
CA ASN A 672 36.24 -34.20 7.69
C ASN A 672 37.35 -34.33 8.72
N VAL A 673 37.41 -35.46 9.42
CA VAL A 673 38.54 -35.75 10.26
C VAL A 673 39.53 -36.49 9.38
N HIS A 674 40.54 -35.77 8.88
CA HIS A 674 41.43 -36.37 7.92
C HIS A 674 42.17 -37.60 8.43
N PHE A 675 42.41 -38.53 7.52
CA PHE A 675 43.08 -39.79 7.85
C PHE A 675 44.37 -39.45 8.57
N GLN A 676 45.01 -38.37 8.11
CA GLN A 676 46.18 -37.80 8.79
C GLN A 676 46.18 -38.00 10.32
N GLN A 677 45.07 -37.66 10.96
CA GLN A 677 44.96 -37.77 12.39
C GLN A 677 45.29 -39.17 12.92
N SER A 678 44.61 -40.18 12.42
CA SER A 678 44.95 -41.55 12.80
C SER A 678 46.39 -41.93 12.42
N ALA A 679 46.83 -41.46 11.26
CA ALA A 679 48.17 -41.73 10.77
C ALA A 679 49.19 -41.19 11.75
N GLN A 680 48.92 -40.04 12.36
CA GLN A 680 49.81 -39.50 13.38
C GLN A 680 49.82 -40.31 14.67
N ILE A 681 48.69 -40.91 15.03
CA ILE A 681 48.60 -41.73 16.22
C ILE A 681 49.41 -43.00 16.05
N SER A 682 49.14 -43.74 14.97
CA SER A 682 49.87 -44.98 14.67
C SER A 682 51.36 -44.71 14.75
N LYS A 683 51.82 -43.72 13.99
CA LYS A 683 53.23 -43.36 14.02
C LYS A 683 53.74 -43.20 15.44
N ALA A 684 53.02 -42.44 16.25
CA ALA A 684 53.41 -42.20 17.64
C ALA A 684 53.53 -43.50 18.42
N LEU A 685 52.53 -44.38 18.27
CA LEU A 685 52.56 -45.66 18.95
C LEU A 685 53.68 -46.57 18.47
N VAL A 686 53.95 -46.55 17.17
CA VAL A 686 55.03 -47.37 16.63
C VAL A 686 56.35 -46.94 17.27
N ASP A 687 56.54 -45.63 17.32
CA ASP A 687 57.78 -45.02 17.77
C ASP A 687 58.13 -45.34 19.20
N VAL A 688 57.11 -45.55 20.02
CA VAL A 688 57.33 -45.78 21.43
C VAL A 688 57.16 -47.28 21.73
N GLY A 689 56.94 -48.04 20.66
CA GLY A 689 56.96 -49.49 20.73
C GLY A 689 55.74 -50.09 21.40
N VAL A 690 54.55 -49.66 20.98
CA VAL A 690 53.31 -50.18 21.56
C VAL A 690 52.54 -50.97 20.52
N ASP A 691 52.18 -52.20 20.84
CA ASP A 691 51.35 -52.97 19.92
C ASP A 691 49.90 -52.49 19.95
N PHE A 692 49.19 -52.59 18.82
CA PHE A 692 47.78 -52.23 18.78
C PHE A 692 47.13 -52.87 17.55
N GLN A 693 45.83 -52.67 17.38
CA GLN A 693 45.12 -53.14 16.18
C GLN A 693 44.75 -51.94 15.33
N ALA A 694 44.66 -52.15 14.03
CA ALA A 694 44.34 -51.08 13.11
C ALA A 694 43.46 -51.53 11.93
N MET A 695 42.73 -50.58 11.37
CA MET A 695 41.90 -50.86 10.23
C MET A 695 41.64 -49.61 9.44
N TRP A 696 42.04 -49.61 8.18
CA TRP A 696 41.66 -48.51 7.30
C TRP A 696 40.45 -48.90 6.45
N TYR A 697 39.73 -47.91 5.96
CA TYR A 697 38.67 -48.20 5.03
C TYR A 697 38.87 -47.42 3.75
N THR A 698 39.27 -48.18 2.73
CA THR A 698 39.57 -47.65 1.41
C THR A 698 38.39 -46.87 0.89
N ASP A 699 38.62 -45.59 0.64
CA ASP A 699 37.63 -44.70 0.01
C ASP A 699 36.40 -44.40 0.85
N GLU A 700 36.35 -44.87 2.09
CA GLU A 700 35.24 -44.51 2.96
C GLU A 700 35.56 -43.15 3.55
N ASP A 701 34.53 -42.38 3.85
CA ASP A 701 34.77 -41.08 4.48
C ASP A 701 34.44 -41.11 5.97
N HIS A 702 33.97 -39.99 6.50
CA HIS A 702 33.75 -39.94 7.93
C HIS A 702 32.59 -40.79 8.41
N GLY A 703 31.68 -41.12 7.51
CA GLY A 703 30.50 -41.89 7.87
C GLY A 703 30.78 -43.36 8.03
N ILE A 704 31.83 -43.84 7.36
CA ILE A 704 32.05 -45.28 7.11
C ILE A 704 30.68 -45.89 6.92
N ALA A 705 29.93 -45.27 6.01
CA ALA A 705 28.48 -45.43 5.99
C ALA A 705 28.00 -46.20 4.79
N SER A 706 28.90 -46.53 3.89
CA SER A 706 28.54 -47.30 2.70
C SER A 706 28.12 -48.67 3.19
N SER A 707 27.27 -49.33 2.43
CA SER A 707 26.60 -50.49 2.96
C SER A 707 27.54 -51.55 3.48
N THR A 708 28.49 -52.00 2.65
CA THR A 708 29.37 -53.11 3.02
C THR A 708 30.44 -52.72 4.03
N ALA A 709 30.87 -51.46 3.97
CA ALA A 709 31.82 -50.95 4.93
C ALA A 709 31.20 -50.92 6.33
N HIS A 710 29.95 -50.49 6.39
CA HIS A 710 29.21 -50.37 7.62
C HIS A 710 29.10 -51.72 8.29
N GLN A 711 28.76 -52.75 7.51
CA GLN A 711 28.68 -54.08 8.09
C GLN A 711 30.04 -54.56 8.52
N HIS A 712 31.04 -54.30 7.69
CA HIS A 712 32.39 -54.80 7.95
C HIS A 712 32.97 -54.25 9.24
N ILE A 713 32.81 -52.95 9.47
CA ILE A 713 33.42 -52.32 10.64
C ILE A 713 32.81 -52.82 11.94
N TYR A 714 31.50 -52.69 12.10
CA TYR A 714 30.82 -53.25 13.26
C TYR A 714 31.15 -54.72 13.48
N THR A 715 31.41 -55.47 12.41
CA THR A 715 31.76 -56.87 12.58
C THR A 715 33.13 -56.91 13.21
N HIS A 716 34.07 -56.21 12.60
CA HIS A 716 35.42 -56.18 13.11
C HIS A 716 35.47 -55.68 14.55
N MET A 717 34.68 -54.65 14.87
CA MET A 717 34.62 -54.13 16.23
C MET A 717 34.07 -55.16 17.21
N SER A 718 32.96 -55.79 16.85
CA SER A 718 32.40 -56.86 17.66
C SER A 718 33.40 -57.95 18.05
N HIS A 719 34.13 -58.51 17.10
CA HIS A 719 35.18 -59.48 17.45
C HIS A 719 36.17 -58.90 18.44
N PHE A 720 36.63 -57.68 18.18
CA PHE A 720 37.56 -57.03 19.09
C PHE A 720 37.02 -57.01 20.51
N ILE A 721 35.80 -56.53 20.69
CA ILE A 721 35.21 -56.40 22.01
C ILE A 721 35.03 -57.76 22.68
N LYS A 722 34.52 -58.74 21.93
CA LYS A 722 34.34 -60.08 22.45
C LYS A 722 35.66 -60.68 22.94
N GLN A 723 36.71 -60.64 22.13
CA GLN A 723 37.99 -61.17 22.56
C GLN A 723 38.56 -60.38 23.73
N CYS A 724 38.25 -59.09 23.79
CA CYS A 724 38.77 -58.26 24.88
C CYS A 724 38.08 -58.66 26.18
N PHE A 725 36.83 -59.09 26.08
CA PHE A 725 36.07 -59.47 27.25
C PHE A 725 36.09 -60.96 27.49
N SER A 726 36.78 -61.72 26.65
CA SER A 726 36.78 -63.18 26.70
C SER A 726 35.41 -63.82 26.55
N LEU A 727 34.49 -63.18 25.84
CA LEU A 727 33.24 -63.85 25.49
C LEU A 727 33.50 -64.78 24.29
N PRO A 728 32.70 -65.84 24.12
CA PRO A 728 33.03 -66.87 23.13
C PRO A 728 32.54 -66.58 21.70
N SER B 1 69.83 -77.76 25.94
CA SER B 1 68.73 -77.08 26.67
C SER B 1 69.14 -75.85 27.52
N ARG B 2 69.70 -74.84 26.83
CA ARG B 2 70.00 -73.49 27.33
C ARG B 2 68.89 -72.52 26.88
N LYS B 3 69.23 -71.25 26.64
CA LYS B 3 68.25 -70.28 26.11
C LYS B 3 68.01 -70.51 24.61
N THR B 4 66.93 -69.96 24.07
CA THR B 4 66.67 -70.06 22.63
C THR B 4 66.94 -68.74 21.93
N TYR B 5 66.87 -68.77 20.60
CA TYR B 5 66.95 -67.54 19.82
C TYR B 5 65.58 -66.88 19.88
N THR B 6 65.51 -65.73 20.57
CA THR B 6 64.23 -65.11 20.87
C THR B 6 63.89 -64.03 19.86
N LEU B 7 62.65 -63.57 19.88
CA LEU B 7 62.25 -62.47 19.04
C LEU B 7 63.12 -61.25 19.32
N THR B 8 63.43 -61.01 20.60
CA THR B 8 64.27 -59.88 20.98
C THR B 8 65.72 -60.01 20.48
N ASP B 9 66.22 -61.24 20.41
CA ASP B 9 67.57 -61.50 19.90
C ASP B 9 67.69 -61.02 18.47
N TYR B 10 66.66 -61.31 17.69
CA TYR B 10 66.58 -60.87 16.31
C TYR B 10 66.43 -59.37 16.23
N LEU B 11 65.43 -58.84 16.93
CA LEU B 11 65.08 -57.43 16.82
C LEU B 11 66.16 -56.52 17.38
N LYS B 12 66.72 -56.90 18.53
CA LYS B 12 67.75 -56.07 19.15
C LYS B 12 69.14 -56.34 18.59
N ASN B 13 69.27 -57.42 17.81
CA ASN B 13 70.50 -57.73 17.09
C ASN B 13 71.61 -58.19 18.03
N THR B 14 71.26 -59.01 19.01
CA THR B 14 72.26 -59.44 20.00
C THR B 14 73.33 -60.35 19.38
N TYR B 15 72.97 -61.21 18.44
CA TYR B 15 73.99 -62.04 17.80
C TYR B 15 74.38 -61.52 16.42
N ARG B 16 75.58 -60.96 16.32
CA ARG B 16 76.02 -60.20 15.15
C ARG B 16 77.03 -60.96 14.29
N LEU B 17 76.79 -61.04 12.98
CA LEU B 17 77.78 -61.58 12.03
C LEU B 17 78.85 -60.55 11.71
N LYS B 18 80.12 -60.92 11.83
CA LYS B 18 81.21 -60.06 11.37
C LYS B 18 81.41 -60.21 9.86
N LEU B 19 81.80 -59.11 9.20
CA LEU B 19 82.07 -59.13 7.77
C LEU B 19 83.55 -58.79 7.56
N TYR B 20 83.97 -58.77 6.31
CA TYR B 20 85.30 -58.29 6.02
C TYR B 20 85.25 -57.50 4.72
N SER B 21 84.59 -56.35 4.76
CA SER B 21 84.47 -55.49 3.58
C SER B 21 85.78 -54.79 3.28
N LEU B 22 86.41 -55.20 2.20
CA LEU B 22 87.65 -54.56 1.77
C LEU B 22 87.43 -53.93 0.41
N ARG B 23 88.09 -52.81 0.17
CA ARG B 23 88.04 -52.15 -1.12
C ARG B 23 89.45 -52.16 -1.68
N TRP B 24 89.67 -52.94 -2.74
CA TRP B 24 90.98 -53.02 -3.38
C TRP B 24 91.41 -51.66 -3.90
N ILE B 25 92.70 -51.34 -3.84
CA ILE B 25 93.19 -50.09 -4.42
C ILE B 25 94.24 -50.29 -5.48
N SER B 26 94.99 -51.38 -5.40
CA SER B 26 95.96 -51.70 -6.46
C SER B 26 95.85 -53.18 -6.77
N ASP B 27 96.91 -53.73 -7.37
CA ASP B 27 96.98 -55.17 -7.51
C ASP B 27 97.56 -55.82 -6.26
N HIS B 28 98.01 -55.00 -5.30
CA HIS B 28 98.80 -55.50 -4.20
C HIS B 28 98.27 -55.06 -2.86
N GLU B 29 97.46 -54.02 -2.85
CA GLU B 29 96.96 -53.49 -1.58
C GLU B 29 95.44 -53.33 -1.54
N TYR B 30 94.90 -53.21 -0.35
CA TYR B 30 93.48 -52.96 -0.17
C TYR B 30 93.21 -52.17 1.10
N LEU B 31 92.01 -51.62 1.22
CA LEU B 31 91.65 -50.85 2.39
C LEU B 31 90.62 -51.56 3.24
N TYR B 32 90.61 -51.24 4.54
CA TYR B 32 89.73 -51.91 5.48
C TYR B 32 89.55 -51.04 6.70
N LYS B 33 88.29 -50.81 7.07
CA LYS B 33 87.98 -49.99 8.24
C LYS B 33 87.99 -50.87 9.47
N GLN B 34 88.59 -50.38 10.56
CA GLN B 34 88.79 -51.13 11.82
C GLN B 34 88.71 -50.21 13.03
N GLU B 35 87.67 -50.42 13.83
CA GLU B 35 87.25 -49.45 14.86
C GLU B 35 87.57 -48.03 14.41
N ASN B 36 87.24 -47.78 13.15
CA ASN B 36 87.15 -46.47 12.50
C ASN B 36 88.47 -45.89 11.98
N ASN B 37 89.50 -46.72 11.90
CA ASN B 37 90.73 -46.28 11.26
C ASN B 37 90.83 -47.04 9.96
N ILE B 38 90.76 -46.34 8.83
CA ILE B 38 90.97 -47.04 7.58
C ILE B 38 92.44 -47.43 7.50
N LEU B 39 92.69 -48.71 7.27
CA LEU B 39 94.04 -49.24 7.18
C LEU B 39 94.28 -49.79 5.78
N VAL B 40 95.51 -49.67 5.30
CA VAL B 40 95.90 -50.29 4.05
C VAL B 40 96.62 -51.60 4.38
N PHE B 41 96.20 -52.69 3.73
CA PHE B 41 96.82 -53.99 3.96
C PHE B 41 97.66 -54.41 2.77
N ASN B 42 98.73 -55.16 3.03
CA ASN B 42 99.55 -55.72 1.97
C ASN B 42 99.11 -57.13 1.66
N ALA B 43 98.42 -57.30 0.53
CA ALA B 43 97.86 -58.60 0.14
C ALA B 43 98.81 -59.76 0.36
N GLU B 44 100.07 -59.55 0.00
CA GLU B 44 101.08 -60.58 0.05
C GLU B 44 101.43 -60.99 1.49
N TYR B 45 101.98 -60.07 2.26
CA TYR B 45 102.51 -60.43 3.57
C TYR B 45 101.54 -60.19 4.73
N GLY B 46 100.55 -59.33 4.55
CA GLY B 46 99.50 -59.21 5.54
C GLY B 46 99.70 -58.08 6.53
N ASN B 47 100.87 -57.47 6.52
CA ASN B 47 101.14 -56.32 7.40
C ASN B 47 100.29 -55.14 7.00
N SER B 48 100.14 -54.17 7.88
CA SER B 48 99.30 -53.03 7.57
C SER B 48 99.73 -51.72 8.22
N SER B 49 99.83 -50.67 7.41
CA SER B 49 100.00 -49.32 7.94
C SER B 49 98.62 -48.71 8.21
N VAL B 50 98.57 -47.72 9.09
CA VAL B 50 97.36 -46.93 9.25
C VAL B 50 97.32 -45.92 8.11
N PHE B 51 96.20 -45.87 7.38
CA PHE B 51 96.08 -44.95 6.25
C PHE B 51 95.45 -43.64 6.68
N LEU B 52 94.58 -43.70 7.69
CA LEU B 52 93.88 -42.53 8.17
C LEU B 52 93.17 -42.91 9.45
N GLU B 53 93.10 -41.97 10.39
CA GLU B 53 92.66 -42.28 11.75
C GLU B 53 91.32 -41.68 12.10
N ASN B 54 90.57 -42.38 12.94
CA ASN B 54 89.31 -41.87 13.49
C ASN B 54 89.51 -40.48 14.07
N SER B 55 90.78 -40.15 14.33
CA SER B 55 91.20 -38.84 14.83
C SER B 55 91.05 -37.74 13.78
N THR B 56 91.61 -37.98 12.60
CA THR B 56 91.73 -36.95 11.57
C THR B 56 90.53 -36.01 11.50
N PHE B 57 89.33 -36.54 11.64
CA PHE B 57 88.12 -35.73 11.56
C PHE B 57 87.30 -35.66 12.84
N ASP B 58 87.98 -35.55 13.97
CA ASP B 58 87.30 -35.39 15.26
C ASP B 58 86.52 -34.08 15.25
N GLU B 59 87.16 -33.04 14.74
CA GLU B 59 86.54 -31.73 14.67
C GLU B 59 86.29 -31.35 13.22
N PHE B 60 85.59 -32.23 12.52
CA PHE B 60 85.09 -31.87 11.20
C PHE B 60 83.87 -30.98 11.40
N GLY B 61 83.15 -31.19 12.50
CA GLY B 61 81.95 -30.40 12.79
C GLY B 61 80.68 -31.05 12.29
N HIS B 62 80.83 -31.97 11.34
CA HIS B 62 79.71 -32.73 10.78
C HIS B 62 79.87 -34.23 10.98
N SER B 63 78.75 -34.92 11.14
CA SER B 63 78.74 -36.36 11.21
C SER B 63 79.02 -36.94 9.82
N ILE B 64 80.01 -37.82 9.71
CA ILE B 64 80.44 -38.31 8.39
C ILE B 64 79.82 -39.64 7.97
N ASN B 65 78.96 -39.59 6.96
CA ASN B 65 78.24 -40.76 6.50
C ASN B 65 79.11 -41.78 5.73
N ASP B 66 79.99 -41.32 4.86
CA ASP B 66 80.83 -42.22 4.09
C ASP B 66 82.03 -41.49 3.51
N TYR B 67 83.03 -42.25 3.09
CA TYR B 67 84.22 -41.70 2.47
C TYR B 67 84.40 -42.34 1.11
N SER B 68 85.32 -41.82 0.32
CA SER B 68 85.62 -42.37 -1.00
C SER B 68 86.93 -41.76 -1.50
N ILE B 69 87.95 -42.60 -1.62
CA ILE B 69 89.29 -42.11 -1.92
C ILE B 69 89.59 -42.08 -3.40
N SER B 70 90.11 -40.96 -3.88
CA SER B 70 90.51 -40.86 -5.28
C SER B 70 91.41 -42.05 -5.62
N PRO B 71 91.26 -42.58 -6.83
CA PRO B 71 92.05 -43.72 -7.28
C PRO B 71 93.55 -43.53 -7.14
N ASP B 72 94.03 -42.30 -7.29
CA ASP B 72 95.44 -42.02 -7.12
C ASP B 72 95.85 -41.66 -5.68
N GLY B 73 95.04 -42.04 -4.70
CA GLY B 73 95.40 -41.90 -3.29
C GLY B 73 95.57 -40.51 -2.73
N GLN B 74 95.60 -39.50 -3.59
CA GLN B 74 95.95 -38.15 -3.18
C GLN B 74 94.86 -37.41 -2.40
N PHE B 75 93.60 -37.73 -2.67
CA PHE B 75 92.48 -37.01 -2.08
C PHE B 75 91.49 -38.00 -1.49
N ILE B 76 90.62 -37.50 -0.63
CA ILE B 76 89.60 -38.33 -0.03
C ILE B 76 88.28 -37.55 0.03
N LEU B 77 87.22 -38.16 -0.48
CA LEU B 77 85.94 -37.49 -0.63
C LEU B 77 85.06 -37.82 0.57
N LEU B 78 84.43 -36.80 1.14
CA LEU B 78 83.68 -36.97 2.38
C LEU B 78 82.21 -36.67 2.21
N GLU B 79 81.38 -37.63 2.59
CA GLU B 79 79.94 -37.60 2.33
C GLU B 79 79.18 -37.40 3.62
N TYR B 80 78.40 -36.33 3.69
CA TYR B 80 77.63 -36.04 4.89
C TYR B 80 76.29 -35.38 4.54
N ASN B 81 75.40 -35.33 5.53
CA ASN B 81 74.03 -34.83 5.34
C ASN B 81 73.23 -35.75 4.44
N TYR B 82 73.55 -37.04 4.54
CA TYR B 82 72.90 -38.06 3.75
C TYR B 82 71.39 -37.95 3.92
N VAL B 83 70.68 -37.83 2.80
CA VAL B 83 69.21 -37.88 2.82
C VAL B 83 68.73 -38.88 1.79
N LYS B 84 68.20 -40.01 2.26
CA LYS B 84 67.80 -41.09 1.37
C LYS B 84 66.66 -40.69 0.44
N GLN B 85 66.69 -41.17 -0.81
CA GLN B 85 65.53 -41.09 -1.67
C GLN B 85 64.95 -42.48 -1.90
N TRP B 86 65.10 -43.06 -3.09
CA TRP B 86 64.59 -44.41 -3.32
C TRP B 86 65.60 -45.46 -2.90
N ARG B 87 65.50 -46.64 -3.49
CA ARG B 87 66.37 -47.73 -3.08
C ARG B 87 67.86 -47.42 -3.13
N HIS B 88 68.33 -46.73 -4.18
CA HIS B 88 69.75 -46.42 -4.30
C HIS B 88 70.04 -44.92 -4.28
N SER B 89 69.07 -44.11 -4.71
CA SER B 89 69.29 -42.67 -4.77
C SER B 89 69.25 -42.02 -3.41
N TYR B 90 69.99 -40.92 -3.27
CA TYR B 90 69.98 -40.03 -2.12
C TYR B 90 70.69 -38.74 -2.51
N THR B 91 70.61 -37.72 -1.65
CA THR B 91 71.46 -36.53 -1.77
C THR B 91 72.31 -36.32 -0.52
N ALA B 92 73.44 -35.64 -0.71
CA ALA B 92 74.39 -35.42 0.37
C ALA B 92 75.14 -34.13 0.13
N SER B 93 75.97 -33.75 1.10
CA SER B 93 76.93 -32.67 0.91
C SER B 93 78.30 -33.29 0.96
N TYR B 94 79.28 -32.64 0.35
CA TYR B 94 80.57 -33.28 0.14
C TYR B 94 81.71 -32.34 0.46
N ASP B 95 82.83 -32.89 0.90
CA ASP B 95 84.06 -32.13 1.06
C ASP B 95 85.25 -32.98 0.65
N ILE B 96 86.22 -32.35 -0.01
CA ILE B 96 87.40 -33.07 -0.47
C ILE B 96 88.57 -32.73 0.41
N TYR B 97 89.26 -33.76 0.89
CA TYR B 97 90.41 -33.58 1.77
C TYR B 97 91.70 -33.98 1.04
N ASP B 98 92.63 -33.04 0.96
CA ASP B 98 93.93 -33.26 0.35
C ASP B 98 94.80 -34.05 1.32
N LEU B 99 95.32 -35.18 0.89
CA LEU B 99 96.11 -36.01 1.78
C LEU B 99 97.58 -35.61 1.87
N ASN B 100 98.14 -35.08 0.78
CA ASN B 100 99.47 -34.50 0.79
C ASN B 100 99.49 -33.32 1.75
N LYS B 101 98.64 -32.34 1.50
CA LYS B 101 98.63 -31.09 2.25
C LYS B 101 97.79 -31.15 3.54
N ARG B 102 97.38 -32.35 3.94
CA ARG B 102 96.61 -32.55 5.17
C ARG B 102 95.57 -31.46 5.42
N GLN B 103 94.79 -31.12 4.41
CA GLN B 103 93.81 -30.03 4.51
C GLN B 103 92.53 -30.28 3.72
N LEU B 104 91.47 -29.56 4.10
CA LEU B 104 90.21 -29.59 3.36
C LEU B 104 90.29 -28.54 2.27
N ILE B 105 89.66 -28.81 1.13
CA ILE B 105 89.65 -27.87 0.01
C ILE B 105 88.54 -26.84 0.22
N THR B 106 88.90 -25.58 0.44
CA THR B 106 87.93 -24.62 0.95
C THR B 106 87.16 -23.86 -0.09
N GLU B 107 87.68 -23.77 -1.30
CA GLU B 107 87.02 -22.96 -2.32
C GLU B 107 86.64 -23.79 -3.54
N GLU B 108 85.66 -23.30 -4.31
CA GLU B 108 85.12 -24.03 -5.45
C GLU B 108 84.68 -25.43 -5.03
N ARG B 109 83.85 -25.50 -4.00
CA ARG B 109 83.40 -26.78 -3.46
C ARG B 109 82.23 -27.40 -4.21
N ILE B 110 81.88 -28.62 -3.80
CA ILE B 110 80.74 -29.33 -4.35
C ILE B 110 79.46 -28.86 -3.67
N PRO B 111 78.44 -28.49 -4.45
CA PRO B 111 77.23 -27.89 -3.88
C PRO B 111 76.55 -28.76 -2.83
N ASN B 112 75.82 -28.15 -1.91
CA ASN B 112 74.94 -28.91 -1.04
C ASN B 112 73.86 -29.50 -1.93
N ASN B 113 73.36 -30.69 -1.59
CA ASN B 113 72.29 -31.32 -2.35
C ASN B 113 72.74 -31.98 -3.64
N THR B 114 73.97 -32.49 -3.66
CA THR B 114 74.48 -33.15 -4.83
C THR B 114 73.87 -34.54 -4.89
N GLN B 115 73.50 -34.97 -6.09
CA GLN B 115 72.71 -36.17 -6.29
C GLN B 115 73.59 -37.38 -6.55
N TRP B 116 74.71 -37.16 -7.21
CA TRP B 116 75.69 -38.21 -7.44
C TRP B 116 77.10 -37.65 -7.60
N VAL B 117 78.09 -38.32 -7.03
CA VAL B 117 79.47 -37.93 -7.22
C VAL B 117 80.26 -39.19 -7.56
N THR B 118 81.22 -39.06 -8.46
CA THR B 118 82.16 -40.15 -8.68
C THR B 118 83.52 -39.66 -9.17
N TRP B 119 84.56 -40.34 -8.74
CA TRP B 119 85.90 -40.08 -9.27
C TRP B 119 86.02 -40.67 -10.66
N SER B 120 87.00 -40.19 -11.42
CA SER B 120 87.46 -40.91 -12.59
C SER B 120 88.16 -42.17 -12.09
N PRO B 121 88.21 -43.22 -12.90
CA PRO B 121 88.79 -44.49 -12.47
C PRO B 121 90.31 -44.47 -12.25
N VAL B 122 90.98 -43.43 -12.74
CA VAL B 122 92.39 -43.19 -12.42
C VAL B 122 92.59 -41.70 -12.23
N GLY B 123 93.59 -41.30 -11.47
CA GLY B 123 93.82 -39.88 -11.21
C GLY B 123 92.82 -39.39 -10.21
N HIS B 124 92.44 -38.11 -10.32
CA HIS B 124 91.48 -37.52 -9.38
C HIS B 124 90.48 -36.55 -10.03
N LYS B 125 90.12 -36.79 -11.29
CA LYS B 125 89.03 -36.06 -11.92
C LYS B 125 87.74 -36.35 -11.16
N LEU B 126 86.81 -35.40 -11.14
CA LEU B 126 85.52 -35.57 -10.49
C LEU B 126 84.35 -35.26 -11.40
N ALA B 127 83.28 -36.06 -11.29
CA ALA B 127 82.03 -35.74 -11.96
C ALA B 127 80.88 -35.81 -10.96
N TYR B 128 80.01 -34.81 -10.98
CA TYR B 128 78.89 -34.83 -10.05
C TYR B 128 77.60 -34.33 -10.69
N VAL B 129 76.47 -34.65 -10.09
CA VAL B 129 75.17 -34.22 -10.58
C VAL B 129 74.50 -33.33 -9.53
N TRP B 130 74.01 -32.18 -9.97
CA TRP B 130 73.33 -31.22 -9.11
C TRP B 130 72.20 -30.57 -9.91
N ASN B 131 71.01 -30.54 -9.32
CA ASN B 131 69.78 -30.17 -10.03
C ASN B 131 69.72 -30.73 -11.43
N ASN B 132 70.06 -32.00 -11.55
CA ASN B 132 69.81 -32.80 -12.73
C ASN B 132 70.73 -32.47 -13.88
N ASP B 133 71.85 -31.83 -13.57
CA ASP B 133 72.86 -31.51 -14.58
C ASP B 133 74.22 -32.02 -14.13
N ILE B 134 75.07 -32.30 -15.11
CA ILE B 134 76.37 -32.88 -14.85
C ILE B 134 77.45 -31.81 -14.83
N TYR B 135 78.35 -31.91 -13.86
CA TYR B 135 79.48 -31.01 -13.75
C TYR B 135 80.73 -31.85 -13.60
N VAL B 136 81.84 -31.35 -14.14
CA VAL B 136 83.13 -32.00 -14.05
C VAL B 136 84.19 -31.10 -13.42
N LYS B 137 84.97 -31.65 -12.50
CA LYS B 137 86.11 -30.96 -11.89
C LYS B 137 87.40 -31.68 -12.25
N ILE B 138 88.29 -31.01 -12.97
CA ILE B 138 89.57 -31.63 -13.30
C ILE B 138 90.50 -31.73 -12.08
N GLU B 139 90.56 -30.68 -11.28
CA GLU B 139 91.26 -30.70 -10.01
C GLU B 139 90.22 -30.36 -8.96
N PRO B 140 90.36 -30.97 -7.79
CA PRO B 140 89.43 -30.78 -6.68
C PRO B 140 89.24 -29.33 -6.25
N ASN B 141 90.28 -28.53 -6.32
CA ASN B 141 90.18 -27.12 -5.93
C ASN B 141 89.80 -26.16 -7.07
N LEU B 142 89.76 -26.66 -8.30
CA LEU B 142 89.47 -25.81 -9.46
C LEU B 142 87.96 -25.64 -9.73
N PRO B 143 87.57 -24.61 -10.47
CA PRO B 143 86.15 -24.43 -10.84
C PRO B 143 85.62 -25.59 -11.70
N SER B 144 84.40 -26.03 -11.43
CA SER B 144 83.82 -27.11 -12.24
C SER B 144 83.22 -26.65 -13.58
N TYR B 145 83.30 -27.49 -14.59
CA TYR B 145 82.72 -27.19 -15.88
C TYR B 145 81.29 -27.73 -15.97
N ARG B 146 80.36 -26.96 -16.52
CA ARG B 146 78.99 -27.44 -16.67
C ARG B 146 78.82 -28.22 -17.97
N ILE B 147 78.30 -29.44 -17.89
CA ILE B 147 78.15 -30.24 -19.10
C ILE B 147 76.77 -30.12 -19.74
N THR B 148 75.72 -30.23 -18.93
CA THR B 148 74.35 -30.17 -19.44
C THR B 148 73.62 -28.99 -18.84
N TRP B 149 72.68 -28.42 -19.58
CA TRP B 149 71.93 -27.27 -19.08
C TRP B 149 70.44 -27.54 -19.08
N THR B 150 70.05 -28.74 -19.46
CA THR B 150 68.65 -29.06 -19.70
C THR B 150 67.95 -29.66 -18.48
N GLY B 151 68.75 -30.03 -17.49
CA GLY B 151 68.24 -30.66 -16.27
C GLY B 151 67.08 -29.92 -15.66
N LYS B 152 66.03 -30.66 -15.32
CA LYS B 152 64.82 -30.05 -14.78
C LYS B 152 64.09 -31.04 -13.87
N GLU B 153 63.91 -30.66 -12.61
CA GLU B 153 63.36 -31.53 -11.58
C GLU B 153 62.12 -32.29 -12.06
N ASP B 154 62.20 -33.62 -12.00
CA ASP B 154 61.11 -34.51 -12.42
C ASP B 154 60.74 -34.49 -13.89
N ILE B 155 61.61 -33.92 -14.74
CA ILE B 155 61.36 -33.88 -16.17
C ILE B 155 62.58 -34.36 -16.92
N ILE B 156 63.67 -33.60 -16.83
CA ILE B 156 64.90 -33.95 -17.52
C ILE B 156 65.97 -34.37 -16.53
N TYR B 157 66.50 -35.58 -16.71
CA TYR B 157 67.53 -36.10 -15.83
C TYR B 157 68.79 -36.28 -16.62
N ASN B 158 69.84 -35.53 -16.27
CA ASN B 158 71.14 -35.74 -16.89
C ASN B 158 72.11 -36.41 -15.92
N GLY B 159 72.60 -37.60 -16.25
CA GLY B 159 73.61 -38.27 -15.42
C GLY B 159 73.07 -39.06 -14.25
N ILE B 160 71.77 -39.04 -14.04
CA ILE B 160 71.10 -39.84 -13.01
C ILE B 160 69.84 -40.47 -13.58
N THR B 161 69.35 -41.54 -12.98
CA THR B 161 68.19 -42.21 -13.52
C THR B 161 66.92 -41.66 -12.90
N ASP B 162 65.80 -41.83 -13.59
CA ASP B 162 64.50 -41.51 -13.00
C ASP B 162 64.11 -42.70 -12.11
N TRP B 163 62.85 -42.75 -11.70
CA TRP B 163 62.44 -43.76 -10.73
C TRP B 163 62.64 -45.14 -11.31
N VAL B 164 62.06 -45.39 -12.48
CA VAL B 164 61.97 -46.74 -13.01
C VAL B 164 63.29 -47.23 -13.55
N TYR B 165 64.12 -46.31 -14.03
CA TYR B 165 65.46 -46.72 -14.45
C TYR B 165 66.35 -47.08 -13.27
N GLU B 166 66.22 -46.35 -12.17
CA GLU B 166 66.96 -46.64 -10.93
C GLU B 166 66.61 -48.00 -10.38
N GLU B 167 65.31 -48.28 -10.30
CA GLU B 167 64.81 -49.47 -9.66
C GLU B 167 64.85 -50.72 -10.55
N GLU B 168 64.49 -50.59 -11.82
CA GLU B 168 64.28 -51.76 -12.65
C GLU B 168 65.33 -52.03 -13.75
N VAL B 169 66.13 -51.03 -14.11
CA VAL B 169 67.14 -51.31 -15.11
C VAL B 169 68.56 -51.20 -14.61
N PHE B 170 68.99 -50.06 -14.09
CA PHE B 170 70.37 -49.96 -13.62
C PHE B 170 70.66 -50.37 -12.18
N SER B 171 69.62 -50.57 -11.38
CA SER B 171 69.81 -50.86 -9.97
C SER B 171 70.79 -49.86 -9.36
N ALA B 172 70.77 -48.65 -9.88
CA ALA B 172 71.70 -47.61 -9.47
C ALA B 172 71.06 -46.27 -9.73
N TYR B 173 71.47 -45.24 -8.99
CA TYR B 173 71.00 -43.89 -9.25
C TYR B 173 71.86 -43.32 -10.37
N SER B 174 73.15 -43.61 -10.28
CA SER B 174 74.16 -43.11 -11.19
C SER B 174 73.85 -43.47 -12.63
N ALA B 175 73.95 -42.50 -13.53
CA ALA B 175 73.81 -42.80 -14.96
C ALA B 175 74.90 -42.12 -15.75
N LEU B 176 76.13 -42.22 -15.26
CA LEU B 176 77.29 -41.74 -16.02
C LEU B 176 78.47 -42.71 -15.90
N TRP B 177 79.25 -42.86 -16.97
CA TRP B 177 80.29 -43.89 -17.06
C TRP B 177 81.60 -43.34 -17.62
N TRP B 178 82.65 -43.34 -16.81
CA TRP B 178 83.96 -42.88 -17.25
C TRP B 178 84.57 -43.91 -18.17
N SER B 179 85.34 -43.47 -19.16
CA SER B 179 86.17 -44.39 -19.93
C SER B 179 87.32 -44.84 -19.02
N PRO B 180 87.91 -45.99 -19.28
CA PRO B 180 88.93 -46.54 -18.39
C PRO B 180 90.00 -45.59 -17.84
N ASN B 181 90.62 -44.76 -18.68
CA ASN B 181 91.65 -43.83 -18.22
C ASN B 181 91.16 -42.41 -17.92
N GLY B 182 89.84 -42.19 -18.02
CA GLY B 182 89.24 -40.93 -17.60
C GLY B 182 89.14 -39.86 -18.66
N THR B 183 89.49 -40.22 -19.89
CA THR B 183 89.42 -39.27 -21.00
C THR B 183 87.99 -38.84 -21.24
N PHE B 184 87.11 -39.83 -21.37
CA PHE B 184 85.72 -39.59 -21.68
C PHE B 184 84.76 -39.81 -20.50
N LEU B 185 83.71 -39.00 -20.47
CA LEU B 185 82.55 -39.20 -19.58
C LEU B 185 81.28 -39.46 -20.40
N ALA B 186 80.80 -40.70 -20.41
CA ALA B 186 79.52 -41.01 -21.04
C ALA B 186 78.40 -40.83 -20.04
N TYR B 187 77.21 -40.48 -20.52
CA TYR B 187 76.05 -40.34 -19.64
C TYR B 187 74.74 -40.57 -20.37
N ALA B 188 73.71 -40.91 -19.62
CA ALA B 188 72.40 -41.08 -20.19
C ALA B 188 71.58 -39.84 -19.85
N GLN B 189 70.57 -39.54 -20.66
CA GLN B 189 69.65 -38.46 -20.38
C GLN B 189 68.23 -39.01 -20.45
N PHE B 190 67.41 -38.69 -19.46
CA PHE B 190 66.07 -39.24 -19.41
C PHE B 190 65.01 -38.15 -19.48
N ASN B 191 64.08 -38.32 -20.41
CA ASN B 191 63.00 -37.38 -20.57
C ASN B 191 61.75 -38.03 -20.05
N ASP B 192 61.22 -37.47 -18.96
CA ASP B 192 60.03 -37.99 -18.29
C ASP B 192 58.79 -37.14 -18.52
N THR B 193 58.84 -36.26 -19.51
CA THR B 193 57.81 -35.26 -19.70
C THR B 193 56.40 -35.84 -19.58
N GLU B 194 56.08 -36.88 -20.35
CA GLU B 194 54.71 -37.42 -20.31
C GLU B 194 54.53 -38.66 -19.47
N VAL B 195 55.50 -38.98 -18.63
CA VAL B 195 55.32 -40.08 -17.70
C VAL B 195 54.39 -39.59 -16.59
N PRO B 196 53.27 -40.29 -16.39
CA PRO B 196 52.31 -39.89 -15.38
C PRO B 196 52.90 -40.01 -13.97
N LEU B 197 52.31 -39.28 -13.03
CA LEU B 197 52.82 -39.25 -11.67
C LEU B 197 52.04 -40.16 -10.74
N ILE B 198 52.72 -40.82 -9.83
CA ILE B 198 52.04 -41.47 -8.72
C ILE B 198 51.98 -40.41 -7.66
N GLU B 199 50.84 -40.23 -7.03
CA GLU B 199 50.82 -39.36 -5.86
C GLU B 199 50.25 -39.99 -4.59
N TYR B 200 50.88 -39.67 -3.46
CA TYR B 200 50.50 -40.21 -2.16
C TYR B 200 50.85 -39.24 -1.04
N SER B 201 50.13 -39.33 0.08
CA SER B 201 50.35 -38.43 1.20
C SER B 201 51.60 -38.80 2.00
N PHE B 202 52.35 -37.82 2.45
CA PHE B 202 53.40 -38.03 3.43
C PHE B 202 53.09 -37.14 4.64
N TYR B 203 53.16 -37.69 5.85
CA TYR B 203 52.65 -36.97 7.02
C TYR B 203 53.68 -36.25 7.90
N SER B 204 54.93 -36.70 7.86
CA SER B 204 56.04 -36.04 8.55
C SER B 204 55.88 -35.97 10.07
N ASP B 205 56.71 -35.17 10.74
CA ASP B 205 56.57 -34.98 12.18
C ASP B 205 55.21 -34.39 12.49
N GLU B 206 54.66 -34.74 13.64
CA GLU B 206 53.32 -34.30 13.94
C GLU B 206 53.21 -32.78 13.96
N SER B 207 54.34 -32.08 13.95
CA SER B 207 54.34 -30.63 13.85
C SER B 207 53.81 -30.11 12.53
N LEU B 208 53.91 -30.93 11.48
CA LEU B 208 53.49 -30.58 10.11
C LEU B 208 51.98 -30.60 9.97
N GLN B 209 51.39 -29.42 9.82
CA GLN B 209 49.94 -29.26 9.95
C GLN B 209 49.13 -29.86 8.81
N TYR B 210 49.56 -29.62 7.57
CA TYR B 210 48.92 -30.24 6.42
C TYR B 210 49.85 -31.29 5.79
N PRO B 211 49.32 -32.47 5.51
CA PRO B 211 50.10 -33.54 4.90
C PRO B 211 50.67 -33.07 3.59
N LYS B 212 51.89 -33.50 3.29
CA LYS B 212 52.52 -33.23 2.01
C LYS B 212 52.09 -34.28 1.00
N THR B 213 51.86 -33.88 -0.24
CA THR B 213 51.63 -34.84 -1.30
C THR B 213 52.93 -35.07 -2.04
N VAL B 214 53.49 -36.27 -1.93
CA VAL B 214 54.63 -36.65 -2.74
C VAL B 214 54.09 -36.98 -4.12
N ARG B 215 54.76 -36.50 -5.16
CA ARG B 215 54.41 -36.93 -6.51
C ARG B 215 55.64 -37.31 -7.33
N VAL B 216 55.55 -38.42 -8.05
CA VAL B 216 56.75 -39.05 -8.62
C VAL B 216 56.44 -39.58 -10.00
N PRO B 217 57.23 -39.21 -11.01
CA PRO B 217 57.08 -39.80 -12.34
C PRO B 217 57.33 -41.28 -12.23
N TYR B 218 56.32 -42.06 -12.58
CA TYR B 218 56.33 -43.48 -12.36
C TYR B 218 55.40 -44.08 -13.38
N PRO B 219 55.92 -44.85 -14.33
CA PRO B 219 55.10 -45.48 -15.34
C PRO B 219 54.56 -46.82 -14.87
N LYS B 220 53.26 -46.89 -14.59
CA LYS B 220 52.63 -48.17 -14.31
C LYS B 220 52.54 -48.98 -15.60
N ALA B 221 52.16 -50.25 -15.51
CA ALA B 221 52.18 -51.14 -16.67
C ALA B 221 51.37 -50.59 -17.84
N GLY B 222 52.01 -50.46 -19.01
CA GLY B 222 51.33 -50.05 -20.24
C GLY B 222 51.16 -48.56 -20.35
N ALA B 223 51.62 -47.83 -19.35
CA ALA B 223 51.50 -46.38 -19.37
C ALA B 223 52.65 -45.84 -20.19
N VAL B 224 52.81 -44.52 -20.24
CA VAL B 224 53.83 -43.88 -21.06
C VAL B 224 55.17 -43.93 -20.33
N ASN B 225 56.18 -44.53 -20.95
CA ASN B 225 57.55 -44.62 -20.43
C ASN B 225 58.40 -43.37 -20.64
N PRO B 226 59.48 -43.22 -19.88
CA PRO B 226 60.49 -42.21 -20.20
C PRO B 226 61.13 -42.51 -21.56
N THR B 227 61.85 -41.54 -22.11
CA THR B 227 62.63 -41.79 -23.32
C THR B 227 64.06 -41.49 -22.94
N VAL B 228 65.01 -42.08 -23.65
CA VAL B 228 66.40 -41.98 -23.24
C VAL B 228 67.30 -41.50 -24.38
N LYS B 229 68.36 -40.80 -24.05
CA LYS B 229 69.39 -40.45 -25.02
C LYS B 229 70.75 -40.69 -24.40
N PHE B 230 71.76 -40.94 -25.23
CA PHE B 230 73.10 -41.26 -24.77
C PHE B 230 74.17 -40.36 -25.36
N PHE B 231 75.05 -39.84 -24.50
CA PHE B 231 76.07 -38.90 -24.93
C PHE B 231 77.41 -39.27 -24.36
N VAL B 232 78.46 -38.83 -25.05
CA VAL B 232 79.84 -38.92 -24.57
C VAL B 232 80.48 -37.53 -24.72
N VAL B 233 81.21 -37.11 -23.69
CA VAL B 233 81.94 -35.85 -23.72
C VAL B 233 83.42 -36.07 -23.42
N ASN B 234 84.28 -35.28 -24.02
CA ASN B 234 85.71 -35.35 -23.80
C ASN B 234 86.13 -34.37 -22.71
N THR B 235 86.47 -34.90 -21.54
CA THR B 235 86.83 -34.04 -20.42
C THR B 235 88.19 -33.38 -20.59
N ASP B 236 88.99 -33.87 -21.53
CA ASP B 236 90.31 -33.30 -21.75
C ASP B 236 90.29 -32.01 -22.55
N SER B 237 89.26 -31.85 -23.39
CA SER B 237 89.11 -30.60 -24.13
C SER B 237 87.95 -29.78 -23.58
N LEU B 238 87.95 -29.53 -22.27
CA LEU B 238 86.94 -28.67 -21.65
C LEU B 238 87.42 -27.22 -21.61
N SER B 239 86.51 -26.26 -21.76
CA SER B 239 86.93 -24.90 -22.10
C SER B 239 86.93 -23.88 -20.96
N SER B 240 85.78 -23.67 -20.34
CA SER B 240 85.55 -22.53 -19.43
C SER B 240 85.29 -21.23 -20.19
N VAL B 241 85.40 -21.27 -21.52
CA VAL B 241 85.00 -20.18 -22.39
C VAL B 241 83.93 -20.67 -23.37
N THR B 242 83.88 -21.99 -23.55
CA THR B 242 82.82 -22.63 -24.34
C THR B 242 82.06 -23.68 -23.55
N ASN B 243 80.74 -23.70 -23.76
CA ASN B 243 79.90 -24.81 -23.35
C ASN B 243 80.54 -26.08 -23.93
N ALA B 244 80.65 -27.12 -23.12
CA ALA B 244 81.35 -28.36 -23.49
C ALA B 244 80.53 -29.26 -24.40
N THR B 245 81.18 -29.93 -25.33
CA THR B 245 80.49 -30.65 -26.41
C THR B 245 80.17 -32.07 -26.06
N SER B 246 78.92 -32.48 -26.23
CA SER B 246 78.53 -33.87 -25.97
C SER B 246 78.18 -34.59 -27.26
N ILE B 247 78.97 -35.58 -27.65
CA ILE B 247 78.58 -36.30 -28.86
C ILE B 247 77.42 -37.19 -28.50
N GLN B 248 76.31 -37.12 -29.21
CA GLN B 248 75.27 -38.12 -28.96
C GLN B 248 75.55 -39.44 -29.69
N ILE B 249 75.03 -40.54 -29.19
CA ILE B 249 75.09 -41.80 -29.91
C ILE B 249 73.64 -42.26 -30.03
N THR B 250 73.08 -42.20 -31.23
CA THR B 250 71.68 -42.58 -31.36
C THR B 250 71.48 -44.06 -31.06
N ALA B 251 70.24 -44.47 -30.76
CA ALA B 251 69.96 -45.90 -30.57
C ALA B 251 69.98 -46.56 -31.93
N PRO B 252 70.02 -47.89 -31.95
CA PRO B 252 69.82 -48.61 -33.18
C PRO B 252 68.52 -48.15 -33.83
N ALA B 253 68.53 -48.04 -35.14
CA ALA B 253 67.35 -47.77 -35.90
C ALA B 253 66.27 -48.78 -35.54
N SER B 254 66.63 -50.05 -35.51
CA SER B 254 65.70 -51.13 -35.09
C SER B 254 65.10 -50.94 -33.71
N MET B 255 65.62 -49.97 -32.96
CA MET B 255 65.09 -49.61 -31.65
C MET B 255 64.18 -48.38 -31.73
N LEU B 256 64.47 -47.51 -32.68
CA LEU B 256 63.82 -46.23 -32.75
C LEU B 256 62.44 -46.38 -33.33
N ILE B 257 62.08 -47.59 -33.74
CA ILE B 257 60.76 -47.75 -34.34
C ILE B 257 59.65 -47.97 -33.33
N GLY B 258 59.92 -47.76 -32.04
CA GLY B 258 58.95 -47.97 -30.95
C GLY B 258 59.68 -47.69 -29.67
N ASP B 259 59.01 -47.85 -28.53
CA ASP B 259 59.61 -47.63 -27.21
C ASP B 259 60.75 -48.61 -26.96
N HIS B 260 61.77 -48.17 -26.26
CA HIS B 260 62.91 -49.03 -25.95
C HIS B 260 63.58 -48.62 -24.64
N TYR B 261 64.61 -49.33 -24.25
CA TYR B 261 65.40 -48.91 -23.11
C TYR B 261 66.88 -49.02 -23.42
N LEU B 262 67.69 -48.19 -22.75
CA LEU B 262 69.12 -48.37 -22.75
C LEU B 262 69.32 -49.21 -21.52
N CYS B 263 69.97 -50.36 -21.65
CA CYS B 263 69.98 -51.23 -20.50
C CYS B 263 71.36 -51.75 -20.08
N ASP B 264 72.40 -51.42 -20.82
CA ASP B 264 73.76 -51.67 -20.34
C ASP B 264 74.74 -50.77 -21.06
N VAL B 265 75.66 -50.19 -20.32
CA VAL B 265 76.80 -49.53 -20.95
C VAL B 265 78.08 -50.05 -20.31
N THR B 266 79.02 -50.46 -21.16
CA THR B 266 80.27 -51.01 -20.68
C THR B 266 81.41 -50.56 -21.57
N TRP B 267 82.39 -49.86 -21.00
CA TRP B 267 83.55 -49.46 -21.76
C TRP B 267 84.40 -50.66 -22.16
N ALA B 268 84.94 -50.64 -23.36
CA ALA B 268 85.72 -51.76 -23.84
C ALA B 268 87.20 -51.42 -23.96
N THR B 269 87.51 -50.26 -24.53
CA THR B 269 88.89 -49.78 -24.55
C THR B 269 88.90 -48.30 -24.15
N GLN B 270 90.04 -47.65 -24.35
CA GLN B 270 90.12 -46.23 -24.15
C GLN B 270 89.24 -45.47 -25.13
N GLU B 271 89.01 -46.07 -26.30
CA GLU B 271 88.27 -45.43 -27.39
C GLU B 271 87.14 -46.27 -27.98
N ARG B 272 86.68 -47.27 -27.24
CA ARG B 272 85.59 -48.13 -27.69
C ARG B 272 84.59 -48.32 -26.57
N ILE B 273 83.31 -48.08 -26.87
CA ILE B 273 82.24 -48.24 -25.88
C ILE B 273 81.13 -49.14 -26.42
N SER B 274 80.60 -50.02 -25.56
CA SER B 274 79.56 -50.95 -25.96
C SER B 274 78.26 -50.60 -25.26
N LEU B 275 77.15 -50.71 -26.00
CA LEU B 275 75.86 -50.30 -25.48
C LEU B 275 74.86 -51.38 -25.76
N GLN B 276 73.96 -51.64 -24.82
CA GLN B 276 72.91 -52.61 -25.07
C GLN B 276 71.55 -51.96 -24.96
N TRP B 277 70.73 -52.17 -25.97
CA TRP B 277 69.40 -51.60 -26.02
C TRP B 277 68.37 -52.71 -25.93
N LEU B 278 67.16 -52.38 -25.51
CA LEU B 278 66.14 -53.40 -25.32
C LEU B 278 64.78 -52.83 -25.69
N ARG B 279 64.01 -53.54 -26.50
CA ARG B 279 62.69 -53.07 -26.90
C ARG B 279 61.74 -53.14 -25.73
N ARG B 280 60.74 -52.26 -25.69
CA ARG B 280 59.77 -52.29 -24.60
C ARG B 280 59.17 -53.68 -24.44
N ILE B 281 58.92 -54.36 -25.56
CA ILE B 281 58.59 -55.78 -25.50
C ILE B 281 59.94 -56.44 -25.36
N GLN B 282 60.24 -56.87 -24.14
CA GLN B 282 61.61 -57.20 -23.77
C GLN B 282 62.13 -58.56 -24.21
N ASN B 283 61.77 -59.00 -25.40
CA ASN B 283 62.31 -60.25 -25.92
C ASN B 283 63.23 -60.04 -27.11
N TYR B 284 63.59 -58.80 -27.39
CA TYR B 284 64.51 -58.48 -28.48
C TYR B 284 65.46 -57.38 -28.02
N SER B 285 66.77 -57.64 -28.12
CA SER B 285 67.75 -56.62 -27.73
C SER B 285 68.93 -56.54 -28.71
N VAL B 286 69.61 -55.40 -28.71
CA VAL B 286 70.69 -55.17 -29.67
C VAL B 286 71.90 -54.54 -28.99
N MET B 287 73.09 -55.02 -29.34
CA MET B 287 74.31 -54.43 -28.81
C MET B 287 75.00 -53.64 -29.91
N ASP B 288 75.36 -52.40 -29.58
CA ASP B 288 76.16 -51.55 -30.44
C ASP B 288 77.58 -51.50 -29.91
N ILE B 289 78.56 -51.42 -30.81
CA ILE B 289 79.93 -51.28 -30.40
C ILE B 289 80.50 -50.07 -31.11
N CYS B 290 80.85 -49.06 -30.33
CA CYS B 290 81.20 -47.75 -30.91
C CYS B 290 82.65 -47.35 -30.72
N ASP B 291 83.25 -46.84 -31.79
CA ASP B 291 84.62 -46.36 -31.79
C ASP B 291 84.70 -44.85 -31.94
N TYR B 292 85.64 -44.26 -31.21
CA TYR B 292 85.94 -42.85 -31.37
C TYR B 292 86.54 -42.61 -32.75
N ASP B 293 86.12 -41.54 -33.41
CA ASP B 293 86.56 -41.26 -34.78
C ASP B 293 87.36 -39.96 -34.76
N GLU B 294 88.68 -40.04 -34.61
CA GLU B 294 89.52 -38.85 -34.41
C GLU B 294 89.22 -37.74 -35.40
N SER B 295 88.94 -38.18 -36.63
CA SER B 295 88.68 -37.34 -37.81
C SER B 295 87.39 -36.52 -37.81
N SER B 296 86.36 -37.03 -37.13
CA SER B 296 85.10 -36.33 -36.94
C SER B 296 84.90 -35.92 -35.48
N GLY B 297 85.70 -36.48 -34.59
CA GLY B 297 85.53 -36.24 -33.17
C GLY B 297 84.29 -36.93 -32.61
N ARG B 298 83.72 -37.84 -33.41
CA ARG B 298 82.44 -38.46 -33.09
C ARG B 298 82.60 -39.93 -32.76
N TRP B 299 81.49 -40.60 -32.51
CA TRP B 299 81.52 -42.03 -32.18
C TRP B 299 80.81 -42.86 -33.26
N ASN B 300 81.52 -43.86 -33.78
CA ASN B 300 81.01 -44.63 -34.88
C ASN B 300 80.68 -46.06 -34.45
N CYS B 301 79.39 -46.40 -34.52
CA CYS B 301 78.91 -47.78 -34.32
C CYS B 301 78.59 -48.44 -35.64
N LEU B 302 79.57 -49.14 -36.21
CA LEU B 302 79.31 -49.95 -37.41
C LEU B 302 78.17 -50.93 -37.17
N VAL B 303 77.12 -50.81 -37.98
CA VAL B 303 76.02 -51.76 -37.95
C VAL B 303 76.51 -53.19 -38.10
N ALA B 304 77.68 -53.36 -38.74
CA ALA B 304 78.29 -54.67 -38.95
C ALA B 304 78.79 -55.27 -37.65
N ARG B 305 79.08 -54.42 -36.66
CA ARG B 305 79.51 -54.90 -35.35
C ARG B 305 78.41 -55.06 -34.31
N GLN B 306 77.18 -54.65 -34.62
CA GLN B 306 76.01 -54.92 -33.78
C GLN B 306 75.74 -56.39 -33.51
N HIS B 307 75.10 -56.69 -32.38
CA HIS B 307 74.78 -58.07 -32.02
C HIS B 307 73.39 -58.28 -31.46
N ILE B 308 72.48 -58.75 -32.31
CA ILE B 308 71.08 -59.01 -31.94
C ILE B 308 70.87 -60.26 -31.09
N GLU B 309 70.21 -60.10 -29.94
CA GLU B 309 69.93 -61.20 -29.02
C GLU B 309 68.44 -61.25 -28.74
N MET B 310 67.85 -62.44 -28.81
CA MET B 310 66.42 -62.52 -28.58
C MET B 310 65.98 -63.85 -27.97
N SER B 311 64.73 -63.93 -27.54
CA SER B 311 64.19 -65.16 -26.96
C SER B 311 62.79 -65.42 -27.48
N THR B 312 62.47 -66.69 -27.66
CA THR B 312 61.17 -67.08 -28.19
C THR B 312 60.31 -67.60 -27.06
N THR B 313 60.96 -68.04 -25.99
CA THR B 313 60.25 -68.69 -24.90
C THR B 313 59.94 -67.71 -23.76
N GLY B 314 60.66 -66.58 -23.74
CA GLY B 314 60.45 -65.57 -22.70
C GLY B 314 61.12 -64.23 -23.00
N TRP B 315 61.73 -63.64 -21.98
CA TRP B 315 62.42 -62.36 -22.10
C TRP B 315 63.94 -62.56 -22.16
N VAL B 316 64.67 -61.53 -22.57
CA VAL B 316 66.13 -61.58 -22.63
C VAL B 316 66.80 -61.36 -21.27
N GLY B 317 67.71 -62.26 -20.89
CA GLY B 317 68.44 -62.16 -19.64
C GLY B 317 67.65 -62.64 -18.42
N ARG B 318 68.32 -62.66 -17.27
CA ARG B 318 67.62 -63.05 -16.04
C ARG B 318 66.67 -61.94 -15.64
N PHE B 319 67.20 -60.72 -15.63
CA PHE B 319 66.35 -59.56 -15.41
C PHE B 319 66.57 -58.53 -16.53
N ARG B 320 67.73 -58.61 -17.17
CA ARG B 320 68.05 -57.79 -18.33
C ARG B 320 69.18 -58.51 -19.06
N PRO B 321 69.51 -58.09 -20.28
CA PRO B 321 70.69 -58.60 -20.96
C PRO B 321 71.95 -58.51 -20.10
N SER B 322 72.76 -59.57 -20.14
CA SER B 322 73.98 -59.67 -19.35
C SER B 322 75.03 -58.72 -19.85
N GLU B 323 75.98 -58.39 -18.98
CA GLU B 323 77.05 -57.48 -19.36
C GLU B 323 78.21 -58.21 -20.02
N PRO B 324 78.83 -57.58 -21.00
CA PRO B 324 79.97 -58.17 -21.67
C PRO B 324 81.25 -57.89 -20.92
N HIS B 325 82.19 -58.83 -20.98
CA HIS B 325 83.54 -58.61 -20.47
C HIS B 325 84.50 -58.75 -21.64
N PHE B 326 85.25 -57.68 -21.92
CA PHE B 326 86.12 -57.64 -23.09
C PHE B 326 87.54 -58.05 -22.75
N THR B 327 88.26 -58.54 -23.75
CA THR B 327 89.69 -58.79 -23.62
C THR B 327 90.39 -57.45 -23.71
N LEU B 328 91.62 -57.37 -23.22
CA LEU B 328 92.33 -56.11 -23.11
C LEU B 328 92.35 -55.29 -24.39
N ASP B 329 92.55 -55.95 -25.52
CA ASP B 329 92.56 -55.24 -26.80
C ASP B 329 91.15 -54.91 -27.29
N GLY B 330 90.14 -55.47 -26.65
CA GLY B 330 88.76 -55.10 -26.92
C GLY B 330 88.22 -55.55 -28.25
N ASN B 331 88.76 -56.64 -28.79
CA ASN B 331 88.29 -57.15 -30.06
C ASN B 331 87.36 -58.34 -29.91
N SER B 332 87.32 -58.87 -28.69
CA SER B 332 86.43 -59.97 -28.37
C SER B 332 85.92 -59.81 -26.95
N PHE B 333 84.81 -60.45 -26.64
CA PHE B 333 84.28 -60.36 -25.30
C PHE B 333 83.51 -61.61 -24.88
N TYR B 334 83.42 -61.82 -23.57
CA TYR B 334 82.64 -62.93 -23.04
C TYR B 334 81.35 -62.40 -22.43
N LYS B 335 80.29 -63.21 -22.50
CA LYS B 335 78.99 -62.76 -22.04
C LYS B 335 78.14 -63.99 -21.75
N ILE B 336 77.33 -63.91 -20.68
CA ILE B 336 76.47 -65.04 -20.33
C ILE B 336 75.21 -65.01 -21.17
N ILE B 337 75.03 -66.01 -22.02
CA ILE B 337 73.75 -66.07 -22.74
C ILE B 337 73.17 -67.46 -22.63
N SER B 338 71.85 -67.58 -22.77
CA SER B 338 71.18 -68.86 -22.62
C SER B 338 71.41 -69.72 -23.86
N ASN B 339 71.82 -70.98 -23.68
CA ASN B 339 72.05 -71.86 -24.83
C ASN B 339 70.75 -72.44 -25.35
N GLU B 340 70.81 -73.39 -26.27
CA GLU B 340 69.58 -73.90 -26.88
C GLU B 340 68.95 -75.00 -26.07
N GLU B 341 69.65 -75.49 -25.05
CA GLU B 341 69.01 -76.41 -24.11
C GLU B 341 68.34 -75.57 -23.03
N GLY B 342 68.55 -74.26 -23.10
CA GLY B 342 67.97 -73.32 -22.14
C GLY B 342 68.79 -72.98 -20.90
N TYR B 343 70.09 -73.21 -20.94
CA TYR B 343 70.92 -73.01 -19.77
C TYR B 343 71.86 -71.86 -19.99
N ARG B 344 72.02 -71.04 -18.95
CA ARG B 344 72.82 -69.84 -19.05
C ARG B 344 74.30 -70.12 -18.93
N HIS B 345 75.02 -69.98 -20.05
CA HIS B 345 76.46 -70.26 -20.09
C HIS B 345 77.26 -69.13 -20.73
N ILE B 346 78.57 -69.15 -20.51
CA ILE B 346 79.44 -68.11 -20.99
C ILE B 346 79.70 -68.30 -22.47
N CYS B 347 79.40 -67.26 -23.26
CA CYS B 347 79.63 -67.30 -24.70
C CYS B 347 80.75 -66.37 -25.12
N TYR B 348 81.46 -66.74 -26.18
CA TYR B 348 82.65 -66.01 -26.58
C TYR B 348 82.51 -65.36 -27.96
N PHE B 349 82.61 -64.03 -27.98
CA PHE B 349 82.27 -63.24 -29.18
C PHE B 349 83.48 -62.58 -29.84
N GLN B 350 83.43 -62.45 -31.17
CA GLN B 350 84.38 -61.61 -31.93
C GLN B 350 83.66 -60.35 -32.40
N ILE B 351 84.25 -59.17 -32.23
CA ILE B 351 83.50 -57.92 -32.45
C ILE B 351 82.65 -57.94 -33.73
N ASP B 352 83.18 -58.51 -34.81
CA ASP B 352 82.51 -58.44 -36.12
C ASP B 352 81.92 -59.75 -36.65
N LYS B 353 82.37 -60.89 -36.10
CA LYS B 353 81.77 -62.18 -36.43
C LYS B 353 80.46 -62.36 -35.68
N LYS B 354 79.45 -62.81 -36.40
CA LYS B 354 78.06 -62.70 -35.94
C LYS B 354 77.62 -63.79 -34.96
N ASP B 355 78.32 -64.93 -34.99
CA ASP B 355 78.02 -65.98 -34.04
C ASP B 355 78.94 -65.93 -32.85
N CYS B 356 78.70 -66.80 -31.86
CA CYS B 356 79.62 -66.93 -30.75
C CYS B 356 79.85 -68.37 -30.38
N THR B 357 80.86 -68.62 -29.56
CA THR B 357 81.17 -69.97 -29.14
C THR B 357 80.96 -70.15 -27.64
N PHE B 358 80.13 -71.12 -27.26
CA PHE B 358 79.99 -71.44 -25.85
C PHE B 358 81.28 -72.06 -25.34
N ILE B 359 81.76 -71.57 -24.21
CA ILE B 359 82.95 -72.11 -23.60
C ILE B 359 82.61 -72.95 -22.36
N THR B 360 81.32 -73.00 -22.01
CA THR B 360 80.81 -73.96 -21.03
C THR B 360 79.45 -74.53 -21.46
N LYS B 361 79.17 -75.77 -21.10
CA LYS B 361 77.84 -76.33 -21.24
C LYS B 361 77.56 -77.18 -20.02
N GLY B 362 76.33 -77.69 -19.88
CA GLY B 362 75.98 -78.51 -18.72
C GLY B 362 74.58 -78.28 -18.22
N THR B 363 74.16 -79.08 -17.25
CA THR B 363 72.84 -78.93 -16.66
C THR B 363 72.93 -78.07 -15.42
N TRP B 364 73.35 -76.83 -15.63
CA TRP B 364 73.62 -75.88 -14.55
C TRP B 364 73.91 -74.54 -15.22
N GLU B 365 73.83 -73.47 -14.46
CA GLU B 365 73.99 -72.14 -15.00
C GLU B 365 75.21 -71.41 -14.43
N VAL B 366 75.81 -70.53 -15.23
CA VAL B 366 76.84 -69.62 -14.76
C VAL B 366 76.12 -68.46 -14.07
N ILE B 367 76.49 -68.17 -12.83
CA ILE B 367 75.86 -67.07 -12.10
C ILE B 367 76.39 -65.73 -12.59
N GLY B 368 77.69 -65.64 -12.81
CA GLY B 368 78.29 -64.39 -13.27
C GLY B 368 79.76 -64.52 -13.61
N ILE B 369 80.24 -63.71 -14.56
CA ILE B 369 81.67 -63.67 -14.86
C ILE B 369 82.39 -62.70 -13.94
N GLU B 370 83.43 -63.18 -13.26
CA GLU B 370 84.07 -62.38 -12.20
C GLU B 370 85.35 -61.64 -12.58
N ALA B 371 86.23 -62.28 -13.35
CA ALA B 371 87.49 -61.66 -13.73
C ALA B 371 88.00 -62.22 -15.05
N LEU B 372 88.83 -61.43 -15.75
CA LEU B 372 89.36 -61.84 -17.03
C LEU B 372 90.84 -61.48 -17.16
N THR B 373 91.70 -62.49 -17.14
CA THR B 373 93.13 -62.27 -17.39
C THR B 373 93.47 -62.70 -18.81
N SER B 374 94.75 -62.64 -19.14
CA SER B 374 95.22 -62.94 -20.49
C SER B 374 94.98 -64.39 -20.92
N ASP B 375 94.88 -65.29 -19.95
CA ASP B 375 94.73 -66.72 -20.25
C ASP B 375 93.80 -67.47 -19.29
N TYR B 376 93.20 -66.74 -18.36
CA TYR B 376 92.16 -67.30 -17.50
C TYR B 376 90.90 -66.44 -17.41
N LEU B 377 89.75 -67.11 -17.36
CA LEU B 377 88.48 -66.45 -17.05
C LEU B 377 87.87 -67.06 -15.79
N TYR B 378 87.54 -66.20 -14.83
CA TYR B 378 86.98 -66.67 -13.57
C TYR B 378 85.49 -66.38 -13.52
N TYR B 379 84.72 -67.31 -12.98
CA TYR B 379 83.26 -67.15 -12.91
C TYR B 379 82.66 -67.90 -11.72
N ILE B 380 81.43 -67.54 -11.32
CA ILE B 380 80.70 -68.26 -10.29
C ILE B 380 79.61 -69.11 -10.94
N SER B 381 79.46 -70.35 -10.50
CA SER B 381 78.41 -71.20 -11.03
C SER B 381 77.80 -72.08 -9.95
N ASN B 382 76.63 -72.63 -10.25
CA ASN B 382 75.95 -73.58 -9.38
C ASN B 382 76.12 -75.02 -9.88
N GLU B 383 77.29 -75.31 -10.45
CA GLU B 383 77.58 -76.64 -10.98
C GLU B 383 77.84 -77.68 -9.89
N TYR B 384 78.77 -77.39 -8.99
CA TYR B 384 79.17 -78.33 -7.95
C TYR B 384 77.97 -79.01 -7.31
N LYS B 385 78.11 -80.32 -7.16
CA LYS B 385 77.07 -81.20 -6.60
C LYS B 385 75.72 -81.15 -7.31
N GLY B 386 75.61 -80.35 -8.37
CA GLY B 386 74.36 -80.26 -9.12
C GLY B 386 73.25 -79.63 -8.31
N MET B 387 73.63 -78.83 -7.32
CA MET B 387 72.66 -78.10 -6.54
C MET B 387 72.63 -76.61 -6.89
N PRO B 388 71.47 -76.16 -7.34
CA PRO B 388 71.28 -74.83 -7.87
C PRO B 388 71.46 -73.79 -6.79
N GLY B 389 71.06 -74.11 -5.57
CA GLY B 389 71.17 -73.17 -4.46
C GLY B 389 72.58 -73.03 -3.91
N GLY B 390 73.53 -73.73 -4.52
CA GLY B 390 74.95 -73.64 -4.17
C GLY B 390 75.63 -72.64 -5.09
N ARG B 391 76.89 -72.33 -4.82
CA ARG B 391 77.51 -71.20 -5.46
C ARG B 391 79.03 -71.29 -5.29
N ASN B 392 79.74 -71.47 -6.40
CA ASN B 392 81.20 -71.71 -6.35
C ASN B 392 82.07 -71.03 -7.40
N LEU B 393 83.29 -70.65 -7.02
CA LEU B 393 84.22 -70.00 -7.94
C LEU B 393 85.00 -70.97 -8.82
N TYR B 394 84.87 -70.83 -10.13
CA TYR B 394 85.58 -71.68 -11.07
C TYR B 394 86.53 -70.81 -11.89
N LYS B 395 87.55 -71.42 -12.49
CA LYS B 395 88.38 -70.74 -13.47
C LYS B 395 88.56 -71.62 -14.69
N ILE B 396 88.56 -71.00 -15.85
CA ILE B 396 88.70 -71.74 -17.11
C ILE B 396 89.91 -71.25 -17.91
N GLN B 397 90.65 -72.19 -18.47
CA GLN B 397 91.83 -71.88 -19.24
C GLN B 397 91.42 -71.36 -20.60
N LEU B 398 91.81 -70.13 -20.91
CA LEU B 398 91.39 -69.50 -22.15
C LEU B 398 91.93 -70.27 -23.35
N SER B 399 93.17 -70.77 -23.22
CA SER B 399 93.82 -71.56 -24.28
C SER B 399 93.35 -73.01 -24.39
N ASP B 400 92.50 -73.45 -23.46
CA ASP B 400 91.98 -74.83 -23.46
C ASP B 400 90.70 -74.94 -22.61
N TYR B 401 89.55 -75.01 -23.30
CA TYR B 401 88.24 -74.96 -22.64
C TYR B 401 87.91 -76.18 -21.80
N THR B 402 88.70 -77.23 -21.91
CA THR B 402 88.46 -78.43 -21.09
C THR B 402 89.11 -78.31 -19.72
N LYS B 403 90.06 -77.40 -19.57
CA LYS B 403 90.78 -77.24 -18.30
C LYS B 403 90.03 -76.32 -17.33
N VAL B 404 89.04 -76.86 -16.63
CA VAL B 404 88.25 -76.07 -15.70
C VAL B 404 88.54 -76.45 -14.27
N THR B 405 89.14 -75.55 -13.50
CA THR B 405 89.46 -75.83 -12.12
C THR B 405 88.43 -75.22 -11.21
N CYS B 406 88.01 -75.95 -10.19
CA CYS B 406 87.09 -75.38 -9.22
C CYS B 406 87.87 -74.82 -8.06
N LEU B 407 87.89 -73.50 -7.93
CA LEU B 407 88.71 -72.85 -6.93
C LEU B 407 88.19 -72.83 -5.49
N SER B 408 86.96 -73.29 -5.25
CA SER B 408 86.37 -73.17 -3.91
C SER B 408 85.61 -74.38 -3.40
N CYS B 409 85.21 -75.26 -4.30
CA CYS B 409 84.39 -76.40 -3.93
C CYS B 409 84.99 -77.15 -2.77
N GLU B 410 86.27 -77.47 -2.90
CA GLU B 410 86.97 -78.35 -1.96
C GLU B 410 87.46 -77.67 -0.69
N LEU B 411 87.54 -76.35 -0.67
CA LEU B 411 88.16 -75.62 0.43
C LEU B 411 87.62 -75.96 1.80
N ASN B 412 86.39 -76.44 1.87
CA ASN B 412 85.71 -76.73 3.13
C ASN B 412 84.27 -77.10 2.85
N PRO B 413 84.04 -78.28 2.26
CA PRO B 413 82.75 -78.60 1.67
C PRO B 413 81.64 -78.62 2.71
N GLU B 414 81.99 -78.94 3.94
CA GLU B 414 81.00 -79.05 5.01
C GLU B 414 80.43 -77.72 5.41
N ARG B 415 81.27 -76.70 5.45
CA ARG B 415 80.88 -75.40 5.98
C ARG B 415 80.54 -74.39 4.88
N CYS B 416 81.07 -74.64 3.69
CA CYS B 416 81.07 -73.66 2.61
C CYS B 416 80.60 -74.18 1.28
N GLN B 417 79.43 -73.75 0.84
CA GLN B 417 78.93 -74.11 -0.48
C GLN B 417 78.34 -72.90 -1.22
N TYR B 418 78.44 -71.72 -0.59
CA TYR B 418 77.92 -70.50 -1.20
C TYR B 418 78.97 -69.40 -1.13
N TYR B 419 79.66 -69.18 -2.26
CA TYR B 419 80.76 -68.24 -2.33
C TYR B 419 80.46 -67.03 -3.21
N SER B 420 81.09 -65.91 -2.88
CA SER B 420 81.24 -64.78 -3.82
C SER B 420 82.72 -64.39 -3.80
N VAL B 421 83.17 -63.59 -4.76
CA VAL B 421 84.59 -63.28 -4.83
C VAL B 421 84.88 -61.82 -5.16
N SER B 422 85.97 -61.28 -4.63
CA SER B 422 86.39 -59.92 -4.93
C SER B 422 87.86 -59.89 -5.34
N PHE B 423 88.12 -59.70 -6.62
CA PHE B 423 89.50 -59.73 -7.14
C PHE B 423 90.24 -58.41 -6.96
N SER B 424 91.57 -58.48 -6.99
CA SER B 424 92.42 -57.28 -6.94
C SER B 424 92.47 -56.64 -8.34
N LYS B 425 93.06 -55.45 -8.42
CA LYS B 425 93.00 -54.66 -9.66
C LYS B 425 93.42 -55.41 -10.92
N GLU B 426 94.32 -56.38 -10.83
CA GLU B 426 94.69 -57.18 -12.00
C GLU B 426 94.47 -58.65 -11.76
N ALA B 427 93.77 -59.00 -10.69
CA ALA B 427 93.53 -60.38 -10.34
C ALA B 427 94.80 -61.13 -9.94
N LYS B 428 95.69 -60.46 -9.20
CA LYS B 428 96.85 -61.14 -8.65
C LYS B 428 96.35 -61.89 -7.44
N TYR B 429 95.33 -61.33 -6.81
CA TYR B 429 94.77 -61.87 -5.59
C TYR B 429 93.25 -61.86 -5.64
N TYR B 430 92.63 -62.64 -4.74
CA TYR B 430 91.19 -62.60 -4.58
C TYR B 430 90.71 -62.98 -3.18
N GLN B 431 89.61 -62.38 -2.77
CA GLN B 431 89.02 -62.66 -1.47
C GLN B 431 87.75 -63.46 -1.62
N LEU B 432 87.70 -64.64 -1.04
CA LEU B 432 86.47 -65.43 -1.06
C LEU B 432 85.62 -65.10 0.13
N ARG B 433 84.31 -64.98 -0.09
CA ARG B 433 83.31 -64.86 0.97
C ARG B 433 82.43 -66.08 0.92
N CYS B 434 82.57 -66.92 1.93
CA CYS B 434 81.74 -68.08 2.10
C CYS B 434 80.61 -67.64 3.02
N SER B 435 79.36 -67.91 2.63
CA SER B 435 78.25 -67.37 3.40
C SER B 435 77.22 -68.43 3.80
N GLY B 436 77.60 -69.70 3.67
CA GLY B 436 76.75 -70.81 4.08
C GLY B 436 77.25 -72.15 3.58
N PRO B 437 76.74 -73.23 4.16
CA PRO B 437 75.73 -73.15 5.22
C PRO B 437 76.32 -72.91 6.61
N GLY B 438 77.64 -72.88 6.72
CA GLY B 438 78.26 -72.62 8.01
C GLY B 438 78.30 -71.13 8.26
N LEU B 439 78.90 -70.72 9.37
CA LEU B 439 79.09 -69.30 9.62
C LEU B 439 80.04 -68.75 8.56
N PRO B 440 79.79 -67.52 8.12
CA PRO B 440 80.58 -66.92 7.04
C PRO B 440 82.07 -66.94 7.31
N LEU B 441 82.86 -67.08 6.24
CA LEU B 441 84.28 -67.31 6.34
C LEU B 441 84.96 -66.55 5.21
N TYR B 442 85.74 -65.54 5.56
CA TYR B 442 86.41 -64.72 4.55
C TYR B 442 87.87 -65.10 4.53
N THR B 443 88.41 -65.35 3.35
CA THR B 443 89.81 -65.75 3.20
C THR B 443 90.44 -65.00 2.03
N LEU B 444 91.76 -64.95 2.00
CA LEU B 444 92.52 -64.32 0.92
C LEU B 444 93.31 -65.38 0.15
N HIS B 445 93.57 -65.12 -1.13
CA HIS B 445 94.26 -66.07 -2.01
C HIS B 445 95.08 -65.34 -3.05
N SER B 446 96.17 -65.94 -3.51
CA SER B 446 96.90 -65.39 -4.66
C SER B 446 96.61 -66.22 -5.91
N SER B 447 96.33 -65.55 -7.03
CA SER B 447 95.87 -66.24 -8.23
C SER B 447 96.96 -67.03 -8.94
N VAL B 448 98.20 -66.56 -8.83
CA VAL B 448 99.36 -67.16 -9.51
C VAL B 448 99.41 -68.69 -9.41
N ASN B 449 99.11 -69.21 -8.23
CA ASN B 449 99.21 -70.63 -7.93
C ASN B 449 97.98 -71.11 -7.18
N ASP B 450 97.03 -70.20 -6.96
CA ASP B 450 95.79 -70.45 -6.20
C ASP B 450 96.04 -70.86 -4.77
N LYS B 451 97.11 -70.30 -4.20
CA LYS B 451 97.48 -70.56 -2.81
C LYS B 451 96.60 -69.76 -1.86
N GLY B 452 96.04 -70.43 -0.87
CA GLY B 452 95.30 -69.79 0.20
C GLY B 452 96.28 -69.10 1.12
N LEU B 453 96.26 -67.77 1.11
CA LEU B 453 97.21 -67.00 1.91
C LEU B 453 96.90 -66.97 3.40
N ARG B 454 95.72 -66.50 3.80
CA ARG B 454 95.32 -66.54 5.22
C ARG B 454 93.82 -66.43 5.46
N VAL B 455 93.39 -66.65 6.70
CA VAL B 455 91.99 -66.49 7.04
C VAL B 455 91.76 -65.06 7.53
N LEU B 456 90.90 -64.32 6.84
CA LEU B 456 90.63 -62.92 7.16
C LEU B 456 89.63 -62.74 8.30
N GLU B 457 88.60 -63.58 8.32
CA GLU B 457 87.59 -63.57 9.37
C GLU B 457 86.88 -64.92 9.38
N ASP B 458 86.52 -65.41 10.57
CA ASP B 458 85.92 -66.75 10.68
C ASP B 458 84.79 -66.82 11.69
N ASN B 459 84.41 -65.67 12.24
CA ASN B 459 83.24 -65.54 13.11
C ASN B 459 83.25 -66.44 14.35
N SER B 460 84.44 -66.88 14.75
CA SER B 460 84.57 -67.72 15.93
C SER B 460 84.05 -67.02 17.18
N ALA B 461 84.14 -65.70 17.20
CA ALA B 461 83.52 -64.89 18.24
C ALA B 461 82.06 -65.26 18.41
N LEU B 462 81.34 -65.18 17.30
CA LEU B 462 79.93 -65.56 17.24
C LEU B 462 79.72 -67.06 17.50
N ASP B 463 80.58 -67.89 16.91
CA ASP B 463 80.50 -69.34 17.09
C ASP B 463 80.44 -69.71 18.58
N LYS B 464 81.25 -69.03 19.39
CA LYS B 464 81.23 -69.18 20.84
C LYS B 464 79.84 -68.98 21.37
N MET B 465 79.36 -67.74 21.30
CA MET B 465 78.04 -67.38 21.80
C MET B 465 76.90 -68.29 21.32
N LEU B 466 77.04 -68.83 20.13
CA LEU B 466 75.96 -69.60 19.50
C LEU B 466 75.75 -71.02 19.99
N GLN B 467 76.78 -71.65 20.55
CA GLN B 467 76.57 -72.96 21.16
C GLN B 467 75.90 -72.83 22.51
N ASN B 468 75.88 -71.61 23.03
CA ASN B 468 75.10 -71.29 24.22
C ASN B 468 73.60 -71.21 24.01
N VAL B 469 73.16 -71.28 22.75
CA VAL B 469 71.74 -71.15 22.43
C VAL B 469 71.27 -72.29 21.53
N GLN B 470 70.04 -72.76 21.77
CA GLN B 470 69.44 -73.83 20.98
C GLN B 470 69.04 -73.39 19.58
N MET B 471 70.01 -73.38 18.66
CA MET B 471 69.75 -72.97 17.29
C MET B 471 68.90 -73.98 16.55
N PRO B 472 68.25 -73.52 15.48
CA PRO B 472 67.56 -74.41 14.55
C PRO B 472 68.52 -74.91 13.49
N SER B 473 68.09 -75.91 12.74
CA SER B 473 68.90 -76.43 11.64
C SER B 473 68.19 -76.16 10.32
N LYS B 474 68.94 -76.27 9.21
CA LYS B 474 68.38 -76.05 7.88
C LYS B 474 68.53 -77.29 7.01
N LYS B 475 67.43 -77.83 6.50
CA LYS B 475 67.52 -78.91 5.52
C LYS B 475 67.31 -78.31 4.13
N LEU B 476 68.19 -78.65 3.21
CA LEU B 476 68.06 -78.28 1.81
C LEU B 476 67.88 -79.56 1.02
N ASP B 477 66.73 -79.74 0.40
CA ASP B 477 66.52 -80.93 -0.41
C ASP B 477 65.56 -80.59 -1.56
N PHE B 478 65.10 -81.61 -2.27
CA PHE B 478 64.17 -81.38 -3.36
C PHE B 478 63.04 -82.40 -3.34
N ILE B 479 62.00 -82.12 -4.11
CA ILE B 479 60.99 -83.12 -4.42
C ILE B 479 60.91 -83.22 -5.93
N ILE B 480 60.19 -84.22 -6.42
CA ILE B 480 60.08 -84.43 -7.87
C ILE B 480 58.64 -84.28 -8.31
N LEU B 481 58.40 -83.36 -9.24
CA LEU B 481 57.11 -83.26 -9.92
C LEU B 481 57.39 -83.31 -11.42
N ASN B 482 56.59 -84.08 -12.16
CA ASN B 482 56.89 -84.36 -13.57
C ASN B 482 58.39 -84.56 -13.85
N GLU B 483 58.96 -85.57 -13.20
CA GLU B 483 60.39 -85.89 -13.28
C GLU B 483 61.32 -84.71 -13.58
N THR B 484 61.08 -83.59 -12.91
CA THR B 484 62.10 -82.55 -12.75
C THR B 484 62.17 -82.28 -11.24
N LYS B 485 63.34 -81.95 -10.74
CA LYS B 485 63.45 -81.61 -9.32
C LYS B 485 63.18 -80.15 -8.98
N PHE B 486 62.47 -79.94 -7.89
CA PHE B 486 62.20 -78.62 -7.38
C PHE B 486 62.66 -78.60 -5.95
N TRP B 487 63.49 -77.61 -5.61
CA TRP B 487 64.13 -77.54 -4.30
C TRP B 487 63.35 -76.83 -3.20
N TYR B 488 63.47 -77.35 -1.98
CA TYR B 488 62.84 -76.69 -0.85
C TYR B 488 63.86 -76.53 0.25
N GLN B 489 63.56 -75.66 1.20
CA GLN B 489 64.38 -75.58 2.39
C GLN B 489 63.48 -75.47 3.62
N MET B 490 63.98 -75.96 4.74
CA MET B 490 63.20 -75.94 5.98
C MET B 490 64.09 -75.52 7.12
N ILE B 491 63.70 -74.47 7.82
CA ILE B 491 64.34 -74.13 9.07
C ILE B 491 63.63 -74.93 10.17
N LEU B 492 64.36 -75.88 10.75
CA LEU B 492 63.81 -76.86 11.67
C LEU B 492 64.20 -76.49 13.08
N PRO B 493 63.25 -76.59 14.01
CA PRO B 493 63.47 -76.32 15.42
C PRO B 493 64.59 -77.20 16.01
N PRO B 494 65.23 -76.72 17.08
CA PRO B 494 66.26 -77.50 17.74
C PRO B 494 65.67 -78.83 18.20
N HIS B 495 66.50 -79.87 18.28
CA HIS B 495 66.04 -81.21 18.67
C HIS B 495 64.84 -81.65 17.82
N PHE B 496 64.91 -81.41 16.52
CA PHE B 496 63.80 -81.73 15.63
C PHE B 496 63.45 -83.23 15.68
N ASP B 497 62.27 -83.55 16.18
CA ASP B 497 61.86 -84.93 16.28
C ASP B 497 60.86 -85.32 15.18
N LYS B 498 61.34 -86.04 14.19
CA LYS B 498 60.60 -86.30 12.96
C LYS B 498 59.30 -87.09 13.11
N SER B 499 58.92 -87.39 14.34
CA SER B 499 57.72 -88.17 14.56
C SER B 499 56.58 -87.33 15.10
N LYS B 500 56.85 -86.06 15.40
CA LYS B 500 55.81 -85.18 15.93
C LYS B 500 55.14 -84.35 14.84
N LYS B 501 53.99 -83.77 15.13
CA LYS B 501 53.30 -82.94 14.15
C LYS B 501 53.65 -81.47 14.38
N TYR B 502 54.51 -80.90 13.55
CA TYR B 502 54.90 -79.50 13.71
C TYR B 502 54.02 -78.57 12.89
N PRO B 503 53.77 -77.37 13.40
CA PRO B 503 53.11 -76.32 12.61
C PRO B 503 54.11 -75.72 11.64
N LEU B 504 53.63 -75.43 10.43
CA LEU B 504 54.50 -74.99 9.33
C LEU B 504 54.10 -73.65 8.72
N LEU B 505 55.08 -72.76 8.63
CA LEU B 505 54.94 -71.47 7.99
C LEU B 505 55.67 -71.50 6.65
N LEU B 506 54.92 -71.32 5.56
CA LEU B 506 55.52 -71.27 4.24
C LEU B 506 56.02 -69.87 3.92
N ASP B 507 57.33 -69.75 3.76
CA ASP B 507 58.00 -68.49 3.43
C ASP B 507 58.11 -68.36 1.92
N VAL B 508 57.40 -67.40 1.33
CA VAL B 508 57.32 -67.33 -0.13
C VAL B 508 57.84 -66.02 -0.72
N TYR B 509 58.63 -66.12 -1.78
CA TYR B 509 58.77 -64.97 -2.67
C TYR B 509 58.20 -65.30 -4.06
N ALA B 510 58.73 -66.36 -4.68
CA ALA B 510 58.19 -66.93 -5.93
C ALA B 510 58.31 -66.08 -7.19
N GLY B 511 58.94 -64.91 -7.10
CA GLY B 511 59.10 -64.05 -8.28
C GLY B 511 59.96 -64.66 -9.38
N PRO B 512 59.75 -64.25 -10.62
CA PRO B 512 60.50 -64.76 -11.75
C PRO B 512 61.99 -64.75 -11.50
N CYS B 513 62.64 -65.90 -11.65
CA CYS B 513 64.07 -66.06 -11.41
C CYS B 513 64.47 -65.88 -9.95
N SER B 514 63.53 -66.04 -9.03
CA SER B 514 63.86 -65.96 -7.61
C SER B 514 64.46 -67.29 -7.15
N GLN B 515 65.06 -67.26 -5.96
CA GLN B 515 65.60 -68.45 -5.33
C GLN B 515 65.53 -68.34 -3.81
N LYS B 516 64.58 -69.05 -3.21
CA LYS B 516 64.41 -68.99 -1.77
C LYS B 516 64.92 -70.24 -1.08
N ALA B 517 65.41 -71.20 -1.86
CA ALA B 517 65.97 -72.42 -1.31
C ALA B 517 67.43 -72.45 -1.71
N ASP B 518 68.30 -71.99 -0.82
CA ASP B 518 69.73 -71.92 -1.10
C ASP B 518 70.50 -72.41 0.10
N THR B 519 71.82 -72.24 0.12
CA THR B 519 72.63 -72.71 1.25
C THR B 519 73.22 -71.56 2.07
N VAL B 520 72.58 -70.42 2.07
CA VAL B 520 73.09 -69.29 2.86
C VAL B 520 72.75 -69.47 4.33
N PHE B 521 73.64 -68.98 5.18
CA PHE B 521 73.38 -68.93 6.60
C PHE B 521 72.70 -67.62 6.96
N ARG B 522 71.54 -67.68 7.59
CA ARG B 522 70.79 -66.47 7.90
C ARG B 522 70.32 -66.42 9.34
N LEU B 523 70.45 -65.25 9.95
CA LEU B 523 69.83 -65.01 11.25
C LEU B 523 68.65 -64.06 11.06
N ASN B 524 67.44 -64.59 11.08
CA ASN B 524 66.28 -63.78 10.76
C ASN B 524 65.06 -64.21 11.56
N TRP B 525 63.92 -63.60 11.23
CA TRP B 525 62.67 -63.94 11.88
C TRP B 525 62.44 -65.45 11.91
N ALA B 526 62.78 -66.13 10.81
CA ALA B 526 62.53 -67.55 10.71
C ALA B 526 63.35 -68.30 11.75
N THR B 527 64.56 -67.83 12.01
CA THR B 527 65.38 -68.40 13.07
C THR B 527 64.65 -68.37 14.40
N TYR B 528 64.12 -67.22 14.77
CA TYR B 528 63.30 -67.11 15.96
C TYR B 528 62.11 -68.06 15.94
N LEU B 529 61.33 -68.05 14.86
CA LEU B 529 60.15 -68.90 14.80
C LEU B 529 60.45 -70.39 15.01
N ALA B 530 61.52 -70.87 14.38
CA ALA B 530 61.94 -72.25 14.56
C ALA B 530 62.46 -72.45 15.99
N SER B 531 63.43 -71.63 16.38
CA SER B 531 64.10 -71.82 17.66
C SER B 531 63.19 -71.70 18.89
N THR B 532 62.41 -70.63 18.96
CA THR B 532 61.62 -70.36 20.15
C THR B 532 60.19 -70.89 20.06
N GLU B 533 59.63 -70.96 18.86
CA GLU B 533 58.23 -71.32 18.74
C GLU B 533 57.98 -72.70 18.14
N ASN B 534 59.06 -73.38 17.78
CA ASN B 534 58.98 -74.67 17.12
C ASN B 534 58.03 -74.65 15.94
N ILE B 535 58.32 -73.74 15.01
CA ILE B 535 57.59 -73.71 13.75
C ILE B 535 58.60 -74.03 12.67
N ILE B 536 58.23 -74.93 11.77
CA ILE B 536 59.08 -75.16 10.60
C ILE B 536 58.83 -74.03 9.63
N VAL B 537 59.90 -73.33 9.26
CA VAL B 537 59.79 -72.28 8.25
C VAL B 537 60.36 -72.82 6.96
N ALA B 538 59.49 -73.02 5.99
CA ALA B 538 59.86 -73.69 4.74
C ALA B 538 59.75 -72.73 3.57
N SER B 539 60.66 -72.86 2.62
CA SER B 539 60.52 -72.17 1.35
C SER B 539 60.63 -73.15 0.21
N PHE B 540 60.01 -72.80 -0.91
CA PHE B 540 60.02 -73.69 -2.06
C PHE B 540 60.19 -72.93 -3.36
N ASP B 541 61.19 -73.31 -4.15
CA ASP B 541 61.41 -72.74 -5.48
C ASP B 541 60.69 -73.56 -6.52
N GLY B 542 59.57 -73.04 -7.03
CA GLY B 542 58.77 -73.74 -8.03
C GLY B 542 59.02 -73.26 -9.44
N ARG B 543 58.01 -73.41 -10.30
CA ARG B 543 58.13 -72.91 -11.66
C ARG B 543 58.27 -71.39 -11.66
N GLY B 544 59.16 -70.90 -12.52
CA GLY B 544 59.43 -69.48 -12.55
C GLY B 544 60.74 -69.14 -11.88
N SER B 545 61.25 -70.02 -11.03
CA SER B 545 62.49 -69.72 -10.30
C SER B 545 63.70 -69.83 -11.20
N GLY B 546 64.83 -69.31 -10.72
CA GLY B 546 66.00 -69.18 -11.57
C GLY B 546 67.06 -70.23 -11.39
N TYR B 547 68.13 -70.10 -12.16
CA TYR B 547 69.35 -70.87 -11.96
C TYR B 547 69.20 -72.32 -12.31
N GLN B 548 68.06 -72.67 -12.89
CA GLN B 548 67.77 -74.04 -13.33
C GLN B 548 67.39 -74.11 -14.81
N GLY B 549 67.78 -73.08 -15.57
CA GLY B 549 67.42 -73.02 -16.97
C GLY B 549 66.01 -72.56 -17.30
N ASP B 550 65.86 -72.18 -18.57
CA ASP B 550 64.66 -71.53 -19.05
C ASP B 550 63.38 -72.35 -18.98
N LYS B 551 63.47 -73.68 -19.06
CA LYS B 551 62.26 -74.51 -19.04
C LYS B 551 61.56 -74.32 -17.70
N ILE B 552 62.33 -74.11 -16.64
CA ILE B 552 61.72 -73.76 -15.36
C ILE B 552 61.47 -72.25 -15.28
N MET B 553 62.44 -71.44 -15.66
CA MET B 553 62.26 -70.00 -15.50
C MET B 553 61.12 -69.42 -16.34
N HIS B 554 61.15 -69.65 -17.65
CA HIS B 554 60.16 -69.08 -18.58
C HIS B 554 58.78 -69.73 -18.50
N ALA B 555 58.63 -70.70 -17.62
CA ALA B 555 57.36 -71.42 -17.53
C ALA B 555 56.16 -70.53 -17.18
N ILE B 556 56.43 -69.33 -16.66
CA ILE B 556 55.35 -68.43 -16.25
C ILE B 556 55.27 -67.22 -17.17
N ASN B 557 55.92 -67.30 -18.33
CA ASN B 557 55.96 -66.19 -19.26
C ASN B 557 54.54 -65.78 -19.62
N ARG B 558 54.30 -64.48 -19.69
CA ARG B 558 52.97 -63.96 -19.99
C ARG B 558 51.85 -64.51 -19.10
N ARG B 559 52.21 -65.29 -18.09
CA ARG B 559 51.23 -66.01 -17.32
C ARG B 559 51.51 -65.93 -15.82
N LEU B 560 51.86 -64.74 -15.35
CA LEU B 560 52.09 -64.50 -13.92
C LEU B 560 50.87 -64.77 -13.07
N GLY B 561 51.10 -65.22 -11.84
CA GLY B 561 49.99 -65.49 -10.96
C GLY B 561 49.31 -66.83 -11.22
N THR B 562 49.96 -67.69 -11.99
CA THR B 562 49.46 -69.06 -12.15
C THR B 562 50.42 -70.11 -11.60
N PHE B 563 51.19 -70.73 -12.48
CA PHE B 563 52.10 -71.83 -12.12
C PHE B 563 52.92 -71.62 -10.84
N GLU B 564 53.41 -70.41 -10.62
CA GLU B 564 54.18 -70.15 -9.41
C GLU B 564 53.33 -70.23 -8.15
N VAL B 565 52.05 -69.90 -8.24
CA VAL B 565 51.19 -70.00 -7.07
C VAL B 565 50.72 -71.42 -6.86
N GLU B 566 50.37 -72.11 -7.94
CA GLU B 566 49.90 -73.49 -7.84
C GLU B 566 51.02 -74.41 -7.32
N ASP B 567 52.26 -74.18 -7.76
CA ASP B 567 53.41 -74.95 -7.29
C ASP B 567 53.67 -74.69 -5.81
N GLN B 568 53.31 -73.51 -5.34
CA GLN B 568 53.51 -73.23 -3.93
C GLN B 568 52.54 -74.07 -3.10
N ILE B 569 51.25 -74.03 -3.47
CA ILE B 569 50.22 -74.86 -2.83
C ILE B 569 50.56 -76.34 -2.86
N GLU B 570 51.08 -76.80 -4.00
CA GLU B 570 51.53 -78.18 -4.19
C GLU B 570 52.60 -78.52 -3.17
N ALA B 571 53.63 -77.69 -3.10
CA ALA B 571 54.69 -77.89 -2.13
C ALA B 571 54.14 -78.07 -0.72
N ALA B 572 53.18 -77.25 -0.33
CA ALA B 572 52.55 -77.40 0.96
C ALA B 572 52.01 -78.82 1.13
N ARG B 573 51.21 -79.29 0.16
CA ARG B 573 50.69 -80.65 0.17
C ARG B 573 51.78 -81.68 0.40
N GLN B 574 52.87 -81.54 -0.36
CA GLN B 574 53.99 -82.45 -0.24
C GLN B 574 54.53 -82.47 1.16
N PHE B 575 54.57 -81.31 1.82
CA PHE B 575 55.09 -81.26 3.18
C PHE B 575 54.17 -82.01 4.18
N SER B 576 52.86 -81.93 3.99
CA SER B 576 51.92 -82.76 4.76
C SER B 576 52.29 -84.23 4.63
N LYS B 577 52.40 -84.69 3.39
CA LYS B 577 52.87 -86.04 3.07
C LYS B 577 54.06 -86.45 3.93
N MET B 578 55.02 -85.54 4.12
CA MET B 578 56.25 -85.88 4.84
C MET B 578 56.01 -86.38 6.26
N GLY B 579 54.82 -86.08 6.80
CA GLY B 579 54.36 -86.72 8.03
C GLY B 579 54.58 -85.95 9.31
N PHE B 580 55.67 -85.20 9.40
CA PHE B 580 55.96 -84.40 10.59
C PHE B 580 55.32 -82.99 10.60
N VAL B 581 54.27 -82.80 9.81
CA VAL B 581 53.62 -81.51 9.74
C VAL B 581 52.21 -81.62 10.27
N ASP B 582 51.81 -80.67 11.09
CA ASP B 582 50.42 -80.57 11.52
C ASP B 582 49.60 -80.10 10.34
N ASN B 583 48.83 -81.01 9.76
CA ASN B 583 47.82 -80.68 8.76
C ASN B 583 47.02 -79.40 9.01
N LYS B 584 46.47 -79.26 10.21
CA LYS B 584 45.53 -78.17 10.46
C LYS B 584 46.22 -76.87 10.88
N ARG B 585 47.53 -76.82 10.71
CA ARG B 585 48.28 -75.63 11.05
C ARG B 585 49.37 -75.31 10.01
N ILE B 586 48.95 -75.05 8.78
CA ILE B 586 49.86 -74.53 7.78
C ILE B 586 49.57 -73.05 7.48
N ALA B 587 50.62 -72.24 7.58
CA ALA B 587 50.54 -70.82 7.27
C ALA B 587 51.43 -70.41 6.10
N ILE B 588 51.20 -69.23 5.55
CA ILE B 588 52.00 -68.72 4.45
C ILE B 588 52.21 -67.22 4.57
N TRP B 589 53.41 -66.74 4.25
CA TRP B 589 53.67 -65.30 4.31
C TRP B 589 54.77 -64.93 3.32
N GLY B 590 54.74 -63.66 2.89
CA GLY B 590 55.71 -63.15 1.94
C GLY B 590 55.53 -61.66 1.72
N TRP B 591 56.52 -61.06 1.08
CA TRP B 591 56.62 -59.61 0.97
C TRP B 591 56.85 -59.29 -0.50
N SER B 592 56.30 -58.18 -0.99
CA SER B 592 56.27 -57.87 -2.44
C SER B 592 55.58 -58.94 -3.28
N TYR B 593 56.28 -59.40 -4.32
CA TYR B 593 55.80 -60.53 -5.10
C TYR B 593 55.35 -61.59 -4.12
N GLY B 594 56.12 -61.74 -3.05
CA GLY B 594 55.83 -62.73 -2.02
C GLY B 594 54.47 -62.50 -1.43
N GLY B 595 54.09 -61.24 -1.32
CA GLY B 595 52.80 -60.90 -0.73
C GLY B 595 51.69 -61.20 -1.70
N TYR B 596 51.98 -60.92 -2.97
CA TYR B 596 51.07 -61.26 -4.07
C TYR B 596 50.76 -62.74 -4.09
N VAL B 597 51.81 -63.56 -4.10
CA VAL B 597 51.63 -65.00 -4.12
C VAL B 597 50.88 -65.48 -2.89
N THR B 598 51.34 -65.10 -1.71
CA THR B 598 50.61 -65.38 -0.47
C THR B 598 49.13 -65.10 -0.64
N SER B 599 48.80 -63.90 -1.10
CA SER B 599 47.42 -63.49 -1.29
C SER B 599 46.68 -64.34 -2.32
N MET B 600 47.31 -64.56 -3.46
CA MET B 600 46.76 -65.44 -4.48
C MET B 600 46.50 -66.84 -3.92
N VAL B 601 47.46 -67.36 -3.17
CA VAL B 601 47.30 -68.66 -2.54
C VAL B 601 46.14 -68.65 -1.58
N LEU B 602 46.12 -67.71 -0.64
CA LEU B 602 45.02 -67.64 0.32
C LEU B 602 43.68 -67.49 -0.38
N GLY B 603 43.70 -66.87 -1.54
CA GLY B 603 42.49 -66.62 -2.31
C GLY B 603 41.99 -67.75 -3.19
N SER B 604 42.75 -68.83 -3.26
CA SER B 604 42.40 -69.89 -4.19
C SER B 604 41.44 -70.89 -3.59
N GLY B 605 41.16 -70.77 -2.30
CA GLY B 605 40.34 -71.77 -1.60
C GLY B 605 40.74 -73.22 -1.83
N SER B 606 42.01 -73.52 -1.59
CA SER B 606 42.51 -74.89 -1.65
C SER B 606 42.42 -75.53 -0.26
N GLY B 607 41.95 -74.74 0.71
CA GLY B 607 41.83 -75.19 2.08
C GLY B 607 43.09 -75.76 2.72
N VAL B 608 44.24 -75.63 2.08
CA VAL B 608 45.49 -76.14 2.65
C VAL B 608 46.03 -75.23 3.75
N PHE B 609 45.72 -73.94 3.68
CA PHE B 609 46.30 -72.98 4.61
C PHE B 609 45.27 -72.42 5.58
N LYS B 610 45.68 -72.26 6.83
CA LYS B 610 44.78 -71.75 7.86
C LYS B 610 44.80 -70.25 7.81
N CYS B 611 45.94 -69.71 7.38
CA CYS B 611 46.16 -68.27 7.48
C CYS B 611 47.45 -67.81 6.81
N GLY B 612 47.50 -66.51 6.52
CA GLY B 612 48.68 -65.90 5.94
C GLY B 612 48.85 -64.42 6.21
N ILE B 613 50.06 -63.93 5.96
CA ILE B 613 50.38 -62.52 6.03
C ILE B 613 50.95 -62.01 4.70
N ALA B 614 50.37 -60.93 4.19
CA ALA B 614 50.89 -60.27 3.00
C ALA B 614 51.46 -58.92 3.41
N VAL B 615 52.76 -58.73 3.19
CA VAL B 615 53.41 -57.43 3.42
C VAL B 615 53.68 -56.76 2.08
N ALA B 616 53.19 -55.52 1.94
CA ALA B 616 53.32 -54.75 0.70
C ALA B 616 53.12 -55.57 -0.59
N PRO B 617 51.98 -56.25 -0.71
CA PRO B 617 51.78 -57.15 -1.84
C PRO B 617 51.46 -56.39 -3.10
N VAL B 618 51.79 -56.95 -4.25
CA VAL B 618 51.21 -56.50 -5.51
C VAL B 618 49.81 -57.12 -5.55
N SER B 619 48.78 -56.37 -5.96
CA SER B 619 47.42 -56.91 -5.98
C SER B 619 46.85 -57.09 -7.39
N ARG B 620 47.19 -56.19 -8.31
CA ARG B 620 46.94 -56.40 -9.72
C ARG B 620 48.02 -55.74 -10.55
N TRP B 621 48.45 -56.42 -11.60
CA TRP B 621 49.63 -56.02 -12.34
C TRP B 621 49.60 -54.66 -13.01
N GLU B 622 48.41 -54.16 -13.34
CA GLU B 622 48.33 -52.84 -13.89
C GLU B 622 48.86 -51.75 -12.96
N TYR B 623 49.01 -52.07 -11.68
CA TYR B 623 49.53 -51.12 -10.70
C TYR B 623 51.04 -51.07 -10.59
N TYR B 624 51.72 -52.18 -10.86
CA TYR B 624 53.17 -52.19 -10.70
C TYR B 624 53.87 -51.48 -11.87
N ASP B 625 55.17 -51.22 -11.75
CA ASP B 625 55.89 -50.44 -12.76
C ASP B 625 56.01 -51.23 -14.02
N SER B 626 56.11 -50.50 -15.12
CA SER B 626 56.13 -51.06 -16.48
C SER B 626 57.30 -52.01 -16.75
N VAL B 627 58.53 -51.57 -16.49
CA VAL B 627 59.71 -52.33 -16.83
C VAL B 627 59.70 -53.76 -16.28
N TYR B 628 59.32 -53.92 -15.02
CA TYR B 628 59.22 -55.24 -14.41
C TYR B 628 58.01 -55.94 -14.99
N THR B 629 56.83 -55.36 -14.77
CA THR B 629 55.58 -56.03 -15.12
C THR B 629 55.51 -56.52 -16.54
N GLU B 630 55.91 -55.66 -17.48
CA GLU B 630 55.81 -56.00 -18.89
C GLU B 630 56.86 -56.99 -19.29
N ARG B 631 57.99 -57.00 -18.58
CA ARG B 631 59.02 -57.98 -18.87
C ARG B 631 58.43 -59.39 -18.84
N TYR B 632 57.40 -59.59 -18.03
CA TYR B 632 56.81 -60.90 -17.88
C TYR B 632 55.41 -60.98 -18.46
N MET B 633 54.67 -59.89 -18.46
CA MET B 633 53.29 -59.93 -18.90
C MET B 633 53.01 -59.33 -20.28
N GLY B 634 53.97 -58.59 -20.83
CA GLY B 634 53.71 -57.84 -22.04
C GLY B 634 52.81 -56.67 -21.68
N LEU B 635 52.06 -56.18 -22.65
CA LEU B 635 51.22 -54.99 -22.49
C LEU B 635 49.78 -55.34 -22.15
N PRO B 636 49.17 -54.56 -21.27
CA PRO B 636 47.77 -54.76 -20.89
C PRO B 636 46.81 -54.18 -21.91
N THR B 637 46.97 -54.54 -23.19
CA THR B 637 46.04 -54.15 -24.25
C THR B 637 45.33 -55.39 -24.79
N PRO B 638 44.17 -55.21 -25.41
CA PRO B 638 43.41 -56.33 -25.98
C PRO B 638 44.16 -57.09 -27.06
N GLU B 639 45.00 -56.41 -27.84
CA GLU B 639 45.82 -57.03 -28.87
C GLU B 639 46.94 -57.86 -28.28
N ASP B 640 47.22 -57.65 -27.01
CA ASP B 640 48.33 -58.32 -26.34
C ASP B 640 47.88 -59.23 -25.19
N ASN B 641 47.99 -58.77 -23.96
CA ASN B 641 47.72 -59.64 -22.83
C ASN B 641 46.75 -59.12 -21.77
N LEU B 642 45.90 -58.17 -22.17
CA LEU B 642 44.93 -57.58 -21.25
C LEU B 642 44.14 -58.64 -20.50
N ASP B 643 43.76 -59.70 -21.19
CA ASP B 643 42.93 -60.74 -20.58
C ASP B 643 43.60 -61.35 -19.39
N HIS B 644 44.87 -61.73 -19.52
CA HIS B 644 45.54 -62.29 -18.37
C HIS B 644 45.85 -61.27 -17.27
N TYR B 645 46.08 -60.02 -17.65
CA TYR B 645 46.16 -59.00 -16.62
C TYR B 645 44.90 -59.06 -15.73
N ARG B 646 43.74 -59.06 -16.35
CA ARG B 646 42.47 -59.05 -15.63
C ARG B 646 42.12 -60.37 -14.94
N ASN B 647 42.57 -61.48 -15.51
CA ASN B 647 42.31 -62.80 -14.94
C ASN B 647 43.23 -63.10 -13.76
N SER B 648 44.12 -62.19 -13.39
CA SER B 648 45.13 -62.51 -12.38
C SER B 648 45.26 -61.53 -11.19
N THR B 649 44.17 -60.85 -10.85
CA THR B 649 44.18 -59.93 -9.72
C THR B 649 43.91 -60.69 -8.43
N VAL B 650 44.30 -60.11 -7.30
CA VAL B 650 43.94 -60.69 -6.01
C VAL B 650 42.45 -60.45 -5.74
N MET B 651 41.96 -59.25 -6.04
CA MET B 651 40.60 -58.90 -5.66
C MET B 651 39.53 -59.82 -6.19
N SER B 652 39.72 -60.43 -7.36
CA SER B 652 38.71 -61.37 -7.88
C SER B 652 38.60 -62.62 -7.04
N ARG B 653 39.64 -62.90 -6.24
CA ARG B 653 39.62 -64.06 -5.37
C ARG B 653 39.08 -63.75 -3.98
N ALA B 654 38.59 -62.52 -3.78
CA ALA B 654 38.21 -62.03 -2.45
C ALA B 654 37.27 -62.98 -1.74
N GLU B 655 36.25 -63.46 -2.45
CA GLU B 655 35.27 -64.39 -1.89
C GLU B 655 35.91 -65.54 -1.10
N ASN B 656 37.01 -66.09 -1.57
CA ASN B 656 37.56 -67.29 -0.95
C ASN B 656 38.32 -67.02 0.32
N PHE B 657 38.49 -65.76 0.66
CA PHE B 657 39.20 -65.42 1.87
C PHE B 657 38.32 -65.75 3.06
N LYS B 658 37.06 -66.04 2.78
CA LYS B 658 36.12 -66.43 3.81
C LYS B 658 36.58 -67.66 4.58
N GLN B 659 37.56 -68.38 4.03
CA GLN B 659 38.03 -69.60 4.67
C GLN B 659 39.39 -69.49 5.32
N VAL B 660 39.95 -68.29 5.41
CA VAL B 660 41.26 -68.13 6.03
C VAL B 660 41.36 -66.87 6.87
N GLU B 661 42.25 -66.88 7.85
CA GLU B 661 42.59 -65.65 8.57
C GLU B 661 43.69 -64.91 7.83
N TYR B 662 43.48 -63.62 7.59
CA TYR B 662 44.37 -62.84 6.74
C TYR B 662 44.94 -61.60 7.44
N LEU B 663 46.21 -61.31 7.21
CA LEU B 663 46.81 -60.08 7.70
C LEU B 663 47.39 -59.28 6.53
N LEU B 664 46.89 -58.07 6.30
CA LEU B 664 47.40 -57.19 5.28
C LEU B 664 48.23 -56.07 5.92
N ILE B 665 49.48 -55.91 5.48
CA ILE B 665 50.36 -54.86 6.02
C ILE B 665 51.00 -54.08 4.88
N HIS B 666 51.05 -52.75 4.99
CA HIS B 666 51.60 -51.94 3.91
C HIS B 666 52.03 -50.56 4.39
N GLY B 667 53.21 -50.11 3.99
CA GLY B 667 53.66 -48.77 4.36
C GLY B 667 53.00 -47.72 3.51
N THR B 668 52.52 -46.64 4.10
CA THR B 668 51.76 -45.65 3.34
C THR B 668 52.61 -44.84 2.36
N ALA B 669 53.89 -44.67 2.66
CA ALA B 669 54.79 -43.93 1.77
C ALA B 669 55.60 -44.87 0.88
N ASP B 670 54.98 -45.99 0.49
CA ASP B 670 55.58 -46.96 -0.41
C ASP B 670 55.56 -46.45 -1.84
N ASP B 671 56.73 -46.04 -2.32
CA ASP B 671 56.87 -45.49 -3.65
C ASP B 671 56.98 -46.62 -4.67
N ASN B 672 57.32 -47.83 -4.20
CA ASN B 672 57.52 -48.95 -5.11
C ASN B 672 56.23 -49.72 -5.40
N VAL B 673 55.81 -50.54 -4.45
CA VAL B 673 54.50 -51.16 -4.52
C VAL B 673 53.57 -50.20 -3.81
N HIS B 674 52.83 -49.39 -4.57
CA HIS B 674 52.04 -48.35 -3.95
C HIS B 674 50.99 -48.87 -3.01
N PHE B 675 50.74 -48.10 -1.96
CA PHE B 675 49.74 -48.44 -0.95
C PHE B 675 48.45 -48.80 -1.63
N GLN B 676 48.14 -48.06 -2.68
CA GLN B 676 47.02 -48.37 -3.57
C GLN B 676 46.70 -49.86 -3.69
N GLN B 677 47.73 -50.67 -3.91
CA GLN B 677 47.53 -52.10 -4.07
C GLN B 677 46.82 -52.76 -2.89
N SER B 678 47.33 -52.54 -1.69
CA SER B 678 46.66 -53.05 -0.50
C SER B 678 45.29 -52.42 -0.30
N ALA B 679 45.20 -51.13 -0.60
CA ALA B 679 43.93 -50.43 -0.50
C ALA B 679 42.85 -51.05 -1.38
N GLN B 680 43.24 -51.52 -2.56
CA GLN B 680 42.32 -52.24 -3.44
C GLN B 680 41.90 -53.63 -2.91
N ILE B 681 42.79 -54.28 -2.17
CA ILE B 681 42.50 -55.57 -1.59
C ILE B 681 41.48 -55.43 -0.47
N SER B 682 41.78 -54.57 0.49
CA SER B 682 40.89 -54.31 1.61
C SER B 682 39.50 -54.02 1.08
N LYS B 683 39.39 -53.06 0.17
CA LYS B 683 38.12 -52.70 -0.42
C LYS B 683 37.40 -53.92 -0.94
N ALA B 684 38.09 -54.76 -1.69
CA ALA B 684 37.50 -55.97 -2.26
C ALA B 684 36.98 -56.89 -1.15
N LEU B 685 37.78 -57.09 -0.12
CA LEU B 685 37.35 -57.95 0.97
C LEU B 685 36.17 -57.36 1.75
N VAL B 686 36.14 -56.05 1.93
CA VAL B 686 35.06 -55.43 2.67
C VAL B 686 33.76 -55.69 1.93
N ASP B 687 33.84 -55.50 0.61
CA ASP B 687 32.68 -55.55 -0.29
C ASP B 687 32.04 -56.92 -0.35
N VAL B 688 32.82 -57.95 -0.10
CA VAL B 688 32.28 -59.29 -0.19
C VAL B 688 32.08 -59.83 1.23
N GLY B 689 32.33 -58.98 2.21
CA GLY B 689 32.02 -59.27 3.60
C GLY B 689 32.92 -60.29 4.25
N VAL B 690 34.24 -60.10 4.11
CA VAL B 690 35.24 -60.99 4.73
C VAL B 690 36.01 -60.28 5.83
N ASP B 691 36.05 -60.85 7.02
CA ASP B 691 36.83 -60.24 8.08
C ASP B 691 38.30 -60.50 7.84
N PHE B 692 39.17 -59.58 8.26
CA PHE B 692 40.62 -59.81 8.19
C PHE B 692 41.36 -58.89 9.17
N GLN B 693 42.68 -58.98 9.22
CA GLN B 693 43.48 -58.05 10.01
C GLN B 693 44.26 -57.13 9.10
N ALA B 694 44.53 -55.92 9.57
CA ALA B 694 45.25 -54.96 8.75
C ALA B 694 46.21 -54.08 9.57
N MET B 695 47.23 -53.57 8.89
CA MET B 695 48.18 -52.69 9.53
C MET B 695 48.82 -51.77 8.51
N TRP B 696 48.67 -50.47 8.68
CA TRP B 696 49.42 -49.54 7.84
C TRP B 696 50.65 -49.04 8.59
N TYR B 697 51.64 -48.55 7.87
CA TYR B 697 52.77 -47.95 8.52
C TYR B 697 52.99 -46.56 7.96
N THR B 698 52.63 -45.60 8.80
CA THR B 698 52.68 -44.19 8.49
C THR B 698 54.08 -43.80 8.02
N ASP B 699 54.18 -43.31 6.80
CA ASP B 699 55.44 -42.83 6.24
C ASP B 699 56.53 -43.87 6.00
N GLU B 700 56.25 -45.14 6.22
CA GLU B 700 57.23 -46.16 5.91
C GLU B 700 57.09 -46.47 4.44
N ASP B 701 58.19 -46.86 3.79
CA ASP B 701 58.12 -47.23 2.38
C ASP B 701 58.13 -48.74 2.18
N HIS B 702 58.74 -49.20 1.08
CA HIS B 702 58.69 -50.61 0.78
C HIS B 702 59.51 -51.44 1.73
N GLY B 703 60.50 -50.83 2.37
CA GLY B 703 61.39 -51.57 3.24
C GLY B 703 60.79 -51.87 4.61
N ILE B 704 59.81 -51.07 5.02
CA ILE B 704 59.35 -50.98 6.42
C ILE B 704 60.57 -51.17 7.31
N ALA B 705 61.60 -50.41 6.99
CA ALA B 705 62.96 -50.75 7.39
C ALA B 705 63.48 -49.82 8.47
N SER B 706 62.72 -48.79 8.80
CA SER B 706 63.14 -47.84 9.81
C SER B 706 63.18 -48.64 11.10
N SER B 707 64.02 -48.20 12.02
CA SER B 707 64.30 -49.00 13.19
C SER B 707 63.03 -49.45 13.92
N THR B 708 62.21 -48.50 14.35
CA THR B 708 61.06 -48.81 15.21
C THR B 708 59.92 -49.46 14.45
N ALA B 709 59.80 -49.15 13.17
CA ALA B 709 58.79 -49.80 12.33
C ALA B 709 59.13 -51.26 12.14
N HIS B 710 60.42 -51.52 11.95
CA HIS B 710 60.93 -52.86 11.73
C HIS B 710 60.64 -53.77 12.92
N GLN B 711 60.90 -53.26 14.12
CA GLN B 711 60.58 -54.00 15.33
C GLN B 711 59.08 -54.19 15.48
N HIS B 712 58.33 -53.13 15.19
CA HIS B 712 56.89 -53.17 15.39
C HIS B 712 56.19 -54.19 14.51
N ILE B 713 56.58 -54.26 13.24
CA ILE B 713 55.91 -55.16 12.32
C ILE B 713 56.17 -56.62 12.66
N TYR B 714 57.43 -57.02 12.76
CA TYR B 714 57.75 -58.38 13.17
C TYR B 714 57.09 -58.76 14.49
N THR B 715 56.90 -57.79 15.38
CA THR B 715 56.22 -58.08 16.62
C THR B 715 54.78 -58.39 16.31
N HIS B 716 54.14 -57.49 15.59
CA HIS B 716 52.75 -57.68 15.21
C HIS B 716 52.53 -58.98 14.43
N MET B 717 53.45 -59.30 13.53
CA MET B 717 53.34 -60.55 12.77
C MET B 717 53.46 -61.77 13.67
N SER B 718 54.48 -61.77 14.54
CA SER B 718 54.64 -62.83 15.54
C SER B 718 53.38 -63.15 16.34
N HIS B 719 52.75 -62.15 16.94
CA HIS B 719 51.47 -62.38 17.62
C HIS B 719 50.47 -63.04 16.70
N PHE B 720 50.32 -62.50 15.50
CA PHE B 720 49.39 -63.10 14.54
C PHE B 720 49.63 -64.58 14.34
N ILE B 721 50.88 -64.95 14.07
CA ILE B 721 51.22 -66.33 13.78
C ILE B 721 50.99 -67.23 14.98
N LYS B 722 51.42 -66.77 16.15
CA LYS B 722 51.21 -67.50 17.39
C LYS B 722 49.74 -67.79 17.66
N GLN B 723 48.90 -66.76 17.57
CA GLN B 723 47.46 -66.96 17.77
C GLN B 723 46.86 -67.85 16.68
N CYS B 724 47.42 -67.79 15.48
CA CYS B 724 46.89 -68.59 14.41
C CYS B 724 47.22 -70.05 14.66
N PHE B 725 48.36 -70.29 15.31
CA PHE B 725 48.79 -71.64 15.59
C PHE B 725 48.41 -72.13 16.98
N SER B 726 47.74 -71.27 17.76
CA SER B 726 47.42 -71.55 19.17
C SER B 726 48.65 -71.73 20.06
N LEU B 727 49.68 -70.93 19.83
CA LEU B 727 50.90 -70.93 20.62
C LEU B 727 50.95 -69.86 21.73
N PRO B 728 51.46 -70.24 22.90
CA PRO B 728 51.69 -69.30 23.99
C PRO B 728 52.94 -68.46 23.71
N SER C 1 -24.35 78.39 -24.51
CA SER C 1 -24.50 76.99 -24.00
C SER C 1 -23.50 76.63 -22.87
N ARG C 2 -24.10 76.38 -21.71
CA ARG C 2 -23.40 76.02 -20.47
C ARG C 2 -23.65 74.52 -20.19
N LYS C 3 -23.72 74.14 -18.91
CA LYS C 3 -24.06 72.75 -18.55
C LYS C 3 -25.56 72.48 -18.70
N THR C 4 -25.95 71.21 -18.74
CA THR C 4 -27.36 70.86 -18.84
C THR C 4 -27.87 70.34 -17.50
N TYR C 5 -29.17 70.11 -17.44
CA TYR C 5 -29.80 69.49 -16.28
C TYR C 5 -29.58 67.98 -16.42
N THR C 6 -28.71 67.44 -15.58
CA THR C 6 -28.24 66.07 -15.71
C THR C 6 -29.04 65.12 -14.84
N LEU C 7 -28.89 63.83 -15.10
CA LEU C 7 -29.55 62.82 -14.27
C LEU C 7 -29.13 62.97 -12.81
N THR C 8 -27.85 63.29 -12.59
CA THR C 8 -27.36 63.51 -11.23
C THR C 8 -27.97 64.74 -10.57
N ASP C 9 -28.24 65.77 -11.36
CA ASP C 9 -28.85 66.99 -10.83
C ASP C 9 -30.20 66.70 -10.22
N TYR C 10 -30.96 65.86 -10.91
CA TYR C 10 -32.26 65.41 -10.46
C TYR C 10 -32.10 64.50 -9.24
N LEU C 11 -31.26 63.47 -9.38
CA LEU C 11 -31.16 62.46 -8.33
C LEU C 11 -30.54 62.99 -7.06
N LYS C 12 -29.50 63.81 -7.20
CA LYS C 12 -28.82 64.35 -6.03
C LYS C 12 -29.49 65.60 -5.48
N ASN C 13 -30.44 66.14 -6.26
CA ASN C 13 -31.26 67.26 -5.82
C ASN C 13 -30.45 68.57 -5.74
N THR C 14 -29.57 68.79 -6.70
CA THR C 14 -28.73 69.98 -6.65
C THR C 14 -29.53 71.28 -6.81
N TYR C 15 -30.57 71.29 -7.64
CA TYR C 15 -31.38 72.49 -7.78
C TYR C 15 -32.70 72.40 -7.01
N ARG C 16 -32.78 73.13 -5.90
CA ARG C 16 -33.86 72.98 -4.92
C ARG C 16 -34.88 74.13 -4.97
N LEU C 17 -36.18 73.80 -5.02
CA LEU C 17 -37.24 74.80 -4.89
C LEU C 17 -37.47 75.16 -3.43
N LYS C 18 -37.46 76.45 -3.11
CA LYS C 18 -37.85 76.88 -1.75
C LYS C 18 -39.38 76.93 -1.63
N LEU C 19 -39.89 76.63 -0.45
CA LEU C 19 -41.32 76.70 -0.17
C LEU C 19 -41.56 77.79 0.88
N TYR C 20 -42.82 77.98 1.24
CA TYR C 20 -43.11 78.84 2.37
C TYR C 20 -44.27 78.24 3.15
N SER C 21 -44.01 77.10 3.78
CA SER C 21 -45.03 76.42 4.56
C SER C 21 -45.31 77.18 5.86
N LEU C 22 -46.49 77.77 5.94
CA LEU C 22 -46.89 78.45 7.16
C LEU C 22 -48.12 77.78 7.73
N ARG C 23 -48.22 77.75 9.06
CA ARG C 23 -49.40 77.21 9.70
C ARG C 23 -50.03 78.38 10.46
N TRP C 24 -51.20 78.82 10.01
CA TRP C 24 -51.92 79.90 10.70
C TRP C 24 -52.25 79.51 12.14
N ILE C 25 -52.21 80.45 13.07
CA ILE C 25 -52.65 80.18 14.44
C ILE C 25 -53.81 81.06 14.90
N SER C 26 -53.93 82.25 14.35
CA SER C 26 -55.08 83.09 14.66
C SER C 26 -55.58 83.70 13.37
N ASP C 27 -56.29 84.81 13.51
CA ASP C 27 -56.69 85.57 12.34
C ASP C 27 -55.56 86.54 11.95
N HIS C 28 -54.54 86.65 12.79
CA HIS C 28 -53.57 87.74 12.67
C HIS C 28 -52.15 87.23 12.62
N GLU C 29 -51.93 86.00 13.09
CA GLU C 29 -50.57 85.47 13.19
C GLU C 29 -50.40 84.11 12.53
N TYR C 30 -49.17 83.74 12.21
CA TYR C 30 -48.90 82.40 11.69
C TYR C 30 -47.51 81.94 12.09
N LEU C 31 -47.25 80.64 11.95
CA LEU C 31 -45.95 80.09 12.33
C LEU C 31 -45.16 79.67 11.10
N TYR C 32 -43.85 79.64 11.25
CA TYR C 32 -42.95 79.35 10.15
C TYR C 32 -41.56 78.97 10.67
N LYS C 33 -40.94 77.95 10.10
CA LYS C 33 -39.58 77.57 10.52
C LYS C 33 -38.53 78.16 9.58
N GLN C 34 -37.61 78.95 10.13
CA GLN C 34 -36.52 79.51 9.31
C GLN C 34 -35.19 78.73 9.40
N GLU C 35 -34.51 78.77 10.56
CA GLU C 35 -33.29 77.97 10.76
C GLU C 35 -33.49 76.92 11.85
N ASN C 36 -34.58 76.16 11.71
CA ASN C 36 -35.07 75.29 12.76
C ASN C 36 -35.58 76.04 13.99
N ASN C 37 -35.86 77.33 13.83
CA ASN C 37 -36.50 78.11 14.88
C ASN C 37 -37.90 78.42 14.40
N ILE C 38 -38.89 77.87 15.07
CA ILE C 38 -40.24 78.24 14.71
C ILE C 38 -40.45 79.70 15.15
N LEU C 39 -40.89 80.52 14.19
CA LEU C 39 -41.14 81.93 14.45
C LEU C 39 -42.60 82.23 14.24
N VAL C 40 -43.12 83.16 15.03
CA VAL C 40 -44.48 83.67 14.83
C VAL C 40 -44.40 84.98 14.04
N PHE C 41 -45.16 85.08 12.96
CA PHE C 41 -45.16 86.30 12.16
C PHE C 41 -46.45 87.07 12.35
N ASN C 42 -46.37 88.40 12.22
CA ASN C 42 -47.55 89.24 12.28
C ASN C 42 -48.04 89.54 10.87
N ALA C 43 -49.14 88.90 10.47
CA ALA C 43 -49.67 89.00 9.11
C ALA C 43 -49.67 90.43 8.59
N GLU C 44 -50.08 91.34 9.46
CA GLU C 44 -50.25 92.74 9.09
C GLU C 44 -48.90 93.42 8.78
N TYR C 45 -48.04 93.52 9.78
CA TYR C 45 -46.84 94.34 9.63
C TYR C 45 -45.61 93.54 9.20
N GLY C 46 -45.60 92.24 9.43
CA GLY C 46 -44.53 91.40 8.91
C GLY C 46 -43.41 91.11 9.88
N ASN C 47 -43.38 91.82 11.02
CA ASN C 47 -42.38 91.58 12.05
C ASN C 47 -42.55 90.21 12.66
N SER C 48 -41.52 89.71 13.33
CA SER C 48 -41.62 88.37 13.89
C SER C 48 -40.81 88.17 15.17
N SER C 49 -41.45 87.63 16.20
CA SER C 49 -40.74 87.16 17.39
C SER C 49 -40.32 85.70 17.16
N VAL C 50 -39.29 85.26 17.89
CA VAL C 50 -38.95 83.84 17.93
C VAL C 50 -39.92 83.16 18.89
N PHE C 51 -40.57 82.10 18.43
CA PHE C 51 -41.55 81.40 19.25
C PHE C 51 -40.89 80.26 20.03
N LEU C 52 -39.85 79.69 19.43
CA LEU C 52 -39.18 78.55 20.02
C LEU C 52 -37.92 78.31 19.22
N GLU C 53 -36.85 77.90 19.89
CA GLU C 53 -35.53 77.83 19.25
C GLU C 53 -35.00 76.41 19.04
N ASN C 54 -34.23 76.24 17.97
CA ASN C 54 -33.55 74.97 17.71
C ASN C 54 -32.78 74.51 18.95
N SER C 55 -32.54 75.47 19.86
CA SER C 55 -31.89 75.22 21.14
C SER C 55 -32.75 74.42 22.11
N THR C 56 -33.98 74.88 22.32
CA THR C 56 -34.87 74.33 23.35
C THR C 56 -34.73 72.82 23.54
N PHE C 57 -34.60 72.08 22.44
CA PHE C 57 -34.50 70.62 22.52
C PHE C 57 -33.17 70.04 22.03
N ASP C 58 -32.07 70.71 22.37
CA ASP C 58 -30.75 70.21 22.03
C ASP C 58 -30.52 68.88 22.75
N GLU C 59 -30.92 68.84 24.01
CA GLU C 59 -30.75 67.65 24.83
C GLU C 59 -32.11 67.05 25.16
N PHE C 60 -32.90 66.81 24.12
CA PHE C 60 -34.11 66.04 24.29
C PHE C 60 -33.72 64.56 24.39
N GLY C 61 -32.63 64.20 23.73
CA GLY C 61 -32.13 62.84 23.77
C GLY C 61 -32.65 62.02 22.60
N HIS C 62 -33.74 62.49 22.01
CA HIS C 62 -34.35 61.83 20.85
C HIS C 62 -34.37 62.74 19.62
N SER C 63 -34.26 62.13 18.44
CA SER C 63 -34.38 62.85 17.19
C SER C 63 -35.86 63.22 16.98
N ILE C 64 -36.16 64.49 16.75
CA ILE C 64 -37.57 64.93 16.68
C ILE C 64 -38.15 65.03 15.28
N ASN C 65 -39.10 64.15 14.97
CA ASN C 65 -39.67 64.05 13.63
C ASN C 65 -40.61 65.21 13.28
N ASP C 66 -41.47 65.61 14.21
CA ASP C 66 -42.42 66.69 13.96
C ASP C 66 -42.94 67.29 15.27
N TYR C 67 -43.51 68.49 15.18
CA TYR C 67 -44.12 69.16 16.32
C TYR C 67 -45.57 69.45 15.99
N SER C 68 -46.33 69.89 16.99
CA SER C 68 -47.73 70.25 16.80
C SER C 68 -48.21 71.00 18.03
N ILE C 69 -48.53 72.27 17.85
CA ILE C 69 -48.82 73.14 18.97
C ILE C 69 -50.29 73.18 19.30
N SER C 70 -50.63 72.99 20.57
CA SER C 70 -52.03 73.13 21.00
C SER C 70 -52.58 74.46 20.49
N PRO C 71 -53.84 74.45 20.06
CA PRO C 71 -54.50 75.65 19.55
C PRO C 71 -54.42 76.85 20.47
N ASP C 72 -54.41 76.62 21.79
CA ASP C 72 -54.30 77.72 22.73
C ASP C 72 -52.85 78.06 23.12
N GLY C 73 -51.89 77.70 22.28
CA GLY C 73 -50.50 78.13 22.44
C GLY C 73 -49.75 77.65 23.68
N GLN C 74 -50.45 77.06 24.63
CA GLN C 74 -49.86 76.69 25.91
C GLN C 74 -48.92 75.49 25.90
N PHE C 75 -49.17 74.54 25.01
CA PHE C 75 -48.41 73.29 24.98
C PHE C 75 -47.93 73.01 23.58
N ILE C 76 -46.96 72.11 23.47
CA ILE C 76 -46.42 71.74 22.18
C ILE C 76 -46.17 70.24 22.16
N LEU C 77 -46.72 69.58 21.16
CA LEU C 77 -46.68 68.12 21.08
C LEU C 77 -45.48 67.68 20.22
N LEU C 78 -44.73 66.71 20.72
CA LEU C 78 -43.49 66.28 20.08
C LEU C 78 -43.55 64.85 19.58
N GLU C 79 -43.29 64.69 18.29
CA GLU C 79 -43.44 63.41 17.61
C GLU C 79 -42.08 62.82 17.25
N TYR C 80 -41.81 61.62 17.76
CA TYR C 80 -40.53 60.96 17.51
C TYR C 80 -40.70 59.45 17.42
N ASN C 81 -39.66 58.78 16.93
CA ASN C 81 -39.69 57.35 16.66
C ASN C 81 -40.68 57.01 15.54
N TYR C 82 -40.80 57.94 14.61
CA TYR C 82 -41.68 57.79 13.46
C TYR C 82 -41.42 56.47 12.74
N VAL C 83 -42.45 55.64 12.63
CA VAL C 83 -42.35 54.43 11.83
C VAL C 83 -43.51 54.40 10.84
N LYS C 84 -43.18 54.58 9.55
CA LYS C 84 -44.19 54.66 8.50
C LYS C 84 -44.99 53.36 8.33
N GLN C 85 -46.29 53.49 8.10
CA GLN C 85 -47.07 52.34 7.63
C GLN C 85 -47.46 52.52 6.17
N TRP C 86 -48.74 52.77 5.88
CA TRP C 86 -49.14 52.98 4.48
C TRP C 86 -48.92 54.42 4.07
N ARG C 87 -49.69 54.87 3.08
CA ARG C 87 -49.48 56.21 2.53
C ARG C 87 -49.57 57.33 3.57
N HIS C 88 -50.53 57.24 4.50
CA HIS C 88 -50.68 58.28 5.50
C HIS C 88 -50.43 57.79 6.93
N SER C 89 -50.69 56.51 7.18
CA SER C 89 -50.56 55.96 8.52
C SER C 89 -49.11 55.78 8.94
N TYR C 90 -48.88 55.89 10.24
CA TYR C 90 -47.60 55.54 10.85
C TYR C 90 -47.83 55.45 12.36
N THR C 91 -46.83 54.98 13.10
CA THR C 91 -46.83 55.10 14.56
C THR C 91 -45.62 55.89 15.05
N ALA C 92 -45.78 56.49 16.22
CA ALA C 92 -44.75 57.32 16.81
C ALA C 92 -44.83 57.28 18.32
N SER C 93 -43.87 57.93 18.98
CA SER C 93 -43.94 58.17 20.41
C SER C 93 -44.06 59.68 20.58
N TYR C 94 -44.63 60.11 21.70
CA TYR C 94 -44.99 61.51 21.83
C TYR C 94 -44.63 62.05 23.20
N ASP C 95 -44.33 63.33 23.26
CA ASP C 95 -44.12 64.01 24.52
C ASP C 95 -44.72 65.40 24.43
N ILE C 96 -45.35 65.83 25.53
CA ILE C 96 -45.97 67.15 25.57
C ILE C 96 -45.11 68.11 26.38
N TYR C 97 -44.82 69.27 25.81
CA TYR C 97 -43.99 70.27 26.46
C TYR C 97 -44.84 71.48 26.85
N ASP C 98 -44.84 71.80 28.15
CA ASP C 98 -45.56 72.96 28.70
C ASP C 98 -44.77 74.22 28.38
N LEU C 99 -45.39 75.19 27.74
CA LEU C 99 -44.68 76.39 27.34
C LEU C 99 -44.61 77.46 28.43
N ASN C 100 -45.64 77.53 29.25
CA ASN C 100 -45.61 78.39 30.44
C ASN C 100 -44.48 77.93 31.36
N LYS C 101 -44.57 76.68 31.80
CA LYS C 101 -43.62 76.13 32.78
C LYS C 101 -42.30 75.61 32.18
N ARG C 102 -42.05 75.92 30.91
CA ARG C 102 -40.82 75.50 30.21
C ARG C 102 -40.35 74.07 30.55
N GLN C 103 -41.28 73.11 30.56
CA GLN C 103 -40.96 71.75 30.99
C GLN C 103 -41.70 70.67 30.20
N LEU C 104 -41.16 69.47 30.22
CA LEU C 104 -41.81 68.31 29.62
C LEU C 104 -42.75 67.71 30.66
N ILE C 105 -43.87 67.15 30.21
CA ILE C 105 -44.84 66.53 31.12
C ILE C 105 -44.40 65.10 31.38
N THR C 106 -44.03 64.81 32.63
CA THR C 106 -43.33 63.55 32.94
C THR C 106 -44.20 62.35 33.28
N GLU C 107 -45.41 62.60 33.74
CA GLU C 107 -46.27 61.50 34.19
C GLU C 107 -47.59 61.46 33.42
N GLU C 108 -48.22 60.29 33.41
CA GLU C 108 -49.41 60.04 32.61
C GLU C 108 -49.17 60.44 31.14
N ARG C 109 -48.13 59.88 30.53
CA ARG C 109 -47.75 60.22 29.16
C ARG C 109 -48.51 59.43 28.12
N ILE C 110 -48.28 59.78 26.86
CA ILE C 110 -48.86 59.10 25.72
C ILE C 110 -48.04 57.87 25.39
N PRO C 111 -48.68 56.71 25.26
CA PRO C 111 -47.98 55.43 25.09
C PRO C 111 -47.03 55.41 23.89
N ASN C 112 -45.98 54.61 23.97
CA ASN C 112 -45.19 54.34 22.77
C ASN C 112 -46.11 53.62 21.80
N ASN C 113 -45.91 53.82 20.50
CA ASN C 113 -46.68 53.11 19.48
C ASN C 113 -48.09 53.65 19.28
N THR C 114 -48.24 54.95 19.48
CA THR C 114 -49.54 55.59 19.30
C THR C 114 -49.77 55.76 17.82
N GLN C 115 -50.99 55.49 17.38
CA GLN C 115 -51.29 55.40 15.96
C GLN C 115 -51.77 56.73 15.38
N TRP C 116 -52.49 57.49 16.21
CA TRP C 116 -52.91 58.84 15.86
C TRP C 116 -53.08 59.74 17.08
N VAL C 117 -52.66 61.00 16.96
CA VAL C 117 -52.88 61.97 18.02
C VAL C 117 -53.45 63.21 17.38
N THR C 118 -54.38 63.86 18.07
CA THR C 118 -54.81 65.18 17.65
C THR C 118 -55.31 66.05 18.82
N TRP C 119 -55.02 67.34 18.74
CA TRP C 119 -55.59 68.29 19.70
C TRP C 119 -57.05 68.51 19.39
N SER C 120 -57.79 69.01 20.38
CA SER C 120 -59.08 69.63 20.11
C SER C 120 -58.81 70.94 19.36
N PRO C 121 -59.78 71.41 18.58
CA PRO C 121 -59.57 72.58 17.73
C PRO C 121 -59.44 73.89 18.50
N VAL C 122 -59.81 73.88 19.78
CA VAL C 122 -59.55 75.00 20.68
C VAL C 122 -59.15 74.44 22.04
N GLY C 123 -58.41 75.21 22.83
CA GLY C 123 -57.95 74.72 24.12
C GLY C 123 -56.82 73.72 23.93
N HIS C 124 -56.74 72.74 24.82
CA HIS C 124 -55.66 71.75 24.77
C HIS C 124 -56.09 70.35 25.17
N LYS C 125 -57.34 70.02 24.90
CA LYS C 125 -57.78 68.63 24.98
C LYS C 125 -56.99 67.78 23.98
N LEU C 126 -56.80 66.49 24.32
CA LEU C 126 -56.11 65.55 23.46
C LEU C 126 -56.90 64.27 23.22
N ALA C 127 -56.83 63.77 21.98
CA ALA C 127 -57.38 62.45 21.67
C ALA C 127 -56.33 61.65 20.91
N TYR C 128 -56.13 60.41 21.32
CA TYR C 128 -55.16 59.57 20.62
C TYR C 128 -55.64 58.13 20.46
N VAL C 129 -55.03 57.41 19.53
CA VAL C 129 -55.39 56.02 19.30
C VAL C 129 -54.19 55.12 19.60
N TRP C 130 -54.44 54.06 20.36
CA TRP C 130 -53.41 53.11 20.77
C TRP C 130 -54.02 51.71 20.82
N ASN C 131 -53.37 50.75 20.17
CA ASN C 131 -53.95 49.43 19.92
C ASN C 131 -55.42 49.50 19.56
N ASN C 132 -55.72 50.39 18.64
CA ASN C 132 -57.01 50.41 17.97
C ASN C 132 -58.17 50.90 18.84
N ASP C 133 -57.82 51.58 19.93
CA ASP C 133 -58.83 52.16 20.80
C ASP C 133 -58.56 53.63 21.02
N ILE C 134 -59.61 54.36 21.34
CA ILE C 134 -59.50 55.81 21.49
C ILE C 134 -59.38 56.21 22.95
N TYR C 135 -58.48 57.14 23.22
CA TYR C 135 -58.31 57.69 24.55
C TYR C 135 -58.39 59.21 24.47
N VAL C 136 -58.91 59.81 25.54
CA VAL C 136 -58.98 61.26 25.63
C VAL C 136 -58.28 61.80 26.88
N LYS C 137 -57.48 62.86 26.71
CA LYS C 137 -56.84 63.58 27.82
C LYS C 137 -57.34 65.01 27.91
N ILE C 138 -58.01 65.33 29.01
CA ILE C 138 -58.52 66.70 29.19
C ILE C 138 -57.41 67.69 29.45
N GLU C 139 -56.47 67.29 30.31
CA GLU C 139 -55.25 68.06 30.53
C GLU C 139 -54.09 67.16 30.19
N PRO C 140 -53.04 67.74 29.62
CA PRO C 140 -51.87 66.99 29.17
C PRO C 140 -51.24 66.12 30.26
N ASN C 141 -51.24 66.62 31.50
CA ASN C 141 -50.64 65.88 32.62
C ASN C 141 -51.60 64.92 33.35
N LEU C 142 -52.89 64.97 33.02
CA LEU C 142 -53.89 64.16 33.71
C LEU C 142 -54.04 62.76 33.10
N PRO C 143 -54.57 61.81 33.86
CA PRO C 143 -54.86 60.46 33.32
C PRO C 143 -55.85 60.45 32.15
N SER C 144 -55.58 59.66 31.11
CA SER C 144 -56.50 59.62 29.96
C SER C 144 -57.68 58.69 30.14
N TYR C 145 -58.83 59.07 29.58
CA TYR C 145 -60.04 58.27 29.68
C TYR C 145 -60.12 57.31 28.49
N ARG C 146 -60.51 56.07 28.74
CA ARG C 146 -60.63 55.13 27.64
C ARG C 146 -62.03 55.19 27.02
N ILE C 147 -62.10 55.39 25.70
CA ILE C 147 -63.40 55.50 25.04
C ILE C 147 -63.93 54.17 24.47
N THR C 148 -63.09 53.44 23.75
CA THR C 148 -63.52 52.17 23.16
C THR C 148 -62.70 51.03 23.74
N TRP C 149 -63.29 49.84 23.81
CA TRP C 149 -62.57 48.69 24.37
C TRP C 149 -62.53 47.54 23.37
N THR C 150 -63.06 47.78 22.18
CA THR C 150 -63.26 46.69 21.23
C THR C 150 -62.11 46.53 20.25
N GLY C 151 -61.22 47.52 20.24
CA GLY C 151 -60.10 47.57 19.32
C GLY C 151 -59.31 46.28 19.29
N LYS C 152 -59.01 45.80 18.08
CA LYS C 152 -58.32 44.53 17.93
C LYS C 152 -57.54 44.53 16.61
N GLU C 153 -56.23 44.33 16.72
CA GLU C 153 -55.31 44.42 15.59
C GLU C 153 -55.80 43.68 14.36
N ASP C 154 -55.95 44.41 13.26
CA ASP C 154 -56.45 43.89 11.97
C ASP C 154 -57.87 43.38 11.95
N ILE C 155 -58.65 43.72 12.97
CA ILE C 155 -60.06 43.33 13.02
C ILE C 155 -60.96 44.52 13.33
N ILE C 156 -60.80 45.08 14.51
CA ILE C 156 -61.62 46.23 14.90
C ILE C 156 -60.75 47.47 14.99
N TYR C 157 -61.15 48.51 14.27
CA TYR C 157 -60.40 49.76 14.27
C TYR C 157 -61.28 50.86 14.85
N ASN C 158 -60.88 51.42 15.98
CA ASN C 158 -61.60 52.56 16.52
C ASN C 158 -60.80 53.83 16.37
N GLY C 159 -61.34 54.81 15.65
CA GLY C 159 -60.69 56.11 15.52
C GLY C 159 -59.61 56.19 14.45
N ILE C 160 -59.34 55.08 13.78
CA ILE C 160 -58.39 55.06 12.66
C ILE C 160 -58.99 54.22 11.53
N THR C 161 -58.51 54.41 10.30
CA THR C 161 -59.06 53.67 9.17
C THR C 161 -58.30 52.39 8.94
N ASP C 162 -58.96 51.42 8.31
CA ASP C 162 -58.24 50.24 7.83
C ASP C 162 -57.50 50.59 6.53
N TRP C 163 -57.04 49.57 5.81
CA TRP C 163 -56.22 49.87 4.64
C TRP C 163 -56.98 50.68 3.59
N VAL C 164 -58.13 50.14 3.17
CA VAL C 164 -58.86 50.69 2.05
C VAL C 164 -59.53 52.00 2.40
N TYR C 165 -59.92 52.18 3.65
CA TYR C 165 -60.47 53.46 4.05
C TYR C 165 -59.41 54.55 4.09
N GLU C 166 -58.19 54.19 4.49
CA GLU C 166 -57.10 55.16 4.51
C GLU C 166 -56.73 55.62 3.12
N GLU C 167 -56.63 54.65 2.21
CA GLU C 167 -56.14 54.92 0.88
C GLU C 167 -57.17 55.46 -0.11
N GLU C 168 -58.40 54.94 -0.04
CA GLU C 168 -59.38 55.23 -1.07
C GLU C 168 -60.56 56.12 -0.66
N VAL C 169 -60.82 56.25 0.64
CA VAL C 169 -61.91 57.15 1.02
C VAL C 169 -61.51 58.38 1.82
N PHE C 170 -60.83 58.24 2.95
CA PHE C 170 -60.42 59.44 3.70
C PHE C 170 -59.06 60.04 3.39
N SER C 171 -58.23 59.36 2.58
CA SER C 171 -56.88 59.86 2.30
C SER C 171 -56.22 60.30 3.59
N ALA C 172 -56.58 59.63 4.68
CA ALA C 172 -56.06 59.93 5.99
C ALA C 172 -56.09 58.66 6.83
N TYR C 173 -55.26 58.60 7.87
CA TYR C 173 -55.27 57.48 8.79
C TYR C 173 -56.34 57.75 9.83
N SER C 174 -56.34 59.01 10.25
CA SER C 174 -57.23 59.52 11.28
C SER C 174 -58.69 59.28 10.94
N ALA C 175 -59.45 58.75 11.90
CA ALA C 175 -60.88 58.60 11.71
C ALA C 175 -61.64 59.09 12.93
N LEU C 176 -61.24 60.26 13.43
CA LEU C 176 -62.00 60.93 14.50
C LEU C 176 -62.09 62.44 14.28
N TRP C 177 -63.22 63.03 14.64
CA TRP C 177 -63.50 64.43 14.31
C TRP C 177 -64.04 65.19 15.51
N TRP C 178 -63.29 66.18 15.98
CA TRP C 178 -63.77 67.03 17.08
C TRP C 178 -64.87 67.97 16.62
N SER C 179 -65.82 68.30 17.49
CA SER C 179 -66.76 69.37 17.20
C SER C 179 -66.01 70.70 17.34
N PRO C 180 -66.48 71.75 16.68
CA PRO C 180 -65.72 73.02 16.61
C PRO C 180 -65.10 73.51 17.92
N ASN C 181 -65.85 73.49 19.02
CA ASN C 181 -65.31 73.97 20.29
C ASN C 181 -64.79 72.87 21.23
N GLY C 182 -64.78 71.63 20.75
CA GLY C 182 -64.14 70.54 21.48
C GLY C 182 -65.03 69.80 22.44
N THR C 183 -66.32 70.14 22.45
CA THR C 183 -67.25 69.46 23.34
C THR C 183 -67.32 67.99 22.98
N PHE C 184 -67.54 67.72 21.70
CA PHE C 184 -67.75 66.34 21.22
C PHE C 184 -66.57 65.77 20.43
N LEU C 185 -66.36 64.46 20.58
CA LEU C 185 -65.44 63.70 19.72
C LEU C 185 -66.20 62.64 18.93
N ALA C 186 -66.38 62.85 17.63
CA ALA C 186 -66.99 61.82 16.75
C ALA C 186 -65.91 60.90 16.22
N TYR C 187 -66.26 59.65 15.97
CA TYR C 187 -65.30 58.72 15.40
C TYR C 187 -65.97 57.61 14.62
N ALA C 188 -65.20 56.98 13.74
CA ALA C 188 -65.72 55.87 12.96
C ALA C 188 -65.17 54.60 13.56
N GLN C 189 -65.87 53.49 13.36
CA GLN C 189 -65.38 52.18 13.79
C GLN C 189 -65.46 51.22 12.60
N PHE C 190 -64.38 50.49 12.36
CA PHE C 190 -64.33 49.64 11.19
C PHE C 190 -64.17 48.17 11.58
N ASN C 191 -65.06 47.34 11.06
CA ASN C 191 -65.00 45.93 11.33
C ASN C 191 -64.51 45.24 10.09
N ASP C 192 -63.31 44.66 10.17
CA ASP C 192 -62.68 43.98 9.04
C ASP C 192 -62.71 42.48 9.16
N THR C 193 -63.56 41.95 10.03
CA THR C 193 -63.54 40.53 10.35
C THR C 193 -63.42 39.65 9.12
N GLU C 194 -64.32 39.79 8.15
CA GLU C 194 -64.29 38.90 7.00
C GLU C 194 -63.59 39.44 5.77
N VAL C 195 -62.88 40.55 5.91
CA VAL C 195 -62.12 41.08 4.79
C VAL C 195 -60.92 40.17 4.60
N PRO C 196 -60.76 39.58 3.41
CA PRO C 196 -59.64 38.68 3.17
C PRO C 196 -58.31 39.41 3.24
N LEU C 197 -57.22 38.66 3.45
CA LEU C 197 -55.91 39.25 3.63
C LEU C 197 -55.05 39.14 2.37
N ILE C 198 -54.33 40.20 2.06
CA ILE C 198 -53.30 40.09 1.05
C ILE C 198 -52.06 39.63 1.81
N GLU C 199 -51.35 38.63 1.32
CA GLU C 199 -50.06 38.32 1.94
C GLU C 199 -48.89 38.30 0.97
N TYR C 200 -47.76 38.82 1.45
CA TYR C 200 -46.53 38.95 0.69
C TYR C 200 -45.30 38.90 1.59
N SER C 201 -44.17 38.45 1.05
CA SER C 201 -42.93 38.34 1.82
C SER C 201 -42.27 39.69 2.05
N PHE C 202 -41.74 39.90 3.24
CA PHE C 202 -40.86 41.02 3.51
C PHE C 202 -39.51 40.47 3.98
N TYR C 203 -38.40 40.97 3.44
CA TYR C 203 -37.10 40.32 3.68
C TYR C 203 -36.20 40.94 4.74
N SER C 204 -36.38 42.23 5.01
CA SER C 204 -35.66 42.93 6.06
C SER C 204 -34.14 42.93 5.89
N ASP C 205 -33.40 43.34 6.93
CA ASP C 205 -31.94 43.30 6.88
C ASP C 205 -31.48 41.90 6.65
N GLU C 206 -30.36 41.75 5.96
CA GLU C 206 -29.90 40.41 5.61
C GLU C 206 -29.66 39.55 6.85
N SER C 207 -29.62 40.16 8.03
CA SER C 207 -29.51 39.42 9.29
C SER C 207 -30.74 38.58 9.58
N LEU C 208 -31.90 38.96 9.04
CA LEU C 208 -33.14 38.21 9.27
C LEU C 208 -33.18 36.90 8.48
N GLN C 209 -33.11 35.79 9.22
CA GLN C 209 -32.92 34.49 8.58
C GLN C 209 -34.12 33.95 7.76
N TYR C 210 -35.31 34.05 8.31
CA TYR C 210 -36.50 33.67 7.56
C TYR C 210 -37.32 34.91 7.21
N PRO C 211 -37.73 35.02 5.95
CA PRO C 211 -38.55 36.14 5.51
C PRO C 211 -39.81 36.23 6.32
N LYS C 212 -40.24 37.45 6.60
CA LYS C 212 -41.49 37.72 7.28
C LYS C 212 -42.63 37.73 6.25
N THR C 213 -43.78 37.16 6.60
CA THR C 213 -44.94 37.34 5.76
C THR C 213 -45.76 38.48 6.33
N VAL C 214 -45.87 39.58 5.58
CA VAL C 214 -46.81 40.63 5.93
C VAL C 214 -48.18 40.15 5.50
N ARG C 215 -49.17 40.37 6.35
CA ARG C 215 -50.54 40.12 5.91
C ARG C 215 -51.45 41.28 6.28
N VAL C 216 -52.34 41.67 5.36
CA VAL C 216 -53.10 42.91 5.50
C VAL C 216 -54.54 42.72 5.03
N PRO C 217 -55.53 43.07 5.85
CA PRO C 217 -56.91 43.07 5.41
C PRO C 217 -57.02 44.06 4.28
N TYR C 218 -57.42 43.54 3.11
CA TYR C 218 -57.41 44.31 1.88
C TYR C 218 -58.43 43.69 0.95
N PRO C 219 -59.50 44.41 0.68
CA PRO C 219 -60.58 43.89 -0.18
C PRO C 219 -60.29 44.16 -1.64
N LYS C 220 -59.94 43.12 -2.39
CA LYS C 220 -59.81 43.25 -3.83
C LYS C 220 -61.21 43.44 -4.44
N ALA C 221 -61.28 43.75 -5.73
CA ALA C 221 -62.57 44.08 -6.35
C ALA C 221 -63.59 42.97 -6.18
N GLY C 222 -64.75 43.31 -5.66
CA GLY C 222 -65.87 42.36 -5.55
C GLY C 222 -65.76 41.44 -4.36
N ALA C 223 -64.68 41.56 -3.59
CA ALA C 223 -64.49 40.76 -2.39
C ALA C 223 -65.31 41.35 -1.26
N VAL C 224 -65.16 40.82 -0.06
CA VAL C 224 -65.91 41.29 1.11
C VAL C 224 -65.30 42.55 1.71
N ASN C 225 -66.08 43.61 1.78
CA ASN C 225 -65.63 44.91 2.34
C ASN C 225 -65.71 44.98 3.85
N PRO C 226 -64.99 45.92 4.46
CA PRO C 226 -65.21 46.25 5.87
C PRO C 226 -66.62 46.81 6.08
N THR C 227 -67.07 46.89 7.32
CA THR C 227 -68.36 47.50 7.61
C THR C 227 -68.00 48.61 8.56
N VAL C 228 -68.86 49.62 8.64
CA VAL C 228 -68.53 50.82 9.39
C VAL C 228 -69.65 51.20 10.37
N LYS C 229 -69.28 51.81 11.49
CA LYS C 229 -70.25 52.40 12.39
C LYS C 229 -69.72 53.74 12.83
N PHE C 230 -70.66 54.62 13.21
CA PHE C 230 -70.32 55.99 13.59
C PHE C 230 -70.80 56.34 14.99
N PHE C 231 -69.96 56.99 15.78
CA PHE C 231 -70.32 57.33 17.14
C PHE C 231 -69.89 58.75 17.49
N VAL C 232 -70.54 59.31 18.49
CA VAL C 232 -70.15 60.59 19.04
C VAL C 232 -70.16 60.45 20.55
N VAL C 233 -69.13 60.98 21.20
CA VAL C 233 -69.04 60.97 22.66
C VAL C 233 -68.83 62.39 23.19
N ASN C 234 -69.37 62.63 24.38
CA ASN C 234 -69.24 63.92 25.05
C ASN C 234 -68.03 63.94 25.98
N THR C 235 -66.98 64.64 25.60
CA THR C 235 -65.76 64.66 26.39
C THR C 235 -65.91 65.46 27.68
N ASP C 236 -66.95 66.28 27.75
CA ASP C 236 -67.19 67.12 28.93
C ASP C 236 -67.80 66.35 30.09
N SER C 237 -68.54 65.28 29.79
CA SER C 237 -69.06 64.43 30.85
C SER C 237 -68.33 63.08 30.90
N LEU C 238 -67.00 63.12 30.97
CA LEU C 238 -66.22 61.89 31.13
C LEU C 238 -66.00 61.58 32.60
N SER C 239 -65.97 60.29 32.96
CA SER C 239 -66.10 59.92 34.38
C SER C 239 -64.83 59.58 35.15
N SER C 240 -64.12 58.56 34.69
CA SER C 240 -63.01 57.93 35.45
C SER C 240 -63.56 56.95 36.49
N VAL C 241 -64.88 56.88 36.61
CA VAL C 241 -65.54 55.87 37.44
C VAL C 241 -66.51 55.09 36.56
N THR C 242 -66.90 55.69 35.44
CA THR C 242 -67.71 54.99 34.45
C THR C 242 -67.03 54.99 33.09
N ASN C 243 -67.18 53.84 32.40
CA ASN C 243 -66.90 53.73 30.97
C ASN C 243 -67.70 54.80 30.25
N ALA C 244 -67.01 55.53 29.37
CA ALA C 244 -67.62 56.61 28.62
C ALA C 244 -68.69 56.08 27.67
N THR C 245 -69.73 56.88 27.45
CA THR C 245 -70.85 56.48 26.63
C THR C 245 -70.76 56.99 25.18
N SER C 246 -70.81 56.07 24.23
CA SER C 246 -70.80 56.42 22.81
C SER C 246 -72.18 56.28 22.18
N ILE C 247 -72.72 57.37 21.66
CA ILE C 247 -73.99 57.33 20.94
C ILE C 247 -73.72 56.97 19.48
N GLN C 248 -74.21 55.83 19.01
CA GLN C 248 -74.12 55.49 17.60
C GLN C 248 -75.11 56.36 16.88
N ILE C 249 -74.85 56.60 15.59
CA ILE C 249 -75.75 57.27 14.66
C ILE C 249 -75.72 56.35 13.47
N THR C 250 -76.82 55.64 13.25
CA THR C 250 -76.87 54.62 12.19
C THR C 250 -76.69 55.20 10.80
N ALA C 251 -76.55 54.34 9.80
CA ALA C 251 -76.56 54.80 8.44
C ALA C 251 -78.01 54.81 8.00
N PRO C 252 -78.30 55.59 6.96
CA PRO C 252 -79.60 55.63 6.34
C PRO C 252 -80.12 54.25 5.97
N ALA C 253 -81.40 54.02 6.20
CA ALA C 253 -82.02 52.77 5.83
C ALA C 253 -81.59 52.37 4.42
N SER C 254 -81.75 53.27 3.44
CA SER C 254 -81.41 53.01 2.04
C SER C 254 -79.94 52.69 1.76
N MET C 255 -79.06 53.10 2.69
CA MET C 255 -77.68 52.64 2.72
C MET C 255 -77.59 51.21 3.28
N LEU C 256 -78.40 50.92 4.29
CA LEU C 256 -78.31 49.66 5.05
C LEU C 256 -78.85 48.43 4.33
N ILE C 257 -79.43 48.57 3.14
CA ILE C 257 -80.00 47.40 2.44
C ILE C 257 -78.94 46.62 1.68
N GLY C 258 -77.69 47.02 1.90
CA GLY C 258 -76.56 46.47 1.16
C GLY C 258 -75.31 47.17 1.64
N ASP C 259 -74.17 46.79 1.06
CA ASP C 259 -72.89 47.36 1.43
C ASP C 259 -72.84 48.87 1.19
N HIS C 260 -72.12 49.60 2.02
CA HIS C 260 -72.04 51.02 1.82
C HIS C 260 -70.72 51.53 2.39
N TYR C 261 -70.50 52.85 2.29
CA TYR C 261 -69.37 53.46 2.96
C TYR C 261 -69.77 54.74 3.65
N LEU C 262 -69.04 55.08 4.71
CA LEU C 262 -69.12 56.40 5.31
C LEU C 262 -68.04 57.15 4.57
N CYS C 263 -68.37 58.28 3.95
CA CYS C 263 -67.38 58.89 3.07
C CYS C 263 -67.11 60.37 3.31
N ASP C 264 -67.86 61.01 4.19
CA ASP C 264 -67.50 62.35 4.63
C ASP C 264 -68.14 62.66 5.96
N VAL C 265 -67.37 63.24 6.87
CA VAL C 265 -67.97 63.80 8.07
C VAL C 265 -67.50 65.23 8.24
N THR C 266 -68.44 66.13 8.48
CA THR C 266 -68.13 67.54 8.58
C THR C 266 -69.02 68.20 9.61
N TRP C 267 -68.41 68.74 10.66
CA TRP C 267 -69.17 69.42 11.69
C TRP C 267 -69.77 70.70 11.11
N ALA C 268 -70.98 71.03 11.54
CA ALA C 268 -71.70 72.20 11.04
C ALA C 268 -71.84 73.27 12.12
N THR C 269 -72.27 72.89 13.31
CA THR C 269 -72.28 73.82 14.43
C THR C 269 -71.67 73.15 15.65
N GLN C 270 -71.83 73.78 16.80
CA GLN C 270 -71.44 73.14 18.05
C GLN C 270 -72.24 71.88 18.33
N GLU C 271 -73.46 71.81 17.79
CA GLU C 271 -74.37 70.71 18.10
C GLU C 271 -75.02 70.11 16.86
N ARG C 272 -74.43 70.34 15.70
CA ARG C 272 -74.95 69.76 14.46
C ARG C 272 -73.82 69.15 13.67
N ILE C 273 -74.00 67.91 13.23
CA ILE C 273 -72.99 67.20 12.45
C ILE C 273 -73.56 66.62 11.15
N SER C 274 -72.81 66.71 10.07
CA SER C 274 -73.28 66.23 8.77
C SER C 274 -72.46 65.04 8.32
N LEU C 275 -73.13 64.06 7.74
CA LEU C 275 -72.51 62.82 7.38
C LEU C 275 -72.92 62.46 5.98
N GLN C 276 -71.98 61.94 5.20
CA GLN C 276 -72.31 61.50 3.86
C GLN C 276 -72.01 60.04 3.72
N TRP C 277 -72.99 59.30 3.22
CA TRP C 277 -72.86 57.87 3.02
C TRP C 277 -72.86 57.57 1.53
N LEU C 278 -72.32 56.41 1.14
CA LEU C 278 -72.23 56.07 -0.27
C LEU C 278 -72.44 54.58 -0.45
N ARG C 279 -73.31 54.18 -1.39
CA ARG C 279 -73.56 52.76 -1.62
C ARG C 279 -72.37 52.12 -2.30
N ARG C 280 -72.13 50.84 -2.01
CA ARG C 280 -71.02 50.13 -2.67
C ARG C 280 -71.02 50.34 -4.18
N ILE C 281 -72.20 50.34 -4.80
CA ILE C 281 -72.34 50.78 -6.18
C ILE C 281 -72.37 52.29 -6.10
N GLN C 282 -71.24 52.92 -6.41
CA GLN C 282 -71.00 54.29 -6.00
C GLN C 282 -71.65 55.35 -6.89
N ASN C 283 -72.88 55.12 -7.31
CA ASN C 283 -73.61 56.15 -8.03
C ASN C 283 -74.80 56.70 -7.27
N TYR C 284 -74.94 56.32 -6.00
CA TYR C 284 -76.01 56.83 -5.15
C TYR C 284 -75.45 57.17 -3.76
N SER C 285 -75.64 58.40 -3.30
CA SER C 285 -75.17 58.74 -1.96
C SER C 285 -76.20 59.55 -1.19
N VAL C 286 -76.09 59.57 0.13
CA VAL C 286 -77.06 60.29 0.97
C VAL C 286 -76.36 61.11 2.05
N MET C 287 -76.84 62.32 2.29
CA MET C 287 -76.30 63.15 3.36
C MET C 287 -77.29 63.17 4.51
N ASP C 288 -76.81 62.93 5.72
CA ASP C 288 -77.61 63.08 6.94
C ASP C 288 -77.17 64.34 7.64
N ILE C 289 -78.10 65.01 8.30
CA ILE C 289 -77.77 66.17 9.11
C ILE C 289 -78.32 65.96 10.51
N CYS C 290 -77.42 65.84 11.47
CA CYS C 290 -77.81 65.43 12.82
C CYS C 290 -77.63 66.48 13.90
N ASP C 291 -78.64 66.57 14.75
CA ASP C 291 -78.66 67.53 15.84
C ASP C 291 -78.60 66.82 17.18
N TYR C 292 -77.85 67.41 18.09
CA TYR C 292 -77.83 66.96 19.46
C TYR C 292 -79.21 67.16 20.07
N ASP C 293 -79.67 66.19 20.84
CA ASP C 293 -80.99 66.23 21.45
C ASP C 293 -80.85 66.31 22.98
N GLU C 294 -80.76 67.53 23.49
CA GLU C 294 -80.61 67.83 24.93
C GLU C 294 -81.46 66.95 25.83
N SER C 295 -82.53 66.39 25.27
CA SER C 295 -83.49 65.66 26.06
C SER C 295 -83.20 64.15 26.12
N SER C 296 -83.10 63.49 24.97
CA SER C 296 -82.85 62.05 24.98
C SER C 296 -81.36 61.74 24.83
N GLY C 297 -80.54 62.78 24.94
CA GLY C 297 -79.10 62.59 25.03
C GLY C 297 -78.46 62.13 23.73
N ARG C 298 -79.31 61.67 22.80
CA ARG C 298 -78.92 61.05 21.52
C ARG C 298 -78.79 62.02 20.32
N TRP C 299 -78.49 61.47 19.15
CA TRP C 299 -78.41 62.28 17.92
C TRP C 299 -79.51 61.99 16.91
N ASN C 300 -80.34 63.00 16.69
CA ASN C 300 -81.47 62.95 15.80
C ASN C 300 -81.00 63.31 14.40
N CYS C 301 -81.22 62.43 13.44
CA CYS C 301 -80.97 62.76 12.02
C CYS C 301 -82.30 62.74 11.29
N LEU C 302 -82.91 63.90 11.05
CA LEU C 302 -84.24 63.92 10.46
C LEU C 302 -84.22 63.44 9.01
N VAL C 303 -85.01 62.44 8.65
CA VAL C 303 -85.06 61.92 7.27
C VAL C 303 -85.44 63.03 6.28
N ALA C 304 -86.24 63.99 6.78
CA ALA C 304 -86.64 65.18 6.03
C ALA C 304 -85.54 66.25 6.01
N ARG C 305 -84.30 65.86 6.24
CA ARG C 305 -83.19 66.78 6.07
C ARG C 305 -82.14 66.10 5.21
N GLN C 306 -82.41 64.86 4.80
CA GLN C 306 -81.48 64.12 3.99
C GLN C 306 -81.36 64.75 2.60
N HIS C 307 -80.22 64.57 1.95
CA HIS C 307 -80.01 65.05 0.59
C HIS C 307 -79.44 63.96 -0.28
N ILE C 308 -80.31 63.35 -1.06
CA ILE C 308 -79.89 62.34 -2.00
C ILE C 308 -79.12 63.00 -3.12
N GLU C 309 -78.03 62.33 -3.52
CA GLU C 309 -77.24 62.77 -4.65
C GLU C 309 -76.88 61.55 -5.48
N MET C 310 -77.08 61.63 -6.79
CA MET C 310 -76.81 60.46 -7.60
C MET C 310 -76.39 60.84 -9.02
N SER C 311 -75.91 59.85 -9.77
CA SER C 311 -75.48 60.11 -11.13
C SER C 311 -75.94 58.99 -12.04
N THR C 312 -76.30 59.33 -13.27
CA THR C 312 -76.79 58.33 -14.21
C THR C 312 -75.69 58.00 -15.21
N THR C 313 -74.75 58.91 -15.36
CA THR C 313 -73.72 58.76 -16.37
C THR C 313 -72.43 58.15 -15.81
N GLY C 314 -72.27 58.20 -14.49
CA GLY C 314 -71.08 57.65 -13.83
C GLY C 314 -71.24 57.52 -12.33
N TRP C 315 -70.19 57.90 -11.61
CA TRP C 315 -70.14 57.79 -10.14
C TRP C 315 -70.32 59.18 -9.53
N VAL C 316 -70.57 59.23 -8.22
CA VAL C 316 -70.74 60.49 -7.52
C VAL C 316 -69.43 61.12 -7.13
N GLY C 317 -69.25 62.40 -7.44
CA GLY C 317 -68.04 63.13 -7.08
C GLY C 317 -66.88 62.85 -8.01
N ARG C 318 -65.78 63.58 -7.84
CA ARG C 318 -64.58 63.34 -8.65
C ARG C 318 -63.95 62.01 -8.23
N PHE C 319 -63.76 61.86 -6.93
CA PHE C 319 -63.36 60.57 -6.37
C PHE C 319 -64.31 60.11 -5.27
N ARG C 320 -65.04 61.06 -4.68
CA ARG C 320 -66.08 60.77 -3.73
C ARG C 320 -66.97 62.01 -3.69
N PRO C 321 -68.14 61.93 -3.05
CA PRO C 321 -68.95 63.12 -2.82
C PRO C 321 -68.16 64.26 -2.18
N SER C 322 -68.42 65.47 -2.64
CA SER C 322 -67.73 66.66 -2.17
C SER C 322 -68.13 67.02 -0.75
N GLU C 323 -67.27 67.76 -0.08
CA GLU C 323 -67.57 68.18 1.28
C GLU C 323 -68.41 69.47 1.31
N PRO C 324 -69.34 69.55 2.27
CA PRO C 324 -70.15 70.75 2.42
C PRO C 324 -69.43 71.82 3.25
N HIS C 325 -69.70 73.09 2.95
CA HIS C 325 -69.21 74.17 3.79
C HIS C 325 -70.42 74.94 4.27
N PHE C 326 -70.60 75.00 5.58
CA PHE C 326 -71.81 75.57 6.18
C PHE C 326 -71.63 77.03 6.50
N THR C 327 -72.71 77.78 6.53
CA THR C 327 -72.70 79.14 7.06
C THR C 327 -72.62 79.04 8.58
N LEU C 328 -72.17 80.11 9.22
CA LEU C 328 -71.94 80.11 10.67
C LEU C 328 -73.11 79.56 11.51
N ASP C 329 -74.34 79.90 11.15
CA ASP C 329 -75.50 79.41 11.88
C ASP C 329 -75.86 77.98 11.50
N GLY C 330 -75.24 77.49 10.43
CA GLY C 330 -75.37 76.08 10.05
C GLY C 330 -76.73 75.69 9.51
N ASN C 331 -77.46 76.62 8.93
CA ASN C 331 -78.77 76.32 8.36
C ASN C 331 -78.73 76.14 6.85
N SER C 332 -77.59 76.50 6.27
CA SER C 332 -77.39 76.36 4.85
C SER C 332 -75.94 76.01 4.60
N PHE C 333 -75.65 75.42 3.44
CA PHE C 333 -74.28 75.08 3.10
C PHE C 333 -73.99 75.10 1.60
N TYR C 334 -72.73 75.29 1.25
CA TYR C 334 -72.32 75.25 -0.14
C TYR C 334 -71.55 73.97 -0.42
N LYS C 335 -71.68 73.45 -1.64
CA LYS C 335 -71.10 72.17 -1.98
C LYS C 335 -70.95 72.07 -3.48
N ILE C 336 -69.85 71.48 -3.93
CA ILE C 336 -69.63 71.36 -5.35
C ILE C 336 -70.38 70.16 -5.90
N ILE C 337 -71.36 70.39 -6.75
CA ILE C 337 -72.01 69.27 -7.41
C ILE C 337 -72.07 69.47 -8.92
N SER C 338 -72.16 68.39 -9.68
CA SER C 338 -72.12 68.48 -11.13
C SER C 338 -73.49 68.96 -11.61
N ASN C 339 -73.53 69.98 -12.47
CA ASN C 339 -74.80 70.47 -13.01
C ASN C 339 -75.32 69.58 -14.14
N GLU C 340 -76.39 69.98 -14.82
CA GLU C 340 -76.99 69.10 -15.83
C GLU C 340 -76.31 69.20 -17.18
N GLU C 341 -75.44 70.18 -17.35
CA GLU C 341 -74.59 70.23 -18.54
C GLU C 341 -73.36 69.37 -18.27
N GLY C 342 -73.25 68.87 -17.04
CA GLY C 342 -72.13 68.03 -16.63
C GLY C 342 -70.91 68.74 -16.05
N TYR C 343 -71.07 69.96 -15.56
CA TYR C 343 -69.93 70.71 -15.07
C TYR C 343 -70.01 70.89 -13.58
N ARG C 344 -68.88 70.74 -12.92
CA ARG C 344 -68.85 70.82 -11.46
C ARG C 344 -68.86 72.26 -10.95
N HIS C 345 -69.97 72.66 -10.34
CA HIS C 345 -70.13 74.02 -9.85
C HIS C 345 -70.65 74.06 -8.43
N ILE C 346 -70.52 75.23 -7.80
CA ILE C 346 -70.89 75.39 -6.41
C ILE C 346 -72.40 75.50 -6.30
N CYS C 347 -73.01 74.64 -5.50
CA CYS C 347 -74.44 74.69 -5.27
C CYS C 347 -74.78 75.15 -3.86
N TYR C 348 -75.93 75.78 -3.69
CA TYR C 348 -76.29 76.36 -2.42
C TYR C 348 -77.54 75.75 -1.80
N PHE C 349 -77.39 75.16 -0.62
CA PHE C 349 -78.43 74.32 -0.01
C PHE C 349 -79.04 74.92 1.25
N GLN C 350 -80.32 74.64 1.48
CA GLN C 350 -81.01 74.97 2.74
C GLN C 350 -81.25 73.66 3.47
N ILE C 351 -80.95 73.60 4.77
CA ILE C 351 -80.95 72.30 5.48
C ILE C 351 -82.16 71.43 5.15
N ASP C 352 -83.34 72.02 5.05
CA ASP C 352 -84.59 71.26 4.90
C ASP C 352 -85.28 71.38 3.53
N LYS C 353 -84.93 72.39 2.74
CA LYS C 353 -85.39 72.48 1.35
C LYS C 353 -84.60 71.54 0.44
N LYS C 354 -85.32 70.80 -0.39
CA LYS C 354 -84.78 69.62 -1.05
C LYS C 354 -83.93 69.93 -2.29
N ASP C 355 -84.16 71.08 -2.90
CA ASP C 355 -83.36 71.46 -4.05
C ASP C 355 -82.24 72.38 -3.64
N CYS C 356 -81.39 72.74 -4.59
CA CYS C 356 -80.36 73.73 -4.33
C CYS C 356 -80.23 74.69 -5.49
N THR C 357 -79.52 75.79 -5.28
CA THR C 357 -79.32 76.79 -6.32
C THR C 357 -77.85 76.88 -6.73
N PHE C 358 -77.58 76.68 -8.01
CA PHE C 358 -76.22 76.90 -8.48
C PHE C 358 -75.87 78.37 -8.39
N ILE C 359 -74.70 78.67 -7.84
CA ILE C 359 -74.24 80.05 -7.75
C ILE C 359 -73.13 80.33 -8.75
N THR C 360 -72.72 79.31 -9.50
CA THR C 360 -71.86 79.49 -10.67
C THR C 360 -72.30 78.57 -11.80
N LYS C 361 -72.08 78.99 -13.04
CA LYS C 361 -72.23 78.09 -14.20
C LYS C 361 -71.14 78.44 -15.21
N GLY C 362 -71.01 77.66 -16.27
CA GLY C 362 -69.98 77.95 -17.26
C GLY C 362 -69.36 76.69 -17.82
N THR C 363 -68.48 76.85 -18.81
CA THR C 363 -67.79 75.72 -19.44
C THR C 363 -66.44 75.51 -18.77
N TRP C 364 -66.50 75.23 -17.48
CA TRP C 364 -65.32 75.10 -16.64
C TRP C 364 -65.81 74.60 -15.29
N GLU C 365 -64.89 74.07 -14.49
CA GLU C 365 -65.25 73.48 -13.20
C GLU C 365 -64.64 74.24 -12.03
N VAL C 366 -65.34 74.24 -10.90
CA VAL C 366 -64.79 74.69 -9.63
C VAL C 366 -63.91 73.59 -9.05
N ILE C 367 -62.67 73.91 -8.75
CA ILE C 367 -61.76 72.89 -8.23
C ILE C 367 -62.06 72.63 -6.76
N GLY C 368 -62.34 73.67 -5.97
CA GLY C 368 -62.64 73.47 -4.56
C GLY C 368 -63.06 74.75 -3.89
N ILE C 369 -63.90 74.64 -2.86
CA ILE C 369 -64.28 75.80 -2.07
C ILE C 369 -63.26 76.07 -0.96
N GLU C 370 -62.72 77.28 -0.90
CA GLU C 370 -61.62 77.56 0.02
C GLU C 370 -61.95 78.26 1.33
N ALA C 371 -62.86 79.23 1.31
CA ALA C 371 -63.22 79.94 2.53
C ALA C 371 -64.65 80.49 2.46
N LEU C 372 -65.26 80.69 3.63
CA LEU C 372 -66.64 81.19 3.68
C LEU C 372 -66.81 82.27 4.74
N THR C 373 -66.97 83.52 4.32
CA THR C 373 -67.28 84.59 5.27
C THR C 373 -68.77 84.89 5.24
N SER C 374 -69.16 85.93 5.97
CA SER C 374 -70.57 86.32 6.08
C SER C 374 -71.16 86.81 4.75
N ASP C 375 -70.33 87.31 3.84
CA ASP C 375 -70.85 87.84 2.58
C ASP C 375 -69.95 87.54 1.38
N TYR C 376 -68.87 86.80 1.61
CA TYR C 376 -68.04 86.30 0.50
C TYR C 376 -67.77 84.79 0.56
N LEU C 377 -67.74 84.16 -0.61
CA LEU C 377 -67.27 82.78 -0.72
C LEU C 377 -66.10 82.70 -1.69
N TYR C 378 -64.99 82.13 -1.21
CA TYR C 378 -63.76 82.03 -2.00
C TYR C 378 -63.59 80.61 -2.54
N TYR C 379 -63.15 80.49 -3.78
CA TYR C 379 -62.98 79.17 -4.40
C TYR C 379 -61.89 79.18 -5.47
N ILE C 380 -61.40 78.00 -5.83
CA ILE C 380 -60.42 77.86 -6.93
C ILE C 380 -61.15 77.26 -8.12
N SER C 381 -60.87 77.79 -9.31
CA SER C 381 -61.46 77.26 -10.54
C SER C 381 -60.49 77.31 -11.70
N ASN C 382 -60.81 76.56 -12.74
CA ASN C 382 -60.05 76.58 -13.98
C ASN C 382 -60.76 77.38 -15.07
N GLU C 383 -61.41 78.47 -14.68
CA GLU C 383 -62.14 79.32 -15.61
C GLU C 383 -61.25 80.20 -16.47
N TYR C 384 -60.36 80.96 -15.83
CA TYR C 384 -59.50 81.90 -16.51
C TYR C 384 -58.90 81.32 -17.77
N LYS C 385 -58.95 82.11 -18.85
CA LYS C 385 -58.46 81.71 -20.18
C LYS C 385 -59.09 80.43 -20.75
N GLY C 386 -60.01 79.82 -20.02
CA GLY C 386 -60.67 78.63 -20.51
C GLY C 386 -59.71 77.47 -20.65
N MET C 387 -58.63 77.50 -19.86
CA MET C 387 -57.69 76.38 -19.81
C MET C 387 -57.80 75.56 -18.52
N PRO C 388 -58.12 74.28 -18.71
CA PRO C 388 -58.45 73.39 -17.61
C PRO C 388 -57.25 73.18 -16.71
N GLY C 389 -56.06 73.15 -17.32
CA GLY C 389 -54.82 72.91 -16.58
C GLY C 389 -54.33 74.13 -15.81
N GLY C 390 -55.10 75.21 -15.83
CA GLY C 390 -54.82 76.41 -15.04
C GLY C 390 -55.64 76.38 -13.77
N ARG C 391 -55.40 77.33 -12.88
CA ARG C 391 -55.90 77.22 -11.53
C ARG C 391 -55.83 78.61 -10.87
N ASN C 392 -56.99 79.16 -10.52
CA ASN C 392 -57.09 80.51 -9.98
C ASN C 392 -58.07 80.77 -8.83
N LEU C 393 -57.71 81.70 -7.95
CA LEU C 393 -58.57 82.05 -6.82
C LEU C 393 -59.61 83.11 -7.17
N TYR C 394 -60.88 82.75 -7.00
CA TYR C 394 -61.97 83.66 -7.24
C TYR C 394 -62.71 83.93 -5.93
N LYS C 395 -63.45 85.03 -5.89
CA LYS C 395 -64.37 85.28 -4.78
C LYS C 395 -65.72 85.72 -5.32
N ILE C 396 -66.77 85.25 -4.69
CA ILE C 396 -68.13 85.59 -5.10
C ILE C 396 -68.91 86.27 -3.99
N GLN C 397 -69.62 87.34 -4.35
CA GLN C 397 -70.42 88.10 -3.41
C GLN C 397 -71.69 87.32 -3.04
N LEU C 398 -71.83 87.02 -1.76
CA LEU C 398 -72.93 86.18 -1.31
C LEU C 398 -74.26 86.85 -1.56
N SER C 399 -74.28 88.18 -1.36
CA SER C 399 -75.47 89.00 -1.62
C SER C 399 -75.76 89.31 -3.09
N ASP C 400 -74.85 88.93 -4.00
CA ASP C 400 -75.03 89.17 -5.44
C ASP C 400 -74.14 88.22 -6.25
N TYR C 401 -74.76 87.19 -6.84
CA TYR C 401 -74.02 86.13 -7.54
C TYR C 401 -73.33 86.58 -8.84
N THR C 402 -73.65 87.78 -9.32
CA THR C 402 -73.02 88.26 -10.54
C THR C 402 -71.69 88.93 -10.25
N LYS C 403 -71.47 89.30 -9.00
CA LYS C 403 -70.23 89.98 -8.61
C LYS C 403 -69.08 89.02 -8.30
N VAL C 404 -68.41 88.52 -9.33
CA VAL C 404 -67.34 87.56 -9.14
C VAL C 404 -66.00 88.17 -9.49
N THR C 405 -65.14 88.33 -8.48
CA THR C 405 -63.84 88.94 -8.70
C THR C 405 -62.78 87.86 -8.79
N CYS C 406 -61.86 87.99 -9.73
CA CYS C 406 -60.78 87.03 -9.81
C CYS C 406 -59.59 87.56 -9.06
N LEU C 407 -59.25 86.92 -7.94
CA LEU C 407 -58.23 87.43 -7.04
C LEU C 407 -56.79 87.17 -7.43
N SER C 408 -56.55 86.36 -8.46
CA SER C 408 -55.17 85.98 -8.79
C SER C 408 -54.80 86.01 -10.27
N CYS C 409 -55.80 86.00 -11.16
CA CYS C 409 -55.57 85.90 -12.59
C CYS C 409 -54.56 86.93 -13.06
N GLU C 410 -54.82 88.18 -12.65
CA GLU C 410 -54.05 89.33 -13.11
C GLU C 410 -52.70 89.57 -12.41
N LEU C 411 -52.52 88.98 -11.24
CA LEU C 411 -51.35 89.28 -10.40
C LEU C 411 -50.00 89.18 -11.11
N ASN C 412 -49.94 88.41 -12.18
CA ASN C 412 -48.69 88.12 -12.88
C ASN C 412 -48.95 87.01 -13.90
N PRO C 413 -49.70 87.33 -14.95
CA PRO C 413 -50.25 86.30 -15.85
C PRO C 413 -49.18 85.49 -16.56
N GLU C 414 -48.02 86.10 -16.76
CA GLU C 414 -46.92 85.44 -17.47
C GLU C 414 -46.29 84.31 -16.68
N ARG C 415 -46.13 84.53 -15.37
CA ARG C 415 -45.40 83.61 -14.50
C ARG C 415 -46.33 82.68 -13.71
N CYS C 416 -47.58 83.10 -13.55
CA CYS C 416 -48.49 82.49 -12.60
C CYS C 416 -49.86 82.19 -13.16
N GLN C 417 -50.17 80.91 -13.34
CA GLN C 417 -51.50 80.50 -13.77
C GLN C 417 -52.01 79.30 -12.98
N TYR C 418 -51.24 78.89 -11.97
CA TYR C 418 -51.59 77.75 -11.13
C TYR C 418 -51.43 78.10 -9.64
N TYR C 419 -52.55 78.41 -9.00
CA TYR C 419 -52.55 78.89 -7.63
C TYR C 419 -53.20 77.91 -6.66
N SER C 420 -52.76 77.95 -5.42
CA SER C 420 -53.52 77.39 -4.31
C SER C 420 -53.52 78.46 -3.23
N VAL C 421 -54.38 78.33 -2.21
CA VAL C 421 -54.49 79.38 -1.20
C VAL C 421 -54.62 78.85 0.22
N SER C 422 -54.05 79.58 1.18
CA SER C 422 -54.20 79.24 2.59
C SER C 422 -54.70 80.43 3.42
N PHE C 423 -55.95 80.38 3.85
CA PHE C 423 -56.54 81.50 4.58
C PHE C 423 -56.22 81.50 6.06
N SER C 424 -56.34 82.67 6.69
CA SER C 424 -56.17 82.78 8.15
C SER C 424 -57.45 82.34 8.86
N LYS C 425 -57.39 82.22 10.18
CA LYS C 425 -58.50 81.64 10.92
C LYS C 425 -59.89 82.22 10.64
N GLU C 426 -59.98 83.50 10.26
CA GLU C 426 -61.28 84.06 9.89
C GLU C 426 -61.24 84.68 8.51
N ALA C 427 -60.20 84.36 7.75
CA ALA C 427 -60.04 84.88 6.39
C ALA C 427 -59.82 86.40 6.38
N LYS C 428 -59.06 86.91 7.34
CA LYS C 428 -58.68 88.32 7.30
C LYS C 428 -57.56 88.42 6.28
N TYR C 429 -56.80 87.34 6.15
CA TYR C 429 -55.62 87.29 5.30
C TYR C 429 -55.57 85.97 4.54
N TYR C 430 -54.79 85.96 3.47
CA TYR C 430 -54.54 84.72 2.74
C TYR C 430 -53.19 84.68 2.04
N GLN C 431 -52.63 83.48 1.94
CA GLN C 431 -51.37 83.29 1.27
C GLN C 431 -51.59 82.56 -0.05
N LEU C 432 -51.19 83.20 -1.14
CA LEU C 432 -51.22 82.54 -2.44
C LEU C 432 -49.94 81.78 -2.71
N ARG C 433 -50.08 80.57 -3.26
CA ARG C 433 -48.96 79.80 -3.77
C ARG C 433 -49.13 79.66 -5.27
N CYS C 434 -48.27 80.33 -6.00
CA CYS C 434 -48.23 80.21 -7.45
C CYS C 434 -47.21 79.14 -7.75
N SER C 435 -47.55 78.16 -8.58
CA SER C 435 -46.65 77.04 -8.76
C SER C 435 -46.36 76.73 -10.21
N GLY C 436 -46.69 77.68 -11.07
CA GLY C 436 -46.39 77.54 -12.50
C GLY C 436 -47.10 78.57 -13.35
N PRO C 437 -46.66 78.74 -14.60
CA PRO C 437 -45.54 78.00 -15.15
C PRO C 437 -44.16 78.53 -14.79
N GLY C 438 -44.09 79.67 -14.09
CA GLY C 438 -42.81 80.22 -13.68
C GLY C 438 -42.36 79.54 -12.42
N LEU C 439 -41.24 79.99 -11.85
CA LEU C 439 -40.81 79.50 -10.55
C LEU C 439 -41.83 79.91 -9.49
N PRO C 440 -42.08 79.02 -8.53
CA PRO C 440 -43.10 79.27 -7.51
C PRO C 440 -42.93 80.60 -6.80
N LEU C 441 -44.05 81.20 -6.43
CA LEU C 441 -44.06 82.54 -5.89
C LEU C 441 -45.10 82.60 -4.79
N TYR C 442 -44.64 82.79 -3.55
CA TYR C 442 -45.54 82.84 -2.41
C TYR C 442 -45.70 84.29 -1.98
N THR C 443 -46.94 84.73 -1.80
CA THR C 443 -47.25 86.11 -1.40
C THR C 443 -48.35 86.13 -0.35
N LEU C 444 -48.43 87.25 0.38
CA LEU C 444 -49.44 87.42 1.43
C LEU C 444 -50.41 88.52 1.00
N HIS C 445 -51.65 88.45 1.47
CA HIS C 445 -52.70 89.41 1.11
C HIS C 445 -53.69 89.61 2.26
N SER C 446 -54.27 90.80 2.37
CA SER C 446 -55.36 90.99 3.31
C SER C 446 -56.70 91.00 2.58
N SER C 447 -57.69 90.29 3.10
CA SER C 447 -58.96 90.09 2.39
C SER C 447 -59.83 91.35 2.35
N VAL C 448 -59.72 92.18 3.39
CA VAL C 448 -60.53 93.38 3.54
C VAL C 448 -60.66 94.20 2.26
N ASN C 449 -59.55 94.35 1.54
CA ASN C 449 -59.49 95.18 0.34
C ASN C 449 -58.78 94.46 -0.79
N ASP C 450 -58.38 93.21 -0.52
CA ASP C 450 -57.59 92.38 -1.43
C ASP C 450 -56.23 92.98 -1.78
N LYS C 451 -55.65 93.68 -0.81
CA LYS C 451 -54.34 94.31 -0.98
C LYS C 451 -53.25 93.27 -0.84
N GLY C 452 -52.34 93.26 -1.81
CA GLY C 452 -51.13 92.46 -1.73
C GLY C 452 -50.16 93.05 -0.73
N LEU C 453 -49.95 92.36 0.39
CA LEU C 453 -49.13 92.90 1.47
C LEU C 453 -47.63 92.81 1.16
N ARG C 454 -47.10 91.61 0.92
CA ARG C 454 -45.69 91.47 0.55
C ARG C 454 -45.35 90.15 -0.15
N VAL C 455 -44.14 90.05 -0.68
CA VAL C 455 -43.69 88.79 -1.29
C VAL C 455 -42.98 87.93 -0.25
N LEU C 456 -43.53 86.75 0.00
CA LEU C 456 -42.99 85.87 1.03
C LEU C 456 -41.76 85.11 0.55
N GLU C 457 -41.79 84.66 -0.70
CA GLU C 457 -40.68 83.90 -1.28
C GLU C 457 -40.85 83.97 -2.79
N ASP C 458 -39.74 84.03 -3.52
CA ASP C 458 -39.79 84.19 -4.97
C ASP C 458 -38.74 83.38 -5.72
N ASN C 459 -38.02 82.53 -4.99
CA ASN C 459 -37.06 81.60 -5.57
C ASN C 459 -35.99 82.21 -6.46
N SER C 460 -35.73 83.50 -6.28
CA SER C 460 -34.69 84.19 -7.02
C SER C 460 -33.31 83.53 -6.83
N ALA C 461 -33.07 82.98 -5.64
CA ALA C 461 -31.89 82.16 -5.36
C ALA C 461 -31.72 81.10 -6.45
N LEU C 462 -32.76 80.30 -6.65
CA LEU C 462 -32.79 79.28 -7.68
C LEU C 462 -32.76 79.88 -9.08
N ASP C 463 -33.50 80.96 -9.28
CA ASP C 463 -33.52 81.65 -10.57
C ASP C 463 -32.10 81.95 -11.06
N LYS C 464 -31.24 82.40 -10.15
CA LYS C 464 -29.84 82.67 -10.44
C LYS C 464 -29.21 81.43 -11.04
N MET C 465 -29.07 80.39 -10.22
CA MET C 465 -28.45 79.14 -10.65
C MET C 465 -28.99 78.56 -11.95
N LEU C 466 -30.26 78.82 -12.25
CA LEU C 466 -30.93 78.18 -13.37
C LEU C 466 -30.65 78.78 -14.74
N GLN C 467 -30.23 80.05 -14.79
CA GLN C 467 -29.82 80.60 -16.08
C GLN C 467 -28.42 80.13 -16.44
N ASN C 468 -27.75 79.54 -15.47
CA ASN C 468 -26.47 78.89 -15.71
C ASN C 468 -26.56 77.54 -16.43
N VAL C 469 -27.79 77.05 -16.58
CA VAL C 469 -28.00 75.72 -17.16
C VAL C 469 -29.02 75.77 -18.29
N GLN C 470 -28.78 74.99 -19.33
CA GLN C 470 -29.70 74.90 -20.47
C GLN C 470 -31.00 74.16 -20.16
N MET C 471 -31.96 74.88 -19.58
CA MET C 471 -33.24 74.29 -19.22
C MET C 471 -34.07 73.95 -20.45
N PRO C 472 -35.03 73.05 -20.28
CA PRO C 472 -36.02 72.80 -21.30
C PRO C 472 -37.20 73.74 -21.14
N SER C 473 -38.08 73.79 -22.14
CA SER C 473 -39.28 74.60 -22.06
C SER C 473 -40.51 73.70 -22.08
N LYS C 474 -41.67 74.26 -21.71
CA LYS C 474 -42.91 73.49 -21.67
C LYS C 474 -43.95 74.15 -22.55
N LYS C 475 -44.47 73.42 -23.53
CA LYS C 475 -45.60 73.90 -24.31
C LYS C 475 -46.87 73.24 -23.80
N LEU C 476 -47.90 74.05 -23.54
CA LEU C 476 -49.22 73.58 -23.13
C LEU C 476 -50.16 73.97 -24.25
N ASP C 477 -50.72 72.99 -24.94
CA ASP C 477 -51.67 73.31 -25.98
C ASP C 477 -52.71 72.19 -26.08
N PHE C 478 -53.55 72.24 -27.10
CA PHE C 478 -54.54 71.18 -27.28
C PHE C 478 -54.64 70.71 -28.72
N ILE C 479 -55.30 69.58 -28.93
CA ILE C 479 -55.67 69.18 -30.27
C ILE C 479 -57.17 68.98 -30.26
N ILE C 480 -57.75 68.78 -31.44
CA ILE C 480 -59.19 68.62 -31.52
C ILE C 480 -59.53 67.25 -32.10
N LEU C 481 -60.32 66.49 -31.35
CA LEU C 481 -60.89 65.26 -31.86
C LEU C 481 -62.40 65.35 -31.62
N ASN C 482 -63.20 64.94 -32.59
CA ASN C 482 -64.66 65.16 -32.56
C ASN C 482 -65.04 66.50 -31.92
N GLU C 483 -64.57 67.57 -32.55
CA GLU C 483 -64.77 68.96 -32.09
C GLU C 483 -64.94 69.12 -30.58
N THR C 484 -64.11 68.43 -29.81
CA THR C 484 -63.87 68.81 -28.42
C THR C 484 -62.36 68.92 -28.29
N LYS C 485 -61.89 69.83 -27.44
CA LYS C 485 -60.43 69.93 -27.25
C LYS C 485 -59.89 69.02 -26.16
N PHE C 486 -58.74 68.43 -26.47
CA PHE C 486 -57.99 67.58 -25.55
C PHE C 486 -56.59 68.16 -25.43
N TRP C 487 -56.16 68.40 -24.19
CA TRP C 487 -54.90 69.09 -23.92
C TRP C 487 -53.68 68.18 -23.84
N TYR C 488 -52.54 68.68 -24.32
CA TYR C 488 -51.30 67.95 -24.20
C TYR C 488 -50.25 68.90 -23.65
N GLN C 489 -49.14 68.36 -23.16
CA GLN C 489 -48.02 69.18 -22.77
C GLN C 489 -46.76 68.49 -23.28
N MET C 490 -45.73 69.29 -23.52
CA MET C 490 -44.47 68.76 -24.04
C MET C 490 -43.33 69.45 -23.34
N ILE C 491 -42.45 68.66 -22.72
CA ILE C 491 -41.21 69.21 -22.21
C ILE C 491 -40.23 69.13 -23.38
N LEU C 492 -39.85 70.31 -23.86
CA LEU C 492 -39.03 70.47 -25.06
C LEU C 492 -37.60 70.80 -24.69
N PRO C 493 -36.65 70.15 -25.37
CA PRO C 493 -35.22 70.38 -25.15
C PRO C 493 -34.82 71.84 -25.38
N PRO C 494 -33.76 72.29 -24.72
CA PRO C 494 -33.27 73.65 -24.91
C PRO C 494 -32.96 73.86 -26.39
N HIS C 495 -33.08 75.10 -26.86
CA HIS C 495 -32.87 75.40 -28.29
C HIS C 495 -33.71 74.50 -29.21
N PHE C 496 -34.97 74.27 -28.83
CA PHE C 496 -35.82 73.36 -29.60
C PHE C 496 -35.97 73.82 -31.04
N ASP C 497 -35.45 73.03 -31.97
CA ASP C 497 -35.53 73.38 -33.38
C ASP C 497 -36.61 72.59 -34.13
N LYS C 498 -37.73 73.26 -34.42
CA LYS C 498 -38.96 72.61 -34.87
C LYS C 498 -38.85 71.90 -36.22
N SER C 499 -37.65 71.89 -36.79
CA SER C 499 -37.46 71.28 -38.11
C SER C 499 -36.72 69.95 -38.04
N LYS C 500 -36.26 69.58 -36.85
CA LYS C 500 -35.56 68.30 -36.66
C LYS C 500 -36.50 67.19 -36.20
N LYS C 501 -36.07 65.94 -36.35
CA LYS C 501 -36.87 64.80 -35.87
C LYS C 501 -36.43 64.39 -34.47
N TYR C 502 -37.21 64.73 -33.45
CA TYR C 502 -36.87 64.39 -32.07
C TYR C 502 -37.49 63.07 -31.66
N PRO C 503 -36.79 62.33 -30.80
CA PRO C 503 -37.37 61.15 -30.18
C PRO C 503 -38.33 61.59 -29.07
N LEU C 504 -39.46 60.87 -28.95
CA LEU C 504 -40.51 61.25 -28.01
C LEU C 504 -40.88 60.15 -27.03
N LEU C 505 -40.92 60.53 -25.75
CA LEU C 505 -41.36 59.68 -24.67
C LEU C 505 -42.72 60.16 -24.19
N LEU C 506 -43.74 59.31 -24.33
CA LEU C 506 -45.06 59.64 -23.83
C LEU C 506 -45.19 59.30 -22.35
N ASP C 507 -45.39 60.34 -21.54
CA ASP C 507 -45.57 60.23 -20.10
C ASP C 507 -47.06 60.08 -19.79
N VAL C 508 -47.47 58.93 -19.28
CA VAL C 508 -48.90 58.66 -19.13
C VAL C 508 -49.32 58.38 -17.68
N TYR C 509 -50.44 58.95 -17.27
CA TYR C 509 -51.14 58.42 -16.12
C TYR C 509 -52.51 57.91 -16.54
N ALA C 510 -53.33 58.81 -17.09
CA ALA C 510 -54.62 58.48 -17.74
C ALA C 510 -55.77 57.98 -16.85
N GLY C 511 -55.54 57.95 -15.53
CA GLY C 511 -56.57 57.50 -14.62
C GLY C 511 -57.79 58.42 -14.62
N PRO C 512 -58.94 57.88 -14.23
CA PRO C 512 -60.19 58.65 -14.17
C PRO C 512 -59.99 59.95 -13.41
N CYS C 513 -60.36 61.06 -14.04
CA CYS C 513 -60.23 62.39 -13.46
C CYS C 513 -58.78 62.83 -13.26
N SER C 514 -57.86 62.23 -13.99
CA SER C 514 -56.47 62.64 -13.90
C SER C 514 -56.24 63.87 -14.76
N GLN C 515 -55.09 64.52 -14.55
CA GLN C 515 -54.68 65.66 -15.35
C GLN C 515 -53.15 65.72 -15.42
N LYS C 516 -52.61 65.33 -16.56
CA LYS C 516 -51.16 65.34 -16.74
C LYS C 516 -50.69 66.49 -17.61
N ALA C 517 -51.63 67.29 -18.11
CA ALA C 517 -51.32 68.47 -18.92
C ALA C 517 -51.80 69.69 -18.16
N ASP C 518 -50.89 70.30 -17.40
CA ASP C 518 -51.24 71.46 -16.58
C ASP C 518 -50.17 72.53 -16.74
N THR C 519 -50.22 73.59 -15.94
CA THR C 519 -49.21 74.64 -15.99
C THR C 519 -48.26 74.67 -14.81
N VAL C 520 -48.05 73.53 -14.16
CA VAL C 520 -47.16 73.49 -13.00
C VAL C 520 -45.70 73.48 -13.47
N PHE C 521 -44.83 74.10 -12.67
CA PHE C 521 -43.40 74.05 -12.91
C PHE C 521 -42.83 72.86 -12.17
N ARG C 522 -42.16 71.97 -12.90
CA ARG C 522 -41.64 70.75 -12.28
C ARG C 522 -40.17 70.48 -12.63
N LEU C 523 -39.39 70.09 -11.62
CA LEU C 523 -38.03 69.62 -11.84
C LEU C 523 -38.04 68.12 -11.61
N ASN C 524 -38.04 67.36 -12.69
CA ASN C 524 -38.14 65.91 -12.54
C ASN C 524 -37.38 65.18 -13.62
N TRP C 525 -37.54 63.86 -13.63
CA TRP C 525 -36.88 63.02 -14.64
C TRP C 525 -37.05 63.57 -16.05
N ALA C 526 -38.26 64.05 -16.38
CA ALA C 526 -38.54 64.56 -17.70
C ALA C 526 -37.68 65.78 -18.03
N THR C 527 -37.43 66.60 -17.03
CA THR C 527 -36.50 67.73 -17.18
C THR C 527 -35.14 67.25 -17.68
N TYR C 528 -34.56 66.27 -16.99
CA TYR C 528 -33.31 65.68 -17.43
C TYR C 528 -33.41 65.13 -18.85
N LEU C 529 -34.43 64.34 -19.14
CA LEU C 529 -34.56 63.72 -20.47
C LEU C 529 -34.60 64.74 -21.58
N ALA C 530 -35.35 65.82 -21.38
CA ALA C 530 -35.37 66.89 -22.36
C ALA C 530 -34.02 67.60 -22.41
N SER C 531 -33.56 68.08 -21.25
CA SER C 531 -32.38 68.93 -21.18
C SER C 531 -31.10 68.24 -21.66
N THR C 532 -30.82 67.04 -21.16
CA THR C 532 -29.55 66.38 -21.46
C THR C 532 -29.62 65.39 -22.63
N GLU C 533 -30.79 64.80 -22.87
CA GLU C 533 -30.89 63.76 -23.89
C GLU C 533 -31.69 64.18 -25.12
N ASN C 534 -32.21 65.41 -25.11
CA ASN C 534 -33.04 65.91 -26.21
C ASN C 534 -34.15 64.92 -26.55
N ILE C 535 -34.96 64.62 -25.56
CA ILE C 535 -36.16 63.82 -25.78
C ILE C 535 -37.32 64.70 -25.42
N ILE C 536 -38.34 64.71 -26.26
CA ILE C 536 -39.55 65.44 -25.92
C ILE C 536 -40.33 64.53 -24.98
N VAL C 537 -40.66 65.06 -23.80
CA VAL C 537 -41.48 64.29 -22.89
C VAL C 537 -42.87 64.92 -22.93
N ALA C 538 -43.82 64.14 -23.45
CA ALA C 538 -45.17 64.61 -23.72
C ALA C 538 -46.18 63.88 -22.86
N SER C 539 -47.18 64.60 -22.40
CA SER C 539 -48.32 63.98 -21.74
C SER C 539 -49.60 64.44 -22.40
N PHE C 540 -50.64 63.60 -22.33
CA PHE C 540 -51.89 63.89 -22.99
C PHE C 540 -53.08 63.50 -22.12
N ASP C 541 -53.97 64.46 -21.85
CA ASP C 541 -55.22 64.21 -21.13
C ASP C 541 -56.33 63.88 -22.08
N GLY C 542 -56.69 62.60 -22.14
CA GLY C 542 -57.74 62.14 -23.07
C GLY C 542 -59.06 61.90 -22.39
N ARG C 543 -59.89 61.03 -22.95
CA ARG C 543 -61.16 60.71 -22.33
C ARG C 543 -60.95 60.07 -20.99
N GLY C 544 -61.78 60.47 -20.03
CA GLY C 544 -61.63 59.99 -18.68
C GLY C 544 -60.98 61.03 -17.78
N SER C 545 -60.28 62.00 -18.36
CA SER C 545 -59.60 62.99 -17.53
C SER C 545 -60.56 63.99 -16.90
N GLY C 546 -60.06 64.76 -15.94
CA GLY C 546 -60.94 65.58 -15.14
C GLY C 546 -61.00 67.04 -15.52
N TYR C 547 -61.81 67.79 -14.78
CA TYR C 547 -61.82 69.25 -14.81
C TYR C 547 -62.39 69.80 -16.10
N GLN C 548 -62.94 68.91 -16.92
CA GLN C 548 -63.52 69.32 -18.18
C GLN C 548 -64.97 68.84 -18.29
N GLY C 549 -65.60 68.57 -17.15
CA GLY C 549 -66.94 68.06 -17.15
C GLY C 549 -67.11 66.56 -17.43
N ASP C 550 -68.28 66.08 -17.05
CA ASP C 550 -68.62 64.66 -17.09
C ASP C 550 -68.63 64.00 -18.46
N LYS C 551 -68.88 64.74 -19.53
CA LYS C 551 -68.91 64.12 -20.86
C LYS C 551 -67.52 63.60 -21.18
N ILE C 552 -66.49 64.29 -20.71
CA ILE C 552 -65.14 63.77 -20.86
C ILE C 552 -64.84 62.80 -19.73
N MET C 553 -65.15 63.17 -18.50
CA MET C 553 -64.77 62.29 -17.38
C MET C 553 -65.45 60.92 -17.38
N HIS C 554 -66.78 60.90 -17.38
CA HIS C 554 -67.53 59.65 -17.35
C HIS C 554 -67.47 58.83 -18.63
N ALA C 555 -66.71 59.27 -19.62
CA ALA C 555 -66.66 58.57 -20.89
C ALA C 555 -66.14 57.14 -20.80
N ILE C 556 -65.48 56.82 -19.69
CA ILE C 556 -64.87 55.49 -19.51
C ILE C 556 -65.59 54.70 -18.44
N ASN C 557 -66.77 55.18 -18.04
CA ASN C 557 -67.52 54.52 -16.99
C ASN C 557 -67.75 53.07 -17.35
N ARG C 558 -67.63 52.18 -16.37
CA ARG C 558 -67.76 50.75 -16.56
C ARG C 558 -66.92 50.19 -17.69
N ARG C 559 -66.07 51.02 -18.28
CA ARG C 559 -65.34 50.64 -19.47
C ARG C 559 -63.85 51.02 -19.41
N LEU C 560 -63.23 50.75 -18.26
CA LEU C 560 -61.80 51.02 -18.06
C LEU C 560 -60.92 50.23 -19.01
N GLY C 561 -59.81 50.81 -19.39
CA GLY C 561 -58.88 50.12 -20.28
C GLY C 561 -59.30 50.18 -21.75
N THR C 562 -60.23 51.06 -22.07
CA THR C 562 -60.57 51.29 -23.47
C THR C 562 -60.24 52.72 -23.90
N PHE C 563 -61.26 53.58 -23.94
CA PHE C 563 -61.09 54.94 -24.47
C PHE C 563 -59.84 55.68 -24.00
N GLU C 564 -59.47 55.54 -22.73
CA GLU C 564 -58.29 56.25 -22.23
C GLU C 564 -57.01 55.71 -22.87
N VAL C 565 -56.99 54.43 -23.24
CA VAL C 565 -55.79 53.87 -23.88
C VAL C 565 -55.76 54.22 -25.38
N GLU C 566 -56.93 54.13 -26.03
CA GLU C 566 -57.01 54.43 -27.45
C GLU C 566 -56.68 55.91 -27.69
N ASP C 567 -57.17 56.80 -26.83
CA ASP C 567 -56.86 58.23 -26.95
C ASP C 567 -55.38 58.50 -26.74
N GLN C 568 -54.71 57.66 -25.98
CA GLN C 568 -53.29 57.88 -25.74
C GLN C 568 -52.55 57.57 -27.04
N ILE C 569 -52.84 56.40 -27.63
CA ILE C 569 -52.29 56.00 -28.92
C ILE C 569 -52.55 57.03 -30.01
N GLU C 570 -53.78 57.56 -30.02
CA GLU C 570 -54.17 58.62 -30.94
C GLU C 570 -53.26 59.82 -30.79
N ALA C 571 -53.13 60.29 -29.55
CA ALA C 571 -52.27 61.44 -29.25
C ALA C 571 -50.88 61.26 -29.81
N ALA C 572 -50.34 60.04 -29.67
CA ALA C 572 -49.05 59.74 -30.26
C ALA C 572 -49.06 60.02 -31.77
N ARG C 573 -50.04 59.46 -32.49
CA ARG C 573 -50.16 59.68 -33.94
C ARG C 573 -50.17 61.16 -34.28
N GLN C 574 -50.96 61.93 -33.53
CA GLN C 574 -51.03 63.37 -33.71
C GLN C 574 -49.66 64.02 -33.58
N PHE C 575 -48.86 63.54 -32.65
CA PHE C 575 -47.54 64.13 -32.47
C PHE C 575 -46.62 63.85 -33.65
N SER C 576 -46.74 62.66 -34.26
CA SER C 576 -46.04 62.36 -35.52
C SER C 576 -46.40 63.39 -36.59
N LYS C 577 -47.70 63.57 -36.79
CA LYS C 577 -48.22 64.62 -37.66
C LYS C 577 -47.52 65.96 -37.49
N MET C 578 -47.26 66.35 -36.24
CA MET C 578 -46.65 67.66 -35.95
C MET C 578 -45.30 67.88 -36.65
N GLY C 579 -44.65 66.78 -37.05
CA GLY C 579 -43.52 66.87 -37.97
C GLY C 579 -42.15 66.82 -37.32
N PHE C 580 -42.02 67.37 -36.12
CA PHE C 580 -40.73 67.38 -35.40
C PHE C 580 -40.46 66.14 -34.55
N VAL C 581 -41.19 65.05 -34.83
CA VAL C 581 -41.03 63.83 -34.06
C VAL C 581 -40.44 62.74 -34.95
N ASP C 582 -39.44 62.03 -34.43
CA ASP C 582 -38.93 60.86 -35.10
C ASP C 582 -39.98 59.75 -34.99
N ASN C 583 -40.64 59.48 -36.10
CA ASN C 583 -41.52 58.32 -36.25
C ASN C 583 -41.06 57.03 -35.59
N LYS C 584 -39.82 56.63 -35.86
CA LYS C 584 -39.38 55.30 -35.46
C LYS C 584 -38.81 55.32 -34.04
N ARG C 585 -39.05 56.39 -33.30
CA ARG C 585 -38.57 56.49 -31.93
C ARG C 585 -39.60 57.12 -30.99
N ILE C 586 -40.76 56.47 -30.89
CA ILE C 586 -41.73 56.84 -29.87
C ILE C 586 -41.79 55.82 -28.72
N ALA C 587 -41.61 56.31 -27.49
CA ALA C 587 -41.70 55.50 -26.29
C ALA C 587 -42.86 55.94 -25.37
N ILE C 588 -43.22 55.07 -24.44
CA ILE C 588 -44.29 55.36 -23.49
C ILE C 588 -43.94 54.80 -22.10
N TRP C 589 -44.27 55.55 -21.04
CA TRP C 589 -44.01 55.06 -19.68
C TRP C 589 -44.99 55.69 -18.70
N GLY C 590 -45.25 54.97 -17.62
CA GLY C 590 -46.18 55.42 -16.59
C GLY C 590 -46.17 54.49 -15.39
N TRP C 591 -46.78 54.95 -14.31
CA TRP C 591 -46.65 54.32 -13.00
C TRP C 591 -48.07 54.18 -12.45
N SER C 592 -48.35 53.08 -11.76
CA SER C 592 -49.73 52.74 -11.37
C SER C 592 -50.67 52.56 -12.56
N TYR C 593 -51.80 53.26 -12.50
CA TYR C 593 -52.71 53.28 -13.62
C TYR C 593 -51.87 53.57 -14.86
N GLY C 594 -50.93 54.50 -14.72
CA GLY C 594 -50.00 54.85 -15.77
C GLY C 594 -49.31 53.64 -16.33
N GLY C 595 -48.99 52.70 -15.45
CA GLY C 595 -48.32 51.48 -15.88
C GLY C 595 -49.25 50.58 -16.65
N TYR C 596 -50.49 50.53 -16.16
CA TYR C 596 -51.52 49.73 -16.79
C TYR C 596 -51.75 50.21 -18.21
N VAL C 597 -51.98 51.52 -18.36
CA VAL C 597 -52.19 52.09 -19.68
C VAL C 597 -50.99 51.83 -20.58
N THR C 598 -49.78 52.15 -20.10
CA THR C 598 -48.56 51.88 -20.84
C THR C 598 -48.59 50.45 -21.36
N SER C 599 -48.90 49.52 -20.47
CA SER C 599 -48.93 48.10 -20.81
C SER C 599 -50.01 47.77 -21.84
N MET C 600 -51.22 48.27 -21.57
CA MET C 600 -52.33 48.12 -22.51
C MET C 600 -51.97 48.66 -23.89
N VAL C 601 -51.34 49.84 -23.91
CA VAL C 601 -50.89 50.44 -25.15
C VAL C 601 -49.88 49.54 -25.85
N LEU C 602 -48.80 49.20 -25.14
CA LEU C 602 -47.77 48.34 -25.74
C LEU C 602 -48.40 47.03 -26.22
N GLY C 603 -49.48 46.61 -25.58
CA GLY C 603 -50.07 45.34 -25.91
C GLY C 603 -51.07 45.36 -27.06
N SER C 604 -51.36 46.54 -27.58
CA SER C 604 -52.43 46.65 -28.57
C SER C 604 -51.94 46.38 -29.98
N GLY C 605 -50.62 46.26 -30.15
CA GLY C 605 -50.00 46.16 -31.47
C GLY C 605 -50.47 47.21 -32.48
N SER C 606 -50.33 48.47 -32.11
CA SER C 606 -50.66 49.57 -33.00
C SER C 606 -49.37 49.99 -33.71
N GLY C 607 -48.28 49.32 -33.36
CA GLY C 607 -46.97 49.62 -33.97
C GLY C 607 -46.47 51.06 -33.88
N VAL C 608 -47.17 51.89 -33.12
CA VAL C 608 -46.77 53.28 -32.96
C VAL C 608 -45.58 53.44 -32.03
N PHE C 609 -45.46 52.52 -31.07
CA PHE C 609 -44.41 52.64 -30.06
C PHE C 609 -43.32 51.61 -30.23
N LYS C 610 -42.07 52.04 -30.04
CA LYS C 610 -40.92 51.14 -30.11
C LYS C 610 -40.75 50.40 -28.80
N CYS C 611 -41.14 51.05 -27.71
CA CYS C 611 -40.88 50.51 -26.38
C CYS C 611 -41.55 51.31 -25.27
N GLY C 612 -41.65 50.67 -24.11
CA GLY C 612 -42.23 51.29 -22.92
C GLY C 612 -41.75 50.73 -21.59
N ILE C 613 -42.02 51.47 -20.53
CA ILE C 613 -41.71 51.02 -19.18
C ILE C 613 -42.97 51.13 -18.34
N ALA C 614 -43.29 50.02 -17.68
CA ALA C 614 -44.38 49.99 -16.71
C ALA C 614 -43.84 49.86 -15.29
N VAL C 615 -44.11 50.85 -14.45
CA VAL C 615 -43.73 50.80 -13.05
C VAL C 615 -44.96 50.54 -12.20
N ALA C 616 -44.90 49.49 -11.37
CA ALA C 616 -46.01 49.03 -10.52
C ALA C 616 -47.39 49.10 -11.20
N PRO C 617 -47.53 48.45 -12.36
CA PRO C 617 -48.76 48.59 -13.12
C PRO C 617 -49.88 47.77 -12.50
N VAL C 618 -51.12 48.18 -12.70
CA VAL C 618 -52.26 47.29 -12.51
C VAL C 618 -52.29 46.40 -13.74
N SER C 619 -52.51 45.10 -13.59
CA SER C 619 -52.57 44.22 -14.75
C SER C 619 -53.96 43.64 -15.04
N ARG C 620 -54.74 43.35 -14.01
CA ARG C 620 -56.17 43.10 -14.21
C ARG C 620 -56.95 43.59 -13.00
N TRP C 621 -58.11 44.17 -13.26
CA TRP C 621 -58.85 44.89 -12.25
C TRP C 621 -59.29 44.09 -11.03
N GLU C 622 -59.49 42.78 -11.20
CA GLU C 622 -59.85 41.97 -10.04
C GLU C 622 -58.78 41.97 -8.92
N TYR C 623 -57.58 42.43 -9.24
CA TYR C 623 -56.52 42.53 -8.26
C TYR C 623 -56.52 43.82 -7.45
N TYR C 624 -56.97 44.93 -8.04
CA TYR C 624 -56.86 46.19 -7.30
C TYR C 624 -57.96 46.28 -6.23
N ASP C 625 -57.86 47.27 -5.34
CA ASP C 625 -58.79 47.37 -4.23
C ASP C 625 -60.18 47.71 -4.73
N SER C 626 -61.18 47.31 -3.94
CA SER C 626 -62.59 47.43 -4.30
C SER C 626 -63.10 48.86 -4.47
N VAL C 627 -62.79 49.73 -3.50
CA VAL C 627 -63.31 51.09 -3.49
C VAL C 627 -62.99 51.86 -4.77
N TYR C 628 -61.73 51.79 -5.19
CA TYR C 628 -61.32 52.43 -6.44
C TYR C 628 -61.93 51.67 -7.62
N THR C 629 -61.58 50.39 -7.76
CA THR C 629 -61.94 49.64 -8.94
C THR C 629 -63.43 49.68 -9.24
N GLU C 630 -64.25 49.47 -8.22
CA GLU C 630 -65.69 49.35 -8.42
C GLU C 630 -66.30 50.70 -8.70
N ARG C 631 -65.68 51.75 -8.18
CA ARG C 631 -66.16 53.10 -8.44
C ARG C 631 -66.26 53.30 -9.96
N TYR C 632 -65.42 52.64 -10.72
CA TYR C 632 -65.45 52.79 -12.17
C TYR C 632 -65.99 51.56 -12.91
N MET C 633 -65.78 50.37 -12.37
CA MET C 633 -66.11 49.13 -13.08
C MET C 633 -67.37 48.42 -12.58
N GLY C 634 -67.85 48.80 -11.39
CA GLY C 634 -68.93 48.07 -10.75
C GLY C 634 -68.36 46.76 -10.26
N LEU C 635 -69.23 45.75 -10.12
CA LEU C 635 -68.84 44.44 -9.57
C LEU C 635 -68.48 43.43 -10.65
N PRO C 636 -67.44 42.63 -10.38
CA PRO C 636 -67.01 41.59 -11.32
C PRO C 636 -67.89 40.34 -11.22
N THR C 637 -69.20 40.52 -11.31
CA THR C 637 -70.13 39.40 -11.35
C THR C 637 -70.82 39.33 -12.72
N PRO C 638 -71.33 38.16 -13.10
CA PRO C 638 -72.01 37.99 -14.39
C PRO C 638 -73.23 38.90 -14.55
N GLU C 639 -73.94 39.18 -13.45
CA GLU C 639 -75.11 40.05 -13.47
C GLU C 639 -74.70 41.51 -13.68
N ASP C 640 -73.42 41.80 -13.49
CA ASP C 640 -72.97 43.18 -13.55
C ASP C 640 -71.94 43.38 -14.67
N ASN C 641 -70.65 43.39 -14.35
CA ASN C 641 -69.65 43.74 -15.33
C ASN C 641 -68.45 42.78 -15.44
N LEU C 642 -68.65 41.53 -15.03
CA LEU C 642 -67.60 40.53 -15.11
C LEU C 642 -66.97 40.46 -16.50
N ASP C 643 -67.79 40.58 -17.53
CA ASP C 643 -67.29 40.49 -18.91
C ASP C 643 -66.23 41.52 -19.22
N HIS C 644 -66.51 42.77 -18.88
CA HIS C 644 -65.48 43.77 -19.11
C HIS C 644 -64.28 43.66 -18.20
N TYR C 645 -64.48 43.17 -16.97
CA TYR C 645 -63.31 42.86 -16.16
C TYR C 645 -62.37 41.92 -16.93
N ARG C 646 -62.93 40.84 -17.47
CA ARG C 646 -62.14 39.84 -18.20
C ARG C 646 -61.62 40.30 -19.56
N ASN C 647 -62.36 41.20 -20.21
CA ASN C 647 -62.00 41.70 -21.53
C ASN C 647 -60.93 42.78 -21.45
N SER C 648 -60.48 43.13 -20.24
CA SER C 648 -59.57 44.28 -20.11
C SER C 648 -58.28 44.06 -19.33
N THR C 649 -57.79 42.81 -19.30
CA THR C 649 -56.52 42.51 -18.63
C THR C 649 -55.35 42.83 -19.54
N VAL C 650 -54.17 43.02 -18.96
CA VAL C 650 -52.95 43.15 -19.76
C VAL C 650 -52.56 41.79 -20.34
N MET C 651 -52.66 40.72 -19.54
CA MET C 651 -52.15 39.43 -19.99
C MET C 651 -52.75 38.91 -21.28
N SER C 652 -54.02 39.21 -21.57
CA SER C 652 -54.60 38.75 -22.84
C SER C 652 -53.93 39.39 -24.05
N ARG C 653 -53.28 40.53 -23.85
CA ARG C 653 -52.57 41.19 -24.93
C ARG C 653 -51.11 40.77 -25.06
N ALA C 654 -50.72 39.77 -24.28
CA ALA C 654 -49.31 39.34 -24.19
C ALA C 654 -48.68 39.12 -25.57
N GLU C 655 -49.38 38.40 -26.43
CA GLU C 655 -48.93 38.09 -27.78
C GLU C 655 -48.35 39.29 -28.52
N ASN C 656 -48.97 40.46 -28.39
CA ASN C 656 -48.56 41.61 -29.18
C ASN C 656 -47.30 42.29 -28.67
N PHE C 657 -46.79 41.84 -27.53
CA PHE C 657 -45.59 42.45 -26.98
C PHE C 657 -44.41 42.01 -27.82
N LYS C 658 -44.67 41.05 -28.72
CA LYS C 658 -43.65 40.54 -29.64
C LYS C 658 -43.10 41.64 -30.53
N GLN C 659 -43.80 42.76 -30.60
CA GLN C 659 -43.37 43.87 -31.45
C GLN C 659 -42.74 45.05 -30.70
N VAL C 660 -42.53 44.93 -29.40
CA VAL C 660 -42.00 46.07 -28.64
C VAL C 660 -40.99 45.62 -27.60
N GLU C 661 -40.06 46.51 -27.25
CA GLU C 661 -39.21 46.28 -26.09
C GLU C 661 -39.89 46.78 -24.82
N TYR C 662 -39.92 45.92 -23.80
CA TYR C 662 -40.70 46.18 -22.60
C TYR C 662 -39.86 46.15 -21.33
N LEU C 663 -40.13 47.04 -20.40
CA LEU C 663 -39.49 47.00 -19.07
C LEU C 663 -40.55 46.96 -17.97
N LEU C 664 -40.55 45.90 -17.17
CA LEU C 664 -41.50 45.74 -16.07
C LEU C 664 -40.76 45.98 -14.76
N ILE C 665 -41.24 46.92 -13.96
CA ILE C 665 -40.59 47.19 -12.66
C ILE C 665 -41.62 47.23 -11.54
N HIS C 666 -41.32 46.61 -10.41
CA HIS C 666 -42.32 46.53 -9.33
C HIS C 666 -41.69 46.24 -7.98
N GLY C 667 -42.08 46.98 -6.94
CA GLY C 667 -41.53 46.78 -5.60
C GLY C 667 -42.21 45.59 -4.96
N THR C 668 -41.43 44.71 -4.32
CA THR C 668 -41.99 43.45 -3.81
C THR C 668 -42.89 43.66 -2.61
N ALA C 669 -42.65 44.73 -1.85
CA ALA C 669 -43.42 45.01 -0.66
C ALA C 669 -44.52 46.05 -0.96
N ASP C 670 -45.01 46.02 -2.19
CA ASP C 670 -46.09 46.91 -2.63
C ASP C 670 -47.43 46.45 -2.06
N ASP C 671 -47.88 47.18 -1.05
CA ASP C 671 -49.14 46.87 -0.39
C ASP C 671 -50.32 47.41 -1.19
N ASN C 672 -50.06 48.34 -2.10
CA ASN C 672 -51.12 48.96 -2.88
C ASN C 672 -51.45 48.20 -4.16
N VAL C 673 -50.59 48.38 -5.15
CA VAL C 673 -50.68 47.56 -6.35
C VAL C 673 -49.79 46.39 -6.08
N HIS C 674 -50.39 45.27 -5.70
CA HIS C 674 -49.59 44.15 -5.27
C HIS C 674 -48.66 43.61 -6.35
N PHE C 675 -47.50 43.11 -5.90
CA PHE C 675 -46.49 42.61 -6.80
C PHE C 675 -47.15 41.60 -7.72
N GLN C 676 -48.06 40.82 -7.16
CA GLN C 676 -48.90 39.89 -7.92
C GLN C 676 -49.20 40.35 -9.34
N GLN C 677 -49.67 41.59 -9.48
CA GLN C 677 -50.02 42.12 -10.78
C GLN C 677 -48.88 41.97 -11.82
N SER C 678 -47.70 42.50 -11.51
CA SER C 678 -46.57 42.34 -12.41
C SER C 678 -46.22 40.87 -12.58
N ALA C 679 -46.33 40.10 -11.51
CA ALA C 679 -46.02 38.67 -11.55
C ALA C 679 -46.92 37.96 -12.55
N GLN C 680 -48.18 38.37 -12.63
CA GLN C 680 -49.09 37.83 -13.64
C GLN C 680 -48.74 38.23 -15.08
N ILE C 681 -48.17 39.41 -15.24
CA ILE C 681 -47.77 39.88 -16.55
C ILE C 681 -46.59 39.06 -17.08
N SER C 682 -45.52 39.00 -16.26
CA SER C 682 -44.31 38.27 -16.61
C SER C 682 -44.72 36.87 -17.03
N LYS C 683 -45.46 36.19 -16.18
CA LYS C 683 -45.93 34.84 -16.46
C LYS C 683 -46.59 34.77 -17.84
N ALA C 684 -47.48 35.71 -18.13
CA ALA C 684 -48.18 35.73 -19.39
C ALA C 684 -47.20 35.87 -20.55
N LEU C 685 -46.25 36.79 -20.42
CA LEU C 685 -45.26 37.00 -21.47
C LEU C 685 -44.36 35.79 -21.66
N VAL C 686 -43.98 35.14 -20.57
CA VAL C 686 -43.12 33.97 -20.66
C VAL C 686 -43.82 32.89 -21.47
N ASP C 687 -45.10 32.68 -21.14
CA ASP C 687 -45.92 31.64 -21.70
C ASP C 687 -46.13 31.75 -23.20
N VAL C 688 -46.11 32.98 -23.69
CA VAL C 688 -46.35 33.19 -25.10
C VAL C 688 -45.01 33.46 -25.82
N GLY C 689 -43.93 33.39 -25.05
CA GLY C 689 -42.57 33.41 -25.59
C GLY C 689 -42.15 34.79 -26.05
N VAL C 690 -42.32 35.79 -25.20
CA VAL C 690 -41.90 37.16 -25.52
C VAL C 690 -40.76 37.61 -24.62
N ASP C 691 -39.68 38.11 -25.20
CA ASP C 691 -38.58 38.58 -24.38
C ASP C 691 -38.93 39.96 -23.83
N PHE C 692 -38.40 40.29 -22.66
CA PHE C 692 -38.59 41.62 -22.08
C PHE C 692 -37.55 41.91 -21.01
N GLN C 693 -37.61 43.09 -20.40
CA GLN C 693 -36.70 43.42 -19.29
C GLN C 693 -37.53 43.48 -18.02
N ALA C 694 -36.89 43.19 -16.88
CA ALA C 694 -37.61 43.22 -15.62
C ALA C 694 -36.74 43.71 -14.46
N MET C 695 -37.40 44.22 -13.44
CA MET C 695 -36.68 44.65 -12.25
C MET C 695 -37.59 44.64 -11.03
N TRP C 696 -37.22 43.86 -10.02
CA TRP C 696 -37.96 43.94 -8.79
C TRP C 696 -37.22 44.86 -7.80
N TYR C 697 -37.94 45.38 -6.82
CA TYR C 697 -37.27 46.12 -5.78
C TYR C 697 -37.63 45.51 -4.43
N THR C 698 -36.62 44.83 -3.89
CA THR C 698 -36.71 44.16 -2.60
C THR C 698 -37.19 45.13 -1.53
N ASP C 699 -38.34 44.83 -0.94
CA ASP C 699 -38.89 45.56 0.19
C ASP C 699 -39.35 46.98 -0.11
N GLU C 700 -39.27 47.42 -1.36
CA GLU C 700 -39.83 48.71 -1.71
C GLU C 700 -41.33 48.55 -1.89
N ASP C 701 -42.08 49.62 -1.61
CA ASP C 701 -43.52 49.56 -1.81
C ASP C 701 -43.96 50.30 -3.06
N HIS C 702 -45.15 50.89 -3.02
CA HIS C 702 -45.64 51.54 -4.22
C HIS C 702 -44.87 52.81 -4.63
N GLY C 703 -44.22 53.43 -3.65
CA GLY C 703 -43.47 54.66 -3.88
C GLY C 703 -42.14 54.46 -4.59
N ILE C 704 -41.57 53.27 -4.46
CA ILE C 704 -40.16 53.01 -4.78
C ILE C 704 -39.40 54.27 -4.38
N ALA C 705 -39.69 54.71 -3.16
CA ALA C 705 -39.41 56.09 -2.76
C ALA C 705 -38.22 56.22 -1.80
N SER C 706 -37.68 55.08 -1.37
CA SER C 706 -36.55 55.09 -0.46
C SER C 706 -35.39 55.66 -1.24
N SER C 707 -34.45 56.25 -0.52
CA SER C 707 -33.45 57.07 -1.18
C SER C 707 -32.72 56.34 -2.30
N THR C 708 -32.09 55.22 -1.97
CA THR C 708 -31.23 54.47 -2.90
C THR C 708 -32.02 53.74 -3.99
N ALA C 709 -33.23 53.32 -3.65
CA ALA C 709 -34.10 52.66 -4.62
C ALA C 709 -34.51 53.68 -5.68
N HIS C 710 -34.83 54.87 -5.22
CA HIS C 710 -35.29 55.95 -6.09
C HIS C 710 -34.20 56.30 -7.10
N GLN C 711 -32.97 56.42 -6.63
CA GLN C 711 -31.88 56.68 -7.55
C GLN C 711 -31.70 55.50 -8.51
N HIS C 712 -31.76 54.30 -7.96
CA HIS C 712 -31.48 53.11 -8.75
C HIS C 712 -32.46 52.91 -9.90
N ILE C 713 -33.74 53.15 -9.64
CA ILE C 713 -34.75 52.91 -10.65
C ILE C 713 -34.65 53.90 -11.81
N TYR C 714 -34.71 55.19 -11.53
CA TYR C 714 -34.49 56.18 -12.57
C TYR C 714 -33.20 55.97 -13.35
N THR C 715 -32.18 55.41 -12.70
CA THR C 715 -30.95 55.15 -13.42
C THR C 715 -31.21 54.03 -14.41
N HIS C 716 -31.75 52.94 -13.88
CA HIS C 716 -32.06 51.81 -14.73
C HIS C 716 -33.00 52.18 -15.88
N MET C 717 -34.00 53.02 -15.60
CA MET C 717 -34.93 53.47 -16.63
C MET C 717 -34.24 54.31 -17.70
N SER C 718 -33.43 55.27 -17.27
CA SER C 718 -32.62 56.07 -18.17
C SER C 718 -31.79 55.26 -19.18
N HIS C 719 -31.01 54.28 -18.71
CA HIS C 719 -30.31 53.39 -19.62
C HIS C 719 -31.26 52.74 -20.62
N PHE C 720 -32.36 52.21 -20.12
CA PHE C 720 -33.34 51.57 -21.00
C PHE C 720 -33.78 52.50 -22.12
N ILE C 721 -34.19 53.71 -21.75
CA ILE C 721 -34.68 54.65 -22.74
C ILE C 721 -33.59 55.04 -23.74
N LYS C 722 -32.39 55.32 -23.24
CA LYS C 722 -31.26 55.69 -24.09
C LYS C 722 -30.96 54.61 -25.12
N GLN C 723 -30.84 53.36 -24.67
CA GLN C 723 -30.58 52.26 -25.60
C GLN C 723 -31.76 52.06 -26.57
N CYS C 724 -32.97 52.34 -26.11
CA CYS C 724 -34.13 52.17 -26.96
C CYS C 724 -34.11 53.22 -28.06
N PHE C 725 -33.57 54.39 -27.75
CA PHE C 725 -33.52 55.47 -28.71
C PHE C 725 -32.19 55.54 -29.43
N SER C 726 -31.26 54.64 -29.10
CA SER C 726 -29.89 54.68 -29.64
C SER C 726 -29.13 55.95 -29.28
N LEU C 727 -29.46 56.58 -28.16
CA LEU C 727 -28.65 57.69 -27.68
C LEU C 727 -27.48 57.06 -26.92
N PRO C 728 -26.25 57.29 -27.37
CA PRO C 728 -25.06 56.78 -26.65
C PRO C 728 -24.43 57.81 -25.71
N SER D 1 -19.34 23.73 -42.79
CA SER D 1 -19.93 24.68 -43.78
C SER D 1 -21.45 24.51 -44.12
N ARG D 2 -22.17 23.73 -43.30
CA ARG D 2 -23.64 23.57 -43.34
C ARG D 2 -24.29 24.47 -42.29
N LYS D 3 -25.43 24.06 -41.74
CA LYS D 3 -26.08 24.81 -40.65
C LYS D 3 -25.35 24.56 -39.31
N THR D 4 -25.59 25.41 -38.32
CA THR D 4 -24.98 25.24 -37.01
C THR D 4 -26.02 24.73 -36.03
N TYR D 5 -25.57 24.41 -34.81
CA TYR D 5 -26.47 24.05 -33.71
C TYR D 5 -26.99 25.37 -33.14
N THR D 6 -28.27 25.64 -33.36
CA THR D 6 -28.86 26.93 -33.03
C THR D 6 -29.54 26.92 -31.68
N LEU D 7 -29.86 28.11 -31.17
CA LEU D 7 -30.58 28.20 -29.92
C LEU D 7 -31.89 27.43 -30.02
N THR D 8 -32.55 27.53 -31.18
CA THR D 8 -33.82 26.83 -31.38
C THR D 8 -33.65 25.31 -31.39
N ASP D 9 -32.52 24.85 -31.91
CA ASP D 9 -32.22 23.41 -31.92
C ASP D 9 -32.22 22.84 -30.52
N TYR D 10 -31.59 23.58 -29.61
CA TYR D 10 -31.53 23.22 -28.21
C TYR D 10 -32.92 23.30 -27.57
N LEU D 11 -33.56 24.46 -27.72
CA LEU D 11 -34.82 24.73 -27.06
C LEU D 11 -35.97 23.86 -27.56
N LYS D 12 -36.05 23.70 -28.88
CA LYS D 12 -37.11 22.88 -29.48
C LYS D 12 -36.80 21.38 -29.47
N ASN D 13 -35.55 21.04 -29.17
CA ASN D 13 -35.11 19.66 -29.00
C ASN D 13 -35.09 18.89 -30.32
N THR D 14 -34.62 19.55 -31.38
CA THR D 14 -34.62 18.92 -32.69
C THR D 14 -33.66 17.74 -32.78
N TYR D 15 -32.50 17.82 -32.15
CA TYR D 15 -31.60 16.66 -32.14
C TYR D 15 -31.67 15.85 -30.85
N ARG D 16 -32.29 14.67 -30.92
CA ARG D 16 -32.65 13.86 -29.74
C ARG D 16 -31.72 12.65 -29.53
N LEU D 17 -31.21 12.47 -28.31
CA LEU D 17 -30.46 11.25 -27.94
C LEU D 17 -31.42 10.10 -27.62
N LYS D 18 -31.21 8.94 -28.23
CA LYS D 18 -32.00 7.77 -27.86
C LYS D 18 -31.37 7.12 -26.62
N LEU D 19 -32.21 6.52 -25.78
CA LEU D 19 -31.75 5.81 -24.58
C LEU D 19 -32.12 4.35 -24.73
N TYR D 20 -31.79 3.55 -23.71
CA TYR D 20 -32.27 2.18 -23.69
C TYR D 20 -32.57 1.81 -22.26
N SER D 21 -33.61 2.43 -21.71
CA SER D 21 -34.03 2.17 -20.33
C SER D 21 -34.69 0.81 -20.21
N LEU D 22 -34.00 -0.13 -19.56
CA LEU D 22 -34.58 -1.43 -19.33
C LEU D 22 -34.70 -1.65 -17.84
N ARG D 23 -35.75 -2.36 -17.45
CA ARG D 23 -35.94 -2.72 -16.05
C ARG D 23 -35.86 -4.24 -15.97
N TRP D 24 -34.80 -4.76 -15.35
CA TRP D 24 -34.64 -6.21 -15.20
C TRP D 24 -35.78 -6.81 -14.40
N ILE D 25 -36.21 -8.02 -14.72
CA ILE D 25 -37.24 -8.68 -13.92
C ILE D 25 -36.79 -10.02 -13.34
N SER D 26 -35.87 -10.70 -14.01
CA SER D 26 -35.29 -11.92 -13.46
C SER D 26 -33.79 -11.90 -13.68
N ASP D 27 -33.18 -13.07 -13.65
CA ASP D 27 -31.79 -13.16 -14.01
C ASP D 27 -31.63 -13.31 -15.52
N HIS D 28 -32.74 -13.46 -16.23
CA HIS D 28 -32.70 -13.87 -17.62
C HIS D 28 -33.50 -12.94 -18.52
N GLU D 29 -34.41 -12.18 -17.93
CA GLU D 29 -35.30 -11.33 -18.71
C GLU D 29 -35.32 -9.88 -18.25
N TYR D 30 -35.76 -8.99 -19.14
CA TYR D 30 -35.94 -7.59 -18.77
C TYR D 30 -37.07 -6.96 -19.56
N LEU D 31 -37.54 -5.80 -19.11
CA LEU D 31 -38.63 -5.10 -19.79
C LEU D 31 -38.13 -3.86 -20.51
N TYR D 32 -38.86 -3.45 -21.54
CA TYR D 32 -38.46 -2.32 -22.35
C TYR D 32 -39.68 -1.78 -23.11
N LYS D 33 -39.88 -0.47 -23.08
CA LYS D 33 -41.03 0.16 -23.70
C LYS D 33 -40.66 0.73 -25.06
N GLN D 34 -41.30 0.21 -26.12
CA GLN D 34 -41.12 0.72 -27.49
C GLN D 34 -42.47 0.93 -28.15
N GLU D 35 -42.63 2.05 -28.86
CA GLU D 35 -43.92 2.40 -29.46
C GLU D 35 -45.04 2.51 -28.40
N ASN D 36 -44.70 2.34 -27.12
CA ASN D 36 -45.66 2.22 -26.00
C ASN D 36 -46.17 0.81 -25.71
N ASN D 37 -45.47 -0.19 -26.23
CA ASN D 37 -45.76 -1.58 -25.87
C ASN D 37 -44.62 -2.06 -25.00
N ILE D 38 -44.89 -2.35 -23.74
CA ILE D 38 -43.85 -2.92 -22.92
C ILE D 38 -43.58 -4.34 -23.42
N LEU D 39 -42.32 -4.64 -23.72
CA LEU D 39 -41.91 -5.94 -24.22
C LEU D 39 -40.96 -6.58 -23.23
N VAL D 40 -41.03 -7.90 -23.15
CA VAL D 40 -40.06 -8.65 -22.36
C VAL D 40 -39.00 -9.21 -23.31
N PHE D 41 -37.73 -8.99 -22.99
CA PHE D 41 -36.64 -9.49 -23.81
C PHE D 41 -35.92 -10.64 -23.13
N ASN D 42 -35.40 -11.57 -23.93
CA ASN D 42 -34.61 -12.68 -23.41
C ASN D 42 -33.14 -12.32 -23.48
N ALA D 43 -32.54 -12.00 -22.34
CA ALA D 43 -31.14 -11.56 -22.28
C ALA D 43 -30.21 -12.38 -23.15
N GLU D 44 -30.40 -13.71 -23.10
CA GLU D 44 -29.52 -14.62 -23.80
C GLU D 44 -29.66 -14.48 -25.33
N TYR D 45 -30.84 -14.78 -25.88
CA TYR D 45 -30.98 -14.90 -27.33
C TYR D 45 -31.47 -13.64 -28.01
N GLY D 46 -32.14 -12.77 -27.26
CA GLY D 46 -32.50 -11.45 -27.78
C GLY D 46 -33.89 -11.34 -28.32
N ASN D 47 -34.57 -12.47 -28.49
CA ASN D 47 -35.97 -12.48 -28.95
C ASN D 47 -36.87 -11.81 -27.92
N SER D 48 -38.06 -11.43 -28.34
CA SER D 48 -38.95 -10.73 -27.42
C SER D 48 -40.44 -10.97 -27.68
N SER D 49 -41.17 -11.32 -26.62
CA SER D 49 -42.62 -11.37 -26.69
C SER D 49 -43.15 -9.99 -26.29
N VAL D 50 -44.37 -9.68 -26.74
CA VAL D 50 -45.07 -8.49 -26.27
C VAL D 50 -45.64 -8.81 -24.89
N PHE D 51 -45.35 -7.98 -23.90
CA PHE D 51 -45.82 -8.23 -22.54
C PHE D 51 -47.14 -7.54 -22.28
N LEU D 52 -47.34 -6.41 -22.96
CA LEU D 52 -48.54 -5.60 -22.77
C LEU D 52 -48.55 -4.53 -23.86
N GLU D 53 -49.74 -4.19 -24.35
CA GLU D 53 -49.85 -3.35 -25.53
C GLU D 53 -50.41 -1.97 -25.24
N ASN D 54 -49.96 -0.98 -26.02
CA ASN D 54 -50.51 0.38 -25.94
C ASN D 54 -52.02 0.34 -26.06
N SER D 55 -52.54 -0.79 -26.55
CA SER D 55 -53.97 -1.06 -26.67
C SER D 55 -54.65 -1.27 -25.32
N THR D 56 -54.09 -2.17 -24.51
CA THR D 56 -54.72 -2.62 -23.27
C THR D 56 -55.48 -1.52 -22.54
N PHE D 57 -54.91 -0.32 -22.49
CA PHE D 57 -55.53 0.80 -21.78
C PHE D 57 -55.95 1.96 -22.67
N ASP D 58 -56.49 1.67 -23.84
CA ASP D 58 -57.02 2.71 -24.72
C ASP D 58 -58.17 3.43 -24.04
N GLU D 59 -59.04 2.65 -23.42
CA GLU D 59 -60.19 3.20 -22.72
C GLU D 59 -60.04 2.99 -21.23
N PHE D 60 -58.91 3.43 -20.69
CA PHE D 60 -58.78 3.50 -19.24
C PHE D 60 -59.58 4.70 -18.75
N GLY D 61 -59.69 5.73 -19.59
CA GLY D 61 -60.42 6.94 -19.24
C GLY D 61 -59.52 8.01 -18.63
N HIS D 62 -58.35 7.58 -18.16
CA HIS D 62 -57.36 8.49 -17.57
C HIS D 62 -56.03 8.43 -18.31
N SER D 63 -55.34 9.56 -18.34
CA SER D 63 -53.99 9.64 -18.89
C SER D 63 -53.01 8.95 -17.93
N ILE D 64 -52.24 7.99 -18.42
CA ILE D 64 -51.39 7.17 -17.54
C ILE D 64 -49.95 7.64 -17.45
N ASN D 65 -49.58 8.14 -16.27
CA ASN D 65 -48.26 8.71 -16.04
C ASN D 65 -47.13 7.70 -15.97
N ASP D 66 -47.36 6.58 -15.29
CA ASP D 66 -46.32 5.55 -15.14
C ASP D 66 -46.93 4.21 -14.74
N TYR D 67 -46.17 3.14 -14.94
CA TYR D 67 -46.59 1.80 -14.55
C TYR D 67 -45.55 1.23 -13.59
N SER D 68 -45.86 0.10 -12.98
CA SER D 68 -44.95 -0.58 -12.08
C SER D 68 -45.47 -1.99 -11.82
N ILE D 69 -44.73 -2.99 -12.29
CA ILE D 69 -45.21 -4.35 -12.28
C ILE D 69 -44.78 -5.08 -11.02
N SER D 70 -45.71 -5.75 -10.33
CA SER D 70 -45.37 -6.57 -9.18
C SER D 70 -44.23 -7.52 -9.54
N PRO D 71 -43.32 -7.75 -8.60
CA PRO D 71 -42.16 -8.62 -8.82
C PRO D 71 -42.53 -10.00 -9.35
N ASP D 72 -43.69 -10.51 -8.95
CA ASP D 72 -44.13 -11.82 -9.41
C ASP D 72 -44.98 -11.79 -10.69
N GLY D 73 -44.87 -10.70 -11.47
CA GLY D 73 -45.49 -10.62 -12.79
C GLY D 73 -47.00 -10.64 -12.87
N GLN D 74 -47.66 -10.93 -11.76
CA GLN D 74 -49.10 -11.15 -11.76
C GLN D 74 -49.96 -9.89 -11.88
N PHE D 75 -49.45 -8.78 -11.37
CA PHE D 75 -50.22 -7.54 -11.33
C PHE D 75 -49.39 -6.39 -11.87
N ILE D 76 -50.07 -5.30 -12.20
CA ILE D 76 -49.39 -4.13 -12.73
C ILE D 76 -50.03 -2.87 -12.14
N LEU D 77 -49.19 -2.03 -11.57
CA LEU D 77 -49.66 -0.86 -10.85
C LEU D 77 -49.68 0.35 -11.77
N LEU D 78 -50.77 1.10 -11.75
CA LEU D 78 -50.95 2.21 -12.69
C LEU D 78 -51.03 3.56 -11.99
N GLU D 79 -50.15 4.47 -12.40
CA GLU D 79 -49.99 5.75 -11.74
C GLU D 79 -50.54 6.89 -12.61
N TYR D 80 -51.51 7.62 -12.07
CA TYR D 80 -52.12 8.73 -12.81
C TYR D 80 -52.53 9.86 -11.89
N ASN D 81 -52.83 11.02 -12.49
CA ASN D 81 -53.08 12.26 -11.74
C ASN D 81 -51.85 12.76 -11.02
N TYR D 82 -50.70 12.50 -11.63
CA TYR D 82 -49.42 12.90 -11.09
C TYR D 82 -49.44 14.38 -10.75
N VAL D 83 -49.16 14.71 -9.49
CA VAL D 83 -48.98 16.10 -9.10
C VAL D 83 -47.64 16.25 -8.38
N LYS D 84 -46.67 16.91 -9.03
CA LYS D 84 -45.33 17.05 -8.49
C LYS D 84 -45.31 17.85 -7.18
N GLN D 85 -44.48 17.43 -6.24
CA GLN D 85 -44.14 18.28 -5.10
C GLN D 85 -42.69 18.76 -5.22
N TRP D 86 -41.79 18.27 -4.37
CA TRP D 86 -40.39 18.71 -4.47
C TRP D 86 -39.65 17.89 -5.51
N ARG D 87 -38.33 17.80 -5.34
CA ARG D 87 -37.51 17.15 -6.35
C ARG D 87 -37.92 15.71 -6.66
N HIS D 88 -38.25 14.95 -5.63
CA HIS D 88 -38.63 13.56 -5.82
C HIS D 88 -40.06 13.27 -5.41
N SER D 89 -40.59 14.01 -4.44
CA SER D 89 -41.95 13.77 -3.98
C SER D 89 -43.01 14.20 -4.99
N TYR D 90 -44.15 13.51 -4.95
CA TYR D 90 -45.37 13.90 -5.66
C TYR D 90 -46.52 13.09 -5.07
N THR D 91 -47.76 13.41 -5.47
CA THR D 91 -48.91 12.53 -5.20
C THR D 91 -49.60 12.11 -6.48
N ALA D 92 -50.25 10.95 -6.41
CA ALA D 92 -50.91 10.38 -7.58
C ALA D 92 -52.12 9.55 -7.15
N SER D 93 -52.88 9.07 -8.14
CA SER D 93 -53.91 8.08 -7.88
C SER D 93 -53.45 6.80 -8.56
N TYR D 94 -53.94 5.68 -8.06
CA TYR D 94 -53.40 4.40 -8.49
C TYR D 94 -54.50 3.40 -8.79
N ASP D 95 -54.22 2.48 -9.71
CA ASP D 95 -55.09 1.36 -9.97
C ASP D 95 -54.25 0.12 -10.24
N ILE D 96 -54.71 -1.02 -9.73
CA ILE D 96 -54.01 -2.29 -9.91
C ILE D 96 -54.72 -3.15 -10.95
N TYR D 97 -53.97 -3.63 -11.92
CA TYR D 97 -54.54 -4.45 -12.98
C TYR D 97 -54.05 -5.88 -12.84
N ASP D 98 -54.99 -6.81 -12.72
CA ASP D 98 -54.68 -8.25 -12.64
C ASP D 98 -54.34 -8.77 -14.03
N LEU D 99 -53.17 -9.38 -14.18
CA LEU D 99 -52.75 -9.83 -15.50
C LEU D 99 -53.30 -11.21 -15.88
N ASN D 100 -53.49 -12.07 -14.89
CA ASN D 100 -54.15 -13.35 -15.10
C ASN D 100 -55.57 -13.09 -15.56
N LYS D 101 -56.33 -12.38 -14.73
CA LYS D 101 -57.75 -12.14 -14.99
C LYS D 101 -58.05 -10.96 -15.91
N ARG D 102 -57.03 -10.42 -16.56
CA ARG D 102 -57.18 -9.31 -17.52
C ARG D 102 -58.18 -8.23 -17.06
N GLN D 103 -58.10 -7.84 -15.79
CA GLN D 103 -59.08 -6.90 -15.22
C GLN D 103 -58.47 -5.91 -14.22
N LEU D 104 -59.18 -4.81 -14.00
CA LEU D 104 -58.80 -3.83 -12.99
C LEU D 104 -59.42 -4.26 -11.68
N ILE D 105 -58.73 -4.02 -10.57
CA ILE D 105 -59.25 -4.37 -9.25
C ILE D 105 -60.19 -3.25 -8.76
N THR D 106 -61.48 -3.56 -8.64
CA THR D 106 -62.48 -2.51 -8.47
C THR D 106 -62.78 -2.09 -7.03
N GLU D 107 -62.50 -2.96 -6.08
CA GLU D 107 -62.87 -2.67 -4.69
C GLU D 107 -61.65 -2.69 -3.78
N GLU D 108 -61.77 -2.01 -2.65
CA GLU D 108 -60.67 -1.81 -1.72
C GLU D 108 -59.45 -1.26 -2.46
N ARG D 109 -59.63 -0.13 -3.14
CA ARG D 109 -58.57 0.49 -3.93
C ARG D 109 -57.64 1.38 -3.12
N ILE D 110 -56.59 1.86 -3.77
CA ILE D 110 -55.64 2.78 -3.19
C ILE D 110 -56.21 4.19 -3.26
N PRO D 111 -56.22 4.92 -2.15
CA PRO D 111 -56.85 6.25 -2.09
C PRO D 111 -56.31 7.24 -3.12
N ASN D 112 -57.13 8.21 -3.52
CA ASN D 112 -56.63 9.33 -4.30
C ASN D 112 -55.68 10.08 -3.38
N ASN D 113 -54.63 10.68 -3.95
CA ASN D 113 -53.70 11.48 -3.16
C ASN D 113 -52.71 10.65 -2.36
N THR D 114 -52.36 9.49 -2.88
CA THR D 114 -51.36 8.65 -2.23
C THR D 114 -49.97 9.24 -2.48
N GLN D 115 -49.16 9.26 -1.43
CA GLN D 115 -47.89 9.96 -1.43
C GLN D 115 -46.71 9.08 -1.86
N TRP D 116 -46.80 7.79 -1.52
CA TRP D 116 -45.83 6.81 -1.98
C TRP D 116 -46.45 5.42 -2.06
N VAL D 117 -46.11 4.67 -3.10
CA VAL D 117 -46.52 3.27 -3.19
C VAL D 117 -45.30 2.45 -3.55
N THR D 118 -45.19 1.25 -2.98
CA THR D 118 -44.18 0.31 -3.45
C THR D 118 -44.60 -1.15 -3.24
N TRP D 119 -44.21 -2.00 -4.18
CA TRP D 119 -44.40 -3.44 -4.01
C TRP D 119 -43.38 -3.95 -2.99
N SER D 120 -43.68 -5.12 -2.41
CA SER D 120 -42.65 -5.93 -1.78
C SER D 120 -41.70 -6.43 -2.88
N PRO D 121 -40.45 -6.70 -2.53
CA PRO D 121 -39.44 -7.10 -3.52
C PRO D 121 -39.67 -8.47 -4.16
N VAL D 122 -40.56 -9.27 -3.57
CA VAL D 122 -41.00 -10.53 -4.19
C VAL D 122 -42.49 -10.68 -3.88
N GLY D 123 -43.20 -11.42 -4.72
CA GLY D 123 -44.64 -11.57 -4.53
C GLY D 123 -45.36 -10.30 -4.97
N HIS D 124 -46.48 -9.99 -4.32
CA HIS D 124 -47.26 -8.82 -4.68
C HIS D 124 -47.88 -8.10 -3.47
N LYS D 125 -47.21 -8.15 -2.32
CA LYS D 125 -47.58 -7.31 -1.19
C LYS D 125 -47.44 -5.85 -1.60
N LEU D 126 -48.25 -4.99 -1.00
CA LEU D 126 -48.20 -3.54 -1.25
C LEU D 126 -48.07 -2.71 0.03
N ALA D 127 -47.27 -1.65 -0.03
CA ALA D 127 -47.25 -0.68 1.05
C ALA D 127 -47.40 0.72 0.45
N TYR D 128 -48.29 1.52 1.05
CA TYR D 128 -48.46 2.89 0.56
C TYR D 128 -48.62 3.91 1.69
N VAL D 129 -48.39 5.18 1.37
CA VAL D 129 -48.51 6.24 2.34
C VAL D 129 -49.62 7.18 1.90
N TRP D 130 -50.51 7.50 2.84
CA TRP D 130 -51.65 8.39 2.61
C TRP D 130 -51.92 9.23 3.86
N ASN D 131 -52.04 10.54 3.69
CA ASN D 131 -52.02 11.48 4.83
C ASN D 131 -51.03 11.10 5.91
N ASN D 132 -49.81 10.79 5.46
CA ASN D 132 -48.65 10.68 6.32
C ASN D 132 -48.66 9.44 7.20
N ASP D 133 -49.46 8.45 6.81
CA ASP D 133 -49.53 7.17 7.53
C ASP D 133 -49.33 6.03 6.56
N ILE D 134 -48.82 4.91 7.09
CA ILE D 134 -48.48 3.77 6.28
C ILE D 134 -49.57 2.72 6.30
N TYR D 135 -49.87 2.18 5.11
CA TYR D 135 -50.84 1.12 4.97
C TYR D 135 -50.21 -0.03 4.20
N VAL D 136 -50.61 -1.25 4.54
CA VAL D 136 -50.15 -2.44 3.85
C VAL D 136 -51.31 -3.28 3.27
N LYS D 137 -51.17 -3.70 2.02
CA LYS D 137 -52.12 -4.60 1.38
C LYS D 137 -51.46 -5.94 1.04
N ILE D 138 -51.93 -7.03 1.64
CA ILE D 138 -51.35 -8.34 1.38
C ILE D 138 -51.72 -8.84 0.00
N GLU D 139 -52.98 -8.64 -0.38
CA GLU D 139 -53.44 -8.93 -1.73
C GLU D 139 -54.01 -7.64 -2.26
N PRO D 140 -53.84 -7.40 -3.55
CA PRO D 140 -54.30 -6.18 -4.20
C PRO D 140 -55.78 -5.88 -4.03
N ASN D 141 -56.60 -6.93 -3.99
CA ASN D 141 -58.05 -6.72 -3.84
C ASN D 141 -58.54 -6.76 -2.39
N LEU D 142 -57.67 -7.07 -1.43
CA LEU D 142 -58.07 -7.16 -0.03
C LEU D 142 -58.00 -5.81 0.71
N PRO D 143 -58.68 -5.70 1.85
CA PRO D 143 -58.58 -4.48 2.68
C PRO D 143 -57.17 -4.19 3.22
N SER D 144 -56.75 -2.94 3.20
CA SER D 144 -55.42 -2.62 3.70
C SER D 144 -55.39 -2.46 5.21
N TYR D 145 -54.26 -2.84 5.81
CA TYR D 145 -54.06 -2.69 7.26
C TYR D 145 -53.38 -1.37 7.58
N ARG D 146 -53.85 -0.66 8.60
CA ARG D 146 -53.23 0.60 8.96
C ARG D 146 -52.05 0.40 9.90
N ILE D 147 -50.88 0.92 9.55
CA ILE D 147 -49.71 0.72 10.40
C ILE D 147 -49.48 1.83 11.42
N THR D 148 -49.54 3.08 10.98
CA THR D 148 -49.32 4.23 11.87
C THR D 148 -50.56 5.09 11.94
N TRP D 149 -50.77 5.75 13.09
CA TRP D 149 -51.96 6.59 13.23
C TRP D 149 -51.57 8.00 13.59
N THR D 150 -50.28 8.28 13.64
CA THR D 150 -49.80 9.55 14.16
C THR D 150 -49.59 10.61 13.08
N GLY D 151 -49.63 10.17 11.81
CA GLY D 151 -49.37 11.02 10.67
C GLY D 151 -50.17 12.31 10.71
N LYS D 152 -49.52 13.43 10.47
CA LYS D 152 -50.15 14.73 10.57
C LYS D 152 -49.43 15.71 9.63
N GLU D 153 -50.19 16.28 8.69
CA GLU D 153 -49.65 17.13 7.63
C GLU D 153 -48.67 18.18 8.16
N ASP D 154 -47.44 18.15 7.64
CA ASP D 154 -46.37 19.07 8.04
C ASP D 154 -45.88 18.97 9.46
N ILE D 155 -46.23 17.89 10.16
CA ILE D 155 -45.76 17.67 11.52
C ILE D 155 -45.15 16.27 11.70
N ILE D 156 -45.99 15.25 11.55
CA ILE D 156 -45.54 13.87 11.66
C ILE D 156 -45.58 13.19 10.32
N TYR D 157 -44.43 12.66 9.89
CA TYR D 157 -44.34 11.95 8.62
C TYR D 157 -44.01 10.50 8.90
N ASN D 158 -44.91 9.59 8.55
CA ASN D 158 -44.61 8.15 8.63
C ASN D 158 -44.41 7.54 7.24
N GLY D 159 -43.23 6.98 7.00
CA GLY D 159 -42.93 6.30 5.74
C GLY D 159 -42.53 7.19 4.57
N ILE D 160 -42.53 8.51 4.79
CA ILE D 160 -42.07 9.48 3.78
C ILE D 160 -41.20 10.52 4.46
N THR D 161 -40.35 11.20 3.70
CA THR D 161 -39.42 12.16 4.29
C THR D 161 -40.02 13.54 4.32
N ASP D 162 -39.54 14.38 5.23
CA ASP D 162 -39.90 15.79 5.18
C ASP D 162 -39.08 16.46 4.09
N TRP D 163 -39.03 17.79 4.08
CA TRP D 163 -38.37 18.48 2.98
C TRP D 163 -36.88 18.14 2.94
N VAL D 164 -36.21 18.37 4.07
CA VAL D 164 -34.76 18.30 4.11
C VAL D 164 -34.26 16.86 4.05
N TYR D 165 -35.04 15.92 4.55
CA TYR D 165 -34.65 14.53 4.40
C TYR D 165 -34.75 14.06 2.94
N GLU D 166 -35.77 14.54 2.23
CA GLU D 166 -35.97 14.16 0.84
C GLU D 166 -34.84 14.71 -0.02
N GLU D 167 -34.49 15.96 0.21
CA GLU D 167 -33.55 16.65 -0.65
C GLU D 167 -32.09 16.39 -0.30
N GLU D 168 -31.74 16.35 0.99
CA GLU D 168 -30.34 16.30 1.40
C GLU D 168 -29.85 15.00 2.00
N VAL D 169 -30.74 14.11 2.45
CA VAL D 169 -30.25 12.82 2.93
C VAL D 169 -30.63 11.62 2.06
N PHE D 170 -31.91 11.33 1.88
CA PHE D 170 -32.27 10.16 1.09
C PHE D 170 -32.42 10.36 -0.41
N SER D 171 -32.39 11.60 -0.89
CA SER D 171 -32.61 11.85 -2.32
C SER D 171 -33.81 11.06 -2.79
N ALA D 172 -34.77 10.89 -1.90
CA ALA D 172 -35.97 10.13 -2.20
C ALA D 172 -37.11 10.63 -1.30
N TYR D 173 -38.35 10.45 -1.74
CA TYR D 173 -39.49 10.79 -0.91
C TYR D 173 -39.75 9.63 0.04
N SER D 174 -39.65 8.44 -0.53
CA SER D 174 -39.90 7.19 0.15
C SER D 174 -39.05 7.07 1.40
N ALA D 175 -39.67 6.67 2.50
CA ALA D 175 -38.90 6.37 3.72
C ALA D 175 -39.36 5.07 4.36
N LEU D 176 -39.56 4.04 3.53
CA LEU D 176 -39.84 2.69 4.03
C LEU D 176 -39.08 1.64 3.24
N TRP D 177 -38.65 0.57 3.91
CA TRP D 177 -37.77 -0.42 3.32
C TRP D 177 -38.24 -1.86 3.62
N TRP D 178 -38.59 -2.60 2.58
CA TRP D 178 -38.97 -4.00 2.75
C TRP D 178 -37.74 -4.85 3.02
N SER D 179 -37.91 -5.92 3.81
CA SER D 179 -36.85 -6.91 3.95
C SER D 179 -36.86 -7.75 2.66
N PRO D 180 -35.73 -8.37 2.30
CA PRO D 180 -35.57 -9.02 1.01
C PRO D 180 -36.74 -9.88 0.53
N ASN D 181 -37.30 -10.73 1.40
CA ASN D 181 -38.43 -11.58 0.99
C ASN D 181 -39.81 -11.05 1.36
N GLY D 182 -39.85 -9.85 1.92
CA GLY D 182 -41.13 -9.18 2.15
C GLY D 182 -41.78 -9.45 3.50
N THR D 183 -41.07 -10.16 4.36
CA THR D 183 -41.59 -10.44 5.69
C THR D 183 -41.79 -9.14 6.47
N PHE D 184 -40.75 -8.33 6.52
CA PHE D 184 -40.76 -7.11 7.32
C PHE D 184 -40.84 -5.83 6.48
N LEU D 185 -41.52 -4.82 7.03
CA LEU D 185 -41.53 -3.46 6.51
C LEU D 185 -40.91 -2.47 7.51
N ALA D 186 -39.69 -2.00 7.24
CA ALA D 186 -39.06 -0.99 8.09
C ALA D 186 -39.47 0.39 7.58
N TYR D 187 -39.50 1.38 8.47
CA TYR D 187 -39.82 2.73 8.06
C TYR D 187 -39.26 3.75 9.02
N ALA D 188 -39.13 4.98 8.55
CA ALA D 188 -38.66 6.05 9.40
C ALA D 188 -39.86 6.91 9.77
N GLN D 189 -39.76 7.61 10.90
CA GLN D 189 -40.80 8.55 11.29
C GLN D 189 -40.14 9.89 11.59
N PHE D 190 -40.71 10.97 11.05
CA PHE D 190 -40.09 12.28 11.19
C PHE D 190 -41.00 13.23 11.94
N ASN D 191 -40.46 13.80 13.01
CA ASN D 191 -41.18 14.80 13.76
C ASN D 191 -40.63 16.18 13.43
N ASP D 192 -41.47 17.00 12.81
CA ASP D 192 -41.07 18.35 12.39
C ASP D 192 -41.67 19.44 13.26
N THR D 193 -42.22 19.07 14.40
CA THR D 193 -42.98 19.99 15.24
C THR D 193 -42.33 21.37 15.34
N GLU D 194 -41.08 21.43 15.77
CA GLU D 194 -40.47 22.75 15.97
C GLU D 194 -39.57 23.22 14.84
N VAL D 195 -39.66 22.58 13.68
CA VAL D 195 -38.91 23.04 12.54
C VAL D 195 -39.63 24.25 11.98
N PRO D 196 -38.94 25.40 11.91
CA PRO D 196 -39.58 26.61 11.43
C PRO D 196 -39.99 26.50 9.96
N LEU D 197 -40.94 27.35 9.54
CA LEU D 197 -41.47 27.27 8.19
C LEU D 197 -40.88 28.34 7.27
N ILE D 198 -40.57 27.95 6.03
CA ILE D 198 -40.25 28.95 5.04
C ILE D 198 -41.59 29.32 4.46
N GLU D 199 -41.87 30.61 4.32
CA GLU D 199 -43.07 31.00 3.57
C GLU D 199 -42.85 31.93 2.39
N TYR D 200 -43.57 31.65 1.31
CA TYR D 200 -43.47 32.42 0.07
C TYR D 200 -44.79 32.41 -0.71
N SER D 201 -45.00 33.44 -1.53
CA SER D 201 -46.23 33.57 -2.31
C SER D 201 -46.25 32.65 -3.52
N PHE D 202 -47.40 32.08 -3.82
CA PHE D 202 -47.61 31.37 -5.06
C PHE D 202 -48.82 32.00 -5.72
N TYR D 203 -48.75 32.28 -7.04
CA TYR D 203 -49.74 33.15 -7.69
C TYR D 203 -50.80 32.44 -8.52
N SER D 204 -50.46 31.24 -8.99
CA SER D 204 -51.40 30.38 -9.72
C SER D 204 -51.95 31.01 -11.00
N ASP D 205 -52.98 30.40 -11.59
CA ASP D 205 -53.62 30.99 -12.78
C ASP D 205 -54.15 32.35 -12.44
N GLU D 206 -54.16 33.23 -13.42
CA GLU D 206 -54.57 34.59 -13.16
C GLU D 206 -56.00 34.69 -12.62
N SER D 207 -56.76 33.61 -12.70
CA SER D 207 -58.10 33.56 -12.11
C SER D 207 -58.07 33.65 -10.59
N LEU D 208 -56.95 33.25 -9.97
CA LEU D 208 -56.84 33.21 -8.52
C LEU D 208 -56.66 34.63 -7.97
N GLN D 209 -57.69 35.12 -7.29
CA GLN D 209 -57.70 36.51 -6.88
C GLN D 209 -56.68 36.90 -5.81
N TYR D 210 -56.54 36.10 -4.76
CA TYR D 210 -55.52 36.39 -3.75
C TYR D 210 -54.43 35.33 -3.82
N PRO D 211 -53.18 35.76 -3.83
CA PRO D 211 -52.04 34.86 -3.87
C PRO D 211 -52.09 33.91 -2.70
N LYS D 212 -51.69 32.67 -2.94
CA LYS D 212 -51.55 31.64 -1.91
C LYS D 212 -50.20 31.78 -1.22
N THR D 213 -50.16 31.64 0.10
CA THR D 213 -48.89 31.53 0.80
C THR D 213 -48.55 30.05 0.96
N VAL D 214 -47.51 29.58 0.31
CA VAL D 214 -47.02 28.22 0.56
C VAL D 214 -46.22 28.33 1.85
N ARG D 215 -46.38 27.36 2.74
CA ARG D 215 -45.48 27.30 3.88
C ARG D 215 -44.95 25.88 4.09
N VAL D 216 -43.65 25.78 4.38
CA VAL D 216 -42.98 24.47 4.36
C VAL D 216 -42.00 24.36 5.51
N PRO D 217 -42.10 23.28 6.30
CA PRO D 217 -41.10 23.03 7.35
C PRO D 217 -39.76 22.84 6.67
N TYR D 218 -38.83 23.72 7.02
CA TYR D 218 -37.55 23.80 6.34
C TYR D 218 -36.55 24.40 7.31
N PRO D 219 -35.58 23.61 7.72
CA PRO D 219 -34.59 24.10 8.67
C PRO D 219 -33.44 24.77 7.96
N LYS D 220 -33.35 26.09 8.09
CA LYS D 220 -32.16 26.81 7.57
C LYS D 220 -30.95 26.51 8.47
N ALA D 221 -29.77 26.93 8.06
CA ALA D 221 -28.57 26.53 8.80
C ALA D 221 -28.65 26.94 10.27
N GLY D 222 -28.41 25.97 11.15
CA GLY D 222 -28.33 26.25 12.58
C GLY D 222 -29.68 26.34 13.26
N ALA D 223 -30.74 26.24 12.47
CA ALA D 223 -32.09 26.30 13.01
C ALA D 223 -32.41 24.95 13.60
N VAL D 224 -33.65 24.77 14.09
CA VAL D 224 -34.10 23.52 14.69
C VAL D 224 -34.42 22.44 13.65
N ASN D 225 -33.72 21.31 13.69
CA ASN D 225 -33.93 20.17 12.78
C ASN D 225 -35.11 19.27 13.14
N PRO D 226 -35.59 18.48 12.19
CA PRO D 226 -36.52 17.41 12.51
C PRO D 226 -35.85 16.36 13.44
N THR D 227 -36.64 15.48 14.04
CA THR D 227 -36.07 14.40 14.82
C THR D 227 -36.63 13.16 14.17
N VAL D 228 -35.92 12.04 14.32
CA VAL D 228 -36.29 10.84 13.57
C VAL D 228 -36.44 9.64 14.49
N LYS D 229 -37.30 8.71 14.10
CA LYS D 229 -37.37 7.43 14.78
C LYS D 229 -37.48 6.35 13.72
N PHE D 230 -37.03 5.14 14.10
CA PHE D 230 -37.02 4.00 13.19
C PHE D 230 -37.81 2.78 13.71
N PHE D 231 -38.63 2.18 12.86
CA PHE D 231 -39.47 1.06 13.28
C PHE D 231 -39.43 -0.05 12.25
N VAL D 232 -39.70 -1.27 12.71
CA VAL D 232 -39.91 -2.41 11.83
C VAL D 232 -41.20 -3.10 12.27
N VAL D 233 -42.01 -3.50 11.29
CA VAL D 233 -43.24 -4.22 11.55
C VAL D 233 -43.25 -5.51 10.74
N ASN D 234 -43.88 -6.53 11.31
CA ASN D 234 -44.02 -7.82 10.65
C ASN D 234 -45.34 -7.92 9.89
N THR D 235 -45.26 -7.86 8.56
CA THR D 235 -46.47 -7.87 7.73
C THR D 235 -47.17 -9.23 7.71
N ASP D 236 -46.46 -10.26 8.14
CA ASP D 236 -47.03 -11.61 8.16
C ASP D 236 -47.99 -11.86 9.32
N SER D 237 -47.77 -11.15 10.43
CA SER D 237 -48.69 -11.24 11.55
C SER D 237 -49.56 -10.00 11.71
N LEU D 238 -50.23 -9.61 10.63
CA LEU D 238 -51.12 -8.45 10.66
C LEU D 238 -52.53 -8.93 10.97
N SER D 239 -53.30 -8.11 11.70
CA SER D 239 -54.51 -8.65 12.32
C SER D 239 -55.85 -8.34 11.66
N SER D 240 -56.15 -7.05 11.51
CA SER D 240 -57.50 -6.58 11.15
C SER D 240 -58.45 -6.57 12.34
N VAL D 241 -57.98 -7.09 13.48
CA VAL D 241 -58.70 -6.98 14.75
C VAL D 241 -57.81 -6.27 15.77
N THR D 242 -56.50 -6.24 15.51
CA THR D 242 -55.58 -5.45 16.31
C THR D 242 -54.79 -4.48 15.45
N ASN D 243 -54.55 -3.30 16.03
CA ASN D 243 -53.55 -2.35 15.55
C ASN D 243 -52.20 -3.07 15.50
N ALA D 244 -51.41 -2.84 14.46
CA ALA D 244 -50.10 -3.49 14.33
C ALA D 244 -49.12 -3.11 15.45
N THR D 245 -48.03 -3.88 15.58
CA THR D 245 -47.00 -3.62 16.59
C THR D 245 -45.70 -3.20 15.92
N SER D 246 -45.10 -2.11 16.39
CA SER D 246 -43.89 -1.65 15.74
C SER D 246 -42.77 -1.54 16.76
N ILE D 247 -41.76 -2.36 16.56
CA ILE D 247 -40.54 -2.28 17.35
C ILE D 247 -39.72 -1.06 16.93
N GLN D 248 -39.44 -0.17 17.87
CA GLN D 248 -38.53 0.96 17.63
C GLN D 248 -37.14 0.34 17.78
N ILE D 249 -36.22 0.71 16.90
CA ILE D 249 -34.79 0.40 17.08
C ILE D 249 -34.16 1.76 17.39
N THR D 250 -33.82 2.03 18.64
CA THR D 250 -33.35 3.37 18.94
C THR D 250 -32.01 3.64 18.28
N ALA D 251 -31.68 4.91 18.06
CA ALA D 251 -30.36 5.28 17.54
C ALA D 251 -29.26 5.00 18.57
N PRO D 252 -28.04 4.72 18.12
CA PRO D 252 -26.92 4.54 19.05
C PRO D 252 -26.81 5.66 20.08
N ALA D 253 -26.39 5.31 21.30
CA ALA D 253 -26.22 6.27 22.39
C ALA D 253 -25.37 7.49 21.99
N SER D 254 -24.24 7.23 21.34
CA SER D 254 -23.37 8.27 20.76
C SER D 254 -24.09 9.29 19.83
N MET D 255 -25.22 8.88 19.25
CA MET D 255 -26.08 9.77 18.50
C MET D 255 -26.98 10.65 19.40
N LEU D 256 -27.55 10.03 20.44
CA LEU D 256 -28.64 10.67 21.19
C LEU D 256 -28.23 11.74 22.21
N ILE D 257 -26.93 12.01 22.35
CA ILE D 257 -26.49 13.09 23.23
C ILE D 257 -26.67 14.47 22.57
N GLY D 258 -27.28 14.47 21.39
CA GLY D 258 -27.42 15.68 20.60
C GLY D 258 -28.13 15.34 19.31
N ASP D 259 -28.32 16.35 18.46
CA ASP D 259 -29.00 16.19 17.18
C ASP D 259 -28.30 15.17 16.31
N HIS D 260 -29.05 14.43 15.50
CA HIS D 260 -28.42 13.47 14.62
C HIS D 260 -29.30 13.22 13.40
N TYR D 261 -28.86 12.36 12.52
CA TYR D 261 -29.71 11.94 11.40
C TYR D 261 -29.63 10.44 11.21
N LEU D 262 -30.69 9.88 10.65
CA LEU D 262 -30.65 8.51 10.16
C LEU D 262 -30.31 8.74 8.71
N CYS D 263 -29.23 8.11 8.24
CA CYS D 263 -28.77 8.45 6.89
C CYS D 263 -28.55 7.28 5.94
N ASP D 264 -28.71 6.05 6.41
CA ASP D 264 -28.76 4.90 5.51
C ASP D 264 -29.45 3.72 6.17
N VAL D 265 -30.32 3.05 5.42
CA VAL D 265 -30.84 1.78 5.87
C VAL D 265 -30.71 0.76 4.74
N THR D 266 -30.13 -0.37 5.09
CA THR D 266 -29.85 -1.42 4.11
C THR D 266 -30.08 -2.77 4.72
N TRP D 267 -31.01 -3.52 4.16
CA TRP D 267 -31.25 -4.88 4.62
C TRP D 267 -30.06 -5.78 4.30
N ALA D 268 -29.73 -6.68 5.21
CA ALA D 268 -28.57 -7.55 5.06
C ALA D 268 -29.01 -9.00 4.84
N THR D 269 -29.91 -9.50 5.68
CA THR D 269 -30.49 -10.82 5.44
C THR D 269 -32.01 -10.73 5.58
N GLN D 270 -32.65 -11.88 5.66
CA GLN D 270 -34.08 -11.92 5.93
C GLN D 270 -34.38 -11.42 7.33
N GLU D 271 -33.40 -11.53 8.22
CA GLU D 271 -33.60 -11.17 9.62
C GLU D 271 -32.53 -10.26 10.20
N ARG D 272 -31.78 -9.59 9.34
CA ARG D 272 -30.71 -8.69 9.79
C ARG D 272 -30.79 -7.38 9.01
N ILE D 273 -30.79 -6.27 9.74
CA ILE D 273 -30.90 -4.96 9.11
C ILE D 273 -29.78 -4.04 9.61
N SER D 274 -29.19 -3.27 8.69
CA SER D 274 -28.11 -2.35 9.04
C SER D 274 -28.55 -0.89 8.92
N LEU D 275 -28.12 -0.09 9.87
CA LEU D 275 -28.54 1.29 9.95
C LEU D 275 -27.32 2.17 10.13
N GLN D 276 -27.33 3.32 9.46
CA GLN D 276 -26.25 4.27 9.65
C GLN D 276 -26.78 5.59 10.17
N TRP D 277 -26.18 6.06 11.26
CA TRP D 277 -26.59 7.30 11.88
C TRP D 277 -25.48 8.32 11.72
N LEU D 278 -25.81 9.60 11.81
CA LEU D 278 -24.83 10.64 11.60
C LEU D 278 -25.11 11.83 12.51
N ARG D 279 -24.09 12.31 13.22
CA ARG D 279 -24.25 13.42 14.13
C ARG D 279 -24.50 14.70 13.35
N ARG D 280 -25.27 15.63 13.92
CA ARG D 280 -25.54 16.91 13.25
C ARG D 280 -24.22 17.57 12.80
N ILE D 281 -23.18 17.49 13.64
CA ILE D 281 -21.83 17.83 13.20
C ILE D 281 -21.36 16.61 12.43
N GLN D 282 -21.39 16.70 11.10
CA GLN D 282 -21.34 15.51 10.26
C GLN D 282 -19.96 14.90 10.03
N ASN D 283 -19.13 14.88 11.06
CA ASN D 283 -17.84 14.24 10.91
C ASN D 283 -17.72 12.98 11.75
N TYR D 284 -18.83 12.53 12.33
CA TYR D 284 -18.84 11.32 13.15
C TYR D 284 -20.12 10.53 12.85
N SER D 285 -19.96 9.28 12.45
CA SER D 285 -21.15 8.44 12.16
C SER D 285 -21.03 7.02 12.72
N VAL D 286 -22.15 6.33 12.90
CA VAL D 286 -22.13 5.02 13.53
C VAL D 286 -23.04 4.07 12.74
N MET D 287 -22.58 2.84 12.55
CA MET D 287 -23.42 1.83 11.93
C MET D 287 -23.87 0.83 12.98
N ASP D 288 -25.18 0.54 13.00
CA ASP D 288 -25.76 -0.50 13.85
C ASP D 288 -26.10 -1.67 12.98
N ILE D 289 -25.97 -2.87 13.54
CA ILE D 289 -26.36 -4.08 12.82
C ILE D 289 -27.31 -4.88 13.69
N CYS D 290 -28.55 -5.00 13.21
CA CYS D 290 -29.61 -5.52 14.05
C CYS D 290 -30.18 -6.84 13.58
N ASP D 291 -30.37 -7.73 14.56
CA ASP D 291 -30.94 -9.05 14.33
C ASP D 291 -32.30 -9.19 14.96
N TYR D 292 -33.19 -9.86 14.22
CA TYR D 292 -34.48 -10.24 14.76
C TYR D 292 -34.29 -11.23 15.91
N ASP D 293 -35.06 -11.04 16.99
CA ASP D 293 -34.89 -11.86 18.17
C ASP D 293 -36.13 -12.71 18.43
N GLU D 294 -36.01 -13.99 18.07
CA GLU D 294 -37.09 -14.95 18.24
C GLU D 294 -37.84 -14.78 19.57
N SER D 295 -37.08 -14.62 20.65
CA SER D 295 -37.63 -14.75 21.98
C SER D 295 -37.91 -13.44 22.71
N SER D 296 -38.25 -12.40 21.94
CA SER D 296 -38.77 -11.15 22.51
C SER D 296 -39.50 -10.39 21.42
N GLY D 297 -39.41 -10.89 20.19
CA GLY D 297 -39.98 -10.25 19.02
C GLY D 297 -39.42 -8.85 18.83
N ARG D 298 -38.23 -8.58 19.34
CA ARG D 298 -37.59 -7.28 19.22
C ARG D 298 -36.45 -7.32 18.22
N TRP D 299 -35.66 -6.25 18.16
CA TRP D 299 -34.43 -6.20 17.34
C TRP D 299 -33.20 -5.86 18.17
N ASN D 300 -32.14 -6.64 17.99
CA ASN D 300 -30.92 -6.38 18.73
C ASN D 300 -29.76 -5.88 17.87
N CYS D 301 -29.20 -4.76 18.30
CA CYS D 301 -27.97 -4.26 17.72
C CYS D 301 -26.83 -4.33 18.75
N LEU D 302 -25.95 -5.29 18.55
CA LEU D 302 -24.85 -5.52 19.47
C LEU D 302 -23.85 -4.39 19.36
N VAL D 303 -23.63 -3.65 20.44
CA VAL D 303 -22.64 -2.57 20.37
C VAL D 303 -21.34 -3.02 19.70
N ALA D 304 -20.99 -4.29 19.89
CA ALA D 304 -19.77 -4.88 19.33
C ALA D 304 -19.77 -4.94 17.80
N ARG D 305 -20.95 -5.14 17.21
CA ARG D 305 -21.10 -5.16 15.77
C ARG D 305 -21.18 -3.77 15.14
N GLN D 306 -20.94 -2.73 15.93
CA GLN D 306 -20.94 -1.35 15.45
C GLN D 306 -19.66 -0.93 14.73
N HIS D 307 -19.82 0.10 13.90
CA HIS D 307 -18.76 0.59 13.05
C HIS D 307 -18.69 2.10 13.04
N ILE D 308 -17.93 2.64 14.00
CA ILE D 308 -17.64 4.06 14.05
C ILE D 308 -16.92 4.41 12.78
N GLU D 309 -17.33 5.52 12.20
CA GLU D 309 -16.61 6.07 11.07
C GLU D 309 -16.54 7.58 11.22
N MET D 310 -15.35 8.14 11.08
CA MET D 310 -15.20 9.55 11.32
C MET D 310 -14.11 10.16 10.45
N SER D 311 -14.07 11.50 10.39
CA SER D 311 -13.06 12.21 9.62
C SER D 311 -12.51 13.38 10.43
N THR D 312 -11.23 13.67 10.25
CA THR D 312 -10.58 14.74 10.99
C THR D 312 -10.38 15.92 10.05
N THR D 313 -10.37 15.63 8.75
CA THR D 313 -10.08 16.66 7.76
C THR D 313 -11.35 17.29 7.15
N GLY D 314 -12.47 16.61 7.32
CA GLY D 314 -13.74 17.12 6.80
C GLY D 314 -14.94 16.33 7.32
N TRP D 315 -15.87 16.02 6.41
CA TRP D 315 -17.13 15.33 6.76
C TRP D 315 -17.07 13.89 6.29
N VAL D 316 -18.00 13.07 6.77
CA VAL D 316 -18.04 11.66 6.39
C VAL D 316 -18.76 11.43 5.08
N GLY D 317 -18.12 10.71 4.17
CA GLY D 317 -18.71 10.37 2.88
C GLY D 317 -18.57 11.49 1.86
N ARG D 318 -18.96 11.21 0.62
CA ARG D 318 -18.94 12.26 -0.41
C ARG D 318 -20.04 13.29 -0.11
N PHE D 319 -21.25 12.79 0.12
CA PHE D 319 -22.35 13.63 0.60
C PHE D 319 -22.96 13.04 1.87
N ARG D 320 -22.74 11.75 2.08
CA ARG D 320 -23.16 11.07 3.29
C ARG D 320 -22.34 9.79 3.38
N PRO D 321 -22.37 9.07 4.50
CA PRO D 321 -21.75 7.76 4.58
C PRO D 321 -22.24 6.85 3.46
N SER D 322 -21.31 6.07 2.92
CA SER D 322 -21.59 5.17 1.82
C SER D 322 -22.42 3.99 2.28
N GLU D 323 -23.08 3.35 1.33
CA GLU D 323 -23.92 2.21 1.65
C GLU D 323 -23.12 0.90 1.66
N PRO D 324 -23.44 -0.01 2.59
CA PRO D 324 -22.78 -1.30 2.64
C PRO D 324 -23.41 -2.30 1.68
N HIS D 325 -22.59 -3.19 1.15
CA HIS D 325 -23.09 -4.31 0.37
C HIS D 325 -22.64 -5.60 1.06
N PHE D 326 -23.61 -6.41 1.45
CA PHE D 326 -23.34 -7.58 2.28
C PHE D 326 -23.17 -8.81 1.41
N THR D 327 -22.44 -9.79 1.91
CA THR D 327 -22.41 -11.11 1.29
C THR D 327 -23.71 -11.82 1.63
N LEU D 328 -24.07 -12.83 0.83
CA LEU D 328 -25.35 -13.54 0.97
C LEU D 328 -25.69 -13.98 2.38
N ASP D 329 -24.71 -14.49 3.12
CA ASP D 329 -24.96 -14.91 4.49
C ASP D 329 -24.99 -13.72 5.46
N GLY D 330 -24.58 -12.55 4.99
CA GLY D 330 -24.70 -11.32 5.77
C GLY D 330 -23.79 -11.22 6.96
N ASN D 331 -22.64 -11.88 6.90
CA ASN D 331 -21.69 -11.82 8.01
C ASN D 331 -20.54 -10.87 7.74
N SER D 332 -20.44 -10.45 6.49
CA SER D 332 -19.44 -9.48 6.09
C SER D 332 -20.03 -8.55 5.03
N PHE D 333 -19.41 -7.40 4.84
CA PHE D 333 -19.90 -6.46 3.83
C PHE D 333 -18.79 -5.60 3.26
N TYR D 334 -19.02 -5.10 2.06
CA TYR D 334 -18.08 -4.16 1.44
C TYR D 334 -18.67 -2.75 1.44
N LYS D 335 -17.81 -1.75 1.53
CA LYS D 335 -18.26 -0.38 1.67
C LYS D 335 -17.14 0.55 1.26
N ILE D 336 -17.49 1.63 0.56
CA ILE D 336 -16.47 2.58 0.14
C ILE D 336 -16.10 3.53 1.28
N ILE D 337 -14.87 3.46 1.77
CA ILE D 337 -14.44 4.44 2.74
C ILE D 337 -13.11 5.07 2.32
N SER D 338 -12.85 6.27 2.80
CA SER D 338 -11.63 6.98 2.43
C SER D 338 -10.44 6.37 3.19
N ASN D 339 -9.34 6.06 2.48
CA ASN D 339 -8.16 5.50 3.14
C ASN D 339 -7.33 6.60 3.78
N GLU D 340 -6.14 6.28 4.28
CA GLU D 340 -5.35 7.27 5.00
C GLU D 340 -4.52 8.17 4.08
N GLU D 341 -4.44 7.80 2.79
CA GLU D 341 -3.84 8.71 1.83
C GLU D 341 -4.94 9.64 1.33
N GLY D 342 -6.16 9.39 1.79
CA GLY D 342 -7.31 10.23 1.45
C GLY D 342 -8.09 9.85 0.21
N TYR D 343 -7.97 8.60 -0.23
CA TYR D 343 -8.63 8.16 -1.45
C TYR D 343 -9.74 7.20 -1.15
N ARG D 344 -10.85 7.35 -1.85
CA ARG D 344 -12.03 6.53 -1.57
C ARG D 344 -11.93 5.15 -2.20
N HIS D 345 -11.78 4.13 -1.37
CA HIS D 345 -11.61 2.77 -1.86
C HIS D 345 -12.54 1.79 -1.15
N ILE D 346 -12.69 0.61 -1.73
CA ILE D 346 -13.58 -0.40 -1.21
C ILE D 346 -12.94 -1.11 -0.03
N CYS D 347 -13.63 -1.10 1.11
CA CYS D 347 -13.15 -1.75 2.32
C CYS D 347 -13.99 -2.97 2.66
N TYR D 348 -13.36 -3.95 3.29
CA TYR D 348 -14.03 -5.22 3.56
C TYR D 348 -14.17 -5.52 5.05
N PHE D 349 -15.42 -5.65 5.49
CA PHE D 349 -15.75 -5.70 6.92
C PHE D 349 -16.26 -7.06 7.38
N GLN D 350 -15.96 -7.43 8.63
CA GLN D 350 -16.56 -8.59 9.29
C GLN D 350 -17.51 -8.06 10.35
N ILE D 351 -18.74 -8.60 10.43
CA ILE D 351 -19.76 -7.99 11.29
C ILE D 351 -19.25 -7.55 12.67
N ASP D 352 -18.40 -8.37 13.29
CA ASP D 352 -17.98 -8.15 14.68
C ASP D 352 -16.52 -7.72 14.88
N LYS D 353 -15.69 -7.96 13.88
CA LYS D 353 -14.29 -7.49 13.89
C LYS D 353 -14.24 -6.00 13.56
N LYS D 354 -13.49 -5.25 14.36
CA LYS D 354 -13.63 -3.80 14.39
C LYS D 354 -12.90 -3.06 13.28
N ASP D 355 -11.89 -3.71 12.71
CA ASP D 355 -11.17 -3.12 11.58
C ASP D 355 -11.70 -3.63 10.25
N CYS D 356 -11.18 -3.07 9.17
CA CYS D 356 -11.52 -3.61 7.85
C CYS D 356 -10.29 -3.68 6.97
N THR D 357 -10.41 -4.37 5.85
CA THR D 357 -9.30 -4.51 4.91
C THR D 357 -9.61 -3.86 3.58
N PHE D 358 -8.75 -2.94 3.16
CA PHE D 358 -8.92 -2.35 1.83
C PHE D 358 -8.64 -3.41 0.79
N ILE D 359 -9.51 -3.52 -0.19
CA ILE D 359 -9.29 -4.47 -1.26
C ILE D 359 -8.88 -3.76 -2.56
N THR D 360 -8.84 -2.42 -2.53
CA THR D 360 -8.22 -1.61 -3.59
C THR D 360 -7.44 -0.44 -2.98
N LYS D 361 -6.36 -0.03 -3.66
CA LYS D 361 -5.65 1.20 -3.32
C LYS D 361 -5.22 1.86 -4.61
N GLY D 362 -4.67 3.07 -4.54
CA GLY D 362 -4.26 3.78 -5.75
C GLY D 362 -4.53 5.26 -5.71
N THR D 363 -4.06 5.98 -6.71
CA THR D 363 -4.26 7.41 -6.81
C THR D 363 -5.50 7.68 -7.64
N TRP D 364 -6.62 7.18 -7.15
CA TRP D 364 -7.90 7.27 -7.86
C TRP D 364 -8.96 6.77 -6.90
N GLU D 365 -10.22 7.10 -7.18
CA GLU D 365 -11.32 6.71 -6.30
C GLU D 365 -12.28 5.70 -6.94
N VAL D 366 -12.89 4.87 -6.11
CA VAL D 366 -14.00 4.03 -6.54
C VAL D 366 -15.27 4.90 -6.52
N ILE D 367 -15.99 4.92 -7.63
CA ILE D 367 -17.19 5.74 -7.72
C ILE D 367 -18.34 5.06 -6.99
N GLY D 368 -18.45 3.75 -7.12
CA GLY D 368 -19.52 3.01 -6.47
C GLY D 368 -19.43 1.51 -6.68
N ILE D 369 -19.93 0.75 -5.72
CA ILE D 369 -19.98 -0.70 -5.84
C ILE D 369 -21.27 -1.12 -6.53
N GLU D 370 -21.14 -1.89 -7.63
CA GLU D 370 -22.29 -2.18 -8.48
C GLU D 370 -22.97 -3.54 -8.27
N ALA D 371 -22.20 -4.60 -8.07
CA ALA D 371 -22.76 -5.94 -7.88
C ALA D 371 -21.85 -6.83 -7.05
N LEU D 372 -22.44 -7.83 -6.39
CA LEU D 372 -21.68 -8.71 -5.52
C LEU D 372 -22.11 -10.17 -5.72
N THR D 373 -21.24 -10.96 -6.34
CA THR D 373 -21.49 -12.41 -6.48
C THR D 373 -20.64 -13.16 -5.45
N SER D 374 -20.71 -14.49 -5.52
CA SER D 374 -20.04 -15.34 -4.54
C SER D 374 -18.51 -15.22 -4.59
N ASP D 375 -17.97 -14.83 -5.74
CA ASP D 375 -16.52 -14.72 -5.92
C ASP D 375 -16.04 -13.53 -6.76
N TYR D 376 -16.99 -12.70 -7.18
CA TYR D 376 -16.66 -11.43 -7.82
C TYR D 376 -17.38 -10.23 -7.23
N LEU D 377 -16.67 -9.10 -7.17
CA LEU D 377 -17.26 -7.80 -6.82
C LEU D 377 -17.05 -6.83 -7.98
N TYR D 378 -18.14 -6.23 -8.47
CA TYR D 378 -18.08 -5.30 -9.58
C TYR D 378 -18.22 -3.87 -9.07
N TYR D 379 -17.45 -2.95 -9.65
CA TYR D 379 -17.50 -1.56 -9.22
C TYR D 379 -17.12 -0.58 -10.36
N ILE D 380 -17.49 0.68 -10.21
CA ILE D 380 -17.09 1.70 -11.17
C ILE D 380 -15.99 2.55 -10.54
N SER D 381 -14.96 2.87 -11.32
CA SER D 381 -13.88 3.72 -10.84
C SER D 381 -13.34 4.64 -11.92
N ASN D 382 -12.62 5.67 -11.49
CA ASN D 382 -11.98 6.60 -12.40
C ASN D 382 -10.48 6.33 -12.49
N GLU D 383 -10.12 5.04 -12.46
CA GLU D 383 -8.72 4.63 -12.50
C GLU D 383 -8.11 4.73 -13.90
N TYR D 384 -8.77 4.12 -14.88
CA TYR D 384 -8.25 4.07 -16.24
C TYR D 384 -7.70 5.41 -16.68
N LYS D 385 -6.53 5.35 -17.30
CA LYS D 385 -5.82 6.54 -17.80
C LYS D 385 -5.50 7.60 -16.75
N GLY D 386 -5.89 7.36 -15.51
CA GLY D 386 -5.62 8.32 -14.43
C GLY D 386 -6.41 9.60 -14.61
N MET D 387 -7.53 9.53 -15.33
CA MET D 387 -8.37 10.71 -15.49
C MET D 387 -9.65 10.59 -14.66
N PRO D 388 -9.81 11.56 -13.75
CA PRO D 388 -10.89 11.55 -12.77
C PRO D 388 -12.24 11.68 -13.44
N GLY D 389 -12.29 12.44 -14.52
CA GLY D 389 -13.55 12.65 -15.25
C GLY D 389 -13.99 11.49 -16.11
N GLY D 390 -13.21 10.40 -16.07
CA GLY D 390 -13.52 9.15 -16.77
C GLY D 390 -14.19 8.20 -15.80
N ARG D 391 -14.72 7.09 -16.32
CA ARG D 391 -15.65 6.28 -15.55
C ARG D 391 -15.73 4.89 -16.19
N ASN D 392 -15.27 3.87 -15.47
CA ASN D 392 -15.19 2.51 -16.00
C ASN D 392 -15.58 1.36 -15.07
N LEU D 393 -16.13 0.30 -15.65
CA LEU D 393 -16.54 -0.89 -14.89
C LEU D 393 -15.42 -1.89 -14.68
N TYR D 394 -15.10 -2.16 -13.42
CA TYR D 394 -14.05 -3.12 -13.11
C TYR D 394 -14.68 -4.29 -12.36
N LYS D 395 -14.00 -5.43 -12.36
CA LYS D 395 -14.40 -6.53 -11.48
C LYS D 395 -13.19 -7.07 -10.74
N ILE D 396 -13.39 -7.44 -9.47
CA ILE D 396 -12.29 -7.94 -8.64
C ILE D 396 -12.61 -9.34 -8.12
N GLN D 397 -11.61 -10.21 -8.17
CA GLN D 397 -11.75 -11.59 -7.73
C GLN D 397 -11.74 -11.63 -6.20
N LEU D 398 -12.83 -12.12 -5.62
CA LEU D 398 -12.98 -12.12 -4.17
C LEU D 398 -11.91 -12.97 -3.52
N SER D 399 -11.59 -14.09 -4.17
CA SER D 399 -10.56 -15.02 -3.69
C SER D 399 -9.12 -14.57 -3.96
N ASP D 400 -8.93 -13.48 -4.70
CA ASP D 400 -7.58 -12.96 -5.01
C ASP D 400 -7.63 -11.48 -5.41
N TYR D 401 -7.25 -10.60 -4.49
CA TYR D 401 -7.42 -9.15 -4.68
C TYR D 401 -6.53 -8.55 -5.77
N THR D 402 -5.54 -9.31 -6.25
CA THR D 402 -4.67 -8.81 -7.31
C THR D 402 -5.27 -9.01 -8.68
N LYS D 403 -6.30 -9.87 -8.78
CA LYS D 403 -6.92 -10.17 -10.07
C LYS D 403 -8.04 -9.18 -10.41
N VAL D 404 -7.66 -8.03 -10.93
CA VAL D 404 -8.66 -7.00 -11.24
C VAL D 404 -8.79 -6.82 -12.75
N THR D 405 -9.95 -7.17 -13.28
CA THR D 405 -10.15 -7.05 -14.72
C THR D 405 -10.94 -5.79 -15.02
N CYS D 406 -10.55 -5.07 -16.06
CA CYS D 406 -11.31 -3.91 -16.45
C CYS D 406 -12.30 -4.28 -17.53
N LEU D 407 -13.58 -4.29 -17.19
CA LEU D 407 -14.62 -4.78 -18.11
C LEU D 407 -15.06 -3.84 -19.24
N SER D 408 -14.61 -2.59 -19.24
CA SER D 408 -15.11 -1.64 -20.23
C SER D 408 -14.05 -0.74 -20.88
N CYS D 409 -12.88 -0.63 -20.25
CA CYS D 409 -11.86 0.31 -20.71
C CYS D 409 -11.59 0.12 -22.18
N GLU D 410 -11.40 -1.13 -22.56
CA GLU D 410 -10.93 -1.50 -23.90
C GLU D 410 -12.02 -1.56 -24.96
N LEU D 411 -13.27 -1.69 -24.53
CA LEU D 411 -14.37 -1.94 -25.46
C LEU D 411 -14.46 -1.01 -26.65
N ASN D 412 -13.90 0.18 -26.53
CA ASN D 412 -14.00 1.22 -27.54
C ASN D 412 -13.43 2.53 -26.97
N PRO D 413 -12.12 2.59 -26.78
CA PRO D 413 -11.51 3.65 -25.98
C PRO D 413 -11.72 5.03 -26.59
N GLU D 414 -11.85 5.08 -27.92
CA GLU D 414 -12.00 6.34 -28.58
C GLU D 414 -13.34 7.00 -28.31
N ARG D 415 -14.39 6.20 -28.26
CA ARG D 415 -15.76 6.70 -28.18
C ARG D 415 -16.31 6.68 -26.75
N CYS D 416 -15.73 5.82 -25.93
CA CYS D 416 -16.31 5.46 -24.64
C CYS D 416 -15.32 5.49 -23.49
N GLN D 417 -15.49 6.46 -22.60
CA GLN D 417 -14.67 6.53 -21.39
C GLN D 417 -15.51 6.84 -20.15
N TYR D 418 -16.83 6.91 -20.32
CA TYR D 418 -17.76 7.20 -19.24
C TYR D 418 -18.92 6.22 -19.21
N TYR D 419 -18.80 5.21 -18.35
CA TYR D 419 -19.76 4.12 -18.29
C TYR D 419 -20.59 4.10 -17.01
N SER D 420 -21.82 3.59 -17.11
CA SER D 420 -22.56 3.13 -15.94
C SER D 420 -23.07 1.73 -16.27
N VAL D 421 -23.52 0.99 -15.27
CA VAL D 421 -23.93 -0.40 -15.52
C VAL D 421 -25.22 -0.79 -14.79
N SER D 422 -26.00 -1.67 -15.41
CA SER D 422 -27.21 -2.19 -14.79
C SER D 422 -27.24 -3.72 -14.86
N PHE D 423 -27.02 -4.38 -13.73
CA PHE D 423 -26.95 -5.83 -13.68
C PHE D 423 -28.31 -6.50 -13.61
N SER D 424 -28.36 -7.77 -14.01
CA SER D 424 -29.57 -8.58 -13.88
C SER D 424 -29.71 -9.08 -12.43
N LYS D 425 -30.85 -9.69 -12.11
CA LYS D 425 -31.19 -10.04 -10.73
C LYS D 425 -30.11 -10.82 -9.98
N GLU D 426 -29.31 -11.62 -10.67
CA GLU D 426 -28.20 -12.32 -10.02
C GLU D 426 -26.88 -12.02 -10.68
N ALA D 427 -26.84 -11.00 -11.53
CA ALA D 427 -25.63 -10.63 -12.26
C ALA D 427 -25.17 -11.71 -13.24
N LYS D 428 -26.13 -12.35 -13.91
CA LYS D 428 -25.78 -13.27 -14.99
C LYS D 428 -25.42 -12.41 -16.19
N TYR D 429 -26.06 -11.25 -16.25
CA TYR D 429 -25.92 -10.32 -17.36
C TYR D 429 -25.76 -8.89 -16.89
N TYR D 430 -25.26 -8.02 -17.75
CA TYR D 430 -25.23 -6.59 -17.45
C TYR D 430 -25.29 -5.71 -18.68
N GLN D 431 -25.92 -4.54 -18.51
CA GLN D 431 -26.01 -3.58 -19.59
C GLN D 431 -25.08 -2.40 -19.33
N LEU D 432 -24.17 -2.15 -20.26
CA LEU D 432 -23.31 -0.98 -20.15
C LEU D 432 -23.95 0.21 -20.85
N ARG D 433 -23.86 1.37 -20.23
CA ARG D 433 -24.24 2.63 -20.85
C ARG D 433 -23.01 3.48 -20.97
N CYS D 434 -22.57 3.68 -22.20
CA CYS D 434 -21.45 4.54 -22.48
C CYS D 434 -22.05 5.89 -22.80
N SER D 435 -21.56 6.96 -22.18
CA SER D 435 -22.22 8.25 -22.34
C SER D 435 -21.27 9.36 -22.77
N GLY D 436 -20.09 8.99 -23.22
CA GLY D 436 -19.10 9.95 -23.70
C GLY D 436 -17.70 9.35 -23.84
N PRO D 437 -16.83 10.06 -24.56
CA PRO D 437 -17.17 11.33 -25.19
C PRO D 437 -17.90 11.19 -26.52
N GLY D 438 -18.08 9.97 -27.00
CA GLY D 438 -18.81 9.76 -28.26
C GLY D 438 -20.30 9.81 -27.99
N LEU D 439 -21.12 9.57 -29.02
CA LEU D 439 -22.55 9.42 -28.82
C LEU D 439 -22.80 8.17 -27.98
N PRO D 440 -23.78 8.25 -27.08
CA PRO D 440 -24.04 7.15 -26.15
C PRO D 440 -24.26 5.81 -26.86
N LEU D 441 -23.83 4.75 -26.19
CA LEU D 441 -23.80 3.41 -26.75
C LEU D 441 -24.18 2.40 -25.68
N TYR D 442 -25.34 1.77 -25.87
CA TYR D 442 -25.83 0.81 -24.91
C TYR D 442 -25.59 -0.59 -25.46
N THR D 443 -25.01 -1.46 -24.64
CA THR D 443 -24.71 -2.84 -25.06
C THR D 443 -25.10 -3.81 -23.95
N LEU D 444 -25.23 -5.08 -24.32
CA LEU D 444 -25.54 -6.15 -23.37
C LEU D 444 -24.35 -7.11 -23.28
N HIS D 445 -24.21 -7.76 -22.12
CA HIS D 445 -23.08 -8.66 -21.85
C HIS D 445 -23.50 -9.78 -20.89
N SER D 446 -22.88 -10.96 -21.02
CA SER D 446 -23.09 -12.01 -20.03
C SER D 446 -21.87 -12.10 -19.10
N SER D 447 -22.11 -12.18 -17.80
CA SER D 447 -21.03 -12.12 -16.81
C SER D 447 -20.14 -13.36 -16.81
N VAL D 448 -20.74 -14.51 -17.10
CA VAL D 448 -20.05 -15.82 -17.05
C VAL D 448 -18.66 -15.81 -17.68
N ASN D 449 -18.54 -15.13 -18.81
CA ASN D 449 -17.30 -15.12 -19.57
C ASN D 449 -16.97 -13.69 -20.02
N ASP D 450 -17.81 -12.75 -19.60
CA ASP D 450 -17.72 -11.34 -20.01
C ASP D 450 -17.85 -11.15 -21.52
N LYS D 451 -18.65 -11.99 -22.15
CA LYS D 451 -18.89 -11.91 -23.58
C LYS D 451 -19.88 -10.80 -23.91
N GLY D 452 -19.51 -9.96 -24.87
CA GLY D 452 -20.39 -8.94 -25.40
C GLY D 452 -21.44 -9.59 -26.29
N LEU D 453 -22.69 -9.60 -25.82
CA LEU D 453 -23.77 -10.27 -26.53
C LEU D 453 -24.25 -9.49 -27.76
N ARG D 454 -24.72 -8.26 -27.61
CA ARG D 454 -25.10 -7.45 -28.77
C ARG D 454 -25.14 -5.94 -28.48
N VAL D 455 -25.31 -5.14 -29.54
CA VAL D 455 -25.48 -3.70 -29.38
C VAL D 455 -26.96 -3.35 -29.26
N LEU D 456 -27.35 -2.78 -28.12
CA LEU D 456 -28.75 -2.44 -27.86
C LEU D 456 -29.19 -1.14 -28.52
N GLU D 457 -28.32 -0.14 -28.54
CA GLU D 457 -28.60 1.14 -29.18
C GLU D 457 -27.28 1.86 -29.42
N ASP D 458 -27.17 2.59 -30.53
CA ASP D 458 -25.90 3.20 -30.90
C ASP D 458 -26.05 4.60 -31.49
N ASN D 459 -27.28 5.09 -31.48
CA ASN D 459 -27.58 6.46 -31.89
C ASN D 459 -27.14 6.86 -33.29
N SER D 460 -26.93 5.86 -34.14
CA SER D 460 -26.57 6.11 -35.53
C SER D 460 -27.60 7.00 -36.24
N ALA D 461 -28.87 6.87 -35.86
CA ALA D 461 -29.92 7.76 -36.32
C ALA D 461 -29.49 9.22 -36.16
N LEU D 462 -29.14 9.56 -34.92
CA LEU D 462 -28.63 10.89 -34.58
C LEU D 462 -27.30 11.20 -35.26
N ASP D 463 -26.40 10.22 -35.28
CA ASP D 463 -25.09 10.37 -35.92
C ASP D 463 -25.23 10.89 -37.35
N LYS D 464 -26.23 10.36 -38.08
CA LYS D 464 -26.53 10.83 -39.43
C LYS D 464 -26.77 12.33 -39.42
N MET D 465 -27.87 12.73 -38.80
CA MET D 465 -28.26 14.14 -38.75
C MET D 465 -27.13 15.08 -38.29
N LEU D 466 -26.24 14.58 -37.43
CA LEU D 466 -25.22 15.43 -36.80
C LEU D 466 -24.03 15.82 -37.66
N GLN D 467 -23.71 15.02 -38.68
CA GLN D 467 -22.66 15.43 -39.61
C GLN D 467 -23.19 16.49 -40.57
N ASN D 468 -24.51 16.65 -40.59
CA ASN D 468 -25.13 17.74 -41.32
C ASN D 468 -24.97 19.11 -40.68
N VAL D 469 -24.46 19.13 -39.46
CA VAL D 469 -24.35 20.38 -38.71
C VAL D 469 -22.94 20.57 -38.15
N GLN D 470 -22.48 21.82 -38.14
CA GLN D 470 -21.15 22.18 -37.63
C GLN D 470 -21.06 22.12 -36.11
N MET D 471 -20.87 20.92 -35.57
CA MET D 471 -20.81 20.72 -34.14
C MET D 471 -19.53 21.32 -33.58
N PRO D 472 -19.54 21.59 -32.26
CA PRO D 472 -18.33 21.99 -31.55
C PRO D 472 -17.59 20.76 -31.06
N SER D 473 -16.36 20.96 -30.61
CA SER D 473 -15.59 19.86 -30.02
C SER D 473 -15.33 20.11 -28.53
N LYS D 474 -14.93 19.08 -27.82
CA LYS D 474 -14.67 19.20 -26.39
C LYS D 474 -13.24 18.78 -26.06
N LYS D 475 -12.47 19.69 -25.47
CA LYS D 475 -11.13 19.34 -24.99
C LYS D 475 -11.19 19.12 -23.48
N LEU D 476 -10.65 17.99 -23.04
CA LEU D 476 -10.54 17.67 -21.63
C LEU D 476 -9.07 17.61 -21.31
N ASP D 477 -8.59 18.52 -20.48
CA ASP D 477 -7.19 18.48 -20.12
C ASP D 477 -7.04 19.01 -18.70
N PHE D 478 -5.81 19.25 -18.27
CA PHE D 478 -5.57 19.81 -16.95
C PHE D 478 -4.51 20.90 -16.95
N ILE D 479 -4.45 21.67 -15.86
CA ILE D 479 -3.31 22.54 -15.63
C ILE D 479 -2.71 22.15 -14.30
N ILE D 480 -1.54 22.70 -13.99
CA ILE D 480 -0.87 22.38 -12.75
C ILE D 480 -0.72 23.60 -11.86
N LEU D 481 -1.24 23.53 -10.65
CA LEU D 481 -1.01 24.54 -9.64
C LEU D 481 -0.50 23.81 -8.40
N ASN D 482 0.53 24.35 -7.76
CA ASN D 482 1.24 23.65 -6.68
C ASN D 482 1.39 22.15 -6.94
N GLU D 483 2.07 21.81 -8.03
CA GLU D 483 2.26 20.45 -8.52
C GLU D 483 1.18 19.45 -8.14
N THR D 484 -0.08 19.85 -8.28
CA THR D 484 -1.19 18.89 -8.36
C THR D 484 -1.94 19.27 -9.62
N LYS D 485 -2.55 18.29 -10.29
CA LYS D 485 -3.33 18.64 -11.47
C LYS D 485 -4.80 18.97 -11.19
N PHE D 486 -5.28 20.00 -11.88
CA PHE D 486 -6.66 20.39 -11.82
C PHE D 486 -7.20 20.37 -13.23
N TRP D 487 -8.33 19.69 -13.43
CA TRP D 487 -8.89 19.49 -14.76
C TRP D 487 -9.85 20.57 -15.26
N TYR D 488 -9.77 20.87 -16.56
CA TYR D 488 -10.70 21.80 -17.17
C TYR D 488 -11.30 21.16 -18.40
N GLN D 489 -12.40 21.73 -18.89
CA GLN D 489 -12.95 21.28 -20.15
C GLN D 489 -13.35 22.50 -20.94
N MET D 490 -13.32 22.40 -22.27
CA MET D 490 -13.69 23.52 -23.11
C MET D 490 -14.54 23.03 -24.27
N ILE D 491 -15.73 23.61 -24.42
CA ILE D 491 -16.52 23.37 -25.61
C ILE D 491 -16.06 24.38 -26.65
N LEU D 492 -15.42 23.88 -27.70
CA LEU D 492 -14.75 24.73 -28.69
C LEU D 492 -15.58 24.78 -29.94
N PRO D 493 -15.68 25.97 -30.53
CA PRO D 493 -16.42 26.19 -31.77
C PRO D 493 -15.90 25.34 -32.91
N PRO D 494 -16.77 25.02 -33.88
CA PRO D 494 -16.35 24.25 -35.06
C PRO D 494 -15.21 24.98 -35.73
N HIS D 495 -14.32 24.25 -36.39
CA HIS D 495 -13.16 24.83 -37.07
C HIS D 495 -12.37 25.71 -36.13
N PHE D 496 -12.18 25.24 -34.89
CA PHE D 496 -11.48 26.04 -33.88
C PHE D 496 -10.07 26.41 -34.32
N ASP D 497 -9.83 27.70 -34.52
CA ASP D 497 -8.51 28.15 -34.96
C ASP D 497 -7.71 28.77 -33.80
N LYS D 498 -6.74 28.00 -33.32
CA LYS D 498 -6.03 28.34 -32.09
C LYS D 498 -5.23 29.65 -32.10
N SER D 499 -5.30 30.39 -33.21
CA SER D 499 -4.51 31.61 -33.32
C SER D 499 -5.39 32.85 -33.17
N LYS D 500 -6.70 32.67 -33.08
CA LYS D 500 -7.61 33.80 -32.97
C LYS D 500 -7.95 34.07 -31.50
N LYS D 501 -8.50 35.24 -31.21
CA LYS D 501 -8.92 35.59 -29.84
C LYS D 501 -10.41 35.31 -29.65
N TYR D 502 -10.75 34.23 -28.97
CA TYR D 502 -12.15 33.89 -28.77
C TYR D 502 -12.68 34.47 -27.48
N PRO D 503 -13.96 34.83 -27.45
CA PRO D 503 -14.62 35.18 -26.20
C PRO D 503 -14.92 33.90 -25.41
N LEU D 504 -14.76 33.99 -24.08
CA LEU D 504 -14.91 32.81 -23.23
C LEU D 504 -15.94 33.00 -22.12
N LEU D 505 -16.82 32.01 -22.00
CA LEU D 505 -17.82 31.94 -20.94
C LEU D 505 -17.40 30.83 -19.98
N LEU D 506 -17.14 31.20 -18.72
CA LEU D 506 -16.81 30.20 -17.70
C LEU D 506 -18.08 29.61 -17.08
N ASP D 507 -18.27 28.31 -17.29
CA ASP D 507 -19.40 27.56 -16.76
C ASP D 507 -19.02 26.98 -15.40
N VAL D 508 -19.68 27.44 -14.35
CA VAL D 508 -19.25 27.08 -13.01
C VAL D 508 -20.33 26.37 -12.19
N TYR D 509 -19.93 25.31 -11.49
CA TYR D 509 -20.73 24.84 -10.36
C TYR D 509 -19.92 24.98 -9.07
N ALA D 510 -18.77 24.31 -9.03
CA ALA D 510 -17.80 24.45 -7.94
C ALA D 510 -18.20 23.94 -6.55
N GLY D 511 -19.39 23.35 -6.41
CA GLY D 511 -19.81 22.80 -5.14
C GLY D 511 -18.94 21.66 -4.64
N PRO D 512 -18.90 21.47 -3.31
CA PRO D 512 -18.10 20.40 -2.71
C PRO D 512 -18.37 19.06 -3.39
N CYS D 513 -17.28 18.42 -3.82
CA CYS D 513 -17.35 17.13 -4.51
C CYS D 513 -18.01 17.21 -5.88
N SER D 514 -18.08 18.39 -6.46
CA SER D 514 -18.63 18.51 -7.79
C SER D 514 -17.60 18.10 -8.83
N GLN D 515 -18.06 17.90 -10.07
CA GLN D 515 -17.19 17.61 -11.20
C GLN D 515 -17.77 18.12 -12.49
N LYS D 516 -17.23 19.23 -12.99
CA LYS D 516 -17.77 19.86 -14.20
C LYS D 516 -16.87 19.62 -15.38
N ALA D 517 -15.74 18.94 -15.13
CA ALA D 517 -14.82 18.56 -16.19
C ALA D 517 -14.81 17.04 -16.31
N ASP D 518 -15.64 16.51 -17.18
CA ASP D 518 -15.72 15.07 -17.37
C ASP D 518 -15.69 14.71 -18.86
N THR D 519 -15.97 13.45 -19.20
CA THR D 519 -16.00 13.03 -20.60
C THR D 519 -17.40 12.72 -21.11
N VAL D 520 -18.43 13.33 -20.53
CA VAL D 520 -19.78 13.05 -20.98
C VAL D 520 -20.04 13.81 -22.28
N PHE D 521 -20.88 13.23 -23.13
CA PHE D 521 -21.38 13.90 -24.32
C PHE D 521 -22.68 14.64 -23.98
N ARG D 522 -22.71 15.95 -24.21
CA ARG D 522 -23.88 16.74 -23.85
C ARG D 522 -24.33 17.64 -24.98
N LEU D 523 -25.65 17.69 -25.17
CA LEU D 523 -26.26 18.66 -26.08
C LEU D 523 -26.97 19.68 -25.23
N ASN D 524 -26.40 20.87 -25.09
CA ASN D 524 -26.98 21.85 -24.18
C ASN D 524 -26.69 23.25 -24.64
N TRP D 525 -27.08 24.21 -23.81
CA TRP D 525 -26.85 25.60 -24.14
C TRP D 525 -25.42 25.86 -24.62
N ALA D 526 -24.47 25.19 -24.00
CA ALA D 526 -23.07 25.44 -24.29
C ALA D 526 -22.76 25.02 -25.72
N THR D 527 -23.44 23.96 -26.15
CA THR D 527 -23.31 23.49 -27.53
C THR D 527 -23.70 24.60 -28.51
N TYR D 528 -24.86 25.19 -28.28
CA TYR D 528 -25.28 26.34 -29.08
C TYR D 528 -24.28 27.49 -29.03
N LEU D 529 -23.85 27.88 -27.82
CA LEU D 529 -22.93 29.01 -27.68
C LEU D 529 -21.65 28.80 -28.47
N ALA D 530 -21.09 27.60 -28.40
CA ALA D 530 -19.88 27.29 -29.17
C ALA D 530 -20.19 27.24 -30.66
N SER D 531 -21.15 26.40 -31.03
CA SER D 531 -21.48 26.18 -32.43
C SER D 531 -21.91 27.42 -33.21
N THR D 532 -22.88 28.18 -32.68
CA THR D 532 -23.46 29.30 -33.42
C THR D 532 -22.82 30.64 -33.09
N GLU D 533 -22.31 30.81 -31.87
CA GLU D 533 -21.79 32.11 -31.47
C GLU D 533 -20.27 32.17 -31.31
N ASN D 534 -19.61 31.04 -31.56
CA ASN D 534 -18.16 30.95 -31.39
C ASN D 534 -17.72 31.49 -30.04
N ILE D 535 -18.29 30.91 -28.99
CA ILE D 535 -17.84 31.21 -27.63
C ILE D 535 -17.29 29.93 -27.06
N ILE D 536 -16.10 30.01 -26.47
CA ILE D 536 -15.57 28.85 -25.77
C ILE D 536 -16.30 28.76 -24.44
N VAL D 537 -16.97 27.64 -24.20
CA VAL D 537 -17.59 27.40 -22.91
C VAL D 537 -16.70 26.46 -22.10
N ALA D 538 -16.11 26.99 -21.04
CA ALA D 538 -15.10 26.27 -20.27
C ALA D 538 -15.59 26.02 -18.87
N SER D 539 -15.24 24.86 -18.32
CA SER D 539 -15.48 24.59 -16.91
C SER D 539 -14.18 24.13 -16.28
N PHE D 540 -14.06 24.35 -14.98
CA PHE D 540 -12.85 24.02 -14.25
C PHE D 540 -13.15 23.45 -12.87
N ASP D 541 -12.66 22.24 -12.60
CA ASP D 541 -12.76 21.61 -11.29
C ASP D 541 -11.58 21.99 -10.40
N GLY D 542 -11.79 22.90 -9.46
CA GLY D 542 -10.73 23.36 -8.57
C GLY D 542 -10.77 22.69 -7.22
N ARG D 543 -10.26 23.38 -6.20
CA ARG D 543 -10.28 22.83 -4.85
C ARG D 543 -11.70 22.68 -4.38
N GLY D 544 -11.95 21.55 -3.73
CA GLY D 544 -13.29 21.26 -3.27
C GLY D 544 -13.96 20.24 -4.15
N SER D 545 -13.48 20.04 -5.37
CA SER D 545 -14.10 19.07 -6.26
C SER D 545 -13.81 17.62 -5.87
N GLY D 546 -14.57 16.70 -6.45
CA GLY D 546 -14.51 15.32 -5.97
C GLY D 546 -13.66 14.39 -6.80
N TYR D 547 -13.65 13.13 -6.40
CA TYR D 547 -13.08 12.06 -7.21
C TYR D 547 -11.56 12.11 -7.33
N GLN D 548 -10.97 13.03 -6.58
CA GLN D 548 -9.53 13.18 -6.61
C GLN D 548 -8.93 13.08 -5.21
N GLY D 549 -9.68 12.46 -4.30
CA GLY D 549 -9.25 12.37 -2.91
C GLY D 549 -9.44 13.60 -2.03
N ASP D 550 -9.38 13.35 -0.73
CA ASP D 550 -9.71 14.33 0.29
C ASP D 550 -8.84 15.57 0.35
N LYS D 551 -7.58 15.47 -0.07
CA LYS D 551 -6.71 16.65 -0.02
C LYS D 551 -7.27 17.73 -0.95
N ILE D 552 -7.87 17.32 -2.07
CA ILE D 552 -8.58 18.28 -2.91
C ILE D 552 -9.99 18.54 -2.40
N MET D 553 -10.72 17.49 -2.06
CA MET D 553 -12.11 17.69 -1.66
C MET D 553 -12.26 18.50 -0.36
N HIS D 554 -11.62 18.06 0.72
CA HIS D 554 -11.77 18.71 2.03
C HIS D 554 -11.05 20.03 2.14
N ALA D 555 -10.46 20.49 1.05
CA ALA D 555 -9.69 21.73 1.09
C ALA D 555 -10.51 22.97 1.44
N ILE D 556 -11.83 22.86 1.32
CA ILE D 556 -12.73 23.98 1.59
C ILE D 556 -13.57 23.74 2.84
N ASN D 557 -13.17 22.76 3.65
CA ASN D 557 -13.91 22.43 4.86
C ASN D 557 -14.03 23.66 5.74
N ARG D 558 -15.21 23.85 6.32
CA ARG D 558 -15.50 25.01 7.15
C ARG D 558 -15.18 26.36 6.51
N ARG D 559 -14.77 26.33 5.25
CA ARG D 559 -14.27 27.52 4.59
C ARG D 559 -14.86 27.73 3.19
N LEU D 560 -16.17 27.53 3.07
CA LEU D 560 -16.91 27.75 1.84
C LEU D 560 -16.82 29.18 1.34
N GLY D 561 -16.82 29.35 0.03
CA GLY D 561 -16.75 30.67 -0.57
C GLY D 561 -15.34 31.26 -0.57
N THR D 562 -14.34 30.41 -0.37
CA THR D 562 -12.97 30.87 -0.52
C THR D 562 -12.26 30.12 -1.66
N PHE D 563 -11.45 29.12 -1.31
CA PHE D 563 -10.60 28.42 -2.29
C PHE D 563 -11.30 28.03 -3.60
N GLU D 564 -12.56 27.60 -3.54
CA GLU D 564 -13.26 27.23 -4.75
C GLU D 564 -13.53 28.43 -5.66
N VAL D 565 -13.71 29.62 -5.07
CA VAL D 565 -13.91 30.81 -5.90
C VAL D 565 -12.60 31.36 -6.43
N GLU D 566 -11.56 31.36 -5.59
CA GLU D 566 -10.25 31.85 -6.01
C GLU D 566 -9.66 30.97 -7.13
N ASP D 567 -9.84 29.65 -7.01
CA ASP D 567 -9.38 28.72 -8.04
C ASP D 567 -10.13 28.92 -9.36
N GLN D 568 -11.36 29.41 -9.28
CA GLN D 568 -12.11 29.63 -10.49
C GLN D 568 -11.49 30.82 -11.23
N ILE D 569 -11.29 31.93 -10.52
CA ILE D 569 -10.64 33.13 -11.04
C ILE D 569 -9.28 32.81 -11.62
N GLU D 570 -8.53 31.97 -10.91
CA GLU D 570 -7.21 31.51 -11.35
C GLU D 570 -7.32 30.84 -12.70
N ALA D 571 -8.20 29.85 -12.78
CA ALA D 571 -8.43 29.14 -14.03
C ALA D 571 -8.66 30.09 -15.19
N ALA D 572 -9.48 31.11 -14.97
CA ALA D 572 -9.71 32.13 -15.99
C ALA D 572 -8.37 32.70 -16.46
N ARG D 573 -7.54 33.14 -15.51
CA ARG D 573 -6.23 33.71 -15.84
C ARG D 573 -5.44 32.76 -16.72
N GLN D 574 -5.42 31.50 -16.32
CA GLN D 574 -4.72 30.47 -17.06
C GLN D 574 -5.21 30.38 -18.50
N PHE D 575 -6.51 30.52 -18.69
CA PHE D 575 -7.05 30.47 -20.04
C PHE D 575 -6.59 31.65 -20.89
N SER D 576 -6.44 32.83 -20.29
CA SER D 576 -5.86 33.99 -20.99
C SER D 576 -4.47 33.64 -21.48
N LYS D 577 -3.64 33.15 -20.57
CA LYS D 577 -2.32 32.63 -20.90
C LYS D 577 -2.31 31.76 -22.14
N MET D 578 -3.30 30.88 -22.30
CA MET D 578 -3.33 29.95 -23.44
C MET D 578 -3.32 30.63 -24.80
N GLY D 579 -3.69 31.92 -24.84
CA GLY D 579 -3.43 32.75 -26.01
C GLY D 579 -4.62 32.95 -26.93
N PHE D 580 -5.48 31.93 -27.03
CA PHE D 580 -6.62 32.00 -27.94
C PHE D 580 -7.88 32.57 -27.31
N VAL D 581 -7.70 33.30 -26.22
CA VAL D 581 -8.84 33.90 -25.53
C VAL D 581 -8.80 35.41 -25.63
N ASP D 582 -9.93 36.02 -25.95
CA ASP D 582 -10.00 37.47 -25.90
C ASP D 582 -10.00 37.89 -24.43
N ASN D 583 -8.89 38.46 -23.99
CA ASN D 583 -8.79 39.11 -22.68
C ASN D 583 -9.99 39.93 -22.22
N LYS D 584 -10.47 40.83 -23.06
CA LYS D 584 -11.49 41.77 -22.62
C LYS D 584 -12.91 41.21 -22.78
N ARG D 585 -13.02 39.90 -22.97
CA ARG D 585 -14.32 39.26 -23.12
C ARG D 585 -14.38 37.92 -22.40
N ILE D 586 -14.17 37.93 -21.09
CA ILE D 586 -14.41 36.75 -20.29
C ILE D 586 -15.68 36.90 -19.46
N ALA D 587 -16.57 35.91 -19.57
CA ALA D 587 -17.81 35.87 -18.80
C ALA D 587 -17.87 34.65 -17.88
N ILE D 588 -18.78 34.66 -16.92
CA ILE D 588 -18.97 33.56 -15.99
C ILE D 588 -20.44 33.37 -15.68
N TRP D 589 -20.90 32.13 -15.55
CA TRP D 589 -22.29 31.85 -15.18
C TRP D 589 -22.43 30.51 -14.49
N GLY D 590 -23.47 30.40 -13.68
CA GLY D 590 -23.71 29.18 -12.93
C GLY D 590 -25.02 29.25 -12.16
N TRP D 591 -25.45 28.10 -11.66
CA TRP D 591 -26.80 27.92 -11.14
C TRP D 591 -26.63 27.25 -9.78
N SER D 592 -27.47 27.60 -8.80
CA SER D 592 -27.28 27.18 -7.40
C SER D 592 -25.94 27.61 -6.83
N TYR D 593 -25.22 26.65 -6.26
CA TYR D 593 -23.86 26.88 -5.80
C TYR D 593 -23.14 27.65 -6.91
N GLY D 594 -23.41 27.21 -8.14
CA GLY D 594 -22.84 27.79 -9.34
C GLY D 594 -23.11 29.28 -9.37
N GLY D 595 -24.31 29.64 -8.94
CA GLY D 595 -24.70 31.04 -8.93
C GLY D 595 -23.97 31.80 -7.86
N TYR D 596 -23.81 31.14 -6.72
CA TYR D 596 -23.11 31.70 -5.57
C TYR D 596 -21.68 32.01 -5.96
N VAL D 597 -21.01 31.02 -6.55
CA VAL D 597 -19.63 31.21 -6.95
C VAL D 597 -19.53 32.34 -7.98
N THR D 598 -20.33 32.24 -9.04
CA THR D 598 -20.40 33.30 -10.04
C THR D 598 -20.46 34.66 -9.38
N SER D 599 -21.42 34.81 -8.46
CA SER D 599 -21.60 36.06 -7.73
C SER D 599 -20.39 36.43 -6.88
N MET D 600 -19.86 35.48 -6.12
CA MET D 600 -18.66 35.71 -5.36
C MET D 600 -17.51 36.18 -6.26
N VAL D 601 -17.35 35.50 -7.38
CA VAL D 601 -16.32 35.88 -8.34
C VAL D 601 -16.53 37.29 -8.85
N LEU D 602 -17.72 37.57 -9.37
CA LEU D 602 -18.01 38.90 -9.88
C LEU D 602 -17.80 39.96 -8.79
N GLY D 603 -18.00 39.55 -7.55
CA GLY D 603 -17.90 40.47 -6.43
C GLY D 603 -16.50 40.72 -5.90
N SER D 604 -15.51 39.99 -6.40
CA SER D 604 -14.17 40.05 -5.82
C SER D 604 -13.33 41.18 -6.40
N GLY D 605 -13.84 41.85 -7.43
CA GLY D 605 -13.07 42.86 -8.16
C GLY D 605 -11.68 42.42 -8.60
N SER D 606 -11.60 41.29 -9.29
CA SER D 606 -10.33 40.83 -9.83
C SER D 606 -10.19 41.36 -11.24
N GLY D 607 -11.22 42.07 -11.72
CA GLY D 607 -11.20 42.63 -13.06
C GLY D 607 -10.98 41.64 -14.21
N VAL D 608 -10.98 40.34 -13.92
CA VAL D 608 -10.82 39.33 -14.97
C VAL D 608 -12.09 39.15 -15.82
N PHE D 609 -13.26 39.38 -15.22
CA PHE D 609 -14.54 39.12 -15.89
C PHE D 609 -15.28 40.41 -16.25
N LYS D 610 -15.84 40.43 -17.45
CA LYS D 610 -16.60 41.57 -17.94
C LYS D 610 -18.02 41.50 -17.37
N CYS D 611 -18.50 40.28 -17.15
CA CYS D 611 -19.89 40.05 -16.80
C CYS D 611 -20.21 38.60 -16.44
N GLY D 612 -21.32 38.43 -15.73
CA GLY D 612 -21.82 37.11 -15.35
C GLY D 612 -23.32 37.00 -15.15
N ILE D 613 -23.80 35.77 -15.12
CA ILE D 613 -25.21 35.49 -14.81
C ILE D 613 -25.32 34.52 -13.63
N ALA D 614 -26.09 34.90 -12.63
CA ALA D 614 -26.35 34.02 -11.50
C ALA D 614 -27.80 33.57 -11.56
N VAL D 615 -28.00 32.26 -11.69
CA VAL D 615 -29.34 31.68 -11.64
C VAL D 615 -29.57 31.00 -10.29
N ALA D 616 -30.63 31.39 -9.60
CA ALA D 616 -30.96 30.87 -8.27
C ALA D 616 -29.76 30.70 -7.34
N PRO D 617 -29.00 31.75 -7.13
CA PRO D 617 -27.76 31.63 -6.36
C PRO D 617 -28.03 31.52 -4.87
N VAL D 618 -27.12 30.88 -4.15
CA VAL D 618 -27.12 31.02 -2.71
C VAL D 618 -26.40 32.34 -2.46
N SER D 619 -26.90 33.17 -1.54
CA SER D 619 -26.24 34.46 -1.30
C SER D 619 -25.58 34.57 0.07
N ARG D 620 -26.18 33.98 1.10
CA ARG D 620 -25.47 33.78 2.34
C ARG D 620 -25.92 32.48 2.99
N TRP D 621 -24.95 31.75 3.54
CA TRP D 621 -25.19 30.39 4.00
C TRP D 621 -26.25 30.21 5.06
N GLU D 622 -26.47 31.23 5.91
CA GLU D 622 -27.55 31.12 6.89
C GLU D 622 -28.94 30.90 6.27
N TYR D 623 -29.08 31.15 4.97
CA TYR D 623 -30.34 30.93 4.25
C TYR D 623 -30.54 29.51 3.71
N TYR D 624 -29.46 28.81 3.37
CA TYR D 624 -29.65 27.47 2.81
C TYR D 624 -29.99 26.44 3.89
N ASP D 625 -30.40 25.23 3.49
CA ASP D 625 -30.86 24.24 4.44
C ASP D 625 -29.70 23.74 5.26
N SER D 626 -30.01 23.27 6.46
CA SER D 626 -29.03 22.88 7.48
C SER D 626 -28.17 21.69 7.07
N VAL D 627 -28.79 20.62 6.57
CA VAL D 627 -28.06 19.39 6.28
C VAL D 627 -26.89 19.57 5.31
N TYR D 628 -27.14 20.32 4.24
CA TYR D 628 -26.09 20.64 3.28
C TYR D 628 -25.10 21.65 3.88
N THR D 629 -25.58 22.84 4.18
CA THR D 629 -24.72 23.90 4.68
C THR D 629 -23.81 23.49 5.84
N GLU D 630 -24.37 22.83 6.85
CA GLU D 630 -23.58 22.52 8.02
C GLU D 630 -22.60 21.40 7.73
N ARG D 631 -22.93 20.56 6.76
CA ARG D 631 -22.02 19.49 6.39
C ARG D 631 -20.66 20.09 6.04
N TYR D 632 -20.67 21.32 5.55
CA TYR D 632 -19.42 21.97 5.17
C TYR D 632 -19.02 23.09 6.10
N MET D 633 -19.98 23.77 6.70
CA MET D 633 -19.67 24.97 7.47
C MET D 633 -19.77 24.80 8.97
N GLY D 634 -20.38 23.72 9.42
CA GLY D 634 -20.65 23.56 10.84
C GLY D 634 -21.78 24.50 11.18
N LEU D 635 -21.87 24.90 12.45
CA LEU D 635 -22.95 25.73 12.96
C LEU D 635 -22.59 27.22 12.97
N PRO D 636 -23.57 28.06 12.64
CA PRO D 636 -23.39 29.50 12.66
C PRO D 636 -23.51 30.09 14.05
N THR D 637 -22.76 29.55 15.01
CA THR D 637 -22.68 30.10 16.36
C THR D 637 -21.26 30.63 16.63
N PRO D 638 -21.14 31.54 17.59
CA PRO D 638 -19.84 32.12 17.96
C PRO D 638 -18.83 31.07 18.42
N GLU D 639 -19.31 30.02 19.09
CA GLU D 639 -18.47 28.94 19.56
C GLU D 639 -17.95 28.08 18.42
N ASP D 640 -18.61 28.20 17.27
CA ASP D 640 -18.29 27.37 16.11
C ASP D 640 -17.77 28.18 14.93
N ASN D 641 -18.62 28.44 13.94
CA ASN D 641 -18.13 29.06 12.72
C ASN D 641 -18.90 30.30 12.24
N LEU D 642 -19.59 30.97 13.16
CA LEU D 642 -20.37 32.14 12.82
C LEU D 642 -19.55 33.14 12.03
N ASP D 643 -18.29 33.32 12.39
CA ASP D 643 -17.43 34.31 11.74
C ASP D 643 -17.30 34.06 10.26
N HIS D 644 -17.02 32.82 9.89
CA HIS D 644 -16.93 32.56 8.47
C HIS D 644 -18.27 32.57 7.75
N TYR D 645 -19.36 32.22 8.45
CA TYR D 645 -20.66 32.45 7.87
C TYR D 645 -20.79 33.91 7.41
N ARG D 646 -20.47 34.84 8.31
CA ARG D 646 -20.61 36.27 8.05
C ARG D 646 -19.58 36.83 7.09
N ASN D 647 -18.39 36.23 7.07
CA ASN D 647 -17.29 36.69 6.20
C ASN D 647 -17.47 36.19 4.76
N SER D 648 -18.55 35.44 4.48
CA SER D 648 -18.67 34.80 3.16
C SER D 648 -19.99 35.01 2.40
N THR D 649 -20.66 36.12 2.67
CA THR D 649 -21.90 36.44 1.96
C THR D 649 -21.57 37.11 0.63
N VAL D 650 -22.53 37.11 -0.28
CA VAL D 650 -22.37 37.85 -1.53
C VAL D 650 -22.55 39.34 -1.25
N MET D 651 -23.55 39.69 -0.44
CA MET D 651 -23.87 41.09 -0.27
C MET D 651 -22.73 41.98 0.25
N SER D 652 -21.81 41.45 1.05
CA SER D 652 -20.68 42.28 1.47
C SER D 652 -19.78 42.67 0.30
N ARG D 653 -19.83 41.91 -0.78
CA ARG D 653 -19.03 42.23 -1.95
C ARG D 653 -19.73 43.16 -2.94
N ALA D 654 -20.91 43.65 -2.56
CA ALA D 654 -21.76 44.43 -3.46
C ALA D 654 -21.02 45.56 -4.18
N GLU D 655 -20.23 46.30 -3.40
CA GLU D 655 -19.48 47.44 -3.91
C GLU D 655 -18.71 47.13 -5.21
N ASN D 656 -18.11 45.96 -5.28
CA ASN D 656 -17.26 45.62 -6.41
C ASN D 656 -18.00 45.27 -7.68
N PHE D 657 -19.32 45.20 -7.59
CA PHE D 657 -20.11 44.88 -8.77
C PHE D 657 -20.12 46.09 -9.69
N LYS D 658 -19.63 47.21 -9.17
CA LYS D 658 -19.51 48.43 -9.94
C LYS D 658 -18.66 48.25 -11.18
N GLN D 659 -17.88 47.16 -11.24
CA GLN D 659 -16.99 46.94 -12.36
C GLN D 659 -17.44 45.84 -13.32
N VAL D 660 -18.65 45.33 -13.15
CA VAL D 660 -19.10 44.25 -14.02
C VAL D 660 -20.58 44.39 -14.37
N GLU D 661 -20.98 43.88 -15.52
CA GLU D 661 -22.39 43.75 -15.82
C GLU D 661 -22.93 42.45 -15.23
N TYR D 662 -24.07 42.54 -14.54
CA TYR D 662 -24.58 41.43 -13.77
C TYR D 662 -26.02 41.08 -14.15
N LEU D 663 -26.34 39.78 -14.20
CA LEU D 663 -27.72 39.34 -14.40
C LEU D 663 -28.14 38.39 -13.28
N LEU D 664 -29.18 38.76 -12.55
CA LEU D 664 -29.69 37.97 -11.44
C LEU D 664 -31.00 37.34 -11.87
N ILE D 665 -31.11 36.02 -11.80
CA ILE D 665 -32.36 35.36 -12.18
C ILE D 665 -32.81 34.38 -11.10
N HIS D 666 -34.10 34.34 -10.77
CA HIS D 666 -34.53 33.47 -9.69
C HIS D 666 -36.04 33.20 -9.78
N GLY D 667 -36.43 31.93 -9.60
CA GLY D 667 -37.85 31.56 -9.61
C GLY D 667 -38.48 31.92 -8.28
N THR D 668 -39.66 32.54 -8.29
CA THR D 668 -40.30 33.01 -7.06
C THR D 668 -40.81 31.88 -6.19
N ALA D 669 -41.16 30.75 -6.79
CA ALA D 669 -41.64 29.60 -6.04
C ALA D 669 -40.53 28.57 -5.80
N ASP D 670 -39.30 29.06 -5.64
CA ASP D 670 -38.14 28.24 -5.32
C ASP D 670 -38.17 27.83 -3.85
N ASP D 671 -38.50 26.56 -3.64
CA ASP D 671 -38.58 26.00 -2.29
C ASP D 671 -37.19 25.61 -1.80
N ASN D 672 -36.25 25.47 -2.73
CA ASN D 672 -34.91 25.02 -2.38
C ASN D 672 -33.97 26.16 -1.99
N VAL D 673 -33.47 26.87 -2.99
CA VAL D 673 -32.75 28.10 -2.76
C VAL D 673 -33.82 29.19 -2.79
N HIS D 674 -34.26 29.63 -1.62
CA HIS D 674 -35.38 30.55 -1.58
C HIS D 674 -35.09 31.84 -2.28
N PHE D 675 -36.14 32.38 -2.91
CA PHE D 675 -36.07 33.65 -3.63
C PHE D 675 -35.39 34.68 -2.75
N GLN D 676 -35.71 34.64 -1.46
CA GLN D 676 -35.03 35.45 -0.43
C GLN D 676 -33.57 35.75 -0.74
N GLN D 677 -32.82 34.72 -1.13
CA GLN D 677 -31.41 34.88 -1.40
C GLN D 677 -31.14 35.93 -2.46
N SER D 678 -31.75 35.80 -3.63
CA SER D 678 -31.59 36.81 -4.66
C SER D 678 -32.12 38.17 -4.21
N ALA D 679 -33.22 38.14 -3.47
CA ALA D 679 -33.82 39.38 -2.94
C ALA D 679 -32.84 40.13 -2.06
N GLN D 680 -32.05 39.40 -1.28
CA GLN D 680 -31.01 40.01 -0.48
C GLN D 680 -29.84 40.60 -1.28
N ILE D 681 -29.55 40.00 -2.44
CA ILE D 681 -28.49 40.50 -3.31
C ILE D 681 -28.92 41.81 -3.97
N SER D 682 -30.08 41.77 -4.61
CA SER D 682 -30.61 42.97 -5.26
C SER D 682 -30.55 44.13 -4.28
N LYS D 683 -31.19 43.95 -3.12
CA LYS D 683 -31.22 44.98 -2.09
C LYS D 683 -29.83 45.53 -1.80
N ALA D 684 -28.87 44.65 -1.60
CA ALA D 684 -27.48 45.05 -1.37
C ALA D 684 -26.92 45.89 -2.51
N LEU D 685 -27.15 45.46 -3.75
CA LEU D 685 -26.68 46.21 -4.89
C LEU D 685 -27.38 47.58 -5.03
N VAL D 686 -28.68 47.62 -4.76
CA VAL D 686 -29.40 48.87 -4.85
C VAL D 686 -28.78 49.86 -3.88
N ASP D 687 -28.52 49.39 -2.67
CA ASP D 687 -28.09 50.22 -1.54
C ASP D 687 -26.74 50.86 -1.77
N VAL D 688 -25.91 50.20 -2.57
CA VAL D 688 -24.57 50.70 -2.80
C VAL D 688 -24.51 51.36 -4.17
N GLY D 689 -25.65 51.40 -4.85
CA GLY D 689 -25.80 52.15 -6.10
C GLY D 689 -25.14 51.49 -7.28
N VAL D 690 -25.40 50.20 -7.48
CA VAL D 690 -24.87 49.46 -8.63
C VAL D 690 -25.97 49.03 -9.60
N ASP D 691 -25.81 49.38 -10.87
CA ASP D 691 -26.80 48.94 -11.84
C ASP D 691 -26.60 47.48 -12.17
N PHE D 692 -27.67 46.77 -12.51
CA PHE D 692 -27.57 45.37 -12.93
C PHE D 692 -28.82 44.96 -13.72
N GLN D 693 -28.85 43.71 -14.18
CA GLN D 693 -30.06 43.17 -14.81
C GLN D 693 -30.70 42.13 -13.90
N ALA D 694 -32.02 42.00 -13.99
CA ALA D 694 -32.74 41.05 -13.15
C ALA D 694 -33.91 40.38 -13.85
N MET D 695 -34.28 39.21 -13.34
CA MET D 695 -35.39 38.48 -13.91
C MET D 695 -35.97 37.53 -12.88
N TRP D 696 -37.25 37.70 -12.58
CA TRP D 696 -37.89 36.72 -11.74
C TRP D 696 -38.71 35.76 -12.60
N TYR D 697 -38.99 34.57 -12.08
CA TYR D 697 -39.90 33.69 -12.78
C TYR D 697 -41.05 33.29 -11.86
N THR D 698 -42.20 33.88 -12.19
CA THR D 698 -43.45 33.70 -11.45
C THR D 698 -43.77 32.21 -11.33
N ASP D 699 -43.82 31.72 -10.10
CA ASP D 699 -44.21 30.34 -9.80
C ASP D 699 -43.25 29.26 -10.29
N GLU D 700 -42.10 29.63 -10.85
CA GLU D 700 -41.11 28.64 -11.16
C GLU D 700 -40.32 28.33 -9.90
N ASP D 701 -39.84 27.10 -9.79
CA ASP D 701 -39.03 26.73 -8.63
C ASP D 701 -37.55 26.68 -8.95
N HIS D 702 -36.81 25.79 -8.30
CA HIS D 702 -35.39 25.76 -8.54
C HIS D 702 -34.97 25.26 -9.91
N GLY D 703 -35.86 24.50 -10.56
CA GLY D 703 -35.54 23.95 -11.85
C GLY D 703 -35.65 24.93 -12.99
N ILE D 704 -36.46 25.99 -12.78
CA ILE D 704 -36.95 26.85 -13.88
C ILE D 704 -37.16 25.96 -15.09
N ALA D 705 -37.89 24.87 -14.85
CA ALA D 705 -37.82 23.71 -15.70
C ALA D 705 -39.10 23.52 -16.51
N SER D 706 -40.11 24.32 -16.22
CA SER D 706 -41.38 24.24 -16.94
C SER D 706 -41.06 24.63 -18.38
N SER D 707 -41.87 24.12 -19.31
CA SER D 707 -41.49 24.20 -20.71
C SER D 707 -41.18 25.62 -21.15
N THR D 708 -42.14 26.52 -20.98
CA THR D 708 -42.04 27.89 -21.50
C THR D 708 -41.04 28.75 -20.71
N ALA D 709 -40.91 28.46 -19.42
CA ALA D 709 -39.96 29.19 -18.58
C ALA D 709 -38.55 28.85 -19.03
N HIS D 710 -38.35 27.56 -19.31
CA HIS D 710 -37.06 27.03 -19.74
C HIS D 710 -36.60 27.69 -21.02
N GLN D 711 -37.51 27.81 -21.98
CA GLN D 711 -37.14 28.48 -23.21
C GLN D 711 -36.88 29.94 -22.95
N HIS D 712 -37.71 30.55 -22.11
CA HIS D 712 -37.63 31.98 -21.90
C HIS D 712 -36.32 32.41 -21.26
N ILE D 713 -35.87 31.63 -20.27
CA ILE D 713 -34.66 32.01 -19.56
C ILE D 713 -33.41 31.92 -20.43
N TYR D 714 -33.15 30.75 -20.99
CA TYR D 714 -32.05 30.60 -21.94
C TYR D 714 -32.09 31.62 -23.07
N THR D 715 -33.29 32.06 -23.46
CA THR D 715 -33.35 33.11 -24.47
C THR D 715 -32.83 34.41 -23.87
N HIS D 716 -33.40 34.78 -22.74
CA HIS D 716 -32.97 35.98 -22.07
C HIS D 716 -31.47 35.95 -21.77
N MET D 717 -30.96 34.80 -21.31
CA MET D 717 -29.52 34.70 -21.04
C MET D 717 -28.68 34.90 -22.28
N SER D 718 -29.04 34.20 -23.37
CA SER D 718 -28.38 34.36 -24.66
C SER D 718 -28.25 35.81 -25.13
N HIS D 719 -29.34 36.57 -25.14
CA HIS D 719 -29.23 37.99 -25.43
C HIS D 719 -28.21 38.68 -24.52
N PHE D 720 -28.30 38.45 -23.21
CA PHE D 720 -27.37 39.06 -22.28
C PHE D 720 -25.93 38.79 -22.71
N ILE D 721 -25.59 37.53 -22.92
CA ILE D 721 -24.22 37.15 -23.27
C ILE D 721 -23.76 37.75 -24.59
N LYS D 722 -24.61 37.68 -25.61
CA LYS D 722 -24.31 38.28 -26.89
C LYS D 722 -24.00 39.77 -26.78
N GLN D 723 -24.85 40.54 -26.12
CA GLN D 723 -24.61 41.97 -25.95
C GLN D 723 -23.36 42.22 -25.11
N CYS D 724 -23.07 41.32 -24.17
CA CYS D 724 -21.91 41.50 -23.32
C CYS D 724 -20.65 41.29 -24.14
N PHE D 725 -20.75 40.41 -25.13
CA PHE D 725 -19.61 40.10 -25.97
C PHE D 725 -19.59 40.91 -27.27
N SER D 726 -20.61 41.75 -27.47
CA SER D 726 -20.79 42.50 -28.72
C SER D 726 -20.99 41.62 -29.97
N LEU D 727 -21.63 40.48 -29.81
CA LEU D 727 -21.94 39.59 -30.94
C LEU D 727 -23.27 40.01 -31.59
N PRO D 728 -23.39 39.96 -32.92
CA PRO D 728 -24.63 40.39 -33.62
C PRO D 728 -25.93 39.66 -33.22
N THR E 4 46.10 -59.29 -55.80
CA THR E 4 46.17 -57.94 -56.43
C THR E 4 47.44 -57.75 -57.28
N PRO E 5 48.64 -57.97 -56.74
CA PRO E 5 49.84 -57.32 -57.27
C PRO E 5 50.00 -57.42 -58.77
N ALA E 6 50.05 -56.26 -59.41
CA ALA E 6 50.25 -56.16 -60.85
C ALA E 6 51.36 -57.04 -61.43
N PHE E 7 52.53 -57.03 -60.82
CA PHE E 7 53.65 -57.89 -61.22
C PHE E 7 54.27 -58.45 -59.95
N ASP E 8 53.86 -59.67 -59.60
CA ASP E 8 54.19 -60.24 -58.31
C ASP E 8 55.49 -61.05 -58.32
N LYS E 9 56.56 -60.43 -58.80
CA LYS E 9 57.88 -61.07 -58.78
C LYS E 9 58.83 -60.08 -58.14
N PRO E 10 60.06 -60.50 -57.87
CA PRO E 10 61.10 -59.57 -57.47
C PRO E 10 61.19 -58.38 -58.42
N LYS E 11 61.42 -57.17 -57.89
CA LYS E 11 61.60 -55.98 -58.71
C LYS E 11 62.87 -55.23 -58.32
N VAL E 12 63.33 -54.30 -59.16
CA VAL E 12 64.48 -53.46 -58.86
C VAL E 12 64.05 -52.03 -59.01
N GLU E 13 64.45 -51.17 -58.07
CA GLU E 13 64.07 -49.75 -58.08
C GLU E 13 65.29 -48.87 -57.98
N LEU E 14 65.42 -47.93 -58.89
CA LEU E 14 66.62 -47.09 -58.97
C LEU E 14 66.35 -45.62 -58.69
N HIS E 15 65.14 -45.16 -58.92
CA HIS E 15 64.80 -43.77 -58.69
C HIS E 15 63.76 -43.54 -57.61
N VAL E 16 64.22 -43.32 -56.38
CA VAL E 16 63.32 -43.02 -55.28
C VAL E 16 63.97 -42.11 -54.24
N HIS E 17 63.23 -41.10 -53.80
CA HIS E 17 63.71 -40.10 -52.87
C HIS E 17 63.29 -40.42 -51.43
N LEU E 18 64.27 -40.57 -50.53
CA LEU E 18 63.96 -40.77 -49.11
C LEU E 18 63.05 -39.65 -48.63
N ASP E 19 63.45 -38.41 -48.93
CA ASP E 19 62.65 -37.20 -48.76
C ASP E 19 61.16 -37.49 -48.92
N GLY E 20 60.84 -38.30 -49.93
CA GLY E 20 59.48 -38.48 -50.37
C GLY E 20 58.96 -39.87 -50.10
N ALA E 21 59.65 -40.62 -49.25
CA ALA E 21 59.18 -41.94 -48.84
C ALA E 21 59.18 -42.08 -47.32
N ILE E 22 58.41 -41.22 -46.65
CA ILE E 22 58.35 -41.22 -45.19
C ILE E 22 56.98 -41.64 -44.71
N LYS E 23 56.89 -42.19 -43.51
CA LYS E 23 55.60 -42.61 -42.96
C LYS E 23 54.90 -41.47 -42.25
N PRO E 24 53.68 -41.17 -42.67
CA PRO E 24 52.82 -40.19 -41.98
C PRO E 24 52.90 -40.31 -40.46
N GLU E 25 52.79 -41.53 -39.95
CA GLU E 25 52.79 -41.80 -38.51
C GLU E 25 54.06 -41.28 -37.86
N THR E 26 55.19 -41.43 -38.53
CA THR E 26 56.44 -41.04 -37.89
C THR E 26 56.77 -39.57 -38.10
N ILE E 27 56.21 -38.95 -39.12
CA ILE E 27 56.24 -37.49 -39.25
C ILE E 27 55.46 -36.97 -38.06
N LEU E 28 54.27 -37.54 -37.89
CA LEU E 28 53.34 -37.11 -36.87
C LEU E 28 53.99 -37.21 -35.50
N TYR E 29 54.79 -38.25 -35.30
CA TYR E 29 55.46 -38.47 -34.01
C TYR E 29 56.46 -37.38 -33.68
N TYR E 30 57.30 -37.03 -34.64
CA TYR E 30 58.33 -36.03 -34.42
C TYR E 30 57.76 -34.63 -34.39
N GLY E 31 56.60 -34.47 -35.00
CA GLY E 31 55.88 -33.21 -34.90
C GLY E 31 55.52 -32.95 -33.45
N LYS E 32 54.84 -33.92 -32.84
CA LYS E 32 54.42 -33.79 -31.45
C LYS E 32 55.61 -33.62 -30.54
N ARG E 33 56.63 -34.45 -30.72
CA ARG E 33 57.81 -34.42 -29.88
C ARG E 33 58.54 -33.08 -29.91
N ARG E 34 58.63 -32.47 -31.09
CA ARG E 34 59.40 -31.25 -31.22
C ARG E 34 58.55 -30.00 -31.19
N GLY E 35 57.23 -30.19 -31.15
CA GLY E 35 56.28 -29.08 -31.19
C GLY E 35 56.35 -28.35 -32.51
N ILE E 36 56.57 -29.10 -33.60
CA ILE E 36 56.55 -28.52 -34.94
C ILE E 36 55.12 -28.58 -35.45
N ALA E 37 54.56 -27.43 -35.79
CA ALA E 37 53.15 -27.35 -36.20
C ALA E 37 52.88 -28.14 -37.47
N LEU E 38 51.75 -28.81 -37.54
CA LEU E 38 51.41 -29.69 -38.66
C LEU E 38 49.95 -29.49 -39.06
N PRO E 39 49.64 -29.57 -40.35
CA PRO E 39 48.30 -29.30 -40.83
C PRO E 39 47.29 -30.42 -40.57
N ALA E 40 47.63 -31.38 -39.73
CA ALA E 40 46.69 -32.43 -39.37
C ALA E 40 47.05 -33.19 -38.09
N ASP E 41 46.20 -34.15 -37.75
CA ASP E 41 46.37 -34.92 -36.51
C ASP E 41 46.17 -36.43 -36.67
N THR E 42 45.38 -36.83 -37.67
CA THR E 42 45.31 -38.23 -38.06
C THR E 42 46.54 -38.49 -38.91
N PRO E 43 47.08 -39.70 -38.85
CA PRO E 43 48.02 -40.16 -39.86
C PRO E 43 47.33 -40.21 -41.22
N GLU E 44 46.09 -40.67 -41.25
CA GLU E 44 45.42 -40.85 -42.53
C GLU E 44 44.95 -39.53 -43.13
N GLU E 45 44.49 -38.62 -42.29
CA GLU E 45 44.11 -37.28 -42.73
C GLU E 45 45.31 -36.51 -43.31
N LEU E 46 46.49 -36.85 -42.80
CA LEU E 46 47.74 -36.21 -43.22
C LEU E 46 48.21 -36.67 -44.59
N LEU E 47 48.05 -37.96 -44.91
CA LEU E 47 48.48 -38.49 -46.21
C LEU E 47 47.72 -37.78 -47.33
N ASN E 48 46.54 -37.25 -47.01
CA ASN E 48 45.72 -36.53 -47.98
C ASN E 48 46.16 -35.09 -48.16
N ILE E 49 46.42 -34.41 -47.06
CA ILE E 49 46.93 -33.04 -47.12
C ILE E 49 48.31 -33.00 -47.78
N ILE E 50 49.10 -34.03 -47.56
CA ILE E 50 50.43 -34.10 -48.16
C ILE E 50 50.37 -34.70 -49.57
N GLY E 51 49.42 -35.59 -49.80
CA GLY E 51 49.32 -36.29 -51.06
C GLY E 51 48.50 -35.59 -52.12
N MET E 52 48.83 -35.85 -53.37
CA MET E 52 48.07 -35.35 -54.50
C MET E 52 47.37 -36.54 -55.16
N ASP E 53 46.19 -36.29 -55.72
CA ASP E 53 45.58 -37.26 -56.62
C ASP E 53 45.13 -36.56 -57.89
N LYS E 54 45.06 -35.23 -57.83
CA LYS E 54 44.86 -34.43 -59.02
C LYS E 54 46.24 -34.05 -59.53
N PRO E 55 46.49 -34.29 -60.81
CA PRO E 55 47.80 -34.03 -61.40
C PRO E 55 48.13 -32.56 -61.50
N LEU E 56 48.59 -31.95 -60.40
CA LEU E 56 48.97 -30.53 -60.40
C LEU E 56 50.22 -30.15 -61.19
N THR E 57 51.08 -29.33 -60.60
CA THR E 57 52.32 -28.92 -61.27
C THR E 57 53.51 -28.76 -60.33
N LEU E 58 54.71 -28.60 -60.90
CA LEU E 58 55.96 -28.59 -60.13
C LEU E 58 56.11 -27.53 -59.01
N PRO E 59 55.53 -26.33 -59.16
CA PRO E 59 55.37 -25.44 -58.01
C PRO E 59 54.55 -26.03 -56.85
N ASP E 60 53.35 -26.55 -57.13
CA ASP E 60 52.46 -27.06 -56.09
C ASP E 60 52.96 -28.36 -55.45
N PHE E 61 53.79 -29.08 -56.21
CA PHE E 61 54.40 -30.33 -55.75
C PHE E 61 55.48 -30.03 -54.71
N LEU E 62 56.42 -29.15 -55.05
CA LEU E 62 57.48 -28.78 -54.13
C LEU E 62 56.96 -28.13 -52.85
N ALA E 63 55.70 -27.68 -52.88
CA ALA E 63 55.07 -27.04 -51.74
C ALA E 63 54.69 -28.06 -50.68
N LYS E 64 54.54 -29.32 -51.09
CA LYS E 64 54.15 -30.37 -50.18
C LYS E 64 55.27 -30.68 -49.20
N PHE E 65 56.50 -30.59 -49.70
CA PHE E 65 57.68 -30.77 -48.86
C PHE E 65 57.66 -29.90 -47.61
N ASP E 66 57.07 -28.72 -47.69
CA ASP E 66 57.09 -27.75 -46.59
C ASP E 66 56.17 -28.13 -45.44
N TYR E 67 55.19 -28.98 -45.71
CA TYR E 67 54.28 -29.46 -44.69
C TYR E 67 54.98 -30.34 -43.66
N TYR E 68 55.92 -31.16 -44.11
CA TYR E 68 56.48 -32.17 -43.23
C TYR E 68 57.97 -32.06 -42.94
N MET E 69 58.78 -31.68 -43.93
CA MET E 69 60.22 -31.65 -43.74
C MET E 69 60.76 -30.94 -42.50
N PRO E 70 60.15 -29.85 -42.03
CA PRO E 70 60.61 -29.21 -40.82
C PRO E 70 60.55 -30.13 -39.59
N ALA E 71 59.67 -31.14 -39.63
CA ALA E 71 59.49 -32.08 -38.53
C ALA E 71 60.59 -33.14 -38.50
N ILE E 72 61.22 -33.40 -39.64
CA ILE E 72 62.19 -34.46 -39.74
C ILE E 72 63.60 -33.89 -39.66
N ALA E 73 63.81 -32.82 -40.39
CA ALA E 73 65.15 -32.29 -40.53
C ALA E 73 65.80 -31.91 -39.20
N GLY E 74 67.04 -32.34 -39.04
CA GLY E 74 67.85 -31.88 -37.93
C GLY E 74 67.69 -32.65 -36.63
N CYS E 75 66.85 -33.68 -36.65
CA CYS E 75 66.69 -34.51 -35.47
C CYS E 75 67.24 -35.88 -35.84
N ARG E 76 68.44 -36.17 -35.36
CA ARG E 76 69.11 -37.35 -35.86
C ARG E 76 68.31 -38.60 -35.62
N ASP E 77 67.74 -38.71 -34.43
CA ASP E 77 66.81 -39.79 -34.16
C ASP E 77 65.89 -40.11 -35.36
N ALA E 78 65.32 -39.06 -35.97
CA ALA E 78 64.39 -39.18 -37.10
C ALA E 78 65.06 -39.65 -38.39
N ILE E 79 66.16 -39.01 -38.75
CA ILE E 79 66.87 -39.38 -39.96
C ILE E 79 67.16 -40.88 -40.03
N LYS E 80 67.77 -41.42 -38.98
CA LYS E 80 68.09 -42.84 -38.92
C LYS E 80 66.78 -43.64 -39.07
N ARG E 81 65.72 -43.17 -38.46
CA ARG E 81 64.51 -43.96 -38.43
C ARG E 81 63.85 -44.04 -39.81
N ILE E 82 63.87 -42.94 -40.55
CA ILE E 82 63.23 -42.93 -41.86
C ILE E 82 63.99 -43.82 -42.83
N ALA E 83 65.31 -43.74 -42.81
CA ALA E 83 66.07 -44.73 -43.54
C ALA E 83 65.58 -46.16 -43.26
N TYR E 84 65.50 -46.55 -41.99
CA TYR E 84 65.14 -47.92 -41.63
C TYR E 84 63.74 -48.27 -42.09
N GLU E 85 62.78 -47.43 -41.75
CA GLU E 85 61.39 -47.64 -42.13
C GLU E 85 61.20 -47.66 -43.64
N PHE E 86 62.04 -46.94 -44.36
CA PHE E 86 62.01 -46.96 -45.81
C PHE E 86 62.30 -48.34 -46.35
N VAL E 87 63.40 -48.95 -45.92
CA VAL E 87 63.78 -50.27 -46.41
C VAL E 87 62.61 -51.24 -46.27
N GLU E 88 61.91 -51.15 -45.15
CA GLU E 88 60.74 -52.00 -44.92
C GLU E 88 59.70 -51.81 -46.00
N MET E 89 59.33 -50.57 -46.30
CA MET E 89 58.29 -50.37 -47.30
C MET E 89 58.71 -50.88 -48.68
N LYS E 90 60.00 -50.88 -48.96
CA LYS E 90 60.48 -51.51 -50.17
C LYS E 90 60.29 -53.01 -50.11
N ALA E 91 60.62 -53.62 -48.98
CA ALA E 91 60.38 -55.05 -48.83
C ALA E 91 58.90 -55.38 -48.95
N LYS E 92 58.04 -54.43 -48.59
CA LYS E 92 56.61 -54.65 -48.73
C LYS E 92 56.13 -54.66 -50.19
N ASP E 93 56.84 -53.96 -51.06
CA ASP E 93 56.67 -54.12 -52.50
C ASP E 93 57.56 -55.26 -52.92
N GLY E 94 57.58 -55.58 -54.21
CA GLY E 94 58.42 -56.71 -54.60
C GLY E 94 59.92 -56.58 -54.37
N VAL E 95 60.37 -55.40 -53.96
CA VAL E 95 61.75 -55.00 -54.21
C VAL E 95 62.85 -55.81 -53.53
N VAL E 96 63.87 -56.13 -54.31
CA VAL E 96 64.97 -57.00 -53.92
C VAL E 96 66.27 -56.20 -53.90
N TYR E 97 66.29 -55.09 -54.62
CA TYR E 97 67.42 -54.15 -54.57
C TYR E 97 66.94 -52.72 -54.79
N VAL E 98 67.37 -51.78 -53.94
CA VAL E 98 67.00 -50.37 -54.12
C VAL E 98 68.19 -49.45 -54.05
N GLU E 99 68.13 -48.39 -54.86
CA GLU E 99 68.99 -47.24 -54.70
C GLU E 99 68.14 -46.05 -54.26
N VAL E 100 68.49 -45.48 -53.11
CA VAL E 100 67.73 -44.37 -52.54
C VAL E 100 68.53 -43.08 -52.62
N ARG E 101 67.84 -42.03 -53.06
CA ARG E 101 68.44 -40.72 -53.13
C ARG E 101 67.82 -39.76 -52.13
N TYR E 102 68.62 -38.79 -51.69
CA TYR E 102 68.18 -37.72 -50.83
C TYR E 102 69.27 -36.67 -50.87
N SER E 103 68.95 -35.45 -50.45
CA SER E 103 69.99 -34.45 -50.23
C SER E 103 70.34 -34.36 -48.76
N PRO E 104 71.58 -34.70 -48.42
CA PRO E 104 72.06 -34.63 -47.05
C PRO E 104 72.01 -33.23 -46.45
N HIS E 105 72.12 -32.21 -47.27
CA HIS E 105 72.05 -30.83 -46.79
C HIS E 105 70.64 -30.46 -46.39
N LEU E 106 69.67 -31.00 -47.10
CA LEU E 106 68.28 -30.70 -46.85
C LEU E 106 67.79 -31.29 -45.53
N LEU E 107 68.60 -32.15 -44.92
CA LEU E 107 68.23 -32.75 -43.64
C LEU E 107 69.09 -32.27 -42.49
N ALA E 108 70.18 -31.57 -42.79
CA ALA E 108 71.06 -30.97 -41.77
C ALA E 108 70.55 -29.62 -41.27
N ASN E 109 71.09 -29.12 -40.16
CA ASN E 109 70.69 -27.82 -39.65
C ASN E 109 71.86 -27.02 -39.14
N SER E 110 73.07 -27.50 -39.39
CA SER E 110 74.32 -26.80 -39.03
C SER E 110 75.33 -27.03 -40.14
N LYS E 111 76.35 -26.18 -40.21
CA LYS E 111 77.35 -26.27 -41.26
C LYS E 111 76.70 -26.42 -42.63
N VAL E 112 75.59 -25.73 -42.85
CA VAL E 112 74.95 -25.84 -44.14
C VAL E 112 74.47 -24.50 -44.70
N GLU E 113 75.30 -23.96 -45.60
CA GLU E 113 75.01 -22.78 -46.45
C GLU E 113 73.74 -21.99 -46.14
N PRO E 114 72.70 -21.99 -46.99
CA PRO E 114 71.37 -21.51 -46.57
C PRO E 114 70.65 -22.61 -45.83
N ILE E 115 70.33 -22.33 -44.57
CA ILE E 115 69.85 -23.34 -43.63
C ILE E 115 68.43 -23.67 -44.02
N PRO E 116 68.22 -24.92 -44.45
CA PRO E 116 66.95 -25.34 -45.09
C PRO E 116 65.78 -25.47 -44.14
N TRP E 117 64.57 -25.45 -44.71
CA TRP E 117 63.31 -25.62 -43.97
C TRP E 117 63.05 -24.62 -42.84
N ASN E 118 63.72 -23.48 -42.94
CA ASN E 118 63.47 -22.32 -42.09
C ASN E 118 63.74 -22.64 -40.62
N GLN E 119 64.73 -23.49 -40.38
CA GLN E 119 64.99 -23.96 -39.03
C GLN E 119 66.18 -23.25 -38.43
N ALA E 120 66.22 -23.19 -37.11
CA ALA E 120 67.30 -22.53 -36.40
C ALA E 120 68.57 -23.36 -36.50
N GLU E 121 69.72 -22.73 -36.31
CA GLU E 121 70.96 -23.46 -36.04
C GLU E 121 70.65 -24.32 -34.83
N GLY E 122 71.18 -25.55 -34.74
CA GLY E 122 72.12 -26.10 -35.68
C GLY E 122 73.07 -27.03 -34.97
N ASP E 123 72.76 -28.32 -34.94
CA ASP E 123 73.62 -29.29 -34.30
C ASP E 123 74.08 -30.39 -35.25
N LEU E 124 73.18 -30.74 -36.17
CA LEU E 124 73.35 -31.84 -37.11
C LEU E 124 74.03 -31.36 -38.37
N THR E 125 75.25 -31.84 -38.58
CA THR E 125 76.04 -31.55 -39.76
C THR E 125 75.62 -32.50 -40.91
N PRO E 126 75.77 -32.09 -42.17
CA PRO E 126 75.45 -32.99 -43.29
C PRO E 126 76.26 -34.28 -43.31
N ASP E 127 77.47 -34.25 -42.76
CA ASP E 127 78.22 -35.48 -42.56
C ASP E 127 77.60 -36.45 -41.53
N GLU E 128 77.02 -35.93 -40.44
CA GLU E 128 76.34 -36.76 -39.44
C GLU E 128 75.13 -37.40 -40.09
N VAL E 129 74.48 -36.63 -40.98
CA VAL E 129 73.27 -37.08 -41.68
C VAL E 129 73.58 -38.34 -42.45
N VAL E 130 74.56 -38.25 -43.35
CA VAL E 130 74.91 -39.40 -44.19
C VAL E 130 75.20 -40.62 -43.31
N SER E 131 76.01 -40.42 -42.28
CA SER E 131 76.36 -41.48 -41.37
C SER E 131 75.07 -42.15 -40.89
N LEU E 132 74.11 -41.32 -40.53
CA LEU E 132 72.89 -41.84 -39.94
C LEU E 132 72.07 -42.65 -40.92
N VAL E 133 71.78 -42.04 -42.07
CA VAL E 133 71.04 -42.69 -43.14
C VAL E 133 71.68 -44.01 -43.49
N ASN E 134 73.00 -44.04 -43.57
CA ASN E 134 73.70 -45.27 -43.87
C ASN E 134 73.37 -46.37 -42.88
N GLN E 135 73.46 -46.07 -41.59
CA GLN E 135 73.17 -47.04 -40.52
C GLN E 135 71.72 -47.46 -40.53
N GLY E 136 70.84 -46.51 -40.76
CA GLY E 136 69.44 -46.85 -40.95
C GLY E 136 69.25 -47.80 -42.12
N LEU E 137 70.01 -47.59 -43.18
CA LEU E 137 69.84 -48.40 -44.36
C LEU E 137 70.40 -49.79 -44.10
N GLN E 138 71.53 -49.85 -43.41
CA GLN E 138 72.16 -51.14 -43.20
C GLN E 138 71.38 -52.01 -42.21
N GLU E 139 70.87 -51.40 -41.14
CA GLU E 139 70.02 -52.14 -40.24
C GLU E 139 68.88 -52.64 -41.10
N GLY E 140 68.24 -51.74 -41.84
CA GLY E 140 67.22 -52.14 -42.77
C GLY E 140 67.58 -53.31 -43.69
N GLU E 141 68.72 -53.24 -44.38
CA GLU E 141 69.03 -54.31 -45.31
C GLU E 141 68.95 -55.63 -44.56
N ARG E 142 69.59 -55.67 -43.41
CA ARG E 142 69.68 -56.87 -42.60
C ARG E 142 68.32 -57.30 -42.08
N ASP E 143 67.55 -56.39 -41.51
CA ASP E 143 66.30 -56.81 -40.92
C ASP E 143 65.18 -57.14 -41.91
N PHE E 144 65.16 -56.51 -43.08
CA PHE E 144 64.05 -56.72 -43.99
C PHE E 144 64.40 -57.48 -45.27
N GLY E 145 65.70 -57.76 -45.45
CA GLY E 145 66.13 -58.63 -46.51
C GLY E 145 66.01 -58.05 -47.91
N VAL E 146 66.37 -56.79 -48.08
CA VAL E 146 66.53 -56.22 -49.41
C VAL E 146 67.84 -55.46 -49.42
N LYS E 147 68.66 -55.70 -50.45
CA LYS E 147 69.93 -55.02 -50.59
C LYS E 147 69.68 -53.55 -50.92
N VAL E 148 70.34 -52.65 -50.21
CA VAL E 148 70.09 -51.22 -50.32
C VAL E 148 71.36 -50.37 -50.44
N ARG E 149 71.42 -49.55 -51.48
CA ARG E 149 72.50 -48.57 -51.63
C ARG E 149 71.90 -47.18 -51.77
N SER E 150 72.72 -46.15 -51.55
CA SER E 150 72.20 -44.80 -51.53
C SER E 150 72.88 -43.89 -52.55
N ILE E 151 72.14 -42.88 -53.00
CA ILE E 151 72.63 -41.88 -53.92
C ILE E 151 72.50 -40.51 -53.25
N LEU E 152 73.58 -39.74 -53.20
CA LEU E 152 73.55 -38.41 -52.60
C LEU E 152 73.27 -37.33 -53.63
N CYS E 153 72.25 -36.53 -53.40
CA CYS E 153 71.85 -35.51 -54.36
C CYS E 153 72.55 -34.18 -54.24
N CYS E 154 72.98 -33.64 -55.37
CA CYS E 154 73.29 -32.23 -55.49
C CYS E 154 71.96 -31.55 -55.76
N MET E 155 71.87 -30.27 -55.46
CA MET E 155 70.63 -29.55 -55.67
C MET E 155 70.85 -28.48 -56.73
N ARG E 156 69.97 -28.41 -57.72
CA ARG E 156 70.18 -27.55 -58.89
C ARG E 156 70.47 -26.10 -58.55
N HIS E 157 69.71 -25.51 -57.63
CA HIS E 157 69.90 -24.12 -57.26
C HIS E 157 71.02 -23.84 -56.25
N GLN E 158 71.90 -24.81 -56.00
CA GLN E 158 72.91 -24.67 -54.95
C GLN E 158 74.25 -25.29 -55.27
N PRO E 159 74.94 -24.78 -56.28
CA PRO E 159 76.20 -25.39 -56.72
C PRO E 159 77.25 -25.37 -55.61
N SER E 160 77.08 -24.45 -54.66
CA SER E 160 77.97 -24.32 -53.52
C SER E 160 78.12 -25.63 -52.76
N TRP E 161 77.01 -26.32 -52.53
CA TRP E 161 76.97 -27.59 -51.82
C TRP E 161 77.60 -28.75 -52.57
N SER E 162 77.30 -28.84 -53.87
CA SER E 162 77.68 -29.97 -54.74
C SER E 162 79.13 -30.45 -54.65
N SER E 163 80.01 -29.59 -54.15
CA SER E 163 81.38 -29.98 -53.86
C SER E 163 81.43 -30.96 -52.67
N GLU E 164 80.74 -30.63 -51.59
CA GLU E 164 80.67 -31.49 -50.42
C GLU E 164 80.00 -32.79 -50.75
N VAL E 165 78.93 -32.72 -51.53
CA VAL E 165 78.15 -33.90 -51.90
C VAL E 165 79.06 -34.94 -52.50
N VAL E 166 79.84 -34.58 -53.50
CA VAL E 166 80.74 -35.54 -54.10
C VAL E 166 81.78 -36.07 -53.09
N GLU E 167 82.20 -35.24 -52.16
CA GLU E 167 83.23 -35.62 -51.22
C GLU E 167 82.71 -36.62 -50.21
N LEU E 168 81.45 -36.45 -49.83
CA LEU E 168 80.75 -37.38 -48.96
C LEU E 168 80.58 -38.68 -49.71
N CYS E 169 80.15 -38.60 -50.97
CA CYS E 169 80.03 -39.76 -51.83
C CYS E 169 81.30 -40.60 -51.83
N LYS E 170 82.44 -39.92 -51.74
CA LYS E 170 83.74 -40.55 -51.76
C LYS E 170 84.05 -41.31 -50.46
N LYS E 171 83.93 -40.63 -49.32
CA LYS E 171 84.29 -41.24 -48.05
C LYS E 171 83.32 -42.32 -47.58
N TYR E 172 82.05 -42.15 -47.90
CA TYR E 172 81.06 -43.15 -47.54
C TYR E 172 80.80 -44.17 -48.64
N ARG E 173 81.79 -44.46 -49.47
CA ARG E 173 81.62 -45.41 -50.57
C ARG E 173 81.59 -46.82 -50.00
N GLU E 174 82.24 -47.00 -48.87
CA GLU E 174 82.15 -48.24 -48.10
C GLU E 174 80.76 -48.40 -47.48
N GLN E 175 80.25 -47.33 -46.90
CA GLN E 175 78.97 -47.35 -46.20
C GLN E 175 77.80 -46.98 -47.10
N THR E 176 77.60 -47.73 -48.17
CA THR E 176 76.35 -47.72 -48.96
C THR E 176 76.11 -46.64 -50.02
N VAL E 177 76.92 -45.60 -50.10
CA VAL E 177 76.68 -44.62 -51.14
C VAL E 177 77.47 -44.98 -52.40
N VAL E 178 76.76 -45.00 -53.52
CA VAL E 178 77.31 -45.55 -54.73
C VAL E 178 77.33 -44.55 -55.88
N ALA E 179 76.54 -43.48 -55.76
CA ALA E 179 76.41 -42.53 -56.85
C ALA E 179 76.05 -41.11 -56.41
N ILE E 180 76.23 -40.18 -57.33
CA ILE E 180 75.83 -38.80 -57.14
C ILE E 180 74.72 -38.43 -58.13
N ASP E 181 73.71 -37.73 -57.62
CA ASP E 181 72.59 -37.24 -58.43
C ASP E 181 72.60 -35.72 -58.44
N LEU E 182 71.62 -35.15 -59.13
CA LEU E 182 71.46 -33.71 -59.25
C LEU E 182 69.98 -33.48 -59.49
N ALA E 183 69.25 -33.10 -58.45
CA ALA E 183 67.82 -32.90 -58.61
C ALA E 183 67.47 -31.45 -58.30
N GLY E 184 66.18 -31.15 -58.24
CA GLY E 184 65.74 -29.82 -57.84
C GLY E 184 64.93 -29.09 -58.89
N ASP E 185 65.61 -28.56 -59.90
CA ASP E 185 64.92 -27.76 -60.90
C ASP E 185 65.68 -27.65 -62.20
N GLU E 186 65.26 -28.39 -63.21
CA GLU E 186 65.85 -28.31 -64.54
C GLU E 186 65.77 -26.90 -65.13
N THR E 187 64.57 -26.32 -65.09
CA THR E 187 64.28 -25.07 -65.79
C THR E 187 64.97 -23.81 -65.26
N ILE E 188 65.86 -23.95 -64.28
CA ILE E 188 66.71 -22.84 -63.87
C ILE E 188 67.74 -22.67 -64.98
N GLU E 189 67.87 -21.45 -65.47
CA GLU E 189 68.69 -21.14 -66.63
C GLU E 189 70.15 -21.59 -66.53
N GLY E 190 70.56 -22.49 -67.43
CA GLY E 190 71.95 -22.91 -67.54
C GLY E 190 72.53 -23.52 -66.27
N SER E 191 71.66 -24.14 -65.47
CA SER E 191 72.05 -24.79 -64.23
C SER E 191 73.17 -25.79 -64.47
N SER E 192 72.96 -26.64 -65.45
CA SER E 192 73.86 -27.74 -65.74
C SER E 192 75.29 -27.32 -65.98
N LEU E 193 75.54 -26.02 -66.13
CA LEU E 193 76.88 -25.51 -66.42
C LEU E 193 77.56 -24.82 -65.23
N PHE E 194 76.81 -24.62 -64.15
CA PHE E 194 77.34 -23.97 -62.94
C PHE E 194 78.63 -24.66 -62.49
N PRO E 195 79.69 -23.88 -62.32
CA PRO E 195 81.03 -24.43 -62.13
C PRO E 195 81.13 -25.42 -60.98
N GLY E 196 80.51 -25.10 -59.84
CA GLY E 196 80.51 -25.97 -58.67
C GLY E 196 79.94 -27.36 -58.94
N HIS E 197 78.86 -27.40 -59.72
CA HIS E 197 78.21 -28.64 -60.13
C HIS E 197 79.10 -29.48 -61.03
N VAL E 198 79.53 -28.90 -62.14
CA VAL E 198 80.28 -29.64 -63.14
C VAL E 198 81.62 -30.14 -62.63
N GLN E 199 82.23 -29.39 -61.72
CA GLN E 199 83.52 -29.77 -61.15
C GLN E 199 83.39 -30.96 -60.21
N ALA E 200 82.22 -31.04 -59.57
CA ALA E 200 81.86 -32.16 -58.72
C ALA E 200 81.74 -33.42 -59.57
N TYR E 201 80.90 -33.36 -60.60
CA TYR E 201 80.78 -34.46 -61.56
C TYR E 201 82.09 -34.84 -62.23
N ALA E 202 82.97 -33.86 -62.43
CA ALA E 202 84.32 -34.11 -62.92
C ALA E 202 85.11 -34.98 -61.94
N GLU E 203 84.98 -34.65 -60.66
CA GLU E 203 85.61 -35.40 -59.59
C GLU E 203 84.98 -36.77 -59.41
N ALA E 204 83.69 -36.86 -59.72
CA ALA E 204 82.96 -38.12 -59.69
C ALA E 204 83.58 -39.08 -60.71
N VAL E 205 83.63 -38.65 -61.97
CA VAL E 205 84.34 -39.37 -63.03
C VAL E 205 85.75 -39.71 -62.57
N LYS E 206 86.47 -38.71 -62.06
CA LYS E 206 87.83 -38.91 -61.58
C LYS E 206 87.95 -39.96 -60.48
N SER E 207 87.00 -39.98 -59.54
CA SER E 207 87.09 -40.84 -58.36
C SER E 207 86.36 -42.17 -58.45
N GLY E 208 85.54 -42.34 -59.47
CA GLY E 208 84.87 -43.60 -59.70
C GLY E 208 83.46 -43.61 -59.15
N VAL E 209 82.99 -42.45 -58.70
CA VAL E 209 81.61 -42.32 -58.22
C VAL E 209 80.61 -42.27 -59.37
N HIS E 210 79.71 -43.25 -59.44
CA HIS E 210 78.73 -43.33 -60.51
C HIS E 210 77.85 -42.10 -60.59
N ARG E 211 77.15 -41.92 -61.69
CA ARG E 211 76.48 -40.64 -61.96
C ARG E 211 75.11 -40.76 -62.59
N THR E 212 74.11 -40.17 -61.96
CA THR E 212 72.80 -40.06 -62.56
C THR E 212 72.38 -38.59 -62.46
N VAL E 213 71.51 -38.15 -63.35
CA VAL E 213 71.03 -36.77 -63.32
C VAL E 213 69.52 -36.72 -63.59
N HIS E 214 68.78 -35.96 -62.78
CA HIS E 214 67.41 -35.58 -63.09
C HIS E 214 67.49 -34.64 -64.31
N ALA E 215 66.88 -35.04 -65.43
CA ALA E 215 66.91 -34.25 -66.66
C ALA E 215 65.87 -34.75 -67.66
N GLY E 216 65.23 -33.83 -68.36
CA GLY E 216 64.28 -34.23 -69.38
C GLY E 216 62.89 -34.57 -68.86
N GLU E 217 62.64 -34.29 -67.57
CA GLU E 217 61.34 -34.52 -66.95
C GLU E 217 60.36 -33.43 -67.36
N VAL E 218 60.65 -32.21 -66.94
CA VAL E 218 60.00 -31.05 -67.49
C VAL E 218 61.12 -30.08 -67.83
N GLY E 219 61.57 -30.12 -69.09
CA GLY E 219 62.75 -29.40 -69.54
C GLY E 219 63.12 -29.90 -70.93
N SER E 220 63.78 -29.06 -71.72
CA SER E 220 64.07 -29.38 -73.11
C SER E 220 65.02 -30.57 -73.24
N ALA E 221 64.98 -31.22 -74.39
CA ALA E 221 65.89 -32.32 -74.71
C ALA E 221 67.34 -31.89 -74.48
N ASN E 222 67.56 -30.59 -74.50
CA ASN E 222 68.89 -30.04 -74.34
C ASN E 222 69.44 -30.20 -72.92
N VAL E 223 68.56 -30.16 -71.93
CA VAL E 223 68.96 -30.40 -70.54
C VAL E 223 69.61 -31.77 -70.42
N VAL E 224 69.03 -32.75 -71.13
CA VAL E 224 69.56 -34.09 -71.26
C VAL E 224 70.95 -34.09 -71.90
N LYS E 225 71.08 -33.34 -73.00
CA LYS E 225 72.34 -33.18 -73.74
C LYS E 225 73.44 -32.70 -72.80
N GLU E 226 73.13 -31.67 -72.03
CA GLU E 226 74.08 -31.09 -71.07
C GLU E 226 74.53 -32.13 -70.04
N ALA E 227 73.56 -32.86 -69.49
CA ALA E 227 73.80 -33.91 -68.52
C ALA E 227 74.73 -35.01 -69.02
N VAL E 228 74.53 -35.46 -70.25
CA VAL E 228 75.36 -36.50 -70.83
C VAL E 228 76.74 -35.97 -71.22
N ASP E 229 76.79 -34.76 -71.76
CA ASP E 229 78.01 -34.26 -72.39
C ASP E 229 79.04 -33.67 -71.45
N THR E 230 78.65 -32.64 -70.72
CA THR E 230 79.58 -32.01 -69.78
C THR E 230 79.53 -32.68 -68.41
N LEU E 231 78.33 -33.06 -67.97
CA LEU E 231 78.16 -33.73 -66.69
C LEU E 231 78.57 -35.20 -66.70
N LYS E 232 78.55 -35.83 -67.88
CA LYS E 232 78.94 -37.22 -68.07
C LYS E 232 78.12 -38.20 -67.24
N THR E 233 76.81 -38.04 -67.28
CA THR E 233 75.90 -38.92 -66.55
C THR E 233 75.83 -40.31 -67.17
N GLU E 234 75.84 -41.33 -66.32
CA GLU E 234 75.75 -42.71 -66.75
C GLU E 234 74.31 -43.14 -66.86
N ARG E 235 73.41 -42.35 -66.30
CA ARG E 235 72.03 -42.77 -66.19
C ARG E 235 71.20 -41.51 -66.19
N LEU E 236 69.93 -41.62 -66.52
CA LEU E 236 69.08 -40.44 -66.61
C LEU E 236 67.81 -40.49 -65.76
N GLY E 237 67.64 -39.51 -64.89
CA GLY E 237 66.43 -39.41 -64.09
C GLY E 237 65.32 -38.91 -64.99
N HIS E 238 64.33 -39.76 -65.23
CA HIS E 238 63.24 -39.47 -66.16
C HIS E 238 63.67 -39.48 -67.63
N GLY E 239 64.22 -38.36 -68.08
CA GLY E 239 64.72 -38.21 -69.45
C GLY E 239 63.69 -38.32 -70.56
N TYR E 240 62.47 -37.86 -70.33
CA TYR E 240 61.41 -38.03 -71.33
C TYR E 240 61.59 -37.07 -72.48
N HIS E 241 61.33 -35.79 -72.25
CA HIS E 241 61.49 -34.85 -73.33
C HIS E 241 62.86 -34.96 -74.00
N THR E 242 63.43 -36.15 -74.03
CA THR E 242 64.61 -36.41 -74.85
C THR E 242 64.13 -36.93 -76.20
N LEU E 243 62.83 -37.17 -76.30
CA LEU E 243 62.20 -37.62 -77.54
C LEU E 243 61.87 -36.42 -78.44
N GLU E 244 62.47 -35.28 -78.14
CA GLU E 244 62.28 -34.08 -78.94
C GLU E 244 63.53 -33.84 -79.79
N ASP E 245 64.47 -34.76 -79.72
CA ASP E 245 65.69 -34.67 -80.50
C ASP E 245 66.09 -36.07 -80.93
N THR E 246 65.58 -36.51 -82.08
CA THR E 246 65.76 -37.87 -82.55
C THR E 246 67.22 -38.24 -82.79
N THR E 247 68.08 -37.26 -83.02
CA THR E 247 69.51 -37.56 -83.19
C THR E 247 70.13 -38.03 -81.88
N LEU E 248 69.99 -37.20 -80.85
CA LEU E 248 70.50 -37.48 -79.50
C LEU E 248 69.84 -38.72 -78.91
N TYR E 249 68.52 -38.81 -79.05
CA TYR E 249 67.76 -39.95 -78.57
C TYR E 249 68.25 -41.27 -79.15
N ASN E 250 68.49 -41.30 -80.46
CA ASN E 250 68.93 -42.52 -81.10
C ASN E 250 70.40 -42.84 -80.86
N ARG E 251 71.20 -41.81 -80.57
CA ARG E 251 72.60 -42.04 -80.23
C ARG E 251 72.69 -42.48 -78.76
N LEU E 252 71.67 -42.15 -77.99
CA LEU E 252 71.60 -42.57 -76.60
C LEU E 252 71.23 -44.05 -76.49
N ARG E 253 70.26 -44.49 -77.29
CA ARG E 253 69.93 -45.91 -77.36
C ARG E 253 71.14 -46.68 -77.83
N GLN E 254 71.85 -46.13 -78.82
CA GLN E 254 73.08 -46.68 -79.33
C GLN E 254 74.08 -46.91 -78.19
N GLU E 255 74.36 -45.85 -77.44
CA GLU E 255 75.37 -45.92 -76.38
C GLU E 255 74.83 -46.57 -75.10
N ASN E 256 73.64 -47.16 -75.22
CA ASN E 256 72.94 -47.85 -74.13
C ASN E 256 72.71 -47.07 -72.84
N MET E 257 72.08 -45.90 -72.97
CA MET E 257 71.75 -45.07 -71.82
C MET E 257 70.56 -45.66 -71.06
N HIS E 258 70.59 -45.55 -69.74
CA HIS E 258 69.47 -46.00 -68.90
C HIS E 258 68.52 -44.87 -68.49
N PHE E 259 67.22 -45.13 -68.61
CA PHE E 259 66.20 -44.15 -68.30
C PHE E 259 65.40 -44.57 -67.09
N GLU E 260 65.65 -43.92 -65.97
CA GLU E 260 64.87 -44.13 -64.75
C GLU E 260 63.48 -43.52 -64.90
N ILE E 261 62.46 -44.33 -65.12
CA ILE E 261 61.14 -43.79 -65.38
C ILE E 261 60.23 -43.82 -64.18
N CYS E 262 59.49 -42.74 -63.97
CA CYS E 262 58.52 -42.67 -62.90
C CYS E 262 57.11 -42.37 -63.44
N PRO E 263 56.42 -43.39 -63.91
CA PRO E 263 55.12 -43.23 -64.55
C PRO E 263 54.12 -42.44 -63.73
N TRP E 264 53.74 -42.95 -62.57
CA TRP E 264 52.72 -42.30 -61.74
C TRP E 264 53.19 -40.92 -61.30
N SER E 265 54.49 -40.78 -61.16
CA SER E 265 55.10 -39.50 -60.86
C SER E 265 54.80 -38.49 -61.97
N SER E 266 55.14 -38.83 -63.20
CA SER E 266 54.91 -37.98 -64.37
C SER E 266 53.50 -37.44 -64.43
N TYR E 267 52.51 -38.32 -64.29
CA TYR E 267 51.13 -37.89 -64.34
C TYR E 267 50.91 -36.82 -63.30
N LEU E 268 51.33 -37.09 -62.07
CA LEU E 268 51.10 -36.15 -60.98
C LEU E 268 51.94 -34.87 -60.96
N THR E 269 53.18 -34.93 -61.44
CA THR E 269 53.99 -33.72 -61.54
C THR E 269 53.52 -32.85 -62.69
N GLY E 270 52.79 -33.48 -63.60
CA GLY E 270 52.33 -32.80 -64.81
C GLY E 270 53.39 -32.79 -65.88
N ALA E 271 54.45 -33.56 -65.70
CA ALA E 271 55.54 -33.61 -66.66
C ALA E 271 55.15 -34.44 -67.87
N TRP E 272 54.01 -35.10 -67.77
CA TRP E 272 53.43 -35.82 -68.88
C TRP E 272 52.00 -35.31 -69.05
N LYS E 273 51.73 -34.64 -70.17
CA LYS E 273 50.39 -34.19 -70.46
C LYS E 273 49.61 -35.41 -70.95
N PRO E 274 48.51 -35.74 -70.26
CA PRO E 274 47.81 -37.01 -70.45
C PRO E 274 47.19 -37.26 -71.84
N ASP E 275 47.22 -36.25 -72.71
CA ASP E 275 46.69 -36.38 -74.06
C ASP E 275 47.64 -37.20 -74.93
N THR E 276 48.94 -37.07 -74.65
CA THR E 276 49.97 -37.85 -75.34
C THR E 276 50.00 -39.31 -74.86
N GLU E 277 50.52 -40.18 -75.72
CA GLU E 277 51.01 -41.46 -75.28
C GLU E 277 52.10 -41.13 -74.28
N HIS E 278 52.19 -41.93 -73.23
CA HIS E 278 53.25 -41.75 -72.25
C HIS E 278 54.62 -41.98 -72.87
N ALA E 279 55.59 -41.16 -72.49
CA ALA E 279 56.93 -41.28 -73.02
C ALA E 279 57.42 -42.73 -72.99
N VAL E 280 56.89 -43.52 -72.04
CA VAL E 280 57.34 -44.90 -71.82
C VAL E 280 56.94 -45.86 -72.93
N ILE E 281 55.75 -45.64 -73.45
CA ILE E 281 55.19 -46.48 -74.47
C ILE E 281 56.21 -46.70 -75.59
N ARG E 282 56.91 -45.64 -75.96
CA ARG E 282 57.81 -45.75 -77.09
C ARG E 282 59.12 -46.33 -76.59
N PHE E 283 59.45 -46.07 -75.34
CA PHE E 283 60.64 -46.66 -74.73
C PHE E 283 60.56 -48.18 -74.80
N LYS E 284 59.35 -48.71 -74.62
CA LYS E 284 59.07 -50.15 -74.66
C LYS E 284 59.22 -50.66 -76.08
N ASN E 285 58.54 -49.99 -77.00
CA ASN E 285 58.50 -50.39 -78.39
C ASN E 285 59.85 -50.23 -79.07
N ASP E 286 60.62 -49.23 -78.64
CA ASP E 286 61.96 -49.01 -79.17
C ASP E 286 63.02 -49.91 -78.49
N GLN E 287 62.58 -50.78 -77.58
CA GLN E 287 63.46 -51.71 -76.86
C GLN E 287 64.56 -51.02 -76.08
N VAL E 288 64.25 -49.87 -75.48
CA VAL E 288 65.27 -49.04 -74.83
C VAL E 288 65.58 -49.55 -73.42
N ASN E 289 66.73 -49.14 -72.89
CA ASN E 289 67.18 -49.53 -71.56
C ASN E 289 66.54 -48.65 -70.48
N TYR E 290 65.55 -49.17 -69.78
CA TYR E 290 64.81 -48.36 -68.82
C TYR E 290 64.29 -49.14 -67.62
N SER E 291 63.93 -48.43 -66.56
CA SER E 291 63.42 -49.03 -65.33
C SER E 291 62.20 -48.32 -64.80
N LEU E 292 61.38 -49.06 -64.05
CA LEU E 292 60.19 -48.50 -63.44
C LEU E 292 60.38 -48.17 -61.96
N ASN E 293 60.17 -46.91 -61.62
CA ASN E 293 60.44 -46.44 -60.27
C ASN E 293 59.26 -45.69 -59.73
N THR E 294 59.38 -45.18 -58.51
CA THR E 294 58.24 -44.61 -57.84
C THR E 294 58.38 -43.12 -57.53
N ASP E 295 59.62 -42.63 -57.45
CA ASP E 295 60.01 -41.24 -57.17
C ASP E 295 59.77 -40.76 -55.73
N ASP E 296 58.55 -40.32 -55.44
CA ASP E 296 58.19 -39.84 -54.12
C ASP E 296 56.86 -40.47 -53.67
N PRO E 297 56.90 -41.71 -53.23
CA PRO E 297 55.68 -42.48 -53.00
C PRO E 297 54.77 -41.92 -51.91
N LEU E 298 55.32 -41.12 -51.00
CA LEU E 298 54.52 -40.51 -49.95
C LEU E 298 53.58 -39.47 -50.51
N ILE E 299 54.10 -38.60 -51.36
CA ILE E 299 53.32 -37.51 -51.91
C ILE E 299 52.40 -38.00 -53.02
N PHE E 300 52.78 -39.11 -53.64
CA PHE E 300 51.98 -39.67 -54.71
C PHE E 300 50.96 -40.69 -54.20
N LYS E 301 50.91 -40.86 -52.87
CA LYS E 301 50.04 -41.83 -52.21
C LYS E 301 50.18 -43.18 -52.90
N SER E 302 51.41 -43.56 -53.22
CA SER E 302 51.63 -44.72 -54.04
C SER E 302 52.57 -45.75 -53.43
N THR E 303 52.40 -46.99 -53.87
CA THR E 303 53.34 -48.07 -53.63
C THR E 303 54.00 -48.31 -55.00
N LEU E 304 55.02 -49.15 -55.08
CA LEU E 304 55.62 -49.44 -56.38
C LEU E 304 54.65 -50.22 -57.24
N ASP E 305 53.65 -50.82 -56.61
CA ASP E 305 52.63 -51.51 -57.37
C ASP E 305 51.78 -50.53 -58.16
N THR E 306 51.64 -49.30 -57.68
CA THR E 306 50.86 -48.31 -58.40
C THR E 306 51.48 -48.06 -59.76
N ASP E 307 52.80 -47.99 -59.82
CA ASP E 307 53.47 -47.74 -61.10
C ASP E 307 53.45 -48.93 -62.07
N TYR E 308 53.23 -50.13 -61.53
CA TYR E 308 53.13 -51.31 -62.37
C TYR E 308 51.69 -51.55 -62.80
N GLN E 309 50.74 -51.25 -61.91
CA GLN E 309 49.32 -51.20 -62.23
C GLN E 309 49.04 -50.26 -63.38
N MET E 310 49.68 -49.09 -63.35
CA MET E 310 49.46 -48.08 -64.36
C MET E 310 49.91 -48.57 -65.72
N THR E 311 51.14 -49.08 -65.82
CA THR E 311 51.68 -49.49 -67.11
C THR E 311 51.03 -50.76 -67.66
N LYS E 312 50.54 -51.63 -66.79
CA LYS E 312 49.89 -52.83 -67.27
C LYS E 312 48.52 -52.49 -67.85
N LYS E 313 47.74 -51.75 -67.09
CA LYS E 313 46.42 -51.31 -67.53
C LYS E 313 46.51 -50.26 -68.63
N ASP E 314 46.76 -49.02 -68.25
CA ASP E 314 46.81 -47.89 -69.19
C ASP E 314 47.54 -48.16 -70.50
N MET E 315 48.64 -48.92 -70.47
CA MET E 315 49.42 -49.13 -71.71
C MET E 315 49.87 -50.55 -72.04
N GLY E 316 49.04 -51.54 -71.69
CA GLY E 316 49.22 -52.94 -72.07
C GLY E 316 50.63 -53.48 -71.91
N PHE E 317 51.21 -53.33 -70.73
CA PHE E 317 52.52 -53.89 -70.47
C PHE E 317 52.37 -55.36 -70.08
N THR E 318 53.15 -56.22 -70.70
CA THR E 318 53.08 -57.64 -70.37
C THR E 318 54.16 -58.01 -69.37
N GLU E 319 53.98 -59.16 -68.75
CA GLU E 319 54.97 -59.72 -67.84
C GLU E 319 56.33 -59.93 -68.51
N GLU E 320 56.34 -60.18 -69.82
CA GLU E 320 57.59 -60.43 -70.53
C GLU E 320 58.38 -59.14 -70.56
N GLU E 321 57.66 -58.03 -70.69
CA GLU E 321 58.28 -56.71 -70.67
C GLU E 321 58.76 -56.37 -69.26
N PHE E 322 57.87 -56.51 -68.28
CA PHE E 322 58.23 -56.28 -66.88
C PHE E 322 59.53 -57.01 -66.50
N LYS E 323 59.66 -58.25 -66.92
CA LYS E 323 60.85 -59.05 -66.61
C LYS E 323 62.09 -58.42 -67.20
N ARG E 324 62.06 -58.04 -68.47
CA ARG E 324 63.28 -57.57 -69.12
C ARG E 324 63.71 -56.17 -68.69
N LEU E 325 62.78 -55.31 -68.28
CA LEU E 325 63.19 -53.98 -67.83
C LEU E 325 63.81 -54.07 -66.45
N ASN E 326 63.39 -55.04 -65.66
CA ASN E 326 64.02 -55.25 -64.37
C ASN E 326 65.40 -55.85 -64.53
N ILE E 327 65.59 -56.67 -65.56
CA ILE E 327 66.91 -57.20 -65.89
C ILE E 327 67.80 -56.00 -66.24
N ASN E 328 67.24 -55.09 -67.02
CA ASN E 328 67.93 -53.89 -67.44
C ASN E 328 68.33 -53.05 -66.26
N ALA E 329 67.38 -52.79 -65.37
CA ALA E 329 67.60 -51.97 -64.18
C ALA E 329 68.77 -52.54 -63.39
N ALA E 330 68.76 -53.86 -63.22
CA ALA E 330 69.86 -54.57 -62.57
C ALA E 330 71.18 -54.40 -63.32
N LYS E 331 71.16 -54.52 -64.63
CA LYS E 331 72.36 -54.33 -65.45
C LYS E 331 72.89 -52.92 -65.27
N SER E 332 72.00 -51.94 -65.25
CA SER E 332 72.38 -50.54 -65.16
C SER E 332 72.63 -50.05 -63.75
N SER E 333 72.39 -50.92 -62.77
CA SER E 333 72.57 -50.54 -61.37
C SER E 333 74.02 -50.22 -61.05
N PHE E 334 74.23 -49.43 -59.99
CA PHE E 334 75.56 -48.97 -59.62
C PHE E 334 76.28 -49.87 -58.62
N LEU E 335 76.02 -51.17 -58.68
CA LEU E 335 76.73 -52.17 -57.90
C LEU E 335 78.10 -52.43 -58.47
N PRO E 336 79.01 -52.93 -57.65
CA PRO E 336 80.23 -53.50 -58.17
C PRO E 336 79.86 -54.69 -59.06
N GLU E 337 80.69 -54.98 -60.07
CA GLU E 337 80.45 -56.10 -60.99
C GLU E 337 79.93 -57.33 -60.27
N ASP E 338 80.84 -57.99 -59.57
CA ASP E 338 80.57 -58.79 -58.38
C ASP E 338 79.10 -59.08 -58.06
N GLU E 339 78.47 -58.13 -57.35
CA GLU E 339 77.12 -58.30 -56.85
C GLU E 339 76.07 -58.06 -57.92
N LYS E 340 76.44 -57.37 -58.98
CA LYS E 340 75.56 -57.19 -60.11
C LYS E 340 75.28 -58.56 -60.72
N LYS E 341 76.32 -59.38 -60.79
CA LYS E 341 76.19 -60.76 -61.28
C LYS E 341 75.15 -61.52 -60.47
N GLU E 342 75.26 -61.46 -59.15
CA GLU E 342 74.39 -62.25 -58.29
C GLU E 342 72.98 -61.67 -58.12
N LEU E 343 72.82 -60.38 -58.42
CA LEU E 343 71.51 -59.76 -58.46
C LEU E 343 70.78 -60.33 -59.67
N LEU E 344 71.48 -60.37 -60.79
CA LEU E 344 70.94 -60.94 -62.01
C LEU E 344 70.59 -62.41 -61.78
N ASP E 345 71.51 -63.16 -61.17
CA ASP E 345 71.27 -64.55 -60.83
C ASP E 345 69.98 -64.75 -60.06
N LEU E 346 69.77 -63.94 -59.02
CA LEU E 346 68.53 -63.96 -58.25
C LEU E 346 67.32 -63.73 -59.17
N LEU E 347 67.48 -62.77 -60.09
CA LEU E 347 66.42 -62.38 -61.00
C LEU E 347 66.12 -63.46 -62.03
N TYR E 348 67.16 -63.92 -62.73
CA TYR E 348 67.02 -64.98 -63.72
C TYR E 348 66.30 -66.19 -63.14
N LYS E 349 66.71 -66.59 -61.95
CA LYS E 349 66.16 -67.75 -61.28
C LYS E 349 64.67 -67.56 -60.98
N ALA E 350 64.30 -66.38 -60.48
CA ALA E 350 62.92 -66.10 -60.13
C ALA E 350 62.04 -65.82 -61.35
N TYR E 351 62.66 -65.68 -62.51
CA TYR E 351 61.93 -65.47 -63.76
C TYR E 351 61.92 -66.74 -64.57
N ARG E 352 62.61 -67.74 -64.01
CA ARG E 352 62.74 -69.12 -64.51
C ARG E 352 63.40 -69.13 -65.88
N MET E 353 64.56 -68.48 -65.93
CA MET E 353 65.47 -68.44 -67.07
C MET E 353 66.89 -68.67 -66.52
N PRO E 354 67.87 -69.00 -67.36
CA PRO E 354 69.12 -69.64 -66.92
C PRO E 354 70.18 -68.86 -66.10
N SER E 355 71.47 -69.04 -66.41
CA SER E 355 72.61 -68.33 -65.75
C SER E 355 73.94 -68.34 -66.53
N THR F 4 55.07 12.38 28.28
CA THR F 4 53.81 12.58 29.06
C THR F 4 52.69 13.19 28.19
N PRO F 5 51.49 12.64 28.30
CA PRO F 5 50.28 13.19 27.65
C PRO F 5 50.05 14.71 27.80
N ALA F 6 50.85 15.51 27.07
CA ALA F 6 50.90 16.99 27.17
C ALA F 6 49.75 17.65 27.90
N PHE F 7 48.51 17.31 27.52
CA PHE F 7 47.33 17.78 28.22
C PHE F 7 46.42 16.57 28.39
N ASP F 8 46.50 15.93 29.54
CA ASP F 8 45.81 14.68 29.78
C ASP F 8 44.39 14.84 30.33
N LYS F 9 43.57 15.61 29.64
CA LYS F 9 42.16 15.76 30.00
C LYS F 9 41.36 15.46 28.74
N PRO F 10 40.03 15.41 28.85
CA PRO F 10 39.18 15.40 27.67
C PRO F 10 39.54 16.53 26.71
N LYS F 11 39.50 16.25 25.41
CA LYS F 11 39.72 17.28 24.37
C LYS F 11 38.59 17.29 23.33
N VAL F 12 38.52 18.35 22.53
CA VAL F 12 37.54 18.44 21.44
C VAL F 12 38.32 18.73 20.18
N GLU F 13 37.96 18.05 19.09
CA GLU F 13 38.65 18.23 17.82
C GLU F 13 37.64 18.54 16.74
N LEU F 14 37.88 19.61 15.96
CA LEU F 14 36.94 20.05 14.95
C LEU F 14 37.47 19.96 13.52
N HIS F 15 38.79 19.99 13.36
CA HIS F 15 39.39 19.95 12.04
C HIS F 15 40.27 18.72 11.82
N VAL F 16 39.67 17.68 11.26
CA VAL F 16 40.42 16.48 10.92
C VAL F 16 39.80 15.76 9.71
N HIS F 17 40.69 15.37 8.79
CA HIS F 17 40.29 14.72 7.53
C HIS F 17 40.39 13.19 7.62
N LEU F 18 39.27 12.51 7.41
CA LEU F 18 39.27 11.04 7.34
C LEU F 18 40.35 10.57 6.37
N ASP F 19 40.30 11.15 5.17
CA ASP F 19 41.32 11.02 4.12
C ASP F 19 42.69 10.83 4.72
N GLY F 20 42.98 11.62 5.74
CA GLY F 20 44.32 11.72 6.29
C GLY F 20 44.46 11.12 7.68
N ALA F 21 43.47 10.33 8.09
CA ALA F 21 43.55 9.59 9.36
C ALA F 21 43.27 8.09 9.19
N ILE F 22 44.09 7.43 8.38
CA ILE F 22 43.91 6.02 8.07
C ILE F 22 45.06 5.21 8.65
N LYS F 23 44.82 3.93 8.93
CA LYS F 23 45.88 3.07 9.46
C LYS F 23 46.71 2.42 8.36
N PRO F 24 48.02 2.65 8.40
CA PRO F 24 48.95 1.97 7.50
C PRO F 24 48.59 0.50 7.27
N GLU F 25 48.36 -0.22 8.37
CA GLU F 25 48.03 -1.64 8.34
C GLU F 25 46.84 -1.93 7.44
N THR F 26 45.82 -1.08 7.50
CA THR F 26 44.61 -1.38 6.78
C THR F 26 44.67 -0.89 5.33
N ILE F 27 45.53 0.10 5.06
CA ILE F 27 45.83 0.47 3.69
C ILE F 27 46.48 -0.76 3.07
N LEU F 28 47.47 -1.24 3.80
CA LEU F 28 48.29 -2.34 3.36
C LEU F 28 47.43 -3.57 3.05
N TYR F 29 46.38 -3.75 3.84
CA TYR F 29 45.49 -4.90 3.69
C TYR F 29 44.71 -4.84 2.39
N TYR F 30 44.15 -3.67 2.09
CA TYR F 30 43.35 -3.50 0.88
C TYR F 30 44.20 -3.42 -0.37
N GLY F 31 45.46 -3.05 -0.19
CA GLY F 31 46.43 -3.08 -1.27
C GLY F 31 46.61 -4.51 -1.74
N LYS F 32 46.94 -5.40 -0.82
CA LYS F 32 47.13 -6.79 -1.14
C LYS F 32 45.87 -7.41 -1.72
N ARG F 33 44.74 -7.18 -1.05
CA ARG F 33 43.46 -7.74 -1.48
C ARG F 33 43.05 -7.34 -2.90
N ARG F 34 43.31 -6.09 -3.27
CA ARG F 34 42.86 -5.59 -4.57
C ARG F 34 43.96 -5.60 -5.62
N GLY F 35 45.17 -5.96 -5.21
CA GLY F 35 46.36 -5.90 -6.07
C GLY F 35 46.67 -4.49 -6.51
N ILE F 36 46.46 -3.52 -5.62
CA ILE F 36 46.84 -2.14 -5.89
C ILE F 36 48.28 -1.96 -5.44
N ALA F 37 49.15 -1.59 -6.38
CA ALA F 37 50.57 -1.45 -6.10
C ALA F 37 50.85 -0.40 -5.01
N LEU F 38 51.81 -0.69 -4.14
CA LEU F 38 52.13 0.17 -3.01
C LEU F 38 53.64 0.29 -2.84
N PRO F 39 54.12 1.48 -2.45
CA PRO F 39 55.56 1.72 -2.36
C PRO F 39 56.24 1.08 -1.15
N ALA F 40 55.55 0.18 -0.45
CA ALA F 40 56.16 -0.53 0.67
C ALA F 40 55.45 -1.84 1.06
N ASP F 41 55.99 -2.51 2.07
CA ASP F 41 55.44 -3.77 2.51
C ASP F 41 55.31 -3.90 4.05
N THR F 42 56.13 -3.16 4.78
CA THR F 42 55.95 -3.03 6.22
C THR F 42 54.84 -1.99 6.43
N PRO F 43 54.04 -2.15 7.47
CA PRO F 43 53.20 -1.06 7.93
C PRO F 43 54.08 0.11 8.38
N GLU F 44 55.18 -0.18 9.07
CA GLU F 44 55.99 0.88 9.63
C GLU F 44 56.85 1.58 8.59
N GLU F 45 57.37 0.81 7.64
CA GLU F 45 58.10 1.38 6.50
C GLU F 45 57.21 2.31 5.67
N LEU F 46 55.92 1.99 5.64
CA LEU F 46 54.94 2.76 4.89
C LEU F 46 54.60 4.12 5.51
N LEU F 47 54.53 4.19 6.84
CA LEU F 47 54.20 5.44 7.53
C LEU F 47 55.27 6.49 7.25
N ASN F 48 56.47 6.04 6.90
CA ASN F 48 57.57 6.92 6.55
C ASN F 48 57.50 7.44 5.12
N ILE F 49 57.25 6.53 4.18
CA ILE F 49 57.07 6.91 2.80
C ILE F 49 55.87 7.82 2.61
N ILE F 50 54.83 7.61 3.42
CA ILE F 50 53.64 8.44 3.35
C ILE F 50 53.79 9.68 4.22
N GLY F 51 54.55 9.56 5.30
CA GLY F 51 54.70 10.65 6.26
C GLY F 51 55.83 11.61 5.96
N MET F 52 55.63 12.86 6.38
CA MET F 52 56.68 13.87 6.29
C MET F 52 57.17 14.17 7.71
N ASP F 53 58.45 14.51 7.82
CA ASP F 53 58.98 15.09 9.06
C ASP F 53 59.78 16.35 8.72
N LYS F 54 60.15 16.49 7.46
CA LYS F 54 60.71 17.74 6.94
C LYS F 54 59.55 18.56 6.42
N PRO F 55 59.46 19.81 6.88
CA PRO F 55 58.35 20.69 6.52
C PRO F 55 58.39 21.08 5.04
N LEU F 56 57.89 20.20 4.19
CA LEU F 56 57.81 20.51 2.77
C LEU F 56 56.60 21.40 2.44
N THR F 57 56.17 21.36 1.19
CA THR F 57 55.16 22.32 0.68
C THR F 57 53.90 21.68 0.11
N LEU F 58 52.88 22.51 -0.14
CA LEU F 58 51.55 22.02 -0.54
C LEU F 58 51.46 21.14 -1.82
N PRO F 59 52.32 21.37 -2.83
CA PRO F 59 52.49 20.38 -3.91
C PRO F 59 52.94 19.00 -3.42
N ASP F 60 54.02 18.94 -2.64
CA ASP F 60 54.60 17.66 -2.18
C ASP F 60 53.72 16.95 -1.15
N PHE F 61 52.87 17.73 -0.47
CA PHE F 61 51.92 17.21 0.52
C PHE F 61 50.79 16.48 -0.18
N LEU F 62 50.15 17.14 -1.14
CA LEU F 62 49.05 16.54 -1.89
C LEU F 62 49.49 15.29 -2.68
N ALA F 63 50.80 15.14 -2.85
CA ALA F 63 51.39 14.00 -3.57
C ALA F 63 51.34 12.72 -2.74
N LYS F 64 51.28 12.89 -1.42
CA LYS F 64 51.25 11.76 -0.51
C LYS F 64 49.93 11.00 -0.64
N PHE F 65 48.85 11.74 -0.86
CA PHE F 65 47.53 11.15 -1.09
C PHE F 65 47.55 10.07 -2.18
N ASP F 66 48.39 10.24 -3.19
CA ASP F 66 48.42 9.34 -4.33
C ASP F 66 49.02 7.97 -4.03
N TYR F 67 49.82 7.91 -2.97
CA TYR F 67 50.41 6.65 -2.55
C TYR F 67 49.37 5.64 -2.06
N TYR F 68 48.36 6.13 -1.35
CA TYR F 68 47.45 5.23 -0.66
C TYR F 68 45.99 5.27 -1.11
N MET F 69 45.46 6.45 -1.41
CA MET F 69 44.05 6.58 -1.77
C MET F 69 43.50 5.62 -2.82
N PRO F 70 44.26 5.23 -3.84
CA PRO F 70 43.77 4.24 -4.80
C PRO F 70 43.40 2.91 -4.13
N ALA F 71 44.01 2.61 -2.99
CA ALA F 71 43.80 1.35 -2.29
C ALA F 71 42.49 1.37 -1.52
N ILE F 72 42.04 2.56 -1.15
CA ILE F 72 40.86 2.70 -0.30
C ILE F 72 39.60 3.03 -1.10
N ALA F 73 39.68 4.04 -1.96
CA ALA F 73 38.50 4.50 -2.68
C ALA F 73 37.79 3.43 -3.53
N GLY F 74 36.47 3.58 -3.64
CA GLY F 74 35.63 2.65 -4.39
C GLY F 74 35.38 1.30 -3.73
N CYS F 75 35.92 1.12 -2.53
CA CYS F 75 35.85 -0.18 -1.88
C CYS F 75 35.04 -0.16 -0.57
N ARG F 76 33.77 -0.56 -0.67
CA ARG F 76 32.85 -0.39 0.44
C ARG F 76 33.43 -0.93 1.72
N ASP F 77 33.87 -2.19 1.67
CA ASP F 77 34.35 -2.87 2.86
C ASP F 77 35.32 -1.91 3.58
N ALA F 78 36.25 -1.33 2.81
CA ALA F 78 37.33 -0.47 3.32
C ALA F 78 36.86 0.82 3.98
N ILE F 79 35.93 1.52 3.34
CA ILE F 79 35.39 2.77 3.87
C ILE F 79 34.84 2.57 5.27
N LYS F 80 33.80 1.75 5.36
CA LYS F 80 33.11 1.55 6.62
C LYS F 80 34.15 1.23 7.67
N ARG F 81 35.28 0.69 7.25
CA ARG F 81 36.31 0.30 8.20
C ARG F 81 37.05 1.50 8.74
N ILE F 82 37.82 2.17 7.87
CA ILE F 82 38.58 3.37 8.27
C ILE F 82 37.80 4.39 9.09
N ALA F 83 36.51 4.53 8.82
CA ALA F 83 35.60 5.43 9.55
C ALA F 83 35.49 5.01 11.01
N TYR F 84 35.44 3.69 11.19
CA TYR F 84 35.35 3.05 12.49
C TYR F 84 36.72 3.16 13.14
N GLU F 85 37.72 2.58 12.49
CA GLU F 85 39.06 2.63 13.03
C GLU F 85 39.49 4.05 13.41
N PHE F 86 38.97 5.04 12.69
CA PHE F 86 39.26 6.42 13.01
C PHE F 86 38.75 6.77 14.41
N VAL F 87 37.47 6.49 14.67
CA VAL F 87 36.88 6.82 15.97
C VAL F 87 37.76 6.29 17.09
N GLU F 88 38.25 5.06 16.94
CA GLU F 88 39.15 4.46 17.91
C GLU F 88 40.38 5.33 18.17
N MET F 89 41.06 5.74 17.10
CA MET F 89 42.27 6.52 17.30
C MET F 89 41.97 7.86 18.00
N LYS F 90 40.78 8.41 17.78
CA LYS F 90 40.38 9.58 18.55
C LYS F 90 40.23 9.26 20.03
N ALA F 91 39.59 8.13 20.33
CA ALA F 91 39.47 7.68 21.72
C ALA F 91 40.85 7.43 22.34
N LYS F 92 41.83 7.06 21.52
CA LYS F 92 43.17 6.85 22.02
C LYS F 92 43.86 8.16 22.39
N ASP F 93 43.47 9.27 21.77
CA ASP F 93 43.83 10.59 22.27
C ASP F 93 42.77 10.99 23.29
N GLY F 94 42.89 12.17 23.86
CA GLY F 94 41.92 12.59 24.88
C GLY F 94 40.48 12.69 24.41
N VAL F 95 40.25 12.59 23.10
CA VAL F 95 39.06 13.17 22.50
C VAL F 95 37.73 12.61 22.95
N VAL F 96 36.81 13.54 23.22
CA VAL F 96 35.49 13.24 23.74
C VAL F 96 34.41 13.58 22.70
N TYR F 97 34.76 14.46 21.77
CA TYR F 97 33.87 14.79 20.66
C TYR F 97 34.70 15.15 19.45
N VAL F 98 34.32 14.62 18.29
CA VAL F 98 35.01 14.93 17.03
C VAL F 98 34.05 15.27 15.91
N GLU F 99 34.51 16.18 15.05
CA GLU F 99 33.90 16.39 13.75
C GLU F 99 34.91 15.99 12.70
N VAL F 100 34.51 15.06 11.83
CA VAL F 100 35.41 14.53 10.80
C VAL F 100 34.95 14.97 9.44
N ARG F 101 35.93 15.39 8.65
CA ARG F 101 35.64 15.84 7.28
C ARG F 101 36.32 14.91 6.30
N TYR F 102 35.70 14.80 5.12
CA TYR F 102 36.23 14.06 3.98
C TYR F 102 35.41 14.46 2.77
N SER F 103 35.94 14.21 1.58
CA SER F 103 35.14 14.38 0.37
C SER F 103 34.56 13.05 -0.09
N PRO F 104 33.23 12.94 -0.06
CA PRO F 104 32.55 11.72 -0.48
C PRO F 104 32.83 11.36 -1.94
N HIS F 105 33.07 12.36 -2.79
CA HIS F 105 33.38 12.10 -4.20
C HIS F 105 34.77 11.47 -4.36
N LEU F 106 35.69 11.88 -3.49
CA LEU F 106 37.04 11.41 -3.58
C LEU F 106 37.15 9.94 -3.20
N LEU F 107 36.07 9.38 -2.64
CA LEU F 107 36.08 7.96 -2.26
C LEU F 107 35.17 7.10 -3.13
N ALA F 108 34.35 7.74 -3.95
CA ALA F 108 33.48 7.02 -4.87
C ALA F 108 34.21 6.64 -6.17
N ASN F 109 33.64 5.70 -6.91
CA ASN F 109 34.22 5.33 -8.19
C ASN F 109 33.18 5.26 -9.29
N SER F 110 31.92 5.25 -8.90
CA SER F 110 30.80 5.37 -9.83
C SER F 110 30.27 6.79 -9.74
N LYS F 111 29.51 7.24 -10.75
CA LYS F 111 28.84 8.55 -10.78
C LYS F 111 29.64 9.75 -10.24
N VAL F 112 30.82 9.98 -10.79
CA VAL F 112 31.70 11.05 -10.32
C VAL F 112 32.28 11.89 -11.48
N GLU F 113 31.98 13.19 -11.50
CA GLU F 113 32.38 14.14 -12.55
C GLU F 113 33.66 13.81 -13.36
N PRO F 114 34.84 14.09 -12.83
CA PRO F 114 36.04 13.35 -13.26
C PRO F 114 36.39 12.23 -12.26
N ILE F 115 36.11 10.99 -12.66
CA ILE F 115 36.38 9.82 -11.83
C ILE F 115 37.81 9.86 -11.33
N PRO F 116 37.97 9.89 -10.01
CA PRO F 116 39.23 10.31 -9.39
C PRO F 116 40.20 9.16 -9.25
N TRP F 117 41.39 9.49 -8.77
CA TRP F 117 42.43 8.52 -8.40
C TRP F 117 42.81 7.58 -9.52
N ASN F 118 42.60 8.05 -10.75
CA ASN F 118 42.60 7.25 -11.97
C ASN F 118 42.21 5.79 -11.71
N GLN F 119 41.00 5.61 -11.19
CA GLN F 119 40.45 4.28 -11.01
C GLN F 119 39.37 4.07 -12.08
N ALA F 120 39.13 2.81 -12.42
CA ALA F 120 38.11 2.45 -13.38
C ALA F 120 36.72 2.69 -12.80
N GLU F 121 35.72 2.83 -13.67
CA GLU F 121 34.33 2.70 -13.27
C GLU F 121 34.23 1.32 -12.63
N GLY F 122 33.42 1.15 -11.58
CA GLY F 122 32.54 2.17 -11.04
C GLY F 122 31.28 1.52 -10.47
N ASP F 123 31.30 1.23 -9.17
CA ASP F 123 30.15 0.62 -8.51
C ASP F 123 29.63 1.46 -7.36
N LEU F 124 30.56 2.08 -6.67
CA LEU F 124 30.32 2.85 -5.45
C LEU F 124 29.98 4.31 -5.77
N THR F 125 28.72 4.66 -5.55
CA THR F 125 28.23 6.02 -5.72
C THR F 125 28.61 6.87 -4.49
N PRO F 126 28.79 8.19 -4.62
CA PRO F 126 29.10 9.04 -3.48
C PRO F 126 28.01 9.05 -2.40
N ASP F 127 26.76 8.96 -2.81
CA ASP F 127 25.67 8.89 -1.85
C ASP F 127 25.86 7.72 -0.90
N GLU F 128 26.39 6.61 -1.41
CA GLU F 128 26.57 5.43 -0.59
C GLU F 128 27.86 5.44 0.23
N VAL F 129 28.91 6.04 -0.32
CA VAL F 129 30.08 6.34 0.49
C VAL F 129 29.63 7.06 1.75
N VAL F 130 28.89 8.16 1.60
CA VAL F 130 28.45 8.92 2.77
C VAL F 130 27.71 8.00 3.74
N SER F 131 26.79 7.20 3.21
CA SER F 131 26.02 6.24 4.00
C SER F 131 26.89 5.24 4.77
N LEU F 132 27.86 4.66 4.08
CA LEU F 132 28.78 3.75 4.73
C LEU F 132 29.51 4.42 5.89
N VAL F 133 30.15 5.55 5.59
CA VAL F 133 30.83 6.37 6.60
C VAL F 133 30.00 6.56 7.86
N ASN F 134 28.77 7.03 7.69
CA ASN F 134 27.95 7.29 8.85
C ASN F 134 28.05 6.05 9.73
N GLN F 135 27.69 4.92 9.14
CA GLN F 135 27.59 3.67 9.88
C GLN F 135 28.91 3.28 10.51
N GLY F 136 30.00 3.45 9.78
CA GLY F 136 31.35 3.26 10.36
C GLY F 136 31.61 4.09 11.62
N LEU F 137 31.05 5.29 11.63
CA LEU F 137 31.18 6.22 12.75
C LEU F 137 30.23 5.89 13.90
N GLN F 138 28.97 5.63 13.55
CA GLN F 138 27.96 5.28 14.55
C GLN F 138 28.50 4.12 15.38
N GLU F 139 29.16 3.18 14.70
CA GLU F 139 29.61 1.94 15.32
C GLU F 139 30.86 2.23 16.13
N GLY F 140 31.55 3.31 15.82
CA GLY F 140 32.69 3.76 16.61
C GLY F 140 32.23 4.51 17.85
N GLU F 141 31.33 5.48 17.64
CA GLU F 141 30.71 6.24 18.75
C GLU F 141 30.23 5.28 19.82
N ARG F 142 29.36 4.36 19.42
CA ARG F 142 28.89 3.34 20.34
C ARG F 142 30.04 2.57 21.00
N ASP F 143 30.96 2.01 20.20
CA ASP F 143 31.91 1.08 20.79
C ASP F 143 33.02 1.74 21.57
N PHE F 144 33.58 2.82 21.02
CA PHE F 144 34.75 3.46 21.63
C PHE F 144 34.45 4.65 22.55
N GLY F 145 33.19 5.06 22.59
CA GLY F 145 32.71 6.04 23.55
C GLY F 145 33.24 7.44 23.32
N VAL F 146 33.22 7.88 22.07
CA VAL F 146 33.41 9.28 21.74
C VAL F 146 32.32 9.70 20.76
N LYS F 147 31.62 10.79 21.06
CA LYS F 147 30.58 11.29 20.20
C LYS F 147 31.23 11.83 18.92
N VAL F 148 30.67 11.44 17.79
CA VAL F 148 31.26 11.73 16.48
C VAL F 148 30.26 12.24 15.44
N ARG F 149 30.57 13.39 14.85
CA ARG F 149 29.77 13.94 13.76
C ARG F 149 30.69 14.18 12.56
N SER F 150 30.09 14.29 11.38
CA SER F 150 30.89 14.40 10.16
C SER F 150 30.59 15.66 9.35
N ILE F 151 31.63 16.11 8.64
CA ILE F 151 31.54 17.26 7.75
C ILE F 151 31.86 16.82 6.33
N LEU F 152 30.96 17.10 5.38
CA LEU F 152 31.19 16.74 3.98
C LEU F 152 31.86 17.88 3.21
N CYS F 153 33.02 17.59 2.64
CA CYS F 153 33.78 18.59 1.89
C CYS F 153 33.40 18.80 0.43
N CYS F 154 33.27 20.08 0.07
CA CYS F 154 33.33 20.50 -1.33
C CYS F 154 34.80 20.61 -1.65
N MET F 155 35.13 20.49 -2.92
CA MET F 155 36.51 20.56 -3.33
C MET F 155 36.72 21.82 -4.18
N ARG F 156 37.74 22.60 -3.86
CA ARG F 156 37.92 23.92 -4.50
C ARG F 156 37.90 23.89 -6.03
N HIS F 157 38.63 22.96 -6.63
CA HIS F 157 38.71 22.85 -8.09
C HIS F 157 37.51 22.16 -8.76
N GLN F 158 36.41 21.94 -8.04
CA GLN F 158 35.30 21.15 -8.58
C GLN F 158 33.91 21.63 -8.17
N PRO F 159 33.54 22.84 -8.60
CA PRO F 159 32.26 23.44 -8.19
C PRO F 159 31.08 22.58 -8.63
N SER F 160 31.29 21.79 -9.68
CA SER F 160 30.27 20.89 -10.20
C SER F 160 29.71 19.98 -9.11
N TRP F 161 30.59 19.41 -8.29
CA TRP F 161 30.23 18.49 -7.21
C TRP F 161 29.48 19.15 -6.05
N SER F 162 29.99 20.31 -5.64
CA SER F 162 29.50 21.05 -4.46
C SER F 162 27.98 21.18 -4.30
N SER F 163 27.26 21.03 -5.39
CA SER F 163 25.80 20.97 -5.34
C SER F 163 25.32 19.68 -4.65
N GLU F 164 25.90 18.56 -5.06
CA GLU F 164 25.57 17.26 -4.46
C GLU F 164 25.97 17.22 -3.00
N VAL F 165 27.15 17.76 -2.71
CA VAL F 165 27.69 17.78 -1.36
C VAL F 165 26.68 18.36 -0.38
N VAL F 166 26.17 19.55 -0.69
CA VAL F 166 25.19 20.15 0.18
C VAL F 166 23.92 19.31 0.28
N GLU F 167 23.56 18.63 -0.80
CA GLU F 167 22.32 17.85 -0.85
C GLU F 167 22.42 16.60 0.03
N LEU F 168 23.61 16.02 0.04
CA LEU F 168 23.93 14.90 0.88
C LEU F 168 23.92 15.37 2.32
N CYS F 169 24.59 16.49 2.58
CA CYS F 169 24.56 17.12 3.90
C CYS F 169 23.14 17.22 4.45
N LYS F 170 22.20 17.49 3.55
CA LYS F 170 20.80 17.66 3.93
C LYS F 170 20.11 16.37 4.35
N LYS F 171 20.19 15.35 3.49
CA LYS F 171 19.48 14.10 3.74
C LYS F 171 20.10 13.26 4.86
N TYR F 172 21.42 13.34 5.00
CA TYR F 172 22.09 12.64 6.08
C TYR F 172 22.31 13.48 7.34
N ARG F 173 21.42 14.43 7.58
CA ARG F 173 21.54 15.29 8.74
C ARG F 173 21.17 14.49 9.99
N GLU F 174 20.28 13.52 9.81
CA GLU F 174 19.97 12.55 10.87
C GLU F 174 21.19 11.64 11.15
N GLN F 175 21.82 11.16 10.09
CA GLN F 175 22.93 10.22 10.23
C GLN F 175 24.29 10.92 10.27
N THR F 176 24.48 11.79 11.26
CA THR F 176 25.80 12.29 11.67
C THR F 176 26.46 13.43 10.89
N VAL F 177 25.90 13.83 9.74
CA VAL F 177 26.53 14.96 9.05
C VAL F 177 25.90 16.28 9.50
N VAL F 178 26.77 17.21 9.87
CA VAL F 178 26.33 18.41 10.56
C VAL F 178 26.73 19.69 9.84
N ALA F 179 27.71 19.58 8.94
CA ALA F 179 28.24 20.77 8.27
C ALA F 179 28.82 20.50 6.90
N ILE F 180 28.98 21.58 6.14
CA ILE F 180 29.67 21.55 4.85
C ILE F 180 30.97 22.34 4.90
N ASP F 181 32.02 21.76 4.32
CA ASP F 181 33.34 22.38 4.25
C ASP F 181 33.67 22.66 2.79
N LEU F 182 34.87 23.19 2.56
CA LEU F 182 35.36 23.51 1.24
C LEU F 182 36.88 23.49 1.34
N ALA F 183 37.51 22.38 0.93
CA ALA F 183 38.95 22.27 1.02
C ALA F 183 39.55 22.15 -0.36
N GLY F 184 40.84 21.84 -0.42
CA GLY F 184 41.48 21.60 -1.70
C GLY F 184 42.60 22.56 -2.05
N ASP F 185 42.23 23.78 -2.47
CA ASP F 185 43.23 24.75 -2.90
C ASP F 185 42.75 26.19 -2.89
N GLU F 186 43.17 26.95 -1.89
CA GLU F 186 42.84 28.38 -1.81
C GLU F 186 43.34 29.14 -3.03
N THR F 187 44.62 28.93 -3.38
CA THR F 187 45.30 29.77 -4.35
C THR F 187 44.82 29.61 -5.80
N ILE F 188 43.79 28.81 -6.04
CA ILE F 188 43.16 28.80 -7.36
C ILE F 188 42.38 30.09 -7.50
N GLU F 189 42.61 30.79 -8.61
CA GLU F 189 42.09 32.14 -8.79
C GLU F 189 40.57 32.27 -8.66
N GLY F 190 40.14 33.06 -7.68
CA GLY F 190 38.71 33.39 -7.52
C GLY F 190 37.80 32.19 -7.30
N SER F 191 38.37 31.13 -6.72
CA SER F 191 37.63 29.90 -6.43
C SER F 191 36.38 30.21 -5.64
N SER F 192 36.55 30.98 -4.57
CA SER F 192 35.48 31.26 -3.62
C SER F 192 34.21 31.83 -4.25
N LEU F 193 34.32 32.26 -5.50
CA LEU F 193 33.19 32.90 -6.20
C LEU F 193 32.50 32.00 -7.24
N PHE F 194 33.09 30.83 -7.50
CA PHE F 194 32.53 29.88 -8.47
C PHE F 194 31.07 29.60 -8.15
N PRO F 195 30.19 29.79 -9.14
CA PRO F 195 28.74 29.78 -8.92
C PRO F 195 28.21 28.53 -8.22
N GLY F 196 28.69 27.36 -8.64
CA GLY F 196 28.30 26.08 -8.03
C GLY F 196 28.59 25.99 -6.53
N HIS F 197 29.76 26.50 -6.12
CA HIS F 197 30.18 26.56 -4.72
C HIS F 197 29.28 27.46 -3.90
N VAL F 198 29.19 28.73 -4.32
CA VAL F 198 28.47 29.75 -3.53
C VAL F 198 26.97 29.44 -3.42
N GLN F 199 26.41 28.81 -4.44
CA GLN F 199 24.99 28.46 -4.45
C GLN F 199 24.70 27.33 -3.49
N ALA F 200 25.68 26.46 -3.32
CA ALA F 200 25.64 25.38 -2.35
C ALA F 200 25.60 25.98 -0.94
N TYR F 201 26.60 26.80 -0.62
CA TYR F 201 26.65 27.52 0.65
C TYR F 201 25.41 28.39 0.91
N ALA F 202 24.82 28.92 -0.16
CA ALA F 202 23.55 29.63 -0.08
C ALA F 202 22.43 28.69 0.40
N GLU F 203 22.43 27.48 -0.14
CA GLU F 203 21.46 26.46 0.23
C GLU F 203 21.72 25.92 1.63
N ALA F 204 23.00 25.95 2.02
CA ALA F 204 23.40 25.57 3.38
C ALA F 204 22.77 26.51 4.40
N VAL F 205 23.03 27.80 4.24
CA VAL F 205 22.36 28.86 5.01
C VAL F 205 20.83 28.65 4.98
N LYS F 206 20.28 28.49 3.77
CA LYS F 206 18.85 28.27 3.58
C LYS F 206 18.33 27.04 4.35
N SER F 207 19.10 25.95 4.36
CA SER F 207 18.60 24.69 4.92
C SER F 207 19.01 24.40 6.37
N GLY F 208 19.91 25.21 6.90
CA GLY F 208 20.33 25.06 8.30
C GLY F 208 21.61 24.24 8.46
N VAL F 209 22.25 23.91 7.34
CA VAL F 209 23.52 23.19 7.36
C VAL F 209 24.68 24.11 7.74
N HIS F 210 25.32 23.82 8.88
CA HIS F 210 26.45 24.62 9.36
C HIS F 210 27.57 24.72 8.34
N ARG F 211 28.48 25.66 8.53
CA ARG F 211 29.44 26.01 7.48
C ARG F 211 30.83 26.31 8.01
N THR F 212 31.82 25.59 7.49
CA THR F 212 33.21 25.93 7.76
C THR F 212 33.92 25.97 6.42
N VAL F 213 35.02 26.72 6.34
CA VAL F 213 35.77 26.81 5.10
C VAL F 213 37.26 26.78 5.37
N HIS F 214 38.00 25.98 4.61
CA HIS F 214 39.46 26.08 4.58
C HIS F 214 39.80 27.41 3.93
N ALA F 215 40.48 28.30 4.66
CA ALA F 215 40.85 29.64 4.15
C ALA F 215 41.89 30.29 5.04
N GLY F 216 42.85 30.98 4.41
CA GLY F 216 43.86 31.73 5.14
C GLY F 216 45.10 30.92 5.47
N GLU F 217 45.07 29.64 5.17
CA GLU F 217 46.17 28.72 5.51
C GLU F 217 47.43 29.11 4.74
N VAL F 218 47.35 28.98 3.43
CA VAL F 218 48.34 29.57 2.54
C VAL F 218 47.52 30.28 1.47
N GLY F 219 47.32 31.57 1.69
CA GLY F 219 46.42 32.39 0.86
C GLY F 219 46.18 33.72 1.56
N SER F 220 45.87 34.74 0.78
CA SER F 220 45.73 36.09 1.33
C SER F 220 44.57 36.20 2.32
N ALA F 221 44.66 37.20 3.20
CA ALA F 221 43.58 37.50 4.14
C ALA F 221 42.25 37.66 3.41
N ASN F 222 42.33 37.95 2.12
CA ASN F 222 41.14 38.16 1.30
C ASN F 222 40.35 36.88 1.06
N VAL F 223 41.05 35.75 0.98
CA VAL F 223 40.40 34.45 0.84
C VAL F 223 39.43 34.27 2.02
N VAL F 224 39.90 34.64 3.20
CA VAL F 224 39.09 34.67 4.43
C VAL F 224 37.86 35.56 4.28
N LYS F 225 38.07 36.77 3.76
CA LYS F 225 37.03 37.77 3.54
C LYS F 225 35.92 37.16 2.67
N GLU F 226 36.33 36.50 1.60
CA GLU F 226 35.40 35.88 0.66
C GLU F 226 34.56 34.81 1.34
N ALA F 227 35.24 33.96 2.11
CA ALA F 227 34.60 32.90 2.88
C ALA F 227 33.54 33.39 3.85
N VAL F 228 33.84 34.48 4.57
CA VAL F 228 32.90 35.03 5.54
C VAL F 228 31.76 35.77 4.87
N ASP F 229 32.08 36.50 3.81
CA ASP F 229 31.13 37.45 3.22
C ASP F 229 30.11 36.85 2.26
N THR F 230 30.58 36.24 1.17
CA THR F 230 29.67 35.62 0.21
C THR F 230 29.36 34.18 0.58
N LEU F 231 30.35 33.46 1.09
CA LEU F 231 30.16 32.06 1.51
C LEU F 231 29.42 31.92 2.84
N LYS F 232 29.50 32.95 3.69
CA LYS F 232 28.83 32.96 4.99
C LYS F 232 29.28 31.82 5.90
N THR F 233 30.59 31.62 6.00
CA THR F 233 31.12 30.60 6.88
C THR F 233 30.97 30.98 8.36
N GLU F 234 30.58 30.00 9.16
CA GLU F 234 30.44 30.15 10.61
C GLU F 234 31.75 29.87 11.31
N ARG F 235 32.69 29.27 10.59
CA ARG F 235 33.91 28.83 11.23
C ARG F 235 35.00 28.88 10.19
N LEU F 236 36.26 28.91 10.61
CA LEU F 236 37.34 29.02 9.66
C LEU F 236 38.40 27.93 9.78
N GLY F 237 38.63 27.23 8.69
CA GLY F 237 39.69 26.23 8.65
C GLY F 237 41.04 26.91 8.55
N HIS F 238 41.92 26.57 9.48
CA HIS F 238 43.24 27.17 9.59
C HIS F 238 43.11 28.69 9.89
N GLY F 239 43.13 29.50 8.84
CA GLY F 239 42.90 30.95 8.96
C GLY F 239 44.07 31.80 9.45
N TYR F 240 45.29 31.38 9.18
CA TYR F 240 46.49 32.09 9.66
C TYR F 240 46.57 33.50 9.09
N HIS F 241 46.79 33.59 7.79
CA HIS F 241 47.01 34.85 7.11
C HIS F 241 45.78 35.77 7.09
N THR F 242 44.96 35.70 8.13
CA THR F 242 43.91 36.70 8.32
C THR F 242 44.47 37.84 9.20
N LEU F 243 45.70 37.63 9.69
CA LEU F 243 46.42 38.62 10.49
C LEU F 243 47.15 39.62 9.59
N GLU F 244 46.78 39.63 8.30
CA GLU F 244 47.36 40.59 7.37
C GLU F 244 46.36 41.68 7.04
N ASP F 245 45.23 41.65 7.74
CA ASP F 245 44.20 42.67 7.60
C ASP F 245 43.56 42.91 8.97
N THR F 246 44.16 43.85 9.72
CA THR F 246 43.76 44.13 11.10
C THR F 246 42.30 44.61 11.23
N THR F 247 41.73 45.18 10.17
CA THR F 247 40.32 45.59 10.19
C THR F 247 39.40 44.36 10.26
N LEU F 248 39.54 43.48 9.27
CA LEU F 248 38.77 42.25 9.18
C LEU F 248 39.02 41.33 10.39
N TYR F 249 40.31 41.16 10.73
CA TYR F 249 40.72 40.36 11.88
C TYR F 249 40.03 40.80 13.17
N ASN F 250 40.01 42.11 13.41
CA ASN F 250 39.42 42.62 14.65
C ASN F 250 37.90 42.64 14.62
N ARG F 251 37.31 42.70 13.44
CA ARG F 251 35.85 42.62 13.30
C ARG F 251 35.40 41.16 13.39
N LEU F 252 36.33 40.25 13.10
CA LEU F 252 36.09 38.82 13.26
C LEU F 252 36.09 38.40 14.73
N ARG F 253 37.06 38.89 15.50
CA ARG F 253 37.08 38.67 16.96
C ARG F 253 35.80 39.25 17.56
N GLN F 254 35.44 40.44 17.09
CA GLN F 254 34.20 41.09 17.47
C GLN F 254 32.99 40.16 17.27
N GLU F 255 32.84 39.67 16.04
CA GLU F 255 31.67 38.84 15.72
C GLU F 255 31.83 37.39 16.19
N ASN F 256 32.86 37.16 17.00
CA ASN F 256 33.19 35.85 17.58
C ASN F 256 33.40 34.68 16.61
N MET F 257 34.30 34.87 15.65
CA MET F 257 34.62 33.82 14.68
C MET F 257 35.50 32.74 15.30
N HIS F 258 35.25 31.50 14.92
CA HIS F 258 36.08 30.39 15.38
C HIS F 258 37.18 29.98 14.39
N PHE F 259 38.39 29.80 14.92
CA PHE F 259 39.57 29.45 14.13
C PHE F 259 40.05 28.04 14.44
N GLU F 260 39.76 27.11 13.52
CA GLU F 260 40.25 25.74 13.63
C GLU F 260 41.74 25.71 13.31
N ILE F 261 42.58 25.57 14.34
CA ILE F 261 44.03 25.65 14.15
C ILE F 261 44.69 24.29 14.09
N CYS F 262 45.62 24.14 13.16
CA CYS F 262 46.38 22.90 13.05
C CYS F 262 47.86 23.19 13.13
N PRO F 263 48.38 23.34 14.35
CA PRO F 263 49.78 23.71 14.57
C PRO F 263 50.80 22.83 13.83
N TRP F 264 50.84 21.54 14.16
CA TRP F 264 51.83 20.66 13.57
C TRP F 264 51.62 20.55 12.07
N SER F 265 50.36 20.73 11.66
CA SER F 265 50.01 20.77 10.25
C SER F 265 50.73 21.92 9.55
N SER F 266 50.53 23.13 10.07
CA SER F 266 51.13 24.36 9.54
C SER F 266 52.61 24.21 9.30
N TYR F 267 53.34 23.75 10.31
CA TYR F 267 54.79 23.56 10.19
C TYR F 267 55.08 22.68 8.97
N LEU F 268 54.40 21.54 8.89
CA LEU F 268 54.65 20.58 7.82
C LEU F 268 54.13 20.97 6.42
N THR F 269 52.99 21.65 6.34
CA THR F 269 52.51 22.14 5.05
C THR F 269 53.36 23.29 4.53
N GLY F 270 54.09 23.92 5.45
CA GLY F 270 54.88 25.11 5.15
C GLY F 270 54.03 26.36 5.15
N ALA F 271 52.79 26.26 5.63
CA ALA F 271 51.88 27.40 5.68
C ALA F 271 52.27 28.37 6.81
N TRP F 272 53.21 27.94 7.64
CA TRP F 272 53.80 28.78 8.68
C TRP F 272 55.31 28.73 8.49
N LYS F 273 55.90 29.86 8.13
CA LYS F 273 57.35 29.93 8.02
C LYS F 273 57.89 30.04 9.44
N PRO F 274 58.76 29.10 9.82
CA PRO F 274 59.18 28.92 11.23
C PRO F 274 59.94 30.09 11.86
N ASP F 275 60.28 31.10 11.07
CA ASP F 275 61.00 32.29 11.57
C ASP F 275 60.05 33.16 12.36
N THR F 276 58.78 33.20 11.92
CA THR F 276 57.73 33.95 12.60
C THR F 276 57.30 33.26 13.90
N GLU F 277 56.75 34.05 14.80
CA GLU F 277 55.89 33.53 15.85
C GLU F 277 54.76 32.83 15.13
N HIS F 278 54.33 31.70 15.66
CA HIS F 278 53.19 31.01 15.07
C HIS F 278 51.92 31.85 15.16
N ALA F 279 51.12 31.83 14.10
CA ALA F 279 49.89 32.60 14.09
C ALA F 279 49.08 32.42 15.37
N VAL F 280 49.25 31.28 16.04
CA VAL F 280 48.50 30.93 17.26
C VAL F 280 48.84 31.74 18.54
N ILE F 281 50.12 31.93 18.86
CA ILE F 281 50.48 32.62 20.10
C ILE F 281 49.78 33.97 20.20
N ARG F 282 49.66 34.65 19.05
CA ARG F 282 48.91 35.88 18.97
C ARG F 282 47.44 35.63 19.31
N PHE F 283 46.88 34.54 18.81
CA PHE F 283 45.46 34.25 19.02
C PHE F 283 45.18 34.03 20.49
N LYS F 284 46.13 33.38 21.12
CA LYS F 284 46.10 33.11 22.56
C LYS F 284 46.07 34.43 23.32
N ASN F 285 47.04 35.29 22.99
CA ASN F 285 47.22 36.59 23.64
C ASN F 285 46.07 37.55 23.37
N ASP F 286 45.50 37.46 22.17
CA ASP F 286 44.33 38.26 21.81
C ASP F 286 43.01 37.69 22.34
N GLN F 287 43.08 36.57 23.07
CA GLN F 287 41.91 35.89 23.64
C GLN F 287 40.88 35.49 22.60
N VAL F 288 41.34 35.05 21.43
CA VAL F 288 40.43 34.76 20.32
C VAL F 288 39.78 33.37 20.46
N ASN F 289 38.67 33.18 19.75
CA ASN F 289 37.94 31.92 19.76
C ASN F 289 38.57 30.88 18.81
N TYR F 290 39.29 29.91 19.36
CA TYR F 290 40.01 28.98 18.52
C TYR F 290 40.13 27.58 19.14
N SER F 291 40.46 26.59 18.29
CA SER F 291 40.61 25.19 18.73
C SER F 291 41.87 24.54 18.17
N LEU F 292 42.36 23.53 18.88
CA LEU F 292 43.54 22.80 18.45
C LEU F 292 43.17 21.49 17.78
N ASN F 293 43.62 21.32 16.54
CA ASN F 293 43.26 20.16 15.74
C ASN F 293 44.49 19.50 15.15
N THR F 294 44.26 18.44 14.39
CA THR F 294 45.39 17.64 13.94
C THR F 294 45.51 17.62 12.42
N ASP F 295 44.41 17.89 11.71
CA ASP F 295 44.30 17.92 10.23
C ASP F 295 44.40 16.56 9.52
N ASP F 296 45.63 16.11 9.24
CA ASP F 296 45.89 14.82 8.59
C ASP F 296 46.95 14.02 9.35
N PRO F 297 46.56 13.40 10.46
CA PRO F 297 47.53 12.81 11.39
C PRO F 297 48.36 11.69 10.80
N LEU F 298 47.85 11.05 9.75
CA LEU F 298 48.56 9.95 9.10
C LEU F 298 49.80 10.46 8.40
N ILE F 299 49.62 11.53 7.63
CA ILE F 299 50.72 12.09 6.84
C ILE F 299 51.68 12.90 7.73
N PHE F 300 51.15 13.39 8.85
CA PHE F 300 51.98 14.15 9.76
C PHE F 300 52.65 13.28 10.81
N LYS F 301 52.42 11.96 10.72
CA LYS F 301 52.93 10.99 11.68
C LYS F 301 52.61 11.46 13.08
N SER F 302 51.40 11.95 13.28
CA SER F 302 51.05 12.62 14.52
C SER F 302 49.82 12.05 15.22
N THR F 303 49.79 12.22 16.53
CA THR F 303 48.59 12.02 17.34
C THR F 303 48.12 13.43 17.69
N LEU F 304 46.96 13.57 18.33
CA LEU F 304 46.53 14.90 18.76
C LEU F 304 47.43 15.40 19.89
N ASP F 305 48.14 14.47 20.53
CA ASP F 305 49.11 14.88 21.53
C ASP F 305 50.29 15.65 20.93
N THR F 306 50.63 15.35 19.67
CA THR F 306 51.73 16.05 19.02
C THR F 306 51.40 17.55 18.94
N ASP F 307 50.15 17.89 18.63
CA ASP F 307 49.78 19.29 18.51
C ASP F 307 49.69 20.02 19.84
N TYR F 308 49.56 19.27 20.94
CA TYR F 308 49.50 19.86 22.27
C TYR F 308 50.91 19.95 22.85
N GLN F 309 51.74 18.94 22.58
CA GLN F 309 53.18 18.95 22.85
C GLN F 309 53.86 20.17 22.25
N MET F 310 53.52 20.46 21.00
CA MET F 310 54.10 21.57 20.27
C MET F 310 53.79 22.90 20.94
N THR F 311 52.51 23.16 21.21
CA THR F 311 52.10 24.45 21.77
C THR F 311 52.53 24.64 23.23
N LYS F 312 52.63 23.56 23.98
CA LYS F 312 53.07 23.68 25.36
C LYS F 312 54.55 24.03 25.41
N LYS F 313 55.37 23.25 24.69
CA LYS F 313 56.80 23.47 24.60
C LYS F 313 57.14 24.73 23.81
N ASP F 314 57.11 24.61 22.48
CA ASP F 314 57.46 25.71 21.59
C ASP F 314 56.93 27.08 21.99
N MET F 315 55.70 27.16 22.52
CA MET F 315 55.11 28.47 22.81
C MET F 315 54.42 28.68 24.16
N GLY F 316 54.94 27.99 25.18
CA GLY F 316 54.49 28.17 26.57
C GLY F 316 52.99 28.22 26.78
N PHE F 317 52.29 27.21 26.28
CA PHE F 317 50.84 27.10 26.51
C PHE F 317 50.60 26.44 27.86
N THR F 318 49.77 27.08 28.69
CA THR F 318 49.46 26.53 30.00
C THR F 318 48.17 25.72 29.93
N GLU F 319 47.98 24.86 30.92
CA GLU F 319 46.74 24.11 31.09
C GLU F 319 45.49 25.02 31.19
N GLU F 320 45.65 26.24 31.68
CA GLU F 320 44.50 27.15 31.85
C GLU F 320 44.05 27.57 30.46
N GLU F 321 45.01 27.74 29.56
CA GLU F 321 44.71 28.05 28.17
C GLU F 321 44.08 26.85 27.45
N PHE F 322 44.74 25.70 27.55
CA PHE F 322 44.23 24.45 26.98
C PHE F 322 42.77 24.22 27.37
N LYS F 323 42.44 24.45 28.64
CA LYS F 323 41.07 24.27 29.10
C LYS F 323 40.08 25.17 28.38
N ARG F 324 40.41 26.46 28.26
CA ARG F 324 39.46 27.43 27.72
C ARG F 324 39.28 27.33 26.20
N LEU F 325 40.32 26.89 25.48
CA LEU F 325 40.16 26.76 24.03
C LEU F 325 39.31 25.54 23.68
N ASN F 326 39.37 24.52 24.53
CA ASN F 326 38.50 23.38 24.38
C ASN F 326 37.06 23.73 24.73
N ILE F 327 36.88 24.63 25.69
CA ILE F 327 35.52 25.12 26.02
C ILE F 327 35.00 25.83 24.79
N ASN F 328 35.89 26.62 24.19
CA ASN F 328 35.58 27.36 22.98
C ASN F 328 35.16 26.44 21.84
N ALA F 329 36.01 25.45 21.57
CA ALA F 329 35.77 24.46 20.50
C ALA F 329 34.37 23.83 20.66
N ALA F 330 34.05 23.47 21.91
CA ALA F 330 32.75 22.94 22.25
C ALA F 330 31.65 23.97 21.98
N LYS F 331 31.88 25.22 22.36
CA LYS F 331 30.89 26.29 22.14
C LYS F 331 30.64 26.48 20.64
N SER F 332 31.72 26.44 19.86
CA SER F 332 31.68 26.64 18.40
C SER F 332 31.31 25.40 17.61
N SER F 333 31.21 24.26 18.28
CA SER F 333 30.84 23.01 17.62
C SER F 333 29.46 23.05 16.97
N PHE F 334 29.26 22.19 15.97
CA PHE F 334 28.04 22.18 15.18
C PHE F 334 26.98 21.22 15.71
N LEU F 335 26.98 21.01 17.02
CA LEU F 335 25.92 20.25 17.69
C LEU F 335 24.63 21.05 17.80
N PRO F 336 23.49 20.37 17.94
CA PRO F 336 22.26 21.04 18.38
C PRO F 336 22.53 21.74 19.72
N GLU F 337 21.63 22.65 20.12
CA GLU F 337 21.85 23.39 21.38
C GLU F 337 22.01 22.42 22.55
N ASP F 338 20.89 21.76 22.84
CA ASP F 338 20.82 20.41 23.39
C ASP F 338 22.12 19.77 23.88
N GLU F 339 22.81 19.10 22.95
CA GLU F 339 23.98 18.29 23.28
C GLU F 339 25.22 19.15 23.48
N LYS F 340 25.18 20.38 22.96
CA LYS F 340 26.27 21.33 23.18
C LYS F 340 26.34 21.64 24.68
N LYS F 341 25.16 21.78 25.28
CA LYS F 341 25.05 21.99 26.73
C LYS F 341 25.75 20.86 27.49
N GLU F 342 25.44 19.62 27.13
CA GLU F 342 25.97 18.49 27.89
C GLU F 342 27.41 18.15 27.55
N LEU F 343 27.89 18.62 26.40
CA LEU F 343 29.29 18.48 26.06
C LEU F 343 30.08 19.38 26.99
N LEU F 344 29.58 20.61 27.14
CA LEU F 344 30.16 21.58 28.06
C LEU F 344 30.14 21.05 29.49
N ASP F 345 28.98 20.55 29.91
CA ASP F 345 28.84 19.91 31.22
C ASP F 345 29.91 18.87 31.50
N LEU F 346 30.12 17.95 30.56
CA LEU F 346 31.17 16.95 30.65
C LEU F 346 32.54 17.63 30.83
N LEU F 347 32.76 18.71 30.07
CA LEU F 347 34.02 19.45 30.07
C LEU F 347 34.26 20.22 31.37
N TYR F 348 33.27 21.00 31.77
CA TYR F 348 33.30 21.76 33.02
C TYR F 348 33.61 20.86 34.22
N LYS F 349 32.92 19.72 34.29
CA LYS F 349 33.10 18.76 35.36
C LYS F 349 34.52 18.20 35.38
N ALA F 350 35.06 17.84 34.22
CA ALA F 350 36.40 17.25 34.16
C ALA F 350 37.52 18.28 34.33
CA TYR F 351 38.14 20.71 34.50
C TYR F 351 37.94 21.36 35.87
N ARG F 352 36.76 21.13 36.46
CA ARG F 352 36.32 21.65 37.77
C ARG F 352 35.93 23.16 37.90
N MET F 353 35.14 23.65 36.95
CA MET F 353 34.65 25.02 37.03
C MET F 353 33.11 25.04 37.11
N PRO F 354 32.50 26.23 37.24
CA PRO F 354 31.04 26.34 37.29
C PRO F 354 30.32 25.93 36.00
N SER F 355 29.28 25.11 36.15
CA SER F 355 28.47 24.66 35.03
C SER F 355 27.00 25.11 35.12
N THR G 4 -100.56 36.37 -12.17
CA THR G 4 -101.92 36.84 -12.57
C THR G 4 -102.64 37.59 -11.43
N PRO G 5 -102.36 38.89 -11.29
CA PRO G 5 -102.85 39.69 -10.15
C PRO G 5 -104.37 39.69 -9.96
N ALA G 6 -104.84 39.24 -8.79
CA ALA G 6 -106.28 39.17 -8.50
C ALA G 6 -107.06 40.47 -8.61
N PHE G 7 -106.55 41.55 -8.04
CA PHE G 7 -107.17 42.88 -8.15
C PHE G 7 -106.04 43.86 -8.40
N ASP G 8 -105.82 44.18 -9.67
CA ASP G 8 -104.65 44.94 -10.09
C ASP G 8 -104.89 46.45 -10.09
N LYS G 9 -105.36 46.98 -8.97
CA LYS G 9 -105.54 48.42 -8.84
C LYS G 9 -104.84 48.81 -7.55
N PRO G 10 -104.75 50.12 -7.27
CA PRO G 10 -104.30 50.58 -5.96
C PRO G 10 -105.10 49.90 -4.85
N LYS G 11 -104.44 49.56 -3.74
CA LYS G 11 -105.11 49.00 -2.57
C LYS G 11 -104.73 49.76 -1.29
N VAL G 12 -105.48 49.55 -0.22
CA VAL G 12 -105.18 50.14 1.08
C VAL G 12 -105.08 49.02 2.10
N GLU G 13 -104.08 49.07 2.96
CA GLU G 13 -103.89 48.03 3.97
C GLU G 13 -103.77 48.65 5.35
N LEU G 14 -104.56 48.14 6.30
CA LEU G 14 -104.62 48.72 7.63
C LEU G 14 -104.13 47.80 8.72
N HIS G 15 -104.18 46.49 8.48
CA HIS G 15 -103.76 45.52 9.49
C HIS G 15 -102.57 44.66 9.05
N VAL G 16 -101.38 45.11 9.43
CA VAL G 16 -100.19 44.36 9.11
C VAL G 16 -99.10 44.61 10.17
N HIS G 17 -98.46 43.52 10.62
CA HIS G 17 -97.45 43.53 11.66
C HIS G 17 -96.03 43.52 11.06
N LEU G 18 -95.24 44.54 11.39
CA LEU G 18 -93.85 44.61 10.95
C LEU G 18 -93.15 43.33 11.38
N ASP G 19 -93.31 42.99 12.67
CA ASP G 19 -92.93 41.71 13.27
C ASP G 19 -93.01 40.58 12.27
N GLY G 20 -94.10 40.57 11.51
CA GLY G 20 -94.42 39.44 10.65
C GLY G 20 -94.30 39.75 9.18
N ALA G 21 -93.61 40.85 8.85
CA ALA G 21 -93.31 41.19 7.46
C ALA G 21 -91.83 41.47 7.23
N ILE G 22 -91.00 40.47 7.51
CA ILE G 22 -89.55 40.62 7.39
C ILE G 22 -89.03 39.74 6.27
N LYS G 23 -87.89 40.11 5.67
CA LYS G 23 -87.30 39.29 4.62
C LYS G 23 -86.40 38.19 5.18
N PRO G 24 -86.69 36.93 4.84
CA PRO G 24 -85.82 35.82 5.15
C PRO G 24 -84.34 36.17 4.99
N GLU G 25 -83.97 36.73 3.84
CA GLU G 25 -82.59 37.10 3.53
C GLU G 25 -81.98 38.00 4.59
N THR G 26 -82.77 38.93 5.12
CA THR G 26 -82.18 39.89 6.03
C THR G 26 -82.20 39.40 7.48
N ILE G 27 -83.09 38.47 7.77
CA ILE G 27 -83.03 37.73 9.05
C ILE G 27 -81.70 36.96 9.03
N LEU G 28 -81.53 36.25 7.93
CA LEU G 28 -80.38 35.39 7.72
C LEU G 28 -79.08 36.19 7.86
N TYR G 29 -79.10 37.43 7.38
CA TYR G 29 -77.93 38.29 7.44
C TYR G 29 -77.54 38.63 8.87
N TYR G 30 -78.52 39.04 9.67
CA TYR G 30 -78.25 39.43 11.04
C TYR G 30 -77.97 38.25 11.94
N GLY G 31 -78.47 37.08 11.53
CA GLY G 31 -78.15 35.84 12.20
C GLY G 31 -76.65 35.58 12.14
N LYS G 32 -76.12 35.56 10.92
CA LYS G 32 -74.70 35.36 10.72
C LYS G 32 -73.88 36.43 11.43
N ARG G 33 -74.25 37.69 11.25
CA ARG G 33 -73.50 38.81 11.84
C ARG G 33 -73.41 38.75 13.37
N ARG G 34 -74.51 38.34 14.00
CA ARG G 34 -74.56 38.36 15.46
C ARG G 34 -74.29 36.99 16.08
N GLY G 35 -74.15 35.98 15.22
CA GLY G 35 -73.98 34.61 15.67
C GLY G 35 -75.20 34.12 16.41
N ILE G 36 -76.39 34.55 15.99
CA ILE G 36 -77.64 34.03 16.54
C ILE G 36 -78.03 32.77 15.77
N ALA G 37 -78.17 31.66 16.48
CA ALA G 37 -78.45 30.38 15.86
C ALA G 37 -79.79 30.39 15.12
N LEU G 38 -79.83 29.75 13.95
CA LEU G 38 -81.02 29.75 13.11
C LEU G 38 -81.26 28.36 12.55
N PRO G 39 -82.53 27.96 12.43
CA PRO G 39 -82.86 26.60 11.99
C PRO G 39 -82.66 26.35 10.49
N ALA G 40 -81.98 27.25 9.79
CA ALA G 40 -81.68 27.03 8.38
C ALA G 40 -80.54 27.88 7.84
N ASP G 41 -80.26 27.72 6.55
CA ASP G 41 -79.17 28.41 5.90
C ASP G 41 -79.50 28.99 4.51
N THR G 42 -80.47 28.39 3.84
CA THR G 42 -81.06 28.98 2.63
C THR G 42 -82.05 30.05 3.10
N PRO G 43 -82.17 31.15 2.35
CA PRO G 43 -83.30 32.04 2.53
C PRO G 43 -84.59 31.27 2.23
N GLU G 44 -84.59 30.46 1.18
CA GLU G 44 -85.82 29.80 0.77
C GLU G 44 -86.21 28.64 1.67
N GLU G 45 -85.20 27.91 2.15
CA GLU G 45 -85.42 26.85 3.13
C GLU G 45 -86.00 27.40 4.43
N LEU G 46 -85.63 28.64 4.73
CA LEU G 46 -86.06 29.32 5.95
C LEU G 46 -87.54 29.76 5.91
N LEU G 47 -88.00 30.23 4.76
CA LEU G 47 -89.39 30.68 4.63
C LEU G 47 -90.36 29.53 4.90
N ASN G 48 -89.88 28.30 4.72
CA ASN G 48 -90.67 27.09 4.98
C ASN G 48 -90.71 26.71 6.44
N ILE G 49 -89.54 26.72 7.09
CA ILE G 49 -89.46 26.46 8.51
C ILE G 49 -90.21 27.52 9.31
N ILE G 50 -90.19 28.76 8.82
CA ILE G 50 -90.90 29.84 9.50
C ILE G 50 -92.37 29.90 9.07
N GLY G 51 -92.63 29.50 7.83
CA GLY G 51 -93.97 29.61 7.25
C GLY G 51 -94.87 28.40 7.48
N MET G 52 -96.17 28.66 7.53
CA MET G 52 -97.15 27.59 7.63
C MET G 52 -97.89 27.52 6.30
N ASP G 53 -98.33 26.32 5.94
CA ASP G 53 -99.29 26.17 4.84
C ASP G 53 -100.41 25.23 5.29
N LYS G 54 -100.16 24.51 6.38
CA LYS G 54 -101.22 23.77 7.06
C LYS G 54 -101.79 24.69 8.14
N PRO G 55 -103.11 24.85 8.15
CA PRO G 55 -103.77 25.74 9.10
C PRO G 55 -103.70 25.25 10.53
N LEU G 56 -102.58 25.46 11.22
CA LEU G 56 -102.44 25.03 12.62
C LEU G 56 -103.22 25.88 13.61
N THR G 57 -102.63 26.23 14.75
CA THR G 57 -103.34 26.99 15.80
C THR G 57 -102.50 28.04 16.49
N LEU G 58 -103.14 28.91 17.27
CA LEU G 58 -102.48 30.07 17.89
C LEU G 58 -101.25 29.82 18.80
N PRO G 59 -101.18 28.70 19.52
CA PRO G 59 -99.91 28.25 20.13
C PRO G 59 -98.78 28.02 19.12
N ASP G 60 -99.03 27.23 18.08
CA ASP G 60 -98.00 26.88 17.09
C ASP G 60 -97.59 28.05 16.20
N PHE G 61 -98.49 29.03 16.07
CA PHE G 61 -98.25 30.24 15.30
C PHE G 61 -97.27 31.16 16.04
N LEU G 62 -97.58 31.46 17.30
CA LEU G 62 -96.71 32.30 18.12
C LEU G 62 -95.29 31.71 18.31
N ALA G 63 -95.17 30.41 18.05
CA ALA G 63 -93.90 29.69 18.17
C ALA G 63 -92.94 30.04 17.03
N LYS G 64 -93.52 30.47 15.92
CA LYS G 64 -92.73 30.83 14.75
C LYS G 64 -91.90 32.08 15.01
N PHE G 65 -92.47 33.00 15.78
CA PHE G 65 -91.78 34.21 16.19
C PHE G 65 -90.41 33.94 16.83
N ASP G 66 -90.30 32.82 17.53
CA ASP G 66 -89.08 32.48 18.28
C ASP G 66 -87.91 32.07 17.40
N TYR G 67 -88.21 31.61 16.18
CA TYR G 67 -87.18 31.22 15.23
C TYR G 67 -86.34 32.41 14.77
N TYR G 68 -86.98 33.55 14.59
CA TYR G 68 -86.29 34.68 13.96
C TYR G 68 -86.11 35.94 14.80
N MET G 69 -87.11 36.30 15.59
CA MET G 69 -87.04 37.53 16.39
C MET G 69 -85.77 37.80 17.21
N PRO G 70 -85.11 36.77 17.76
CA PRO G 70 -83.86 37.02 18.47
C PRO G 70 -82.78 37.61 17.56
N ALA G 71 -82.88 37.37 16.26
CA ALA G 71 -81.89 37.85 15.29
C ALA G 71 -82.06 39.33 14.98
N ILE G 72 -83.28 39.83 15.16
CA ILE G 72 -83.62 41.19 14.80
C ILE G 72 -83.58 42.12 16.01
N ALA G 73 -84.18 41.70 17.11
CA ALA G 73 -84.52 42.62 18.18
C ALA G 73 -83.33 43.29 18.86
N GLY G 74 -82.15 42.73 18.73
CA GLY G 74 -81.00 43.35 19.36
C GLY G 74 -80.61 44.66 18.70
N CYS G 75 -79.98 44.57 17.52
CA CYS G 75 -79.28 45.69 16.90
C CYS G 75 -80.18 46.64 16.10
N ARG G 76 -79.68 47.86 15.91
CA ARG G 76 -80.47 48.99 15.42
C ARG G 76 -80.52 48.98 13.93
N ASP G 77 -79.37 48.75 13.31
CA ASP G 77 -79.25 48.54 11.87
C ASP G 77 -80.44 47.68 11.38
N ALA G 78 -80.71 46.58 12.07
CA ALA G 78 -81.73 45.64 11.64
C ALA G 78 -83.14 46.19 11.74
N ILE G 79 -83.40 47.02 12.73
CA ILE G 79 -84.76 47.56 12.93
C ILE G 79 -85.02 48.47 11.75
N LYS G 80 -84.21 49.52 11.65
CA LYS G 80 -84.38 50.52 10.61
C LYS G 80 -84.52 49.84 9.25
N ARG G 81 -83.81 48.73 9.05
CA ARG G 81 -83.75 48.12 7.72
C ARG G 81 -85.07 47.51 7.29
N ILE G 82 -85.69 46.73 8.17
CA ILE G 82 -86.95 46.07 7.84
C ILE G 82 -88.08 47.07 7.74
N ALA G 83 -88.01 48.18 8.48
CA ALA G 83 -88.98 49.27 8.29
C ALA G 83 -88.93 49.69 6.84
N TYR G 84 -87.73 50.03 6.36
CA TYR G 84 -87.46 50.35 4.95
C TYR G 84 -87.86 49.21 3.97
N GLU G 85 -87.33 48.01 4.18
CA GLU G 85 -87.62 46.89 3.29
C GLU G 85 -89.10 46.53 3.25
N PHE G 86 -89.80 46.77 4.36
CA PHE G 86 -91.23 46.52 4.42
C PHE G 86 -91.97 47.41 3.43
N VAL G 87 -91.70 48.71 3.46
CA VAL G 87 -92.39 49.66 2.58
C VAL G 87 -92.29 49.17 1.14
N GLU G 88 -91.10 48.71 0.75
CA GLU G 88 -90.89 48.17 -0.58
C GLU G 88 -91.84 47.03 -0.90
N MET G 89 -91.95 46.05 -0.01
CA MET G 89 -92.81 44.92 -0.31
C MET G 89 -94.28 45.33 -0.43
N LYS G 90 -94.68 46.39 0.27
CA LYS G 90 -96.02 46.95 0.07
C LYS G 90 -96.15 47.55 -1.31
N ALA G 91 -95.14 48.31 -1.74
CA ALA G 91 -95.14 48.86 -3.10
C ALA G 91 -95.17 47.76 -4.15
N LYS G 92 -94.63 46.58 -3.81
CA LYS G 92 -94.65 45.47 -4.73
C LYS G 92 -96.05 44.86 -4.87
N ASP G 93 -96.87 45.01 -3.84
CA ASP G 93 -98.31 44.75 -3.97
C ASP G 93 -98.95 46.02 -4.49
N GLY G 94 -100.26 46.04 -4.68
CA GLY G 94 -100.90 47.27 -5.16
C GLY G 94 -100.79 48.50 -4.27
N VAL G 95 -100.28 48.33 -3.05
CA VAL G 95 -100.56 49.26 -1.96
C VAL G 95 -100.09 50.70 -2.13
N VAL G 96 -101.01 51.61 -1.82
CA VAL G 96 -100.81 53.03 -2.01
C VAL G 96 -100.76 53.73 -0.65
N TYR G 97 -101.36 53.10 0.35
CA TYR G 97 -101.25 53.59 1.73
C TYR G 97 -101.25 52.42 2.70
N VAL G 98 -100.35 52.45 3.67
CA VAL G 98 -100.30 51.40 4.71
C VAL G 98 -100.22 51.96 6.12
N GLU G 99 -100.87 51.24 7.04
CA GLU G 99 -100.60 51.42 8.45
C GLU G 99 -99.94 50.13 8.96
N VAL G 100 -98.78 50.30 9.58
CA VAL G 100 -98.01 49.17 10.09
C VAL G 100 -98.00 49.18 11.60
N ARG G 101 -98.22 48.00 12.17
CA ARG G 101 -98.19 47.85 13.62
C ARG G 101 -97.03 46.95 14.02
N TYR G 102 -96.53 47.20 15.23
CA TYR G 102 -95.50 46.39 15.86
C TYR G 102 -95.48 46.79 17.32
N SER G 103 -94.88 45.95 18.16
CA SER G 103 -94.62 46.34 19.54
C SER G 103 -93.18 46.80 19.70
N PRO G 104 -93.00 48.07 20.04
CA PRO G 104 -91.68 48.65 20.26
C PRO G 104 -90.88 47.97 21.38
N HIS G 105 -91.59 47.44 22.38
CA HIS G 105 -90.92 46.75 23.48
C HIS G 105 -90.36 45.41 23.02
N LEU G 106 -91.08 44.76 22.12
CA LEU G 106 -90.67 43.47 21.60
C LEU G 106 -89.38 43.53 20.77
N LEU G 107 -88.95 44.73 20.41
CA LEU G 107 -87.73 44.91 19.63
C LEU G 107 -86.61 45.55 20.42
N ALA G 108 -86.91 46.06 21.60
CA ALA G 108 -85.91 46.67 22.46
C ALA G 108 -85.17 45.62 23.27
N ASN G 109 -84.01 45.97 23.80
CA ASN G 109 -83.32 45.12 24.75
C ASN G 109 -82.78 45.91 25.95
N SER G 110 -83.44 47.02 26.27
CA SER G 110 -83.03 47.86 27.37
C SER G 110 -84.22 48.68 27.86
N LYS G 111 -84.28 48.92 29.17
CA LYS G 111 -85.41 49.55 29.82
C LYS G 111 -86.73 48.86 29.46
N VAL G 112 -86.75 47.53 29.45
CA VAL G 112 -87.99 46.78 29.21
C VAL G 112 -88.26 45.81 30.35
N GLU G 113 -89.46 45.88 30.92
CA GLU G 113 -89.79 45.16 32.16
C GLU G 113 -89.36 43.66 32.17
N PRO G 114 -90.09 42.75 31.52
CA PRO G 114 -89.53 41.45 31.22
C PRO G 114 -88.82 41.53 29.88
N ILE G 115 -87.50 41.77 29.91
CA ILE G 115 -86.66 41.78 28.72
C ILE G 115 -87.03 40.61 27.80
N PRO G 116 -87.46 40.89 26.58
CA PRO G 116 -88.07 39.85 25.75
C PRO G 116 -87.03 38.99 25.07
N TRP G 117 -87.50 37.97 24.35
CA TRP G 117 -86.69 37.11 23.48
C TRP G 117 -85.43 36.49 24.08
N ASN G 118 -85.48 36.21 25.38
CA ASN G 118 -84.35 35.70 26.17
C ASN G 118 -82.99 36.37 25.89
N GLN G 119 -83.01 37.63 25.46
CA GLN G 119 -81.79 38.31 25.09
C GLN G 119 -81.19 39.04 26.30
N ALA G 120 -79.88 39.21 26.28
CA ALA G 120 -79.17 39.91 27.34
C ALA G 120 -79.51 41.39 27.30
N GLU G 121 -79.31 42.08 28.42
CA GLU G 121 -79.23 43.54 28.45
C GLU G 121 -78.11 43.90 27.45
N GLY G 122 -78.26 44.97 26.68
CA GLY G 122 -79.34 45.93 26.79
C GLY G 122 -78.84 47.32 26.44
N ASP G 123 -78.98 47.71 25.17
CA ASP G 123 -78.53 49.02 24.72
C ASP G 123 -79.66 49.83 24.11
N LEU G 124 -80.53 49.13 23.40
CA LEU G 124 -81.61 49.69 22.61
C LEU G 124 -82.85 49.87 23.45
N THR G 125 -83.20 51.11 23.74
CA THR G 125 -84.42 51.46 24.46
C THR G 125 -85.62 51.44 23.51
N PRO G 126 -86.84 51.17 24.00
CA PRO G 126 -88.04 51.18 23.14
C PRO G 126 -88.32 52.54 22.49
N ASP G 127 -88.05 53.62 23.22
CA ASP G 127 -88.08 54.96 22.65
C ASP G 127 -87.34 54.98 21.32
N GLU G 128 -86.05 54.63 21.35
CA GLU G 128 -85.20 54.60 20.16
C GLU G 128 -85.68 53.60 19.11
N VAL G 129 -86.29 52.51 19.55
CA VAL G 129 -86.84 51.58 18.58
C VAL G 129 -87.77 52.34 17.65
N VAL G 130 -88.80 52.94 18.23
CA VAL G 130 -89.79 53.69 17.44
C VAL G 130 -89.06 54.73 16.63
N SER G 131 -88.14 55.44 17.28
CA SER G 131 -87.35 56.44 16.59
C SER G 131 -86.79 55.84 15.31
N LEU G 132 -86.14 54.68 15.41
CA LEU G 132 -85.52 53.98 14.26
C LEU G 132 -86.51 53.40 13.23
N VAL G 133 -87.66 52.93 13.68
CA VAL G 133 -88.69 52.48 12.76
C VAL G 133 -89.23 53.70 12.02
N ASN G 134 -89.33 54.82 12.72
CA ASN G 134 -89.75 56.04 12.06
C ASN G 134 -88.91 56.27 10.82
N GLN G 135 -87.60 56.42 11.04
CA GLN G 135 -86.65 56.65 9.96
C GLN G 135 -86.90 55.69 8.80
N GLY G 136 -86.72 54.40 9.03
CA GLY G 136 -86.84 53.40 7.97
C GLY G 136 -88.06 53.64 7.11
N LEU G 137 -89.15 54.07 7.75
CA LEU G 137 -90.42 54.15 7.07
C LEU G 137 -90.50 55.39 6.17
N GLN G 138 -90.20 56.54 6.75
CA GLN G 138 -90.18 57.81 6.03
C GLN G 138 -89.34 57.69 4.77
N GLU G 139 -88.09 57.30 4.98
CA GLU G 139 -87.19 56.95 3.91
C GLU G 139 -87.86 56.02 2.87
N GLY G 140 -88.35 54.86 3.31
CA GLY G 140 -89.04 53.96 2.40
C GLY G 140 -90.21 54.60 1.68
N GLU G 141 -91.00 55.40 2.40
CA GLU G 141 -92.12 56.13 1.80
C GLU G 141 -91.66 56.94 0.59
N ARG G 142 -90.59 57.70 0.81
CA ARG G 142 -89.95 58.52 -0.21
C ARG G 142 -89.44 57.68 -1.37
N ASP G 143 -88.66 56.65 -1.07
CA ASP G 143 -87.99 55.91 -2.12
C ASP G 143 -88.89 54.91 -2.85
N PHE G 144 -90.00 54.50 -2.24
CA PHE G 144 -90.88 53.52 -2.93
C PHE G 144 -92.25 54.02 -3.31
N GLY G 145 -92.57 55.24 -2.84
CA GLY G 145 -93.79 55.92 -3.27
C GLY G 145 -95.08 55.31 -2.76
N VAL G 146 -95.10 54.95 -1.49
CA VAL G 146 -96.34 54.61 -0.82
C VAL G 146 -96.36 55.33 0.51
N LYS G 147 -97.47 56.00 0.79
CA LYS G 147 -97.64 56.72 2.04
C LYS G 147 -97.77 55.71 3.17
N VAL G 148 -97.02 55.93 4.25
CA VAL G 148 -96.91 54.96 5.34
C VAL G 148 -97.02 55.60 6.72
N ARG G 149 -97.96 55.08 7.52
CA ARG G 149 -98.07 55.47 8.92
C ARG G 149 -97.98 54.24 9.81
N SER G 150 -97.70 54.44 11.09
CA SER G 150 -97.47 53.31 11.97
C SER G 150 -98.40 53.28 13.18
N ILE G 151 -98.65 52.07 13.67
CA ILE G 151 -99.45 51.85 14.85
C ILE G 151 -98.61 51.11 15.89
N LEU G 152 -98.52 51.68 17.09
CA LEU G 152 -97.75 51.05 18.19
C LEU G 152 -98.61 50.13 19.04
N CYS G 153 -98.22 48.87 19.14
CA CYS G 153 -99.01 47.89 19.88
C CYS G 153 -98.76 47.82 21.38
N CYS G 154 -99.85 47.76 22.12
CA CYS G 154 -99.80 47.29 23.50
C CYS G 154 -99.89 45.78 23.39
N MET G 155 -99.39 45.09 24.41
CA MET G 155 -99.40 43.62 24.41
C MET G 155 -100.31 43.12 25.52
N ARG G 156 -101.23 42.21 25.16
CA ARG G 156 -102.29 41.79 26.08
C ARG G 156 -101.78 41.36 27.45
N HIS G 157 -100.74 40.55 27.49
CA HIS G 157 -100.21 40.04 28.76
C HIS G 157 -99.26 41.00 29.50
N GLN G 158 -99.23 42.27 29.12
CA GLN G 158 -98.25 43.21 29.68
C GLN G 158 -98.78 44.62 29.87
N PRO G 159 -99.77 44.81 30.74
CA PRO G 159 -100.39 46.12 30.93
C PRO G 159 -99.37 47.14 31.42
N SER G 160 -98.32 46.67 32.06
CA SER G 160 -97.23 47.52 32.55
C SER G 160 -96.68 48.42 31.46
N TRP G 161 -96.46 47.84 30.27
CA TRP G 161 -95.89 48.56 29.13
C TRP G 161 -96.86 49.59 28.53
N SER G 162 -98.11 49.19 28.38
CA SER G 162 -99.14 49.97 27.68
C SER G 162 -99.23 51.46 28.02
N SER G 163 -98.71 51.83 29.18
CA SER G 163 -98.58 53.23 29.55
C SER G 163 -97.56 53.94 28.65
N GLU G 164 -96.38 53.33 28.50
CA GLU G 164 -95.32 53.86 27.64
C GLU G 164 -95.76 53.93 26.19
N VAL G 165 -96.44 52.87 25.75
CA VAL G 165 -96.90 52.76 24.37
C VAL G 165 -97.69 53.99 23.99
N VAL G 166 -98.69 54.34 24.78
CA VAL G 166 -99.48 55.51 24.46
C VAL G 166 -98.64 56.79 24.49
N GLU G 167 -97.66 56.84 25.38
CA GLU G 167 -96.85 58.04 25.52
C GLU G 167 -95.93 58.26 24.33
N LEU G 168 -95.43 57.15 23.80
CA LEU G 168 -94.66 57.14 22.56
C LEU G 168 -95.56 57.56 21.41
N CYS G 169 -96.74 56.96 21.34
CA CYS G 169 -97.73 57.34 20.36
C CYS G 169 -97.93 58.85 20.31
N LYS G 170 -97.87 59.48 21.48
CA LYS G 170 -98.06 60.92 21.62
C LYS G 170 -96.92 61.75 21.04
N LYS G 171 -95.69 61.47 21.49
CA LYS G 171 -94.55 62.27 21.07
C LYS G 171 -94.16 62.07 19.61
N TYR G 172 -94.35 60.85 19.11
CA TYR G 172 -94.04 60.56 17.71
C TYR G 172 -95.23 60.68 16.78
N ARG G 173 -96.18 61.56 17.13
CA ARG G 173 -97.36 61.76 16.30
C ARG G 173 -96.97 62.52 15.04
N GLU G 174 -95.93 63.34 15.15
CA GLU G 174 -95.31 63.99 13.99
C GLU G 174 -94.62 62.98 13.09
N GLN G 175 -93.85 62.09 13.72
CA GLN G 175 -93.07 61.11 12.97
C GLN G 175 -93.82 59.79 12.75
N THR G 176 -94.97 59.86 12.08
CA THR G 176 -95.65 58.69 11.47
C THR G 176 -96.53 57.78 12.33
N VAL G 177 -96.52 57.93 13.65
CA VAL G 177 -97.41 57.09 14.45
C VAL G 177 -98.76 57.76 14.64
N VAL G 178 -99.81 57.00 14.32
CA VAL G 178 -101.13 57.59 14.22
C VAL G 178 -102.14 56.94 15.16
N ALA G 179 -101.81 55.74 15.64
CA ALA G 179 -102.75 54.99 16.46
C ALA G 179 -102.09 54.03 17.44
N ILE G 180 -102.89 53.59 18.41
CA ILE G 180 -102.50 52.57 19.36
C ILE G 180 -103.35 51.30 19.16
N ASP G 181 -102.67 50.16 19.20
CA ASP G 181 -103.31 48.85 19.09
C ASP G 181 -103.12 48.08 20.39
N LEU G 182 -103.62 46.85 20.41
CA LEU G 182 -103.54 45.97 21.56
C LEU G 182 -103.65 44.57 20.98
N ALA G 183 -102.52 43.90 20.85
CA ALA G 183 -102.51 42.54 20.30
C ALA G 183 -101.99 41.56 21.33
N GLY G 184 -101.76 40.33 20.91
CA GLY G 184 -101.16 39.34 21.79
C GLY G 184 -102.04 38.13 22.08
N ASP G 185 -103.04 38.30 22.93
CA ASP G 185 -103.87 37.17 23.31
C ASP G 185 -105.21 37.59 23.91
N GLU G 186 -106.27 37.46 23.12
CA GLU G 186 -107.63 37.73 23.59
C GLU G 186 -108.02 36.85 24.78
N THR G 187 -107.80 35.54 24.64
CA THR G 187 -108.29 34.55 25.60
C THR G 187 -107.66 34.58 27.00
N ILE G 188 -106.78 35.53 27.27
CA ILE G 188 -106.32 35.75 28.63
C ILE G 188 -107.47 36.40 29.39
N GLU G 189 -107.80 35.81 30.55
CA GLU G 189 -108.99 36.19 31.31
C GLU G 189 -109.05 37.69 31.66
N GLY G 190 -110.10 38.36 31.17
CA GLY G 190 -110.39 39.74 31.54
C GLY G 190 -109.27 40.72 31.25
N SER G 191 -108.47 40.40 30.23
CA SER G 191 -107.36 41.25 29.79
C SER G 191 -107.81 42.66 29.54
N SER G 192 -108.88 42.79 28.76
CA SER G 192 -109.40 44.08 28.32
C SER G 192 -109.71 45.07 29.44
N LEU G 193 -109.71 44.59 30.68
CA LEU G 193 -110.04 45.42 31.83
C LEU G 193 -108.83 45.80 32.69
N PHE G 194 -107.66 45.22 32.39
CA PHE G 194 -106.44 45.50 33.14
C PHE G 194 -106.19 47.00 33.19
N PRO G 195 -106.00 47.52 34.40
CA PRO G 195 -105.99 48.98 34.63
C PRO G 195 -104.99 49.74 33.76
N GLY G 196 -103.77 49.21 33.64
CA GLY G 196 -102.73 49.82 32.81
C GLY G 196 -103.13 50.00 31.35
N HIS G 197 -103.80 48.98 30.80
CA HIS G 197 -104.32 49.00 29.43
C HIS G 197 -105.40 50.05 29.24
N VAL G 198 -106.47 49.97 30.03
CA VAL G 198 -107.62 50.85 29.86
C VAL G 198 -107.29 52.33 30.11
N GLN G 199 -106.34 52.59 31.00
CA GLN G 199 -105.94 53.96 31.32
C GLN G 199 -105.14 54.58 30.18
N ALA G 200 -104.42 53.72 29.48
CA ALA G 200 -103.71 54.09 28.25
C ALA G 200 -104.70 54.51 27.17
N TYR G 201 -105.65 53.63 26.85
CA TYR G 201 -106.70 53.95 25.92
C TYR G 201 -107.54 55.16 26.33
N ALA G 202 -107.67 55.38 27.64
CA ALA G 202 -108.32 56.58 28.17
C ALA G 202 -107.53 57.84 27.78
N GLU G 203 -106.21 57.73 27.90
CA GLU G 203 -105.29 58.81 27.51
C GLU G 203 -105.23 58.99 26.00
N ALA G 204 -105.44 57.89 25.27
CA ALA G 204 -105.54 57.93 23.82
C ALA G 204 -106.71 58.79 23.37
N VAL G 205 -107.91 58.43 23.84
CA VAL G 205 -109.10 59.27 23.69
C VAL G 205 -108.81 60.73 24.10
N LYS G 206 -108.25 60.90 25.30
CA LYS G 206 -107.90 62.22 25.83
C LYS G 206 -106.97 63.01 24.91
N SER G 207 -105.97 62.33 24.34
CA SER G 207 -104.92 63.01 23.58
C SER G 207 -105.14 63.06 22.06
N GLY G 208 -106.12 62.31 21.57
CA GLY G 208 -106.44 62.33 20.15
C GLY G 208 -105.78 61.21 19.36
N VAL G 209 -105.13 60.29 20.05
CA VAL G 209 -104.50 59.12 19.43
C VAL G 209 -105.56 58.08 19.03
N HIS G 210 -105.68 57.83 17.73
CA HIS G 210 -106.65 56.87 17.22
C HIS G 210 -106.50 55.47 17.82
N ARG G 211 -107.53 54.64 17.70
CA ARG G 211 -107.58 53.39 18.46
C ARG G 211 -108.09 52.21 17.67
N THR G 212 -107.29 51.16 17.60
CA THR G 212 -107.76 49.88 17.07
C THR G 212 -107.43 48.79 18.09
N VAL G 213 -108.21 47.70 18.08
CA VAL G 213 -107.95 46.59 18.99
C VAL G 213 -108.08 45.26 18.26
N HIS G 214 -107.11 44.35 18.48
CA HIS G 214 -107.26 42.94 18.13
C HIS G 214 -108.35 42.36 19.03
N ALA G 215 -109.45 41.91 18.44
CA ALA G 215 -110.58 41.34 19.21
C ALA G 215 -111.56 40.59 18.30
N GLY G 216 -112.09 39.48 18.80
CA GLY G 216 -113.07 38.71 18.05
C GLY G 216 -112.46 37.76 17.03
N GLU G 217 -111.14 37.62 17.03
CA GLU G 217 -110.44 36.72 16.09
C GLU G 217 -110.63 35.26 16.53
N VAL G 218 -110.08 34.95 17.69
CA VAL G 218 -110.41 33.73 18.40
C VAL G 218 -110.71 34.15 19.85
N GLY G 219 -112.01 34.34 20.11
CA GLY G 219 -112.47 34.92 21.37
C GLY G 219 -113.93 35.30 21.22
N SER G 220 -114.64 35.34 22.34
CA SER G 220 -116.09 35.58 22.33
C SER G 220 -116.44 36.97 21.81
N ALA G 221 -117.66 37.11 21.30
CA ALA G 221 -118.18 38.40 20.87
C ALA G 221 -118.03 39.44 21.97
N ASN G 222 -117.90 38.97 23.21
CA ASN G 222 -117.79 39.85 24.36
C ASN G 222 -116.45 40.60 24.42
N VAL G 223 -115.39 39.94 23.95
CA VAL G 223 -114.08 40.58 23.84
C VAL G 223 -114.21 41.87 23.00
N VAL G 224 -114.97 41.76 21.91
CA VAL G 224 -115.33 42.89 21.05
C VAL G 224 -116.07 43.97 21.83
N LYS G 225 -117.06 43.55 22.62
CA LYS G 225 -117.88 44.45 23.46
C LYS G 225 -116.98 45.27 24.37
N GLU G 226 -116.05 44.58 25.01
CA GLU G 226 -115.13 45.23 25.94
C GLU G 226 -114.30 46.28 25.22
N ALA G 227 -113.76 45.90 24.06
CA ALA G 227 -112.94 46.77 23.23
C ALA G 227 -113.66 48.06 22.82
N VAL G 228 -114.93 47.93 22.41
CA VAL G 228 -115.70 49.10 21.99
C VAL G 228 -116.14 49.95 23.18
N ASP G 229 -116.52 49.30 24.28
CA ASP G 229 -117.17 49.99 25.38
C ASP G 229 -116.25 50.70 26.37
N THR G 230 -115.36 49.95 27.00
CA THR G 230 -114.43 50.55 27.95
C THR G 230 -113.16 51.04 27.25
N LEU G 231 -112.69 50.27 26.27
CA LEU G 231 -111.49 50.65 25.52
C LEU G 231 -111.71 51.75 24.49
N LYS G 232 -112.96 51.89 24.04
CA LYS G 232 -113.36 52.90 23.06
C LYS G 232 -112.58 52.81 21.75
N THR G 233 -112.48 51.60 21.21
CA THR G 233 -111.82 51.39 19.93
C THR G 233 -112.63 51.96 18.77
N GLU G 234 -111.93 52.63 17.85
CA GLU G 234 -112.53 53.17 16.64
C GLU G 234 -112.56 52.15 15.51
N ARG G 235 -111.83 51.06 15.70
CA ARG G 235 -111.65 50.11 14.62
C ARG G 235 -111.42 48.76 15.26
N LEU G 236 -111.66 47.68 14.52
CA LEU G 236 -111.52 46.35 15.10
C LEU G 236 -110.58 45.44 14.33
N GLY G 237 -109.58 44.90 15.02
CA GLY G 237 -108.69 43.92 14.43
C GLY G 237 -109.40 42.59 14.36
N HIS G 238 -109.64 42.09 13.15
CA HIS G 238 -110.37 40.83 12.91
C HIS G 238 -111.90 40.89 13.12
N GLY G 239 -112.38 40.38 14.25
CA GLY G 239 -113.78 40.49 14.65
C GLY G 239 -114.74 39.42 14.15
N TYR G 240 -114.19 38.30 13.73
CA TYR G 240 -115.01 37.26 13.11
C TYR G 240 -116.07 36.64 14.04
N HIS G 241 -115.81 36.62 15.35
CA HIS G 241 -116.78 36.12 16.33
C HIS G 241 -117.57 37.25 17.01
N THR G 242 -117.80 38.34 16.28
CA THR G 242 -118.74 39.36 16.73
C THR G 242 -120.13 39.04 16.13
N LEU G 243 -120.15 38.04 15.25
CA LEU G 243 -121.38 37.56 14.64
C LEU G 243 -122.09 36.54 15.54
N GLU G 244 -121.69 36.49 16.81
CA GLU G 244 -122.32 35.63 17.80
C GLU G 244 -123.22 36.44 18.72
N ASP G 245 -123.32 37.74 18.43
CA ASP G 245 -124.19 38.62 19.19
C ASP G 245 -124.82 39.62 18.22
N THR G 246 -125.97 39.24 17.65
CA THR G 246 -126.64 40.03 16.60
C THR G 246 -127.06 41.43 17.07
N THR G 247 -127.22 41.63 18.38
CA THR G 247 -127.55 42.96 18.92
C THR G 247 -126.37 43.92 18.74
N LEU G 248 -125.24 43.51 19.31
CA LEU G 248 -123.97 44.26 19.23
C LEU G 248 -123.50 44.41 17.78
N TYR G 249 -123.53 43.31 17.04
CA TYR G 249 -123.15 43.31 15.63
C TYR G 249 -123.94 44.33 14.81
N ASN G 250 -125.26 44.36 14.99
CA ASN G 250 -126.10 45.27 14.22
C ASN G 250 -126.03 46.73 14.70
N ARG G 251 -125.68 46.94 15.96
CA ARG G 251 -125.48 48.28 16.48
C ARG G 251 -124.09 48.79 16.08
N LEU G 252 -123.21 47.86 15.78
CA LEU G 252 -121.88 48.19 15.28
C LEU G 252 -121.94 48.64 13.81
N ARG G 253 -122.70 47.93 12.98
CA ARG G 253 -122.93 48.36 11.60
C ARG G 253 -123.60 49.73 11.60
N GLN G 254 -124.56 49.90 12.50
CA GLN G 254 -125.24 51.18 12.73
C GLN G 254 -124.23 52.30 13.00
N GLU G 255 -123.37 52.12 13.99
CA GLU G 255 -122.42 53.14 14.38
C GLU G 255 -121.19 53.18 13.44
N ASN G 256 -121.29 52.46 12.33
CA ASN G 256 -120.24 52.38 11.31
C ASN G 256 -118.84 51.95 11.77
N MET G 257 -118.76 50.81 12.42
CA MET G 257 -117.49 50.26 12.88
C MET G 257 -116.72 49.65 11.71
N HIS G 258 -115.40 49.82 11.74
CA HIS G 258 -114.54 49.20 10.73
C HIS G 258 -113.90 47.89 11.16
N PHE G 259 -113.95 46.91 10.26
CA PHE G 259 -113.43 45.56 10.52
C PHE G 259 -112.21 45.25 9.66
N GLU G 260 -111.03 45.29 10.28
CA GLU G 260 -109.80 44.93 9.60
C GLU G 260 -109.76 43.42 9.43
N ILE G 261 -110.00 42.93 8.22
CA ILE G 261 -110.08 41.50 8.00
C ILE G 261 -108.82 40.89 7.43
N CYS G 262 -108.44 39.74 7.95
CA CYS G 262 -107.27 39.04 7.43
C CYS G 262 -107.63 37.62 7.01
N PRO G 263 -108.18 37.49 5.80
CA PRO G 263 -108.67 36.21 5.29
C PRO G 263 -107.67 35.05 5.37
N TRP G 264 -106.55 35.17 4.67
CA TRP G 264 -105.58 34.08 4.64
C TRP G 264 -105.00 33.84 6.02
N SER G 265 -104.95 34.91 6.82
CA SER G 265 -104.54 34.82 8.22
C SER G 265 -105.48 33.88 9.00
N SER G 266 -106.77 34.17 8.97
CA SER G 266 -107.81 33.38 9.65
C SER G 266 -107.68 31.89 9.39
N TYR G 267 -107.58 31.53 8.12
CA TYR G 267 -107.46 30.13 7.74
C TYR G 267 -106.26 29.52 8.48
N LEU G 268 -105.11 30.19 8.39
CA LEU G 268 -103.88 29.67 8.97
C LEU G 268 -103.79 29.73 10.50
N THR G 269 -104.34 30.76 11.14
CA THR G 269 -104.36 30.82 12.60
C THR G 269 -105.35 29.83 13.16
N GLY G 270 -106.29 29.39 12.32
CA GLY G 270 -107.35 28.48 12.72
C GLY G 270 -108.51 29.22 13.37
N ALA G 271 -108.49 30.54 13.28
CA ALA G 271 -109.54 31.38 13.86
C ALA G 271 -110.82 31.31 13.03
N TRP G 272 -110.73 30.67 11.86
CA TRP G 272 -111.87 30.38 11.02
C TRP G 272 -111.84 28.89 10.74
N LYS G 273 -112.83 28.17 11.24
CA LYS G 273 -112.95 26.76 10.92
C LYS G 273 -113.53 26.65 9.51
N PRO G 274 -112.81 25.98 8.61
CA PRO G 274 -113.10 26.01 7.17
C PRO G 274 -114.45 25.41 6.74
N ASP G 275 -115.19 24.82 7.67
CA ASP G 275 -116.49 24.24 7.39
C ASP G 275 -117.51 25.34 7.22
N THR G 276 -117.35 26.42 8.00
CA THR G 276 -118.21 27.58 7.92
C THR G 276 -117.94 28.40 6.65
N GLU G 277 -118.95 29.17 6.24
CA GLU G 277 -118.72 30.32 5.38
C GLU G 277 -117.79 31.24 6.16
N HIS G 278 -116.86 31.87 5.45
CA HIS G 278 -115.95 32.80 6.10
C HIS G 278 -116.71 34.00 6.67
N ALA G 279 -116.31 34.45 7.85
CA ALA G 279 -116.98 35.58 8.48
C ALA G 279 -117.17 36.73 7.51
N VAL G 280 -116.30 36.81 6.51
CA VAL G 280 -116.30 37.91 5.53
C VAL G 280 -117.44 37.91 4.51
N ILE G 281 -117.71 36.75 3.90
CA ILE G 281 -118.72 36.69 2.83
C ILE G 281 -120.07 37.19 3.37
N ARG G 282 -120.29 36.97 4.66
CA ARG G 282 -121.36 37.64 5.39
C ARG G 282 -121.24 39.17 5.38
N PHE G 283 -120.10 39.68 5.85
CA PHE G 283 -119.82 41.12 5.91
C PHE G 283 -120.11 41.84 4.59
N LYS G 284 -119.70 41.19 3.51
CA LYS G 284 -119.90 41.68 2.14
C LYS G 284 -121.37 41.88 1.86
N ASN G 285 -122.14 40.82 2.14
CA ASN G 285 -123.58 40.79 1.91
C ASN G 285 -124.34 41.77 2.80
N ASP G 286 -123.86 41.97 4.03
CA ASP G 286 -124.44 42.94 4.95
C ASP G 286 -123.98 44.37 4.69
N GLN G 287 -123.16 44.57 3.66
CA GLN G 287 -122.64 45.88 3.27
C GLN G 287 -121.86 46.57 4.38
N VAL G 288 -121.12 45.80 5.17
CA VAL G 288 -120.45 46.36 6.35
C VAL G 288 -119.14 47.08 5.98
N ASN G 289 -118.66 47.90 6.90
CA ASN G 289 -117.44 48.67 6.72
C ASN G 289 -116.21 47.83 7.07
N TYR G 290 -115.50 47.37 6.04
CA TYR G 290 -114.38 46.45 6.28
C TYR G 290 -113.26 46.59 5.25
N SER G 291 -112.08 46.07 5.60
CA SER G 291 -110.90 46.11 4.74
C SER G 291 -110.18 44.76 4.67
N LEU G 292 -109.47 44.55 3.57
CA LEU G 292 -108.69 43.33 3.39
C LEU G 292 -107.21 43.54 3.67
N ASN G 293 -106.69 42.77 4.61
CA ASN G 293 -105.32 42.93 5.06
C ASN G 293 -104.59 41.62 5.01
N THR G 294 -103.33 41.64 5.44
CA THR G 294 -102.49 40.47 5.28
C THR G 294 -101.98 39.88 6.61
N ASP G 295 -101.97 40.71 7.66
CA ASP G 295 -101.53 40.39 9.04
C ASP G 295 -100.02 40.13 9.21
N ASP G 296 -99.57 38.91 8.93
CA ASP G 296 -98.16 38.53 9.07
C ASP G 296 -97.69 37.79 7.84
N PRO G 297 -97.43 38.51 6.75
CA PRO G 297 -97.22 37.89 5.43
C PRO G 297 -96.00 36.97 5.36
N LEU G 298 -95.05 37.16 6.27
CA LEU G 298 -93.86 36.34 6.29
C LEU G 298 -94.20 34.92 6.72
N ILE G 299 -94.98 34.82 7.79
CA ILE G 299 -95.31 33.52 8.36
C ILE G 299 -96.39 32.83 7.54
N PHE G 300 -97.17 33.63 6.84
CA PHE G 300 -98.23 33.07 6.02
C PHE G 300 -97.77 32.80 4.59
N LYS G 301 -96.48 33.02 4.33
CA LYS G 301 -95.90 32.88 3.00
C LYS G 301 -96.76 33.59 1.95
N SER G 302 -97.22 34.78 2.29
CA SER G 302 -98.22 35.46 1.49
C SER G 302 -97.83 36.87 1.06
N THR G 303 -98.40 37.28 -0.06
CA THR G 303 -98.39 38.66 -0.49
C THR G 303 -99.81 39.15 -0.25
N LEU G 304 -100.09 40.44 -0.44
CA LEU G 304 -101.45 40.93 -0.28
C LEU G 304 -102.34 40.39 -1.39
N ASP G 305 -101.71 39.94 -2.48
CA ASP G 305 -102.46 39.30 -3.55
C ASP G 305 -103.05 37.96 -3.12
N THR G 306 -102.40 37.27 -2.19
CA THR G 306 -102.92 36.00 -1.68
C THR G 306 -104.30 36.22 -1.05
N ASP G 307 -104.45 37.30 -0.30
CA ASP G 307 -105.72 37.57 0.37
C ASP G 307 -106.83 38.02 -0.58
N TYR G 308 -106.44 38.51 -1.77
CA TYR G 308 -107.41 38.93 -2.78
C TYR G 308 -107.76 37.76 -3.70
N GLN G 309 -106.76 36.92 -3.99
CA GLN G 309 -106.94 35.64 -4.67
C GLN G 309 -107.96 34.77 -3.94
N MET G 310 -107.82 34.71 -2.62
CA MET G 310 -108.66 33.88 -1.79
C MET G 310 -110.11 34.33 -1.88
N THR G 311 -110.37 35.61 -1.67
CA THR G 311 -111.74 36.10 -1.65
C THR G 311 -112.40 36.12 -3.02
N LYS G 312 -111.61 36.28 -4.07
CA LYS G 312 -112.19 36.27 -5.41
C LYS G 312 -112.61 34.86 -5.78
N LYS G 313 -111.69 33.92 -5.61
CA LYS G 313 -111.96 32.52 -5.91
C LYS G 313 -112.93 31.91 -4.89
N ASP G 314 -112.41 31.56 -3.73
CA ASP G 314 -113.17 30.89 -2.68
C ASP G 314 -114.56 31.46 -2.45
N MET G 315 -114.73 32.79 -2.54
CA MET G 315 -116.04 33.38 -2.22
C MET G 315 -116.61 34.43 -3.17
N GLY G 316 -116.32 34.28 -4.47
CA GLY G 316 -116.89 35.10 -5.52
C GLY G 316 -116.95 36.60 -5.25
N PHE G 317 -115.80 37.16 -4.90
CA PHE G 317 -115.71 38.61 -4.72
C PHE G 317 -115.47 39.26 -6.07
N THR G 318 -116.29 40.27 -6.38
CA THR G 318 -116.14 41.00 -7.63
C THR G 318 -115.28 42.25 -7.45
N GLU G 319 -114.78 42.76 -8.56
CA GLU G 319 -114.06 44.02 -8.58
C GLU G 319 -114.86 45.21 -8.01
N GLU G 320 -116.19 45.16 -8.14
CA GLU G 320 -117.03 46.24 -7.65
C GLU G 320 -116.97 46.25 -6.12
N GLU G 321 -116.91 45.05 -5.54
CA GLU G 321 -116.76 44.90 -4.10
C GLU G 321 -115.36 45.34 -3.66
N PHE G 322 -114.33 44.79 -4.32
CA PHE G 322 -112.95 45.17 -4.04
C PHE G 322 -112.76 46.69 -4.01
N LYS G 323 -113.34 47.38 -4.99
CA LYS G 323 -113.25 48.83 -5.04
C LYS G 323 -113.83 49.52 -3.82
N ARG G 324 -115.04 49.13 -3.42
CA ARG G 324 -115.74 49.81 -2.33
C ARG G 324 -115.17 49.53 -0.93
N LEU G 325 -114.58 48.35 -0.73
CA LEU G 325 -114.01 48.06 0.58
C LEU G 325 -112.71 48.84 0.76
N ASN G 326 -112.01 49.07 -0.35
CA ASN G 326 -110.83 49.90 -0.30
C ASN G 326 -111.18 51.36 -0.08
N ILE G 327 -112.32 51.79 -0.61
CA ILE G 327 -112.82 53.13 -0.35
C ILE G 327 -113.08 53.24 1.14
N ASN G 328 -113.68 52.17 1.66
CA ASN G 328 -113.99 52.08 3.08
C ASN G 328 -112.74 52.18 3.95
N ALA G 329 -111.75 51.34 3.62
CA ALA G 329 -110.48 51.30 4.33
C ALA G 329 -109.88 52.71 4.41
N ALA G 330 -109.90 53.38 3.27
CA ALA G 330 -109.44 54.76 3.19
C ALA G 330 -110.26 55.69 4.08
N LYS G 331 -111.58 55.54 4.06
CA LYS G 331 -112.46 56.35 4.90
C LYS G 331 -112.15 56.14 6.38
N SER G 332 -111.93 54.88 6.75
CA SER G 332 -111.69 54.50 8.14
C SER G 332 -110.25 54.67 8.59
N SER G 333 -109.37 55.03 7.65
CA SER G 333 -107.95 55.20 7.95
C SER G 333 -107.71 56.30 8.98
N PHE G 334 -106.57 56.23 9.66
CA PHE G 334 -106.26 57.17 10.73
C PHE G 334 -105.45 58.39 10.28
N LEU G 335 -105.66 58.80 9.03
CA LEU G 335 -105.08 60.02 8.49
C LEU G 335 -105.81 61.24 9.03
N PRO G 336 -105.10 62.36 9.14
CA PRO G 336 -105.79 63.64 9.23
C PRO G 336 -106.76 63.78 8.05
N GLU G 337 -107.86 64.50 8.27
CA GLU G 337 -108.92 64.72 7.29
C GLU G 337 -108.36 65.06 5.91
N ASP G 338 -107.81 66.27 5.82
CA ASP G 338 -106.72 66.60 4.91
C ASP G 338 -106.35 65.52 3.88
N GLU G 339 -105.46 64.62 4.30
CA GLU G 339 -104.86 63.62 3.40
C GLU G 339 -105.79 62.46 3.12
N LYS G 340 -106.80 62.28 3.98
CA LYS G 340 -107.82 61.28 3.76
C LYS G 340 -108.57 61.66 2.50
N LYS G 341 -108.84 62.95 2.35
CA LYS G 341 -109.49 63.48 1.15
C LYS G 341 -108.70 63.08 -0.10
N GLU G 342 -107.39 63.34 -0.09
CA GLU G 342 -106.59 63.11 -1.28
C GLU G 342 -106.22 61.65 -1.51
N LEU G 343 -106.34 60.83 -0.47
CA LEU G 343 -106.17 59.39 -0.63
C LEU G 343 -107.38 58.90 -1.43
N LEU G 344 -108.56 59.37 -1.01
CA LEU G 344 -109.80 59.04 -1.69
C LEU G 344 -109.74 59.50 -3.14
N ASP G 345 -109.33 60.75 -3.34
CA ASP G 345 -109.13 61.30 -4.68
C ASP G 345 -108.29 60.40 -5.58
N LEU G 346 -107.15 59.95 -5.07
CA LEU G 346 -106.28 59.02 -5.79
C LEU G 346 -107.05 57.74 -6.16
N LEU G 347 -107.83 57.26 -5.19
CA LEU G 347 -108.60 56.04 -5.35
C LEU G 347 -109.74 56.18 -6.36
N TYR G 348 -110.58 57.21 -6.17
CA TYR G 348 -111.69 57.50 -7.08
C TYR G 348 -111.22 57.58 -8.52
N LYS G 349 -110.12 58.31 -8.72
CA LYS G 349 -109.55 58.51 -10.04
C LYS G 349 -109.11 57.19 -10.67
N ALA G 350 -108.44 56.35 -9.88
CA ALA G 350 -107.93 55.08 -10.41
C ALA G 350 -109.02 54.03 -10.54
N TYR G 351 -110.21 54.34 -10.04
CA TYR G 351 -111.37 53.45 -10.14
C TYR G 351 -112.41 53.98 -11.13
N ARG G 352 -112.36 55.27 -11.45
CA ARG G 352 -113.43 55.96 -12.20
C ARG G 352 -114.71 56.12 -11.35
N MET G 353 -114.80 57.20 -10.58
CA MET G 353 -116.01 57.47 -9.78
C MET G 353 -116.24 58.94 -9.37
N PRO G 354 -117.07 59.23 -8.35
CA PRO G 354 -117.61 60.58 -8.16
C PRO G 354 -116.67 61.64 -7.53
N SER G 355 -115.93 62.35 -8.38
CA SER G 355 -115.11 63.49 -7.95
C SER G 355 -115.71 64.83 -8.37
N THR H 4 -4.88 21.44 42.32
CA THR H 4 -5.84 21.13 43.42
C THR H 4 -6.88 20.01 43.12
N PRO H 5 -6.65 19.18 42.10
CA PRO H 5 -7.47 17.96 41.95
C PRO H 5 -6.97 16.89 42.94
N ALA H 6 -7.72 16.70 44.03
CA ALA H 6 -7.26 16.02 45.27
C ALA H 6 -6.32 14.83 45.13
N PHE H 7 -6.68 13.87 44.29
CA PHE H 7 -5.83 12.72 44.00
C PHE H 7 -5.86 12.50 42.49
N ASP H 8 -4.85 13.03 41.81
CA ASP H 8 -4.85 13.10 40.36
C ASP H 8 -4.23 11.88 39.69
N LYS H 9 -4.69 10.68 40.07
CA LYS H 9 -4.22 9.46 39.43
C LYS H 9 -5.47 8.71 39.01
N PRO H 10 -5.29 7.61 38.28
CA PRO H 10 -6.40 6.69 38.02
C PRO H 10 -7.12 6.31 39.31
N LYS H 11 -8.44 6.18 39.26
CA LYS H 11 -9.23 5.73 40.42
C LYS H 11 -10.18 4.59 40.04
N VAL H 12 -10.73 3.91 41.03
CA VAL H 12 -11.72 2.86 40.79
C VAL H 12 -12.95 3.20 41.60
N GLU H 13 -14.14 3.03 41.01
CA GLU H 13 -15.38 3.35 41.70
C GLU H 13 -16.32 2.17 41.62
N LEU H 14 -16.85 1.75 42.76
CA LEU H 14 -17.69 0.55 42.84
C LEU H 14 -19.13 0.85 43.24
N HIS H 15 -19.35 1.95 43.98
CA HIS H 15 -20.69 2.28 44.45
C HIS H 15 -21.23 3.59 43.88
N VAL H 16 -21.97 3.48 42.78
CA VAL H 16 -22.57 4.64 42.15
C VAL H 16 -23.87 4.27 41.43
N HIS H 17 -24.92 5.08 41.67
CA HIS H 17 -26.26 4.84 41.11
C HIS H 17 -26.48 5.68 39.85
N LEU H 18 -26.77 5.00 38.73
CA LEU H 18 -27.13 5.68 37.48
C LEU H 18 -28.26 6.66 37.77
N ASP H 19 -29.30 6.16 38.44
CA ASP H 19 -30.42 6.94 38.99
C ASP H 19 -29.95 8.31 39.42
N GLY H 20 -28.80 8.35 40.07
CA GLY H 20 -28.35 9.54 40.74
C GLY H 20 -27.12 10.16 40.10
N ALA H 21 -26.84 9.76 38.85
CA ALA H 21 -25.76 10.37 38.07
C ALA H 21 -26.22 10.81 36.66
N ILE H 22 -27.22 11.70 36.64
CA ILE H 22 -27.80 12.18 35.40
C ILE H 22 -27.46 13.66 35.19
N LYS H 23 -27.44 14.10 33.93
CA LYS H 23 -27.16 15.50 33.64
C LYS H 23 -28.44 16.34 33.67
N PRO H 24 -28.44 17.39 34.50
CA PRO H 24 -29.52 18.38 34.53
C PRO H 24 -30.03 18.73 33.12
N GLU H 25 -29.10 19.03 32.21
CA GLU H 25 -29.40 19.40 30.82
C GLU H 25 -30.27 18.37 30.14
N THR H 26 -29.97 17.10 30.37
CA THR H 26 -30.67 16.08 29.61
C THR H 26 -31.96 15.65 30.28
N ILE H 27 -32.07 15.89 31.59
CA ILE H 27 -33.37 15.77 32.26
C ILE H 27 -34.28 16.83 31.64
N LEU H 28 -33.73 18.04 31.62
CA LEU H 28 -34.44 19.20 31.15
C LEU H 28 -34.92 18.99 29.72
N TYR H 29 -34.12 18.31 28.90
CA TYR H 29 -34.46 18.03 27.51
C TYR H 29 -35.68 17.13 27.39
N TYR H 30 -35.69 16.05 28.17
CA TYR H 30 -36.79 15.09 28.07
C TYR H 30 -38.04 15.59 28.76
N GLY H 31 -37.86 16.53 29.68
CA GLY H 31 -38.98 17.21 30.30
C GLY H 31 -39.77 17.95 29.24
N LYS H 32 -39.07 18.82 28.50
CA LYS H 32 -39.68 19.59 27.44
C LYS H 32 -40.30 18.70 26.37
N ARG H 33 -39.54 17.71 25.91
CA ARG H 33 -40.01 16.81 24.86
C ARG H 33 -41.28 16.05 25.23
N ARG H 34 -41.39 15.64 26.50
CA ARG H 34 -42.51 14.80 26.90
C ARG H 34 -43.62 15.58 27.60
N GLY H 35 -43.34 16.86 27.84
CA GLY H 35 -44.24 17.74 28.59
C GLY H 35 -44.38 17.28 30.03
N ILE H 36 -43.29 16.78 30.61
CA ILE H 36 -43.30 16.41 32.01
C ILE H 36 -42.92 17.63 32.82
N ALA H 37 -43.80 18.04 33.72
CA ALA H 37 -43.59 19.27 34.51
C ALA H 37 -42.34 19.19 35.37
N LEU H 38 -41.61 20.30 35.47
CA LEU H 38 -40.34 20.33 36.18
C LEU H 38 -40.24 21.61 37.00
N PRO H 39 -39.64 21.53 38.19
CA PRO H 39 -39.59 22.68 39.09
C PRO H 39 -38.58 23.76 38.69
N ALA H 40 -38.03 23.69 37.47
CA ALA H 40 -37.14 24.74 36.98
C ALA H 40 -36.99 24.78 35.45
N ASP H 41 -36.16 25.72 35.00
CA ASP H 41 -35.96 25.93 33.58
C ASP H 41 -34.51 26.14 33.17
N THR H 42 -33.68 26.62 34.11
CA THR H 42 -32.23 26.61 33.93
C THR H 42 -31.75 25.18 34.22
N PRO H 43 -30.72 24.72 33.51
CA PRO H 43 -29.99 23.55 33.95
C PRO H 43 -29.35 23.85 35.31
N GLU H 44 -28.78 25.03 35.49
CA GLU H 44 -28.07 25.33 36.72
C GLU H 44 -29.00 25.58 37.91
N GLU H 45 -30.13 26.23 37.66
CA GLU H 45 -31.17 26.42 38.67
C GLU H 45 -31.71 25.08 39.16
N LEU H 46 -31.72 24.11 38.25
CA LEU H 46 -32.24 22.78 38.54
C LEU H 46 -31.33 21.93 39.44
N LEU H 47 -30.01 22.04 39.25
CA LEU H 47 -29.05 21.29 40.06
C LEU H 47 -29.19 21.67 41.54
N ASN H 48 -29.68 22.87 41.80
CA ASN H 48 -29.91 23.36 43.15
C ASN H 48 -31.19 22.83 43.77
N ILE H 49 -32.26 22.86 42.99
CA ILE H 49 -33.55 22.33 43.46
C ILE H 49 -33.46 20.82 43.67
N ILE H 50 -32.64 20.16 42.87
CA ILE H 50 -32.46 18.73 43.00
C ILE H 50 -31.36 18.41 44.01
N GLY H 51 -30.36 19.28 44.09
CA GLY H 51 -29.20 19.05 44.95
C GLY H 51 -29.38 19.51 46.38
N MET H 52 -28.67 18.84 47.28
CA MET H 52 -28.60 19.25 48.69
C MET H 52 -27.19 19.78 48.97
N ASP H 53 -27.09 20.73 49.89
CA ASP H 53 -25.80 21.09 50.44
C ASP H 53 -25.90 21.17 51.97
N LYS H 54 -27.14 21.21 52.46
CA LYS H 54 -27.42 21.02 53.88
C LYS H 54 -27.68 19.53 54.10
N PRO H 55 -26.97 18.93 55.06
CA PRO H 55 -27.07 17.50 55.33
C PRO H 55 -28.42 17.12 55.92
N LEU H 56 -29.46 17.02 55.08
CA LEU H 56 -30.77 16.60 55.55
C LEU H 56 -30.83 15.09 55.75
N THR H 57 -32.01 14.49 55.64
CA THR H 57 -32.21 13.08 56.04
C THR H 57 -32.81 12.17 54.95
N LEU H 58 -32.84 10.87 55.19
CA LEU H 58 -33.26 9.88 54.19
C LEU H 58 -34.69 10.00 53.59
N PRO H 59 -35.67 10.48 54.36
CA PRO H 59 -36.94 10.94 53.77
C PRO H 59 -36.80 12.06 52.74
N ASP H 60 -36.09 13.14 53.09
CA ASP H 60 -35.96 14.33 52.22
C ASP H 60 -35.05 14.07 51.00
N PHE H 61 -34.17 13.08 51.14
CA PHE H 61 -33.25 12.66 50.08
C PHE H 61 -34.02 11.90 49.00
N LEU H 62 -34.78 10.88 49.40
CA LEU H 62 -35.59 10.10 48.47
C LEU H 62 -36.66 10.94 47.75
N ALA H 63 -36.94 12.12 48.29
CA ALA H 63 -37.92 13.05 47.71
C ALA H 63 -37.37 13.74 46.46
N LYS H 64 -36.05 13.83 46.38
CA LYS H 64 -35.38 14.48 45.24
C LYS H 64 -35.58 13.68 43.97
N PHE H 65 -35.59 12.35 44.11
CA PHE H 65 -35.86 11.45 42.99
C PHE H 65 -37.15 11.80 42.24
N ASP H 66 -38.14 12.32 42.95
CA ASP H 66 -39.46 12.57 42.39
C ASP H 66 -39.49 13.77 41.45
N TYR H 67 -38.54 14.69 41.64
CA TYR H 67 -38.40 15.86 40.78
C TYR H 67 -38.07 15.50 39.34
N TYR H 68 -37.22 14.49 39.14
CA TYR H 68 -36.69 14.25 37.81
C TYR H 68 -37.03 12.90 37.20
N MET H 69 -37.03 11.85 38.00
CA MET H 69 -37.27 10.50 37.47
C MET H 69 -38.47 10.30 36.53
N PRO H 70 -39.58 11.01 36.72
CA PRO H 70 -40.70 10.87 35.77
C PRO H 70 -40.31 11.29 34.35
N ALA H 71 -39.32 12.17 34.23
CA ALA H 71 -38.88 12.68 32.95
C ALA H 71 -38.04 11.66 32.18
N ILE H 72 -37.40 10.76 32.91
CA ILE H 72 -36.48 9.80 32.30
C ILE H 72 -37.16 8.44 32.07
N ALA H 73 -37.97 8.01 33.03
CA ALA H 73 -38.54 6.67 33.05
C ALA H 73 -39.55 6.42 31.94
N GLY H 74 -39.42 5.26 31.31
CA GLY H 74 -40.39 4.81 30.32
C GLY H 74 -40.10 5.26 28.89
N CYS H 75 -39.04 6.03 28.72
CA CYS H 75 -38.63 6.55 27.41
C CYS H 75 -37.33 5.92 26.93
N ARG H 76 -37.44 4.94 26.05
CA ARG H 76 -36.30 4.20 25.47
C ARG H 76 -35.03 5.04 25.32
N ASP H 77 -35.20 6.19 24.67
CA ASP H 77 -34.10 7.06 24.27
C ASP H 77 -33.39 7.61 25.51
N ALA H 78 -34.17 8.11 26.47
CA ALA H 78 -33.64 8.72 27.70
C ALA H 78 -32.72 7.80 28.51
N ILE H 79 -33.13 6.54 28.60
CA ILE H 79 -32.39 5.46 29.26
C ILE H 79 -30.97 5.29 28.75
N LYS H 80 -30.88 4.94 27.47
CA LYS H 80 -29.60 4.63 26.84
C LYS H 80 -28.64 5.81 26.95
N ARG H 81 -29.19 7.02 26.85
CA ARG H 81 -28.40 8.23 26.85
C ARG H 81 -27.75 8.52 28.19
N ILE H 82 -28.50 8.37 29.29
CA ILE H 82 -27.93 8.66 30.60
C ILE H 82 -26.77 7.72 30.92
N ALA H 83 -26.91 6.44 30.57
CA ALA H 83 -25.86 5.45 30.70
C ALA H 83 -24.60 5.95 30.01
N TYR H 84 -24.75 6.28 28.73
CA TYR H 84 -23.67 6.79 27.90
C TYR H 84 -23.04 8.06 28.48
N GLU H 85 -23.87 9.07 28.74
CA GLU H 85 -23.38 10.31 29.32
C GLU H 85 -22.72 10.10 30.68
N PHE H 86 -23.18 9.07 31.39
CA PHE H 86 -22.61 8.72 32.67
C PHE H 86 -21.15 8.32 32.51
N VAL H 87 -20.87 7.40 31.59
CA VAL H 87 -19.49 6.94 31.37
C VAL H 87 -18.55 8.13 31.17
N GLU H 88 -19.00 9.10 30.38
CA GLU H 88 -18.23 10.32 30.16
C GLU H 88 -17.88 11.02 31.47
N MET H 89 -18.87 11.25 32.33
CA MET H 89 -18.58 11.96 33.57
C MET H 89 -17.60 11.20 34.48
N LYS H 90 -17.61 9.87 34.41
CA LYS H 90 -16.59 9.07 35.07
C LYS H 90 -15.21 9.32 34.48
N ALA H 91 -15.12 9.34 33.14
CA ALA H 91 -13.86 9.66 32.48
C ALA H 91 -13.37 11.07 32.86
N LYS H 92 -14.31 11.97 33.16
CA LYS H 92 -13.95 13.32 33.56
C LYS H 92 -13.32 13.36 34.96
N ASP H 93 -13.69 12.41 35.82
CA ASP H 93 -12.96 12.16 37.07
C ASP H 93 -11.82 11.22 36.73
N GLY H 94 -11.01 10.85 37.72
CA GLY H 94 -9.88 9.98 37.39
C GLY H 94 -10.23 8.59 36.84
N VAL H 95 -11.51 8.24 36.85
CA VAL H 95 -11.92 6.84 36.86
C VAL H 95 -11.52 6.02 35.63
N VAL H 96 -10.99 4.83 35.93
CA VAL H 96 -10.47 3.90 34.95
C VAL H 96 -11.33 2.62 34.87
N TYR H 97 -12.08 2.36 35.94
CA TYR H 97 -13.04 1.28 35.94
C TYR H 97 -14.21 1.65 36.84
N VAL H 98 -15.43 1.41 36.38
CA VAL H 98 -16.62 1.66 37.20
C VAL H 98 -17.61 0.49 37.18
N GLU H 99 -18.26 0.31 38.32
CA GLU H 99 -19.45 -0.52 38.38
C GLU H 99 -20.62 0.39 38.73
N VAL H 100 -21.65 0.35 37.87
CA VAL H 100 -22.82 1.21 38.01
C VAL H 100 -24.03 0.40 38.38
N ARG H 101 -24.76 0.89 39.37
CA ARG H 101 -25.97 0.24 39.81
C ARG H 101 -27.20 1.10 39.52
N TYR H 102 -28.33 0.43 39.30
CA TYR H 102 -29.61 1.08 39.09
C TYR H 102 -30.65 -0.02 39.24
N SER H 103 -31.91 0.37 39.45
CA SER H 103 -33.00 -0.60 39.38
C SER H 103 -33.69 -0.53 38.03
N PRO H 104 -33.62 -1.61 37.27
CA PRO H 104 -34.26 -1.70 35.96
C PRO H 104 -35.77 -1.52 36.02
N HIS H 105 -36.39 -1.91 37.13
CA HIS H 105 -37.83 -1.74 37.27
C HIS H 105 -38.22 -0.26 37.45
N LEU H 106 -37.36 0.46 38.16
CA LEU H 106 -37.59 1.86 38.41
C LEU H 106 -37.55 2.72 37.13
N LEU H 107 -37.07 2.15 36.03
CA LEU H 107 -37.01 2.90 34.77
C LEU H 107 -37.98 2.38 33.73
N ALA H 108 -38.61 1.23 34.00
CA ALA H 108 -39.60 0.65 33.09
C ALA H 108 -40.97 1.27 33.33
N ASN H 109 -41.89 1.13 32.39
CA ASN H 109 -43.25 1.65 32.55
C ASN H 109 -44.27 0.61 32.14
N SER H 110 -43.78 -0.51 31.62
CA SER H 110 -44.58 -1.67 31.16
C SER H 110 -44.08 -2.98 31.77
N LYS H 111 -45.01 -3.80 32.28
CA LYS H 111 -44.71 -5.01 33.08
C LYS H 111 -44.02 -4.75 34.43
N VAL H 112 -44.57 -3.84 35.22
CA VAL H 112 -43.98 -3.56 36.52
C VAL H 112 -45.03 -3.69 37.62
N GLU H 113 -44.79 -4.57 38.58
CA GLU H 113 -45.80 -4.95 39.56
C GLU H 113 -46.62 -3.76 40.11
N PRO H 114 -46.00 -2.81 40.83
CA PRO H 114 -46.47 -1.42 40.81
C PRO H 114 -45.62 -0.53 39.88
N ILE H 115 -46.21 -0.08 38.77
CA ILE H 115 -45.59 0.83 37.80
C ILE H 115 -45.17 2.19 38.39
N PRO H 116 -43.88 2.47 38.40
CA PRO H 116 -43.29 3.52 39.25
C PRO H 116 -43.44 4.96 38.75
N TRP H 117 -43.35 5.89 39.69
CA TRP H 117 -43.37 7.34 39.40
C TRP H 117 -44.71 7.92 38.94
N ASN H 118 -45.78 7.17 39.18
CA ASN H 118 -47.15 7.59 38.82
C ASN H 118 -47.42 7.46 37.32
N GLN H 119 -46.47 6.91 36.59
CA GLN H 119 -46.56 7.02 35.14
C GLN H 119 -47.57 6.01 34.59
N ALA H 120 -48.15 6.35 33.44
CA ALA H 120 -49.12 5.49 32.79
C ALA H 120 -48.42 4.25 32.22
N GLU H 121 -49.20 3.20 31.97
CA GLU H 121 -48.75 2.11 31.10
C GLU H 121 -48.41 2.77 29.77
N GLY H 122 -47.36 2.33 29.08
CA GLY H 122 -46.56 1.17 29.42
C GLY H 122 -46.06 0.48 28.17
N ASP H 123 -44.87 0.84 27.72
CA ASP H 123 -44.29 0.23 26.54
C ASP H 123 -42.96 -0.46 26.82
N LEU H 124 -42.20 0.17 27.71
CA LEU H 124 -40.83 -0.22 28.04
C LEU H 124 -40.84 -1.25 29.16
N THR H 125 -40.47 -2.48 28.81
CA THR H 125 -40.30 -3.56 29.75
C THR H 125 -38.94 -3.46 30.49
N PRO H 126 -38.81 -3.97 31.71
CA PRO H 126 -37.51 -3.92 32.43
C PRO H 126 -36.41 -4.66 31.68
N ASP H 127 -36.80 -5.61 30.84
CA ASP H 127 -35.86 -6.31 29.94
C ASP H 127 -35.17 -5.40 28.92
N GLU H 128 -35.94 -4.65 28.15
CA GLU H 128 -35.35 -3.68 27.23
C GLU H 128 -34.58 -2.61 28.00
N VAL H 129 -35.09 -2.22 29.17
CA VAL H 129 -34.43 -1.23 30.03
C VAL H 129 -32.97 -1.59 30.30
N VAL H 130 -32.72 -2.84 30.67
CA VAL H 130 -31.34 -3.26 30.91
C VAL H 130 -30.57 -3.30 29.59
N SER H 131 -31.14 -3.99 28.62
CA SER H 131 -30.59 -4.14 27.28
C SER H 131 -30.22 -2.79 26.67
N LEU H 132 -31.02 -1.78 26.99
CA LEU H 132 -30.72 -0.40 26.61
C LEU H 132 -29.52 0.15 27.40
N VAL H 133 -29.57 0.07 28.73
CA VAL H 133 -28.49 0.56 29.58
C VAL H 133 -27.18 -0.16 29.26
N ASN H 134 -27.32 -1.37 28.73
CA ASN H 134 -26.18 -2.19 28.31
C ASN H 134 -25.51 -1.58 27.11
N GLN H 135 -26.34 -1.22 26.14
CA GLN H 135 -25.86 -0.58 24.94
C GLN H 135 -25.26 0.76 25.26
N GLY H 136 -25.83 1.42 26.27
CA GLY H 136 -25.42 2.74 26.72
C GLY H 136 -24.05 2.70 27.34
N LEU H 137 -23.84 1.73 28.22
CA LEU H 137 -22.53 1.55 28.84
C LEU H 137 -21.49 0.99 27.88
N GLN H 138 -21.91 0.05 27.03
CA GLN H 138 -21.00 -0.56 26.05
C GLN H 138 -20.44 0.47 25.09
N GLU H 139 -21.30 1.31 24.55
CA GLU H 139 -20.84 2.47 23.76
C GLU H 139 -19.93 3.41 24.52
N GLY H 140 -20.35 3.79 25.73
CA GLY H 140 -19.58 4.73 26.56
C GLY H 140 -18.17 4.26 26.86
N GLU H 141 -18.07 3.03 27.34
CA GLU H 141 -16.77 2.40 27.61
C GLU H 141 -15.85 2.63 26.45
N ARG H 142 -16.26 2.08 25.29
CA ARG H 142 -15.49 2.18 24.05
C ARG H 142 -15.07 3.59 23.73
N ASP H 143 -16.02 4.51 23.63
CA ASP H 143 -15.70 5.90 23.32
C ASP H 143 -14.81 6.61 24.35
N PHE H 144 -15.26 6.69 25.60
CA PHE H 144 -14.58 7.54 26.60
C PHE H 144 -13.40 6.87 27.30
N GLY H 145 -13.18 5.60 26.99
CA GLY H 145 -12.01 4.88 27.45
C GLY H 145 -11.96 4.62 28.94
N VAL H 146 -13.09 4.19 29.50
CA VAL H 146 -13.10 3.64 30.85
C VAL H 146 -13.93 2.37 30.81
N LYS H 147 -13.37 1.29 31.36
CA LYS H 147 -14.05 0.00 31.42
C LYS H 147 -15.22 0.10 32.39
N VAL H 148 -16.38 -0.39 31.95
CA VAL H 148 -17.61 -0.20 32.71
C VAL H 148 -18.46 -1.46 32.80
N ARG H 149 -18.81 -1.82 34.03
CA ARG H 149 -19.72 -2.95 34.27
C ARG H 149 -20.89 -2.47 35.10
N SER H 150 -21.98 -3.23 35.10
CA SER H 150 -23.18 -2.76 35.78
C SER H 150 -23.68 -3.73 36.84
N ILE H 151 -24.37 -3.16 37.84
CA ILE H 151 -24.98 -3.94 38.91
C ILE H 151 -26.48 -3.66 38.92
N LEU H 152 -27.29 -4.72 38.87
CA LEU H 152 -28.75 -4.56 38.89
C LEU H 152 -29.30 -4.63 40.30
N CYS H 153 -30.01 -3.59 40.71
CA CYS H 153 -30.54 -3.52 42.07
C CYS H 153 -31.89 -4.20 42.30
N CYS H 154 -31.96 -4.95 43.40
CA CYS H 154 -33.23 -5.33 43.99
C CYS H 154 -33.62 -4.17 44.87
N MET H 155 -34.92 -4.02 45.13
CA MET H 155 -35.39 -2.91 45.93
C MET H 155 -36.00 -3.44 47.22
N ARG H 156 -35.55 -2.88 48.35
CA ARG H 156 -35.91 -3.44 49.68
C ARG H 156 -37.40 -3.68 49.89
N HIS H 157 -38.23 -2.70 49.53
CA HIS H 157 -39.68 -2.82 49.71
C HIS H 157 -40.42 -3.63 48.62
N GLN H 158 -39.68 -4.35 47.78
CA GLN H 158 -40.29 -5.03 46.64
C GLN H 158 -39.70 -6.40 46.30
N PRO H 159 -39.83 -7.36 47.21
CA PRO H 159 -39.23 -8.69 47.02
C PRO H 159 -39.79 -9.38 45.78
N SER H 160 -41.00 -8.99 45.38
CA SER H 160 -41.64 -9.53 44.18
C SER H 160 -40.75 -9.42 42.96
N TRP H 161 -40.12 -8.25 42.81
CA TRP H 161 -39.25 -7.97 41.66
C TRP H 161 -37.94 -8.76 41.68
N SER H 162 -37.32 -8.82 42.86
CA SER H 162 -35.98 -9.39 43.06
C SER H 162 -35.70 -10.73 42.38
N SER H 163 -36.76 -11.47 42.05
CA SER H 163 -36.63 -12.70 41.27
C SER H 163 -36.19 -12.40 39.83
N GLU H 164 -36.88 -11.44 39.20
CA GLU H 164 -36.54 -11.01 37.85
C GLU H 164 -35.15 -10.40 37.80
N VAL H 165 -34.82 -9.60 38.81
CA VAL H 165 -33.52 -8.92 38.87
C VAL H 165 -32.39 -9.92 38.72
N VAL H 166 -32.40 -10.97 39.54
CA VAL H 166 -31.37 -11.97 39.42
C VAL H 166 -31.37 -12.64 38.04
N GLU H 167 -32.55 -12.83 37.47
CA GLU H 167 -32.68 -13.53 36.19
C GLU H 167 -32.11 -12.72 35.04
N LEU H 168 -32.31 -11.41 35.13
CA LEU H 168 -31.73 -10.47 34.20
C LEU H 168 -30.22 -10.49 34.38
N CYS H 169 -29.78 -10.41 35.64
CA CYS H 169 -28.36 -10.50 35.94
C CYS H 169 -27.70 -11.69 35.24
N LYS H 170 -28.46 -12.78 35.13
CA LYS H 170 -27.97 -14.02 34.54
C LYS H 170 -27.82 -13.93 33.03
N LYS H 171 -28.88 -13.54 32.33
CA LYS H 171 -28.85 -13.51 30.86
C LYS H 171 -27.96 -12.41 30.29
N TYR H 172 -27.87 -11.29 30.99
CA TYR H 172 -27.01 -10.19 30.54
C TYR H 172 -25.63 -10.19 31.19
N ARG H 173 -25.13 -11.38 31.53
CA ARG H 173 -23.82 -11.50 32.14
C ARG H 173 -22.76 -11.25 31.09
N GLU H 174 -23.09 -11.56 29.83
CA GLU H 174 -22.26 -11.22 28.68
C GLU H 174 -22.23 -9.71 28.46
N GLN H 175 -23.40 -9.09 28.53
CA GLN H 175 -23.55 -7.68 28.25
C GLN H 175 -23.43 -6.82 29.52
N THR H 176 -22.30 -6.92 30.21
CA THR H 176 -21.87 -5.94 31.24
C THR H 176 -22.41 -6.04 32.65
N VAL H 177 -23.42 -6.87 32.90
CA VAL H 177 -23.89 -6.97 34.27
C VAL H 177 -23.14 -8.07 35.02
N VAL H 178 -22.63 -7.71 36.19
CA VAL H 178 -21.68 -8.55 36.89
C VAL H 178 -22.13 -8.91 38.29
N ALA H 179 -23.10 -8.16 38.83
CA ALA H 179 -23.53 -8.36 40.20
C ALA H 179 -24.96 -7.94 40.47
N ILE H 180 -25.48 -8.42 41.60
CA ILE H 180 -26.79 -8.02 42.11
C ILE H 180 -26.64 -7.25 43.43
N ASP H 181 -27.41 -6.17 43.55
CA ASP H 181 -27.43 -5.32 44.74
C ASP H 181 -28.83 -5.38 45.35
N LEU H 182 -29.00 -4.63 46.44
CA LEU H 182 -30.24 -4.57 47.16
C LEU H 182 -30.20 -3.24 47.87
N ALA H 183 -30.89 -2.25 47.31
CA ALA H 183 -30.93 -0.92 47.93
C ALA H 183 -32.36 -0.56 48.33
N GLY H 184 -32.55 0.70 48.73
CA GLY H 184 -33.89 1.17 49.03
C GLY H 184 -34.08 1.63 50.46
N ASP H 185 -34.21 0.68 51.37
CA ASP H 185 -34.48 1.02 52.76
C ASP H 185 -34.14 -0.08 53.74
N GLU H 186 -33.03 0.08 54.45
CA GLU H 186 -32.62 -0.85 55.49
C GLU H 186 -33.67 -0.98 56.60
N THR H 187 -34.12 0.16 57.11
CA THR H 187 -34.97 0.21 58.30
C THR H 187 -36.40 -0.34 58.15
N ILE H 188 -36.72 -0.90 56.99
CA ILE H 188 -37.96 -1.66 56.87
C ILE H 188 -37.77 -2.98 57.64
N GLU H 189 -38.72 -3.29 58.51
CA GLU H 189 -38.60 -4.41 59.44
C GLU H 189 -38.35 -5.76 58.76
N GLY H 190 -37.21 -6.37 59.07
CA GLY H 190 -36.88 -7.73 58.63
C GLY H 190 -36.88 -7.91 57.13
N SER H 191 -36.55 -6.84 56.41
CA SER H 191 -36.49 -6.84 54.95
C SER H 191 -35.59 -7.94 54.45
N SER H 192 -34.38 -8.00 55.03
CA SER H 192 -33.34 -8.90 54.58
C SER H 192 -33.75 -10.36 54.57
N LEU H 193 -34.89 -10.68 55.17
CA LEU H 193 -35.37 -12.06 55.28
C LEU H 193 -36.53 -12.38 54.34
N PHE H 194 -37.09 -11.37 53.67
CA PHE H 194 -38.19 -11.57 52.74
C PHE H 194 -37.84 -12.65 51.73
N PRO H 195 -38.73 -13.64 51.59
CA PRO H 195 -38.42 -14.87 50.83
C PRO H 195 -37.97 -14.62 49.38
N GLY H 196 -38.67 -13.73 48.68
CA GLY H 196 -38.32 -13.36 47.31
C GLY H 196 -36.90 -12.84 47.15
N HIS H 197 -36.47 -12.00 48.09
CA HIS H 197 -35.10 -11.45 48.14
C HIS H 197 -34.04 -12.53 48.36
N VAL H 198 -34.18 -13.27 49.46
CA VAL H 198 -33.16 -14.25 49.84
C VAL H 198 -33.01 -15.37 48.81
N GLN H 199 -34.13 -15.74 48.16
CA GLN H 199 -34.13 -16.80 47.15
C GLN H 199 -33.40 -16.38 45.88
N ALA H 200 -33.47 -15.08 45.61
CA ALA H 200 -32.73 -14.46 44.51
C ALA H 200 -31.24 -14.54 44.79
N TYR H 201 -30.81 -14.02 45.93
CA TYR H 201 -29.42 -14.14 46.36
C TYR H 201 -28.92 -15.57 46.46
N ALA H 202 -29.82 -16.50 46.79
CA ALA H 202 -29.51 -17.92 46.76
C ALA H 202 -29.17 -18.38 45.33
N GLU H 203 -29.98 -17.92 44.38
CA GLU H 203 -29.77 -18.18 42.97
C GLU H 203 -28.53 -17.48 42.43
N ALA H 204 -28.22 -16.32 43.00
CA ALA H 204 -26.99 -15.59 42.67
C ALA H 204 -25.76 -16.43 43.01
N VAL H 205 -25.66 -16.84 44.28
CA VAL H 205 -24.65 -17.79 44.72
C VAL H 205 -24.63 -19.02 43.79
N LYS H 206 -25.81 -19.60 43.56
CA LYS H 206 -25.96 -20.77 42.69
C LYS H 206 -25.44 -20.53 41.26
N SER H 207 -25.72 -19.35 40.71
CA SER H 207 -25.40 -19.09 39.30
C SER H 207 -24.09 -18.38 39.04
N GLY H 208 -23.44 -17.90 40.10
CA GLY H 208 -22.13 -17.24 39.98
C GLY H 208 -22.21 -15.74 39.88
N VAL H 209 -23.42 -15.19 40.07
CA VAL H 209 -23.62 -13.74 40.07
C VAL H 209 -23.13 -13.12 41.37
N HIS H 210 -22.12 -12.27 41.28
CA HIS H 210 -21.55 -11.59 42.44
C HIS H 210 -22.57 -10.81 43.25
N ARG H 211 -22.23 -10.45 44.48
CA ARG H 211 -23.24 -9.95 45.42
C ARG H 211 -22.75 -8.79 46.28
N THR H 212 -23.48 -7.68 46.23
CA THR H 212 -23.24 -6.58 47.16
C THR H 212 -24.59 -6.20 47.76
N VAL H 213 -24.57 -5.62 48.96
CA VAL H 213 -25.80 -5.19 49.62
C VAL H 213 -25.59 -3.84 50.29
N HIS H 214 -26.54 -2.92 50.08
CA HIS H 214 -26.67 -1.71 50.88
C HIS H 214 -27.05 -2.14 52.30
N ALA H 215 -26.19 -1.86 53.27
CA ALA H 215 -26.43 -2.25 54.67
C ALA H 215 -25.48 -1.54 55.61
N GLY H 216 -25.97 -1.15 56.78
CA GLY H 216 -25.12 -0.52 57.77
C GLY H 216 -24.87 0.95 57.50
N GLU H 217 -25.64 1.55 56.60
CA GLU H 217 -25.57 2.99 56.31
C GLU H 217 -26.34 3.79 57.39
N VAL H 218 -27.65 3.59 57.44
CA VAL H 218 -28.46 4.02 58.56
C VAL H 218 -29.31 2.80 58.93
N GLY H 219 -28.81 2.04 59.90
CA GLY H 219 -29.37 0.75 60.28
C GLY H 219 -28.40 0.02 61.19
N SER H 220 -28.92 -0.87 62.03
CA SER H 220 -28.11 -1.54 63.05
C SER H 220 -27.05 -2.45 62.41
N ALA H 221 -25.98 -2.70 63.16
CA ALA H 221 -24.93 -3.63 62.75
C ALA H 221 -25.53 -4.96 62.34
N ASN H 222 -26.74 -5.23 62.82
CA ASN H 222 -27.42 -6.49 62.54
C ASN H 222 -27.89 -6.62 61.09
N VAL H 223 -28.25 -5.49 60.48
CA VAL H 223 -28.61 -5.47 59.06
C VAL H 223 -27.45 -6.03 58.24
N VAL H 224 -26.23 -5.62 58.62
CA VAL H 224 -24.99 -6.12 58.05
C VAL H 224 -24.86 -7.63 58.24
N LYS H 225 -25.14 -8.09 59.46
CA LYS H 225 -25.09 -9.51 59.83
C LYS H 225 -25.99 -10.32 58.90
N GLU H 226 -27.21 -9.84 58.70
CA GLU H 226 -28.19 -10.50 57.86
C GLU H 226 -27.70 -10.61 56.42
N ALA H 227 -27.18 -9.50 55.91
CA ALA H 227 -26.62 -9.43 54.57
C ALA H 227 -25.49 -10.44 54.31
N VAL H 228 -24.57 -10.57 55.26
CA VAL H 228 -23.44 -11.49 55.12
C VAL H 228 -23.89 -12.94 55.29
N ASP H 229 -24.80 -13.18 56.24
CA ASP H 229 -25.11 -14.54 56.69
C ASP H 229 -26.11 -15.28 55.81
N THR H 230 -27.32 -14.74 55.69
CA THR H 230 -28.33 -15.39 54.86
C THR H 230 -28.26 -14.93 53.41
N LEU H 231 -27.97 -13.65 53.21
CA LEU H 231 -27.85 -13.10 51.86
C LEU H 231 -26.55 -13.45 51.16
N LYS H 232 -25.51 -13.72 51.96
CA LYS H 232 -24.19 -14.13 51.46
C LYS H 232 -23.56 -13.06 50.56
N THR H 233 -23.56 -11.82 51.01
CA THR H 233 -22.97 -10.73 50.25
C THR H 233 -21.44 -10.80 50.27
N GLU H 234 -20.85 -10.55 49.12
CA GLU H 234 -19.39 -10.54 48.96
C GLU H 234 -18.83 -9.17 49.27
N ARG H 235 -19.71 -8.17 49.32
CA ARG H 235 -19.28 -6.79 49.44
C ARG H 235 -20.36 -6.03 50.18
N LEU H 236 -20.01 -4.90 50.78
CA LEU H 236 -20.99 -4.16 51.57
C LEU H 236 -21.15 -2.71 51.15
N GLY H 237 -22.38 -2.35 50.82
CA GLY H 237 -22.72 -0.98 50.48
C GLY H 237 -22.76 -0.12 51.73
N HIS H 238 -21.98 0.96 51.70
CA HIS H 238 -21.82 1.88 52.81
C HIS H 238 -21.15 1.14 53.96
N GLY H 239 -21.93 0.43 54.77
CA GLY H 239 -21.41 -0.41 55.87
C GLY H 239 -20.82 0.22 57.13
N TYR H 240 -21.38 1.35 57.57
CA TYR H 240 -20.76 2.19 58.61
C TYR H 240 -21.08 1.77 60.08
N HIS H 241 -22.36 1.53 60.38
CA HIS H 241 -22.79 1.06 61.70
C HIS H 241 -22.56 -0.44 61.89
N THR H 242 -21.49 -0.96 61.29
CA THR H 242 -21.03 -2.31 61.58
C THR H 242 -19.97 -2.21 62.68
N LEU H 243 -19.59 -0.99 63.03
CA LEU H 243 -18.65 -0.71 64.11
C LEU H 243 -19.36 -0.70 65.47
N GLU H 244 -20.59 -1.22 65.50
CA GLU H 244 -21.35 -1.31 66.75
C GLU H 244 -21.36 -2.74 67.26
N ASP H 245 -20.64 -3.60 66.55
CA ASP H 245 -20.51 -5.01 66.92
C ASP H 245 -19.07 -5.47 66.63
N THR H 246 -18.19 -5.30 67.61
CA THR H 246 -16.76 -5.54 67.42
C THR H 246 -16.42 -7.01 67.08
N THR H 247 -17.32 -7.93 67.45
CA THR H 247 -17.12 -9.34 67.10
C THR H 247 -17.25 -9.53 65.59
N LEU H 248 -18.41 -9.13 65.06
CA LEU H 248 -18.73 -9.23 63.64
C LEU H 248 -17.77 -8.39 62.80
N TYR H 249 -17.53 -7.16 63.25
CA TYR H 249 -16.61 -6.26 62.58
C TYR H 249 -15.20 -6.85 62.42
N ASN H 250 -14.68 -7.44 63.50
CA ASN H 250 -13.35 -8.02 63.45
C ASN H 250 -13.26 -9.34 62.69
N ARG H 251 -14.37 -10.07 62.63
CA ARG H 251 -14.43 -11.32 61.85
C ARG H 251 -14.64 -11.00 60.39
N LEU H 252 -15.17 -9.80 60.12
CA LEU H 252 -15.31 -9.32 58.76
C LEU H 252 -13.97 -8.88 58.17
N ARG H 253 -13.17 -8.15 58.95
CA ARG H 253 -11.80 -7.82 58.53
C ARG H 253 -10.99 -9.09 58.30
N GLN H 254 -11.17 -10.05 59.21
CA GLN H 254 -10.57 -11.38 59.08
C GLN H 254 -10.92 -12.01 57.75
N GLU H 255 -12.21 -12.11 57.43
CA GLU H 255 -12.64 -12.77 56.20
C GLU H 255 -12.50 -11.87 54.97
N ASN H 256 -11.82 -10.75 55.15
CA ASN H 256 -11.53 -9.74 54.12
C ASN H 256 -12.75 -9.17 53.37
N MET H 257 -13.70 -8.62 54.11
CA MET H 257 -14.90 -8.02 53.53
C MET H 257 -14.57 -6.64 52.96
N HIS H 258 -15.18 -6.31 51.83
CA HIS H 258 -15.02 -5.00 51.22
C HIS H 258 -16.14 -4.01 51.57
N PHE H 259 -15.73 -2.79 51.92
CA PHE H 259 -16.66 -1.73 52.33
C PHE H 259 -16.68 -0.61 51.31
N GLU H 260 -17.76 -0.55 50.53
CA GLU H 260 -17.97 0.52 49.58
C GLU H 260 -18.36 1.78 50.34
N ILE H 261 -17.43 2.72 50.48
CA ILE H 261 -17.69 3.92 51.28
C ILE H 261 -18.08 5.14 50.46
N CYS H 262 -19.09 5.86 50.92
CA CYS H 262 -19.50 7.09 50.26
C CYS H 262 -19.45 8.27 51.23
N PRO H 263 -18.27 8.84 51.43
CA PRO H 263 -18.04 9.90 52.40
C PRO H 263 -19.01 11.08 52.29
N TRP H 264 -18.96 11.78 51.15
CA TRP H 264 -19.80 12.97 50.95
C TRP H 264 -21.27 12.59 51.00
N SER H 265 -21.57 11.36 50.58
CA SER H 265 -22.92 10.83 50.67
C SER H 265 -23.40 10.79 52.12
N SER H 266 -22.63 10.12 52.97
CA SER H 266 -22.92 9.98 54.40
C SER H 266 -23.27 11.31 55.07
N TYR H 267 -22.42 12.32 54.86
CA TYR H 267 -22.66 13.62 55.45
C TYR H 267 -24.06 14.10 55.03
N LEU H 268 -24.33 14.04 53.72
CA LEU H 268 -25.60 14.55 53.20
C LEU H 268 -26.84 13.70 53.48
N THR H 269 -26.70 12.37 53.53
CA THR H 269 -27.85 11.52 53.88
C THR H 269 -28.13 11.62 55.37
N GLY H 270 -27.13 12.08 56.12
CA GLY H 270 -27.23 12.18 57.56
C GLY H 270 -26.93 10.86 58.23
N ALA H 271 -26.40 9.91 57.47
CA ALA H 271 -26.06 8.59 58.00
C ALA H 271 -24.78 8.65 58.83
N TRP H 272 -24.12 9.79 58.79
CA TRP H 272 -22.97 10.07 59.65
C TRP H 272 -23.25 11.37 60.38
N LYS H 273 -23.42 11.28 61.70
CA LYS H 273 -23.59 12.49 62.49
C LYS H 273 -22.21 13.14 62.63
N PRO H 274 -22.08 14.39 62.19
CA PRO H 274 -20.77 15.07 62.03
C PRO H 274 -19.95 15.27 63.32
N ASP H 275 -20.53 14.96 64.47
CA ASP H 275 -19.85 15.10 65.75
C ASP H 275 -18.83 13.98 65.91
N THR H 276 -19.17 12.81 65.38
CA THR H 276 -18.28 11.65 65.40
C THR H 276 -17.13 11.81 64.39
N GLU H 277 -16.04 11.09 64.66
CA GLU H 277 -15.08 10.76 63.62
C GLU H 277 -15.85 9.98 62.58
N HIS H 278 -15.54 10.23 61.31
CA HIS H 278 -16.20 9.48 60.24
C HIS H 278 -15.86 8.00 60.33
N ALA H 279 -16.85 7.15 60.08
CA ALA H 279 -16.66 5.71 60.12
C ALA H 279 -15.39 5.29 59.37
N VAL H 280 -14.98 6.10 58.38
CA VAL H 280 -13.83 5.79 57.53
C VAL H 280 -12.46 5.89 58.21
N ILE H 281 -12.28 6.87 59.11
CA ILE H 281 -10.97 7.09 59.75
C ILE H 281 -10.46 5.88 60.52
N ARG H 282 -11.31 5.26 61.34
CA ARG H 282 -10.97 3.97 61.93
C ARG H 282 -11.52 2.86 61.03
N PHE H 283 -11.09 2.92 59.77
CA PHE H 283 -11.23 1.90 58.75
C PHE H 283 -9.84 1.93 58.14
N LYS H 284 -9.41 3.16 57.86
CA LYS H 284 -8.06 3.50 57.38
C LYS H 284 -7.04 2.99 58.39
N ASN H 285 -7.23 3.36 59.64
CA ASN H 285 -6.33 2.99 60.73
C ASN H 285 -6.31 1.50 61.03
N ASP H 286 -7.46 0.86 60.86
CA ASP H 286 -7.58 -0.59 61.02
C ASP H 286 -7.11 -1.38 59.79
N GLN H 287 -6.62 -0.68 58.77
CA GLN H 287 -6.14 -1.29 57.51
C GLN H 287 -7.19 -2.14 56.81
N VAL H 288 -8.45 -1.71 56.85
CA VAL H 288 -9.53 -2.53 56.32
C VAL H 288 -9.65 -2.42 54.80
N ASN H 289 -10.34 -3.38 54.20
CA ASN H 289 -10.56 -3.43 52.75
C ASN H 289 -11.74 -2.55 52.33
N TYR H 290 -11.45 -1.39 51.77
CA TYR H 290 -12.51 -0.43 51.45
C TYR H 290 -12.21 0.42 50.23
N SER H 291 -13.26 1.04 49.69
CA SER H 291 -13.14 1.90 48.51
C SER H 291 -13.90 3.22 48.66
N LEU H 292 -13.43 4.23 47.93
CA LEU H 292 -14.08 5.53 47.92
C LEU H 292 -14.98 5.73 46.71
N ASN H 293 -16.25 5.99 46.98
CA ASN H 293 -17.27 6.11 45.95
C ASN H 293 -18.05 7.39 46.10
N THR H 294 -19.00 7.59 45.20
CA THR H 294 -19.69 8.86 45.14
C THR H 294 -21.19 8.76 45.44
N ASP H 295 -21.75 7.56 45.22
CA ASP H 295 -23.18 7.22 45.42
C ASP H 295 -24.19 7.82 44.43
N ASP H 296 -24.62 9.06 44.68
CA ASP H 296 -25.54 9.80 43.79
C ASP H 296 -25.04 11.22 43.53
N PRO H 297 -24.06 11.35 42.62
CA PRO H 297 -23.32 12.61 42.47
C PRO H 297 -24.18 13.78 41.98
N LEU H 298 -25.30 13.47 41.34
CA LEU H 298 -26.23 14.50 40.87
C LEU H 298 -26.88 15.23 42.05
N ILE H 299 -27.37 14.45 43.01
CA ILE H 299 -28.10 15.00 44.14
C ILE H 299 -27.13 15.59 45.15
N PHE H 300 -25.90 15.09 45.14
CA PHE H 300 -24.90 15.58 46.07
C PHE H 300 -24.10 16.74 45.49
N LYS H 301 -24.46 17.16 44.28
CA LYS H 301 -23.75 18.21 43.55
C LYS H 301 -22.25 17.93 43.57
N SER H 302 -21.89 16.67 43.35
CA SER H 302 -20.51 16.25 43.56
C SER H 302 -19.90 15.55 42.35
N THR H 303 -18.57 15.64 42.28
CA THR H 303 -17.76 14.84 41.39
C THR H 303 -17.08 13.83 42.31
N LEU H 304 -16.35 12.86 41.77
CA LEU H 304 -15.63 11.92 42.61
C LEU H 304 -14.48 12.63 43.32
N ASP H 305 -14.08 13.78 42.79
CA ASP H 305 -13.07 14.58 43.46
C ASP H 305 -13.58 15.15 44.80
N THR H 306 -14.88 15.39 44.89
CA THR H 306 -15.45 15.90 46.13
C THR H 306 -15.18 14.91 47.25
N ASP H 307 -15.34 13.61 46.98
CA ASP H 307 -15.14 12.60 48.00
C ASP H 307 -13.67 12.39 48.38
N TYR H 308 -12.75 12.80 47.50
CA TYR H 308 -11.32 12.69 47.78
C TYR H 308 -10.82 13.97 48.45
N GLN H 309 -11.38 15.10 48.03
CA GLN H 309 -11.19 16.39 48.72
C GLN H 309 -11.55 16.29 50.21
N MET H 310 -12.69 15.67 50.47
CA MET H 310 -13.22 15.52 51.82
C MET H 310 -12.27 14.74 52.72
N THR H 311 -11.86 13.56 52.26
CA THR H 311 -11.01 12.69 53.07
C THR H 311 -9.59 13.19 53.22
N LYS H 312 -9.08 13.92 52.21
CA LYS H 312 -7.74 14.46 52.33
C LYS H 312 -7.70 15.59 53.36
N LYS H 313 -8.61 16.55 53.21
CA LYS H 313 -8.73 17.68 54.13
C LYS H 313 -9.26 17.24 55.49
N ASP H 314 -10.57 17.05 55.56
CA ASP H 314 -11.25 16.70 56.82
C ASP H 314 -10.53 15.65 57.66
N MET H 315 -9.94 14.63 57.04
CA MET H 315 -9.34 13.55 57.82
C MET H 315 -7.95 13.07 57.43
N GLY H 316 -7.12 14.00 56.95
CA GLY H 316 -5.70 13.75 56.68
C GLY H 316 -5.37 12.46 55.94
N PHE H 317 -6.03 12.23 54.82
CA PHE H 317 -5.73 11.07 53.99
C PHE H 317 -4.54 11.39 53.09
N THR H 318 -3.55 10.51 53.10
CA THR H 318 -2.38 10.70 52.26
C THR H 318 -2.54 9.96 50.94
N GLU H 319 -1.73 10.34 49.96
CA GLU H 319 -1.65 9.64 48.68
C GLU H 319 -1.30 8.15 48.81
N GLU H 320 -0.55 7.78 49.85
CA GLU H 320 -0.15 6.39 50.05
C GLU H 320 -1.39 5.58 50.40
N GLU H 321 -2.28 6.20 51.16
CA GLU H 321 -3.56 5.57 51.50
C GLU H 321 -4.47 5.49 50.27
N PHE H 322 -4.64 6.62 49.58
CA PHE H 322 -5.43 6.68 48.37
C PHE H 322 -5.03 5.59 47.37
N LYS H 323 -3.73 5.38 47.21
CA LYS H 323 -3.24 4.35 46.30
C LYS H 323 -3.69 2.95 46.70
N ARG H 324 -3.54 2.61 47.98
CA ARG H 324 -3.82 1.25 48.43
C ARG H 324 -5.31 0.91 48.49
N LEU H 325 -6.17 1.89 48.75
CA LEU H 325 -7.60 1.59 48.78
C LEU H 325 -8.13 1.37 47.37
N ASN H 326 -7.53 2.03 46.40
CA ASN H 326 -7.87 1.81 45.02
C ASN H 326 -7.37 0.46 44.53
N ILE H 327 -6.23 0.01 45.06
CA ILE H 327 -5.73 -1.34 44.78
C ILE H 327 -6.75 -2.32 45.33
N ASN H 328 -7.22 -2.02 46.54
CA ASN H 328 -8.23 -2.83 47.20
C ASN H 328 -9.51 -2.94 46.39
N ALA H 329 -10.02 -1.78 45.96
CA ALA H 329 -11.25 -1.69 45.19
C ALA H 329 -11.15 -2.57 43.94
N ALA H 330 -10.01 -2.48 43.29
CA ALA H 330 -9.70 -3.32 42.14
C ALA H 330 -9.68 -4.80 42.49
N LYS H 331 -9.02 -5.16 43.60
CA LYS H 331 -8.98 -6.53 44.08
C LYS H 331 -10.41 -7.05 44.35
N SER H 332 -11.24 -6.22 44.98
CA SER H 332 -12.60 -6.59 45.35
C SER H 332 -13.62 -6.45 44.23
N SER H 333 -13.18 -5.91 43.09
CA SER H 333 -14.08 -5.71 41.97
C SER H 333 -14.62 -7.03 41.43
N PHE H 334 -15.76 -6.95 40.75
CA PHE H 334 -16.46 -8.14 40.26
C PHE H 334 -16.09 -8.52 38.81
N LEU H 335 -14.86 -8.22 38.42
CA LEU H 335 -14.31 -8.67 37.14
C LEU H 335 -13.93 -10.16 37.21
N PRO H 336 -13.85 -10.87 36.07
CA PRO H 336 -13.03 -12.06 36.02
C PRO H 336 -11.59 -11.77 36.41
N GLU H 337 -10.93 -12.77 37.01
CA GLU H 337 -9.53 -12.71 37.44
C GLU H 337 -8.63 -12.15 36.33
N ASP H 338 -8.68 -12.82 35.19
CA ASP H 338 -8.39 -12.25 33.87
C ASP H 338 -8.13 -10.75 33.88
N GLU H 339 -9.21 -9.98 33.81
CA GLU H 339 -9.14 -8.53 33.66
C GLU H 339 -8.83 -7.84 34.98
N LYS H 340 -9.08 -8.53 36.07
CA LYS H 340 -8.74 -8.00 37.39
C LYS H 340 -7.23 -7.85 37.45
N LYS H 341 -6.54 -8.83 36.87
CA LYS H 341 -5.08 -8.82 36.80
C LYS H 341 -4.63 -7.57 36.07
N GLU H 342 -5.21 -7.31 34.90
CA GLU H 342 -4.75 -6.20 34.08
C GLU H 342 -5.21 -4.84 34.55
N LEU H 343 -6.28 -4.81 35.36
CA LEU H 343 -6.72 -3.57 36.01
C LEU H 343 -5.65 -3.20 37.03
N LEU H 344 -5.24 -4.19 37.81
CA LEU H 344 -4.19 -4.01 38.78
C LEU H 344 -2.90 -3.56 38.09
N ASP H 345 -2.54 -4.23 37.01
CA ASP H 345 -1.39 -3.86 36.20
C ASP H 345 -1.38 -2.39 35.80
N LEU H 346 -2.51 -1.92 35.27
CA LEU H 346 -2.69 -0.51 34.93
C LEU H 346 -2.45 0.39 36.15
N LEU H 347 -3.00 -0.03 37.30
CA LEU H 347 -2.89 0.70 38.56
C LEU H 347 -1.46 0.71 39.11
N TYR H 348 -0.85 -0.46 39.25
CA TYR H 348 0.51 -0.58 39.73
C TYR H 348 1.45 0.31 38.92
N LYS H 349 1.31 0.26 37.60
CA LYS H 349 2.16 1.03 36.69
C LYS H 349 2.00 2.52 36.91
N ALA H 350 0.76 2.99 37.05
CA ALA H 350 0.49 4.41 37.23
C ALA H 350 0.80 4.92 38.65
N TYR H 351 1.07 3.98 39.55
CA TYR H 351 1.43 4.30 40.93
C TYR H 351 2.93 4.16 41.17
N ARG H 352 3.66 3.74 40.14
CA ARG H 352 5.12 3.60 40.20
C ARG H 352 5.47 2.57 41.28
N MET H 353 4.88 1.39 41.15
CA MET H 353 5.12 0.27 42.07
C MET H 353 4.98 -1.05 41.30
N PRO H 354 5.78 -2.07 41.64
CA PRO H 354 6.04 -3.17 40.71
C PRO H 354 5.15 -4.42 40.83
N SER H 355 5.01 -5.16 39.73
CA SER H 355 4.44 -6.51 39.75
C SER H 355 4.46 -7.15 38.35
C1 NAG I . -11.71 -34.72 2.29
C2 NAG I . -11.22 -34.09 0.99
C3 NAG I . -11.80 -32.69 0.83
C4 NAG I . -13.28 -32.58 1.20
C5 NAG I . -13.61 -33.35 2.48
C6 NAG I . -15.13 -33.40 2.71
C7 NAG I . -8.95 -34.77 0.34
C8 NAG I . -7.95 -34.08 -0.55
N2 NAG I . -9.77 -33.97 1.01
O3 NAG I . -11.60 -32.29 -0.51
O4 NAG I . -13.68 -31.23 1.36
O5 NAG I . -13.10 -34.67 2.36
O6 NAG I . -15.50 -34.32 3.72
O7 NAG I . -8.94 -35.99 0.44
C1 NAG I . -14.05 -30.78 0.04
C2 NAG I . -15.54 -30.47 -0.17
C3 NAG I . -15.71 -30.96 -1.60
C4 NAG I . -14.63 -30.40 -2.53
C5 NAG I . -13.56 -29.50 -1.89
C6 NAG I . -13.90 -28.02 -2.09
C7 NAG I . -17.27 -30.35 1.56
C8 NAG I . -18.52 -31.03 2.05
N2 NAG I . -16.43 -31.07 0.81
O3 NAG I . -16.95 -30.58 -2.14
O4 NAG I . -14.03 -31.47 -3.23
O5 NAG I . -13.27 -29.75 -0.52
O6 NAG I . -12.70 -27.29 -2.10
O7 NAG I . -17.06 -29.17 1.87
C1 FUC I . -15.98 -33.65 4.91
C2 FUC I . -16.80 -34.60 5.79
C3 FUC I . -16.86 -33.95 7.15
C4 FUC I . -17.47 -32.54 7.10
C5 FUC I . -16.92 -31.71 5.93
C6 FUC I . -17.82 -30.50 5.67
O2 FUC I . -16.25 -35.90 5.87
O3 FUC I . -17.59 -34.82 7.99
O4 FUC I . -18.87 -32.57 7.00
O5 FUC I . -16.76 -32.48 4.75
C1 NAG J . 22.49 -34.38 -19.53
C2 NAG J . 21.93 -33.74 -20.80
C3 NAG J . 21.45 -34.73 -21.88
C4 NAG J . 22.33 -35.97 -22.02
C5 NAG J . 22.59 -36.50 -20.60
C6 NAG J . 23.31 -37.85 -20.54
C7 NAG J . 20.81 -31.61 -20.39
C8 NAG J . 19.70 -30.99 -19.60
N2 NAG J . 20.79 -32.93 -20.43
O3 NAG J . 21.27 -34.03 -23.09
O4 NAG J . 21.60 -37.01 -22.66
O5 NAG J . 23.27 -35.53 -19.84
O6 NAG J . 24.68 -37.68 -20.87
O7 NAG J . 21.68 -30.94 -20.95
C1 NAG J . 21.50 -37.04 -24.10
C2 NAG J . 20.93 -38.40 -24.53
C3 NAG J . 21.01 -38.57 -26.05
C4 NAG J . 20.69 -37.29 -26.83
C5 NAG J . 20.38 -36.02 -25.99
C6 NAG J . 18.96 -35.54 -26.27
C7 NAG J . 20.71 -40.28 -23.01
C8 NAG J . 21.28 -41.58 -22.47
N2 NAG J . 21.49 -39.51 -23.78
O3 NAG J . 20.13 -39.60 -26.49
O4 NAG J . 21.71 -37.00 -27.78
O5 NAG J . 20.57 -36.08 -24.59
O6 NAG J . 18.91 -34.81 -27.47
O7 NAG J . 19.56 -39.96 -22.71
C1 NAG K . 5.91 -9.17 -2.51
C2 NAG K . 4.69 -8.48 -3.13
C3 NAG K . 4.98 -7.15 -3.85
C4 NAG K . 6.11 -6.31 -3.23
C5 NAG K . 7.20 -7.17 -2.62
C6 NAG K . 8.13 -6.33 -1.75
C7 NAG K . 4.14 -9.83 -5.21
C8 NAG K . 4.39 -8.87 -6.35
N2 NAG K . 3.88 -9.36 -3.97
O3 NAG K . 3.79 -6.40 -3.85
O4 NAG K . 6.72 -5.48 -4.20
O5 NAG K . 6.63 -8.17 -1.81
O6 NAG K . 7.36 -5.48 -0.92
O7 NAG K . 4.15 -11.05 -5.47
C1 NAG K . 6.34 -4.09 -4.05
C2 NAG K . 7.33 -3.15 -4.74
C3 NAG K . 6.98 -1.70 -4.45
C4 NAG K . 5.47 -1.39 -4.52
C5 NAG K . 4.51 -2.57 -4.37
C6 NAG K . 3.31 -2.42 -5.30
C7 NAG K . 9.61 -3.70 -5.36
C8 NAG K . 10.19 -2.56 -6.16
N2 NAG K . 8.72 -3.43 -4.41
O3 NAG K . 7.66 -0.84 -5.34
O4 NAG K . 5.16 -0.43 -3.53
O5 NAG K . 5.08 -3.85 -4.63
O6 NAG K . 2.15 -2.94 -4.69
O7 NAG K . 9.97 -4.85 -5.60
C1 NAG L . 38.98 -13.39 -3.89
C2 NAG L . 38.57 -12.24 -4.80
C3 NAG L . 39.76 -11.91 -5.68
C4 NAG L . 41.06 -11.86 -4.89
C5 NAG L . 41.14 -12.68 -3.59
C6 NAG L . 42.05 -12.03 -2.57
C7 NAG L . 36.25 -11.90 -5.34
C8 NAG L . 35.07 -12.25 -6.21
N2 NAG L . 37.40 -12.54 -5.59
O3 NAG L . 39.56 -10.63 -6.22
O4 NAG L . 42.12 -12.23 -5.76
O5 NAG L . 39.90 -12.86 -2.97
O6 NAG L . 43.17 -12.87 -2.48
O7 NAG L . 36.12 -11.09 -4.42
C1 NAG L . 42.89 -11.03 -5.93
C2 NAG L . 44.38 -11.30 -6.13
C3 NAG L . 45.12 -10.11 -6.72
C4 NAG L . 44.26 -9.28 -7.66
C5 NAG L . 42.97 -8.98 -6.91
C6 NAG L . 42.02 -8.02 -7.62
C7 NAG L . 45.83 -12.55 -4.59
C8 NAG L . 47.25 -12.13 -4.28
N2 NAG L . 44.95 -11.58 -4.81
O3 NAG L . 46.21 -10.58 -7.47
O4 NAG L . 44.99 -8.15 -8.07
O5 NAG L . 42.33 -10.21 -6.92
O6 NAG L . 42.00 -8.33 -8.98
O7 NAG L . 45.51 -13.74 -4.63
C1 BMA L . 45.00 -8.05 -9.53
C2 BMA L . 45.06 -6.56 -9.87
C3 BMA L . 45.09 -6.43 -11.38
C4 BMA L . 46.40 -7.10 -11.83
C5 BMA L . 46.19 -8.60 -11.59
C6 BMA L . 47.23 -9.52 -12.25
O2 BMA L . 46.24 -6.04 -9.29
O3 BMA L . 44.74 -5.16 -11.93
O4 BMA L . 46.75 -6.82 -13.16
O5 BMA L . 46.03 -8.81 -10.19
O6 BMA L . 48.30 -9.91 -11.41
C1 MAN L . 45.46 -3.98 -11.51
C2 MAN L . 44.53 -2.77 -11.64
C3 MAN L . 45.23 -1.42 -11.73
C4 MAN L . 46.59 -1.49 -12.45
C5 MAN L . 47.41 -2.70 -12.00
C6 MAN L . 47.87 -2.69 -10.53
O2 MAN L . 43.67 -2.73 -10.53
O3 MAN L . 45.35 -0.83 -10.45
O4 MAN L . 46.40 -1.61 -13.85
O5 MAN L . 46.62 -3.83 -12.30
O6 MAN L . 48.65 -1.56 -10.20
C1 NAG M . 104.56 -54.41 4.56
C2 NAG M . 104.58 -53.00 3.98
C3 NAG M . 105.43 -52.94 2.71
C4 NAG M . 106.84 -53.38 3.03
C5 NAG M . 106.75 -54.85 3.47
C6 NAG M . 108.14 -55.38 3.86
C7 NAG M . 102.56 -51.81 4.62
C8 NAG M . 101.21 -51.27 4.20
N2 NAG M . 103.22 -52.56 3.73
O3 NAG M . 105.52 -51.64 2.16
O4 NAG M . 107.69 -53.12 1.94
O5 NAG M . 105.85 -55.01 4.57
O6 NAG M . 108.60 -56.42 3.02
O7 NAG M . 103.00 -51.54 5.74
C1 FUC M . 108.96 -57.58 3.80
C2 FUC M . 109.03 -58.79 2.89
C3 FUC M . 109.37 -60.05 3.68
C4 FUC M . 108.56 -60.19 4.98
C5 FUC M . 108.25 -58.87 5.71
C6 FUC M . 107.06 -58.97 6.67
O2 FUC M . 109.99 -58.60 1.87
O3 FUC M . 109.18 -61.15 2.82
O4 FUC M . 107.38 -60.93 4.74
O5 FUC M . 107.98 -57.82 4.80
C1 NAG N . 93.85 -42.22 -22.32
C2 NAG N . 95.28 -41.66 -22.35
C3 NAG N . 95.59 -40.69 -23.50
C4 NAG N . 94.89 -40.99 -24.82
C5 NAG N . 93.50 -41.59 -24.58
C6 NAG N . 92.88 -42.13 -25.86
C7 NAG N . 96.28 -41.78 -20.16
C8 NAG N . 95.88 -41.51 -18.73
N2 NAG N . 95.69 -41.04 -21.08
O3 NAG N . 96.99 -40.68 -23.71
O4 NAG N . 94.86 -39.76 -25.52
O5 NAG N . 93.54 -42.65 -23.64
O6 NAG N . 92.51 -43.46 -25.65
O7 NAG N . 97.09 -42.67 -20.44
C1 NAG N . 94.56 -39.83 -26.94
C2 NAG N . 94.40 -38.40 -27.47
C3 NAG N . 95.14 -38.15 -28.80
C4 NAG N . 96.51 -38.87 -28.93
C5 NAG N . 96.60 -40.27 -28.29
C6 NAG N . 97.73 -40.42 -27.27
C7 NAG N . 92.44 -37.02 -26.80
C8 NAG N . 92.27 -35.70 -27.50
N2 NAG N . 92.98 -38.05 -27.49
O3 NAG N . 95.37 -36.76 -28.95
O4 NAG N . 96.92 -38.96 -30.27
O5 NAG N . 95.37 -40.72 -27.73
O6 NAG N . 97.95 -39.26 -26.48
O7 NAG N . 92.09 -37.10 -25.62
C1 NAG O . 61.51 -33.90 -23.61
C2 NAG O . 62.14 -32.81 -24.45
C3 NAG O . 61.12 -31.71 -24.66
C4 NAG O . 59.80 -32.18 -25.25
C5 NAG O . 59.30 -33.43 -24.57
C6 NAG O . 58.51 -34.21 -25.60
C7 NAG O . 64.53 -32.59 -23.84
C8 NAG O . 65.57 -31.93 -22.99
N2 NAG O . 63.26 -32.21 -23.75
O3 NAG O . 61.63 -30.75 -25.53
O4 NAG O . 58.88 -31.15 -25.03
O5 NAG O . 60.27 -34.36 -24.13
O6 NAG O . 57.20 -34.28 -25.11
O7 NAG O . 64.92 -33.47 -24.60
C1 NAG O . 58.31 -30.59 -26.22
C2 NAG O . 56.95 -30.05 -25.79
C3 NAG O . 56.34 -29.09 -26.81
C4 NAG O . 57.29 -27.97 -27.22
C5 NAG O . 58.59 -28.66 -27.64
C6 NAG O . 59.65 -27.61 -27.92
C7 NAG O . 55.24 -31.19 -24.44
C8 NAG O . 53.81 -31.60 -24.69
N2 NAG O . 56.06 -31.17 -25.50
O3 NAG O . 55.11 -28.59 -26.32
O4 NAG O . 56.78 -27.23 -28.31
O5 NAG O . 59.13 -29.54 -26.67
O6 NAG O . 60.83 -28.08 -27.32
O7 NAG O . 55.64 -30.89 -23.30
C1 BMA O . 57.03 -25.81 -28.26
C2 BMA O . 57.65 -25.34 -29.57
C3 BMA O . 57.93 -23.86 -29.57
C4 BMA O . 56.62 -23.15 -29.28
C5 BMA O . 55.98 -23.65 -27.98
C6 BMA O . 54.63 -22.95 -27.73
O2 BMA O . 56.71 -25.55 -30.59
O3 BMA O . 58.62 -23.40 -30.73
O4 BMA O . 56.86 -21.77 -29.18
O5 BMA O . 55.84 -25.07 -28.03
O6 BMA O . 54.07 -23.32 -26.49
C1 MAN O . 57.93 -23.19 -32.00
C2 MAN O . 58.36 -24.24 -33.06
C3 MAN O . 59.88 -24.18 -33.04
C4 MAN O . 60.29 -22.81 -33.58
C5 MAN O . 59.60 -21.65 -32.83
C6 MAN O . 59.80 -20.28 -33.49
O2 MAN O . 57.87 -24.02 -34.38
O3 MAN O . 60.46 -25.28 -33.72
O4 MAN O . 61.70 -22.71 -33.48
O5 MAN O . 58.22 -21.92 -32.59
O6 MAN O . 60.72 -19.45 -32.79
C1 NAG P . 58.25 -61.14 -28.41
C2 NAG P . 58.59 -61.74 -29.78
C3 NAG P . 57.37 -61.90 -30.69
C4 NAG P . 56.08 -62.33 -29.99
C5 NAG P . 55.97 -61.51 -28.72
C6 NAG P . 54.74 -61.80 -27.88
C7 NAG P . 59.79 -59.88 -31.12
C8 NAG P . 59.77 -58.54 -30.41
N2 NAG P . 59.70 -61.06 -30.46
O3 NAG P . 57.70 -62.91 -31.60
O4 NAG P . 55.02 -62.07 -30.90
O5 NAG P . 57.10 -61.77 -27.92
O6 NAG P . 54.93 -63.01 -27.18
O7 NAG P . 59.96 -59.86 -32.35
C1 NAG P . 54.02 -63.12 -31.03
C2 NAG P . 52.71 -62.47 -31.50
C3 NAG P . 51.78 -63.45 -32.24
C4 NAG P . 52.48 -64.00 -33.48
C5 NAG P . 53.93 -64.46 -33.16
C6 NAG P . 54.92 -63.94 -34.22
C7 NAG P . 52.30 -60.45 -30.16
C8 NAG P . 51.31 -59.71 -29.30
N2 NAG P . 52.07 -61.74 -30.40
O3 NAG P . 50.58 -62.84 -32.67
O4 NAG P . 51.69 -65.02 -34.09
O5 NAG P . 54.40 -64.25 -31.82
O6 NAG P . 55.13 -62.54 -34.11
O7 NAG P . 53.29 -59.86 -30.62
C1 NAG Q . -44.96 93.37 15.72
C2 NAG Q . -45.17 92.50 16.96
C3 NAG Q . -46.25 93.06 17.88
C4 NAG Q . -46.25 94.58 18.04
C5 NAG Q . -45.94 95.29 16.71
C6 NAG Q . -45.76 96.80 16.89
C7 NAG Q . -44.81 90.07 16.80
C8 NAG Q . -45.52 88.96 17.54
N2 NAG Q . -45.54 91.15 16.56
O3 NAG Q . -46.04 92.45 19.13
O4 NAG Q . -47.48 95.04 18.58
O5 NAG Q . -44.79 94.71 16.11
O6 NAG Q . -44.83 97.33 15.94
O7 NAG Q . -43.63 89.94 16.46
C1 NAG Q . -47.37 95.31 20.01
C2 NAG Q . -47.76 96.76 20.32
C3 NAG Q . -49.00 97.02 21.21
C4 NAG Q . -49.55 95.77 21.91
C5 NAG Q . -48.40 94.78 22.10
C6 NAG Q . -48.80 93.60 22.98
C7 NAG Q . -45.36 97.11 20.96
C8 NAG Q . -44.85 96.52 22.26
N2 NAG Q . -46.63 97.50 20.91
O3 NAG Q . -50.04 97.64 20.47
O4 NAG Q . -50.21 96.09 23.13
O5 NAG Q . -47.98 94.32 20.83
O6 NAG Q . -47.78 92.62 22.92
O7 NAG Q . -44.59 97.23 20.00
C1 FUC Q . -45.20 98.60 15.35
C2 FUC Q . -46.46 98.49 14.47
C3 FUC Q . -46.67 99.75 13.62
C4 FUC Q . -45.42 100.02 12.80
C5 FUC Q . -44.27 100.26 13.77
C6 FUC Q . -42.99 100.63 13.02
O2 FUC Q . -47.63 98.27 15.21
O3 FUC Q . -47.83 99.63 12.83
O4 FUC Q . -45.11 98.93 11.96
O5 FUC Q . -44.10 99.12 14.61
C1 NAG R . -41.29 54.12 25.62
C2 NAG R . -41.42 54.05 27.16
C3 NAG R . -40.11 54.01 27.95
C4 NAG R . -38.79 53.81 27.18
C5 NAG R . -38.86 53.83 25.64
C6 NAG R . -37.89 52.78 25.05
C7 NAG R . -43.19 55.90 27.36
C8 NAG R . -42.88 57.08 26.46
N2 NAG R . -42.22 55.08 27.83
O3 NAG R . -40.24 53.06 29.00
O4 NAG R . -37.85 54.79 27.62
O5 NAG R . -40.12 53.51 25.10
O6 NAG R . -38.11 51.49 25.60
O7 NAG R . -44.37 55.74 27.70
C1 NAG R . -37.23 54.33 28.83
C2 NAG R . -35.70 54.37 28.75
C3 NAG R . -35.02 54.13 30.12
C4 NAG R . -35.88 54.29 31.39
C5 NAG R . -37.40 54.31 31.15
C6 NAG R . -38.16 54.94 32.32
C7 NAG R . -34.70 53.71 26.57
C8 NAG R . -34.40 52.58 25.62
N2 NAG R . -35.24 53.40 27.76
O3 NAG R . -33.92 55.00 30.23
O4 NAG R . -35.53 53.31 32.35
O5 NAG R . -37.68 55.03 29.97
O6 NAG R . -38.63 53.96 33.21
O7 NAG R . -34.45 54.87 26.23
C1 NAG S . -69.29 74.33 23.08
C2 NAG S . -69.44 75.29 24.25
C3 NAG S . -70.35 74.76 25.32
C4 NAG S . -71.66 74.22 24.75
C5 NAG S . -71.33 73.28 23.58
C6 NAG S . -72.60 72.75 22.93
C7 NAG S . -67.58 76.72 24.60
C8 NAG S . -66.10 76.65 24.33
N2 NAG S . -68.18 75.59 24.91
O3 NAG S . -70.57 75.86 26.17
O4 NAG S . -72.33 73.51 25.79
O5 NAG S . -70.57 73.95 22.60
O6 NAG S . -73.16 73.80 22.17
O7 NAG S . -68.21 77.79 24.52
C1 NAG S . -73.65 73.99 26.10
C2 NAG S . -74.20 73.11 27.22
C3 NAG S . -75.71 73.37 27.39
C4 NAG S . -75.98 74.86 27.55
C5 NAG S . -75.04 75.82 26.79
C6 NAG S . -74.93 77.12 27.56
C7 NAG S . -74.14 70.87 26.06
C8 NAG S . -73.44 69.53 26.11
N2 NAG S . -73.85 71.69 27.08
O3 NAG S . -76.23 72.65 28.49
O4 NAG S . -77.33 75.11 27.20
O5 NAG S . -73.72 75.34 26.55
O6 NAG S . -75.62 78.11 26.85
O7 NAG S . -74.89 71.15 25.12
C1 NAG T . -67.28 42.45 13.78
C2 NAG T . -67.99 42.30 15.13
C3 NAG T . -68.03 40.86 15.61
C4 NAG T . -68.58 39.93 14.54
C5 NAG T . -68.03 40.22 13.16
C6 NAG T . -68.92 39.54 12.12
C7 NAG T . -67.91 44.35 16.30
C8 NAG T . -67.08 45.39 17.00
N2 NAG T . -67.36 43.16 16.10
O3 NAG T . -68.92 40.74 16.67
O4 NAG T . -68.18 38.63 14.90
O5 NAG T . -67.96 41.61 12.87
O6 NAG T . -69.19 40.46 11.08
O7 NAG T . -69.05 44.58 15.90
C1 NAG T . -69.31 37.79 15.18
C2 NAG T . -68.79 36.36 15.01
C3 NAG T . -69.68 35.31 15.65
C4 NAG T . -70.12 35.72 17.06
C5 NAG T . -70.74 37.11 16.99
C6 NAG T . -71.24 37.60 18.34
C7 NAG T . -67.41 35.92 13.06
C8 NAG T . -67.38 35.48 11.63
N2 NAG T . -68.63 36.08 13.59
O3 NAG T . -69.00 34.08 15.70
O4 NAG T . -71.06 34.77 17.52
O5 NAG T . -69.79 38.04 16.49
O6 NAG T . -70.53 38.75 18.74
O7 NAG T . -66.40 36.12 13.72
C1 BMA T . -70.73 34.28 18.84
C2 BMA T . -72.04 34.06 19.59
C3 BMA T . -71.73 33.53 20.98
C4 BMA T . -71.00 32.20 20.79
C5 BMA T . -69.70 32.46 20.03
C6 BMA T . -68.91 31.19 19.75
O2 BMA T . -72.79 33.12 18.84
O3 BMA T . -72.80 33.65 21.94
O4 BMA T . -70.70 31.60 22.02
O5 BMA T . -69.98 33.07 18.79
O6 BMA T . -67.71 31.48 19.06
C1 MAN T . -73.91 32.73 21.94
C2 MAN T . -75.12 33.24 21.13
C3 MAN T . -75.59 34.55 21.74
C4 MAN T . -75.89 34.42 23.24
C5 MAN T . -75.24 33.24 23.97
C6 MAN T . -76.36 32.36 24.55
O2 MAN T . -76.19 32.30 21.02
O3 MAN T . -76.74 35.03 21.05
O4 MAN T . -75.55 35.63 23.89
O5 MAN T . -74.33 32.41 23.26
O6 MAN T . -76.34 32.34 25.96
C1 NAG U . -76.26 52.93 -10.35
C2 NAG U . -77.58 53.62 -10.76
C3 NAG U . -78.39 52.95 -11.87
C4 NAG U . -77.88 51.64 -12.50
C5 NAG U . -76.57 51.07 -11.93
C6 NAG U . -75.69 50.58 -13.08
C7 NAG U . -79.28 53.41 -8.88
C8 NAG U . -79.32 51.90 -8.86
N2 NAG U . -78.35 54.06 -9.60
O3 NAG U . -78.50 53.92 -12.88
O4 NAG U . -78.86 50.63 -12.41
O5 NAG U . -75.74 51.99 -11.27
O6 NAG U . -75.79 51.50 -14.15
O7 NAG U . -80.12 54.01 -8.21
C1 NAG U . -79.06 49.96 -13.68
C2 NAG U . -78.65 48.47 -13.62
C3 NAG U . -79.73 47.41 -13.87
C4 NAG U . -80.77 47.84 -14.92
C5 NAG U . -81.23 49.31 -14.80
C6 NAG U . -82.49 49.40 -13.95
C7 NAG U . -77.17 48.46 -15.73
C8 NAG U . -77.68 49.70 -16.43
N2 NAG U . -77.46 48.21 -14.42
O3 NAG U . -80.40 47.01 -12.68
O4 NAG U . -80.33 47.50 -16.22
O5 NAG U . -80.31 50.28 -14.31
O6 NAG U . -83.57 48.70 -14.60
O7 NAG U . -76.45 47.69 -16.38
C1 NAG V . -37.47 -16.41 -26.59
C2 NAG V . -38.87 -16.86 -26.11
C3 NAG V . -38.82 -17.95 -25.04
C4 NAG V . -37.98 -19.12 -25.54
C5 NAG V . -36.58 -18.54 -25.78
C6 NAG V . -35.51 -19.61 -26.09
C7 NAG V . -39.31 -14.51 -25.47
C8 NAG V . -39.14 -14.01 -24.06
N2 NAG V . -39.71 -15.77 -25.61
O3 NAG V . -40.13 -18.36 -24.69
O4 NAG V . -37.95 -20.18 -24.61
O5 NAG V . -36.63 -17.55 -26.78
O6 NAG V . -35.91 -20.59 -27.02
O7 NAG V . -39.10 -13.78 -26.45
C1 FUC V . -35.49 -20.33 -28.39
C2 FUC V . -33.98 -20.46 -28.59
C3 FUC V . -33.67 -20.42 -30.10
C4 FUC V . -34.50 -19.42 -30.92
C5 FUC V . -35.79 -18.89 -30.28
C6 FUC V . -35.98 -17.40 -30.56
O2 FUC V . -33.49 -21.65 -28.00
O3 FUC V . -32.31 -20.11 -30.27
O4 FUC V . -33.69 -18.32 -31.32
O5 FUC V . -35.83 -19.04 -28.87
C1 NAG W . -38.57 -14.94 4.70
C2 NAG W . -39.23 -16.32 4.86
C3 NAG W . -39.81 -16.53 6.26
C4 NAG W . -38.74 -16.27 7.33
C5 NAG W . -38.17 -14.89 7.02
C6 NAG W . -37.18 -14.41 8.09
C7 NAG W . -39.97 -17.09 2.71
C8 NAG W . -40.19 -16.30 1.45
N2 NAG W . -40.28 -16.51 3.87
O3 NAG W . -40.34 -17.83 6.34
O4 NAG W . -39.26 -16.30 8.65
O5 NAG W . -37.60 -14.89 5.71
O6 NAG W . -36.10 -15.29 8.29
O7 NAG W . -39.53 -18.23 2.69
C1 NAG W . -38.65 -17.25 9.56
C2 NAG W . -39.55 -17.30 10.79
C3 NAG W . -39.58 -18.59 11.63
C4 NAG W . -38.88 -19.82 11.04
C5 NAG W . -37.87 -19.48 9.93
C6 NAG W . -37.39 -20.72 9.17
C7 NAG W . -39.98 -15.04 11.55
C8 NAG W . -39.23 -13.75 11.58
N2 NAG W . -39.25 -16.15 11.64
O3 NAG W . -40.92 -18.97 11.86
O4 NAG W . -38.26 -20.55 12.09
O5 NAG W . -38.46 -18.54 9.02
O6 NAG W . -38.47 -21.62 8.97
O7 NAG W . -41.20 -15.03 11.43
C1 NAG X . -43.05 15.33 18.17
C2 NAG X . -44.03 14.54 19.03
C3 NAG X . -44.84 15.60 19.78
C4 NAG X . -43.90 16.48 20.61
C5 NAG X . -42.90 17.09 19.61
C6 NAG X . -41.99 18.21 20.09
C7 NAG X . -44.51 12.39 17.92
C8 NAG X . -45.56 11.47 17.38
N2 NAG X . -44.84 13.66 18.19
O3 NAG X . -45.92 15.07 20.53
O4 NAG X . -44.67 17.48 21.25
O5 NAG X . -42.15 16.09 18.96
O6 NAG X . -41.67 18.08 21.45
O7 NAG X . -43.39 11.89 18.08
C1 NAG X . -44.83 17.30 22.67
C2 NAG X . -45.34 18.63 23.27
C3 NAG X . -45.67 18.51 24.76
C4 NAG X . -46.51 17.28 25.05
C5 NAG X . -45.91 16.05 24.37
C6 NAG X . -46.74 14.79 24.59
C7 NAG X . -44.64 20.66 22.25
C8 NAG X . -43.71 21.85 22.29
N2 NAG X . -44.35 19.66 23.07
O3 NAG X . -46.32 19.66 25.28
O4 NAG X . -46.46 17.12 26.45
O5 NAG X . -45.77 16.30 22.98
O6 NAG X . -47.66 14.62 23.54
O7 NAG X . -45.60 20.61 21.50
C1 BMA X . -47.79 17.01 26.99
C2 BMA X . -47.72 17.05 28.50
C3 BMA X . -49.02 16.42 28.99
C4 BMA X . -50.28 16.98 28.29
C5 BMA X . -50.08 17.56 26.87
C6 BMA X . -51.06 18.71 26.56
O2 BMA X . -47.56 18.39 28.94
O3 BMA X . -49.11 16.45 30.40
O4 BMA X . -51.23 15.93 28.25
O5 BMA X . -48.75 17.97 26.59
O6 BMA X . -50.53 19.96 26.98
C1 MAN X . -48.65 15.19 30.97
C2 MAN X . -49.08 13.98 30.13
C3 MAN X . -50.57 13.65 30.33
C4 MAN X . -50.89 13.52 31.82
C5 MAN X . -50.41 14.80 32.53
C6 MAN X . -50.73 14.79 34.02
O2 MAN X . -48.26 12.89 30.46
O3 MAN X . -50.92 12.47 29.65
O4 MAN X . -52.28 13.30 31.99
O5 MAN X . -49.01 14.99 32.33
O6 MAN X . -49.58 14.43 34.77
C1 NAG Y . -15.81 17.28 14.17
C2 NAG Y . -14.79 16.56 15.07
C3 NAG Y . -14.11 17.38 16.16
C4 NAG Y . -14.07 18.89 15.98
C5 NAG Y . -15.13 19.45 15.03
C6 NAG Y . -14.62 20.74 14.37
C7 NAG Y . -14.84 14.17 15.51
C8 NAG Y . -15.35 13.09 16.44
N2 NAG Y . -15.39 15.37 15.69
O3 NAG Y . -12.75 17.02 16.22
O4 NAG Y . -14.14 19.40 17.30
O5 NAG Y . -15.41 18.60 13.92
O6 NAG Y . -15.71 21.45 13.86
O7 NAG Y . -13.97 13.96 14.65
C1 NAG Y . -13.25 20.52 17.47
C2 NAG Y . -13.73 21.46 18.59
C3 NAG Y . -12.87 22.73 18.59
C4 NAG Y . -11.41 22.29 18.80
C5 NAG Y . -11.06 21.33 17.65
C6 NAG Y . -9.57 20.98 17.61
C7 NAG Y . -16.02 22.26 17.82
C8 NAG Y . -17.34 21.57 17.58
N2 NAG Y . -15.19 21.65 18.67
O3 NAG Y . -13.26 23.65 19.60
O4 NAG Y . -10.53 23.39 18.90
O5 NAG Y . -11.89 20.16 17.71
O6 NAG Y . -9.30 19.82 18.37
O7 NAG Y . -15.76 23.34 17.27
C1 NAG Z . 27.55 -9.52 -18.18
C2 NAG Z . 27.79 -9.05 -19.61
C3 NAG Z . 28.80 -9.95 -20.33
C4 NAG Z . 30.11 -10.04 -19.57
C5 NAG Z . 29.77 -10.62 -18.20
C6 NAG Z . 31.05 -10.74 -17.40
C7 NAG Z . 26.01 -7.76 -20.76
C8 NAG Z . 24.58 -7.77 -21.24
N2 NAG Z . 26.54 -8.93 -20.36
O3 NAG Z . 29.10 -9.44 -21.59
O4 NAG Z . 31.06 -10.85 -20.24
O5 NAG Z . 28.80 -9.81 -17.54
O6 NAG Z . 31.35 -9.53 -16.74
O7 NAG Z . 26.59 -6.69 -20.75
C1 NAG AA . 36.93 -13.49 23.87
C2 NAG AA . 37.11 -12.24 24.77
C3 NAG AA . 38.56 -11.88 25.04
C4 NAG AA . 39.55 -13.05 25.13
C5 NAG AA . 39.12 -14.35 24.46
C6 NAG AA . 39.79 -15.54 25.14
C7 NAG AA . 35.30 -10.63 24.40
C8 NAG AA . 34.90 -9.38 23.67
N2 NAG AA . 36.53 -11.06 24.16
O3 NAG AA . 38.60 -11.13 26.23
O4 NAG AA . 40.74 -12.69 24.48
O5 NAG AA . 37.71 -14.54 24.43
O6 NAG AA . 39.49 -15.59 26.51
O7 NAG AA . 34.54 -11.22 25.19
C1 NAG BA . 34.86 -30.87 41.47
C2 NAG BA . 36.38 -31.08 41.62
C3 NAG BA . 36.78 -32.32 40.78
C4 NAG BA . 35.50 -33.06 40.38
C5 NAG BA . 34.75 -32.11 39.42
C6 NAG BA . 33.42 -32.64 38.88
C7 NAG BA . 38.08 -29.64 40.35
C8 NAG BA . 37.99 -30.08 38.90
N2 NAG BA . 37.07 -29.84 41.22
O3 NAG BA . 37.68 -33.19 41.44
O4 NAG BA . 35.73 -34.37 39.87
O5 NAG BA . 34.52 -30.87 40.09
O6 NAG BA . 32.71 -31.51 38.42
O7 NAG BA . 39.12 -29.05 40.69
C1 NAG CA . 1.94 -48.51 -6.60
C2 NAG CA . 1.67 -49.84 -5.89
C3 NAG CA . 0.23 -49.90 -5.38
C4 NAG CA . -0.55 -48.66 -5.75
C5 NAG CA . -0.40 -48.47 -7.28
C6 NAG CA . -1.15 -47.28 -7.90
C7 NAG CA . 2.22 -52.12 -6.55
C8 NAG CA . 1.21 -53.24 -6.45
N2 NAG CA . 1.79 -50.90 -6.86
O3 NAG CA . 0.18 -50.15 -3.99
O4 NAG CA . -1.90 -48.77 -5.34
O5 NAG CA . 0.98 -48.39 -7.64
O6 NAG CA . -2.34 -47.02 -7.20
O7 NAG CA . 3.42 -52.31 -6.37
C1 NAG DA . 75.90 -25.62 2.42
C2 NAG DA . 76.80 -24.38 2.28
C3 NAG DA . 77.42 -24.06 3.64
C4 NAG DA . 76.27 -23.60 4.53
C5 NAG DA . 75.44 -24.87 4.74
C6 NAG DA . 74.21 -24.60 5.60
C7 NAG DA . 78.18 -25.25 0.31
C8 NAG DA . 79.02 -26.41 0.74
N2 NAG DA . 77.86 -24.34 1.25
O3 NAG DA . 78.44 -23.08 3.56
O4 NAG DA . 76.69 -22.94 5.71
O5 NAG DA . 75.01 -25.46 3.52
O6 NAG DA . 73.29 -23.79 4.88
O7 NAG DA . 77.86 -25.15 -0.88
C1 NAG EA . 75.80 -22.34 -22.46
C2 NAG EA . 75.79 -20.80 -22.63
C3 NAG EA . 74.68 -20.13 -21.86
C4 NAG EA . 73.35 -20.73 -22.27
C5 NAG EA . 73.39 -22.21 -21.89
C6 NAG EA . 72.07 -22.91 -22.27
C7 NAG EA . 78.26 -20.43 -22.46
C8 NAG EA . 79.14 -20.29 -21.24
N2 NAG EA . 76.99 -20.11 -22.22
O3 NAG EA . 74.63 -18.76 -22.13
O4 NAG EA . 72.32 -19.99 -21.64
O5 NAG EA . 74.51 -22.92 -22.43
O6 NAG EA . 71.85 -23.20 -23.65
O7 NAG EA . 78.70 -20.80 -23.56
C1 NAG FA . 53.10 -81.57 -14.42
C2 NAG FA . 51.69 -81.92 -14.91
C3 NAG FA . 50.68 -80.88 -14.45
C4 NAG FA . 51.10 -80.33 -13.09
C5 NAG FA . 52.50 -79.67 -13.07
C6 NAG FA . 53.25 -79.73 -11.74
C7 NAG FA . 51.06 -81.59 -17.38
C8 NAG FA . 50.79 -82.38 -18.65
N2 NAG FA . 51.61 -82.26 -16.35
O3 NAG FA . 49.39 -81.47 -14.38
O4 NAG FA . 50.10 -79.40 -12.69
O5 NAG FA . 53.32 -80.19 -14.11
O6 NAG FA . 52.43 -80.09 -10.63
O7 NAG FA . 50.79 -80.40 -17.37
C1 NAG GA . 90.17 -45.31 17.01
C2 NAG GA . 89.26 -45.83 18.11
C3 NAG GA . 90.23 -46.16 19.25
C4 NAG GA . 90.85 -47.49 18.83
C5 NAG GA . 91.46 -47.38 17.42
C6 NAG GA . 91.66 -48.77 16.79
C7 NAG GA . 86.90 -45.43 17.87
C8 NAG GA . 85.87 -44.36 17.61
N2 NAG GA . 88.07 -45.03 18.36
O3 NAG GA . 89.62 -46.27 20.53
O4 NAG GA . 91.81 -47.97 19.74
O5 NAG GA . 90.69 -46.56 16.54
O6 NAG GA . 92.96 -49.30 16.93
O7 NAG GA . 86.63 -46.60 17.64
C1 NAG HA . -65.53 49.03 30.81
C2 NAG HA . -65.36 48.31 32.15
C3 NAG HA . -64.29 47.23 32.01
C4 NAG HA . -64.79 46.24 30.96
C5 NAG HA . -64.91 46.97 29.62
C6 NAG HA . -65.46 46.08 28.49
C7 NAG HA . -66.03 49.54 34.14
C8 NAG HA . -65.70 50.42 35.32
N2 NAG HA . -65.07 49.20 33.27
O3 NAG HA . -64.15 46.51 33.22
O4 NAG HA . -63.99 45.07 30.94
O5 NAG HA . -65.74 48.13 29.73
O6 NAG HA . -66.50 45.23 28.92
O7 NAG HA . -67.20 49.17 34.02
C1 NAG IA . -64.83 60.39 -31.93
C2 NAG IA . -64.32 59.28 -32.89
C3 NAG IA . -64.59 57.90 -32.29
C4 NAG IA . -63.71 57.77 -31.04
C5 NAG IA . -63.29 59.15 -30.46
C6 NAG IA . -61.88 59.59 -30.88
C7 NAG IA . -63.75 59.59 -35.28
C8 NAG IA . -62.42 58.87 -35.22
N2 NAG IA . -64.66 59.38 -34.31
O3 NAG IA . -64.33 56.86 -33.22
O4 NAG IA . -64.38 56.97 -30.06
O5 NAG IA . -64.26 60.18 -30.63
O6 NAG IA . -61.55 60.81 -30.24
O7 NAG IA . -63.94 60.37 -36.23
C1 NAG JA . -30.36 77.78 15.36
C2 NAG JA . -28.86 77.55 15.65
C3 NAG JA . -28.19 77.15 14.33
C4 NAG JA . -28.51 78.17 13.24
C5 NAG JA . -29.22 79.32 13.97
C6 NAG JA . -29.20 80.64 13.20
C7 NAG JA . -28.23 79.23 17.49
C8 NAG JA . -26.97 79.28 18.32
N2 NAG JA . -28.14 78.68 16.27
O3 NAG JA . -28.62 75.89 13.91
O4 NAG JA . -27.34 78.64 12.62
O5 NAG JA . -30.48 78.86 14.43
O6 NAG JA . -27.87 81.08 13.09
O7 NAG JA . -29.26 79.75 17.93
C1 NAG KA . -60.85 9.98 -6.73
C2 NAG KA . -61.85 8.81 -6.66
C3 NAG KA . -63.01 9.01 -7.66
C4 NAG KA . -63.73 10.30 -7.26
C5 NAG KA . -62.70 11.40 -7.52
C6 NAG KA . -63.27 12.82 -7.46
C7 NAG KA . -61.15 6.65 -5.79
C8 NAG KA . -60.08 5.60 -5.83
N2 NAG KA . -61.22 7.51 -6.80
O3 NAG KA . -63.88 7.91 -7.76
O4 NAG KA . -64.96 10.45 -7.96
O5 NAG KA . -61.56 11.23 -6.68
O6 NAG KA . -63.96 13.07 -6.26
O7 NAG KA . -61.92 6.68 -4.82
C1 NAG LA . -56.01 1.66 16.98
C2 NAG LA . -57.47 1.49 17.48
C3 NAG LA . -58.30 2.79 17.64
C4 NAG LA . -57.50 4.05 17.98
C5 NAG LA . -56.32 4.13 17.02
C6 NAG LA . -55.47 5.33 17.40
C7 NAG LA . -58.55 -0.72 16.87
C8 NAG LA . -60.01 -1.02 16.59
N2 NAG LA . -58.18 0.54 16.60
O3 NAG LA . -59.30 2.64 18.64
O4 NAG LA . -58.30 5.23 17.97
O5 NAG LA . -55.48 2.98 17.08
O6 NAG LA . -54.76 5.04 18.59
O7 NAG LA . -57.79 -1.60 17.29
C1 NAG MA . -0.34 27.08 -3.67
C2 NAG MA . -1.65 27.84 -3.84
C3 NAG MA . -1.41 29.29 -3.46
C4 NAG MA . -1.26 29.26 -1.94
C5 NAG MA . -0.01 28.42 -1.62
C6 NAG MA . -0.25 27.42 -0.47
C7 NAG MA . -3.31 26.79 -5.22
C8 NAG MA . -4.31 27.10 -6.28
N2 NAG MA . -2.28 27.63 -5.13
O3 NAG MA . -2.46 30.14 -3.90
O4 NAG MA . -1.20 30.56 -1.37
O5 NAG MA . 0.54 27.75 -2.75
O6 NAG MA . -1.27 27.92 0.38
O7 NAG MA . -3.45 25.80 -4.48
C1 NAG NA . -49.20 1.16 -30.61
C2 NAG NA . -49.51 2.51 -31.31
C3 NAG NA . -48.49 2.98 -32.36
C4 NAG NA . -47.62 1.88 -32.97
C5 NAG NA . -48.29 0.52 -32.73
C6 NAG NA . -47.60 -0.66 -33.42
C7 NAG NA . -51.44 2.08 -32.94
C8 NAG NA . -52.32 0.85 -32.83
N2 NAG NA . -50.90 2.58 -31.80
O3 NAG NA . -47.68 4.00 -31.79
O4 NAG NA . -47.41 2.09 -34.36
O5 NAG NA . -48.32 0.30 -31.33
O6 NAG NA . -48.56 -1.33 -34.20
O7 NAG NA . -51.28 2.59 -34.06
ZN ZN OA . 63.20 -37.80 -58.74
ZN ZN PA . 42.43 20.71 6.62
ZN ZN QA . -102.91 41.07 13.72
ZN ZN RA . -26.00 3.66 47.38
#